data_8V88
#
_entry.id   8V88
#
_cell.length_a   1.00
_cell.length_b   1.00
_cell.length_c   1.00
_cell.angle_alpha   90.00
_cell.angle_beta   90.00
_cell.angle_gamma   90.00
#
_symmetry.space_group_name_H-M   'P 1'
#
loop_
_entity.id
_entity.type
_entity.pdbx_description
1 polymer 'Neuronal acetylcholine receptor subunit alpha-7,Soluble cytochrome b562'
2 branched 2-acetamido-2-deoxy-beta-D-glucopyranose-(1-4)-2-acetamido-2-deoxy-beta-D-glucopyranose
3 branched beta-D-mannopyranose-(1-4)-2-acetamido-2-deoxy-beta-D-glucopyranose-(1-4)-2-acetamido-2-deoxy-beta-D-glucopyranose
4 non-polymer 'CALCIUM ION'
5 non-polymer 2-acetamido-2-deoxy-beta-D-glucopyranose
6 non-polymer '(2S)-3-(hexadecanoyloxy)-2-[(9Z)-octadec-9-enoyloxy]propyl 2-(trimethylammonio)ethyl phosphate'
7 non-polymer (3beta,14beta,17beta,25R)-3-[4-methoxy-3-(methoxymethyl)butoxy]spirost-5-en
8 non-polymer EPIBATIDINE
9 non-polymer (3aR,4S,9bS)-4-(4-bromophenyl)-3a,4,5,9b-tetrahydro-3H-cyclopenta[c]quinoline-8-sulfonamide
10 water water
#
_entity_poly.entity_id   1
_entity_poly.type   'polypeptide(L)'
_entity_poly.pdbx_seq_one_letter_code
;EFQRKLYKELVKNYNPLERPVANDSQPLTVYFSLSLLQIMDVDEKNQVLTTNIWLQMSWTDHYLQWNVSEYPGVKTVRFP
DGQIWKPDILLYNSADERFDATFHTNVLVNSSGHCQYLPPGIFKSSCYIDVRWFPFDVQHCKLKFGSWSYGGWSLDLQMQ
EADISGYIPNGEWDLVGIPGKRSERFYECCKEPYPDVTFTVTMRRRTLYYGLNLLIPCVLISALALLVFLLPADSGEKIS
LGITVLLSLTVFMLLVAEIMPATSDSVPLIAQYFASTMIIVGLSVVVTVIVLQYHHHDPDGGKMPKWTRVILLNWCAWFL
RMKRPGEDKVRPACQHKQRRCSLACGRMACAGAMADLEDNWETLNDNLKVIEKADNAAQVKDALTKMRAAALDAQKATPP
KLEDKSPDSPEMKDFRHGFDILVGQIDDALKLANEGKVKEAQAAAEQLKTTRNAYIQKYLSPTHDEHLLHGGQPPEGDPD
LAKILEEVRYIANRFRCQDESEAVCSEWKFAACVVDRLCLMAFSVFTIICTIGILMSAPNFVEAVSKDFAWSHPQFEKGG
GSGGGSGGSSAWSHPQFEKGSGEGRGSLLTCGDVEENPG
;
_entity_poly.pdbx_strand_id   A,B,C,D,E
#
loop_
_chem_comp.id
_chem_comp.type
_chem_comp.name
_chem_comp.formula
9Z9 non-polymer (3beta,14beta,17beta,25R)-3-[4-methoxy-3-(methoxymethyl)butoxy]spirost-5-en 'C34 H56 O5'
BMA D-saccharide, beta linking beta-D-mannopyranose 'C6 H12 O6'
CA non-polymer 'CALCIUM ION' 'Ca 2'
EPJ non-polymer EPIBATIDINE 'C11 H13 Cl N2'
NAG D-saccharide, beta linking 2-acetamido-2-deoxy-beta-D-glucopyranose 'C8 H15 N O6'
POV non-polymer '(2S)-3-(hexadecanoyloxy)-2-[(9Z)-octadec-9-enoyloxy]propyl 2-(trimethylammonio)ethyl phosphate' 'C42 H82 N O8 P'
YLI non-polymer (3aR,4S,9bS)-4-(4-bromophenyl)-3a,4,5,9b-tetrahydro-3H-cyclopenta[c]quinoline-8-sulfonamide 'C18 H17 Br N2 O2 S'
#
# COMPACT_ATOMS: atom_id res chain seq x y z
N GLU A 1 36.32 47.69 0.49
CA GLU A 1 37.20 48.46 -0.44
C GLU A 1 37.94 47.54 -1.40
N PHE A 2 38.78 46.67 -0.84
CA PHE A 2 39.60 45.79 -1.66
C PHE A 2 38.82 44.60 -2.17
N GLN A 3 37.89 44.07 -1.37
CA GLN A 3 37.03 43.00 -1.86
C GLN A 3 36.21 43.48 -3.05
N ARG A 4 35.75 44.73 -3.00
CA ARG A 4 34.91 45.27 -4.06
C ARG A 4 35.71 45.51 -5.33
N LYS A 5 36.99 45.88 -5.18
CA LYS A 5 37.85 46.12 -6.33
C LYS A 5 38.29 44.82 -6.98
N LEU A 6 38.59 43.80 -6.17
CA LEU A 6 39.01 42.51 -6.71
C LEU A 6 37.92 41.84 -7.55
N TYR A 7 36.68 41.85 -7.07
CA TYR A 7 35.60 41.24 -7.84
C TYR A 7 35.39 41.95 -9.17
N LYS A 8 35.47 43.28 -9.16
CA LYS A 8 35.32 44.04 -10.40
C LYS A 8 36.44 43.70 -11.38
N GLU A 9 37.67 43.60 -10.89
CA GLU A 9 38.79 43.30 -11.76
C GLU A 9 38.72 41.88 -12.32
N LEU A 10 38.33 40.92 -11.48
CA LEU A 10 38.43 39.52 -11.89
C LEU A 10 37.51 39.19 -13.05
N VAL A 11 36.34 39.83 -13.14
CA VAL A 11 35.36 39.48 -14.15
C VAL A 11 35.57 40.22 -15.47
N LYS A 12 36.48 41.19 -15.52
CA LYS A 12 36.81 41.87 -16.76
C LYS A 12 37.27 40.90 -17.84
N ASN A 13 36.42 40.63 -18.83
CA ASN A 13 36.65 39.74 -19.96
C ASN A 13 36.58 38.26 -19.62
N TYR A 14 36.23 37.89 -18.38
CA TYR A 14 36.09 36.48 -18.06
C TYR A 14 34.93 35.85 -18.81
N ASN A 15 35.21 34.74 -19.49
CA ASN A 15 34.21 34.01 -20.26
C ASN A 15 33.97 32.67 -19.60
N PRO A 16 32.82 32.45 -18.94
CA PRO A 16 32.55 31.14 -18.33
C PRO A 16 32.49 29.96 -19.31
N LEU A 17 32.44 30.21 -20.62
CA LEU A 17 32.50 29.12 -21.59
C LEU A 17 33.91 28.58 -21.80
N GLU A 18 34.94 29.28 -21.33
CA GLU A 18 36.32 28.94 -21.64
C GLU A 18 36.93 28.04 -20.57
N ARG A 19 37.44 26.89 -20.98
CA ARG A 19 38.24 26.03 -20.11
C ARG A 19 39.47 26.80 -19.64
N PRO A 20 39.61 27.08 -18.33
CA PRO A 20 40.62 28.03 -17.87
C PRO A 20 42.08 27.58 -17.88
N VAL A 21 42.62 27.18 -19.02
CA VAL A 21 44.01 26.76 -19.13
C VAL A 21 44.82 27.87 -19.78
N ALA A 22 46.06 28.05 -19.33
CA ALA A 22 46.95 29.00 -19.98
C ALA A 22 47.29 28.56 -21.39
N ASN A 23 47.55 27.27 -21.58
CA ASN A 23 47.92 26.69 -22.87
C ASN A 23 46.74 25.86 -23.36
N ASP A 24 46.13 26.28 -24.46
CA ASP A 24 44.92 25.64 -24.95
C ASP A 24 45.15 24.21 -25.42
N SER A 25 46.38 23.82 -25.71
CA SER A 25 46.64 22.46 -26.17
C SER A 25 46.72 21.45 -25.04
N GLN A 26 46.94 21.91 -23.81
CA GLN A 26 47.11 21.02 -22.68
C GLN A 26 45.78 20.73 -22.01
N PRO A 27 45.49 19.49 -21.62
CA PRO A 27 44.29 19.25 -20.82
C PRO A 27 44.39 19.86 -19.43
N LEU A 28 43.21 20.15 -18.86
CA LEU A 28 43.11 20.67 -17.51
C LEU A 28 42.98 19.50 -16.53
N THR A 29 43.74 19.55 -15.44
CA THR A 29 43.67 18.53 -14.42
C THR A 29 42.57 18.87 -13.43
N VAL A 30 41.67 17.92 -13.22
CA VAL A 30 40.59 18.05 -12.24
C VAL A 30 40.73 16.87 -11.28
N TYR A 31 40.77 17.18 -9.99
CA TYR A 31 40.79 16.15 -8.95
C TYR A 31 39.38 15.95 -8.44
N PHE A 32 38.93 14.70 -8.46
CA PHE A 32 37.57 14.37 -8.07
C PHE A 32 37.60 13.38 -6.90
N SER A 33 36.71 13.60 -5.95
CA SER A 33 36.55 12.72 -4.81
C SER A 33 35.14 12.92 -4.28
N LEU A 34 34.82 12.24 -3.18
CA LEU A 34 33.55 12.45 -2.52
C LEU A 34 33.71 12.18 -1.04
N SER A 35 32.77 12.71 -0.26
CA SER A 35 32.60 12.36 1.13
C SER A 35 31.25 11.68 1.28
N LEU A 36 31.24 10.49 1.87
CA LEU A 36 30.02 9.76 2.08
C LEU A 36 29.49 10.10 3.47
N LEU A 37 28.36 10.79 3.53
CA LEU A 37 27.78 11.15 4.81
C LEU A 37 26.86 10.06 5.34
N GLN A 38 26.02 9.48 4.48
CA GLN A 38 25.00 8.56 4.96
C GLN A 38 24.46 7.74 3.82
N ILE A 39 24.23 6.46 4.09
CA ILE A 39 23.48 5.57 3.19
C ILE A 39 22.02 5.71 3.60
N MET A 40 21.23 6.44 2.81
CA MET A 40 19.86 6.72 3.20
C MET A 40 18.93 5.54 2.97
N ASP A 41 19.00 4.90 1.81
CA ASP A 41 18.06 3.84 1.52
C ASP A 41 18.65 2.91 0.48
N VAL A 42 18.36 1.63 0.63
CA VAL A 42 18.65 0.62 -0.37
C VAL A 42 17.30 0.04 -0.78
N ASP A 43 16.89 0.31 -2.02
CA ASP A 43 15.64 -0.19 -2.57
C ASP A 43 15.99 -1.43 -3.39
N GLU A 44 15.83 -2.60 -2.77
CA GLU A 44 16.13 -3.85 -3.45
C GLU A 44 15.15 -4.09 -4.60
N LYS A 45 13.88 -3.77 -4.41
CA LYS A 45 12.90 -4.05 -5.45
C LYS A 45 13.11 -3.18 -6.68
N ASN A 46 13.42 -1.90 -6.48
CA ASN A 46 13.67 -1.02 -7.62
C ASN A 46 15.14 -0.98 -8.03
N GLN A 47 16.02 -1.62 -7.26
CA GLN A 47 17.45 -1.70 -7.59
C GLN A 47 18.08 -0.30 -7.60
N VAL A 48 17.87 0.46 -6.53
CA VAL A 48 18.31 1.84 -6.44
C VAL A 48 18.98 2.06 -5.08
N LEU A 49 20.08 2.80 -5.10
CA LEU A 49 20.79 3.21 -3.89
C LEU A 49 20.65 4.72 -3.73
N THR A 50 20.17 5.15 -2.58
CA THR A 50 20.11 6.56 -2.22
C THR A 50 21.20 6.87 -1.21
N THR A 51 22.00 7.90 -1.49
CA THR A 51 23.08 8.31 -0.61
C THR A 51 23.08 9.82 -0.44
N ASN A 52 23.60 10.26 0.70
CA ASN A 52 23.89 11.66 0.96
C ASN A 52 25.40 11.84 0.81
N ILE A 53 25.81 12.59 -0.20
CA ILE A 53 27.21 12.69 -0.59
C ILE A 53 27.60 14.15 -0.83
N TRP A 54 28.85 14.47 -0.52
CA TRP A 54 29.47 15.75 -0.89
C TRP A 54 30.52 15.48 -1.95
N LEU A 55 30.24 15.86 -3.19
CA LEU A 55 31.27 15.80 -4.22
C LEU A 55 32.37 16.80 -3.92
N GLN A 56 33.60 16.47 -4.30
CA GLN A 56 34.75 17.36 -4.12
CA GLN A 56 34.75 17.35 -4.10
C GLN A 56 35.48 17.45 -5.44
N MET A 57 35.49 18.65 -6.03
CA MET A 57 36.18 18.92 -7.28
C MET A 57 37.13 20.09 -7.09
N SER A 58 38.39 19.89 -7.45
CA SER A 58 39.38 20.95 -7.35
C SER A 58 40.17 21.06 -8.65
N TRP A 59 40.45 22.28 -9.06
CA TRP A 59 41.24 22.55 -10.26
C TRP A 59 41.90 23.90 -10.11
N THR A 60 42.57 24.36 -11.16
CA THR A 60 43.20 25.67 -11.18
C THR A 60 42.61 26.49 -12.31
N ASP A 61 42.13 27.68 -11.97
CA ASP A 61 41.66 28.66 -12.95
C ASP A 61 42.81 29.63 -13.19
N HIS A 62 43.33 29.63 -14.41
CA HIS A 62 44.48 30.46 -14.73
C HIS A 62 44.16 31.94 -14.58
N TYR A 63 42.90 32.33 -14.76
CA TYR A 63 42.54 33.74 -14.79
C TYR A 63 42.15 34.29 -13.42
N LEU A 64 41.79 33.46 -12.47
CA LEU A 64 41.29 33.92 -11.17
C LEU A 64 42.41 33.98 -10.14
N GLN A 65 43.44 34.78 -10.45
CA GLN A 65 44.63 34.93 -9.62
C GLN A 65 44.84 36.40 -9.32
N TRP A 66 45.39 36.67 -8.14
CA TRP A 66 45.68 38.04 -7.76
C TRP A 66 46.80 38.08 -6.73
N ASN A 67 47.41 39.26 -6.61
CA ASN A 67 48.46 39.53 -5.64
C ASN A 67 47.79 40.00 -4.34
N VAL A 68 47.91 39.19 -3.28
CA VAL A 68 47.24 39.52 -2.03
C VAL A 68 47.83 40.78 -1.39
N SER A 69 49.04 41.17 -1.74
CA SER A 69 49.61 42.39 -1.18
C SER A 69 48.88 43.63 -1.71
N GLU A 70 48.33 43.55 -2.92
CA GLU A 70 47.57 44.64 -3.50
C GLU A 70 46.11 44.63 -3.04
N TYR A 71 45.64 43.53 -2.46
CA TYR A 71 44.28 43.44 -1.90
C TYR A 71 44.38 42.92 -0.48
N PRO A 72 44.93 43.71 0.43
CA PRO A 72 45.16 43.21 1.79
C PRO A 72 43.88 42.71 2.45
N GLY A 73 43.97 41.51 3.04
CA GLY A 73 42.85 40.91 3.72
C GLY A 73 41.92 40.10 2.84
N VAL A 74 42.18 40.04 1.53
CA VAL A 74 41.33 39.28 0.62
C VAL A 74 42.08 38.05 0.14
N LYS A 75 41.89 36.94 0.85
CA LYS A 75 42.57 35.69 0.52
C LYS A 75 41.74 34.77 -0.36
N THR A 76 40.42 34.90 -0.33
CA THR A 76 39.54 34.05 -1.11
C THR A 76 38.38 34.87 -1.65
N VAL A 77 37.86 34.41 -2.78
CA VAL A 77 36.63 34.93 -3.37
C VAL A 77 35.71 33.75 -3.65
N ARG A 78 34.44 34.05 -3.91
CA ARG A 78 33.43 33.03 -4.11
C ARG A 78 32.58 33.38 -5.33
N PHE A 79 32.24 32.38 -6.12
CA PHE A 79 31.42 32.59 -7.30
C PHE A 79 30.29 31.57 -7.36
N PRO A 80 29.07 32.01 -7.70
CA PRO A 80 27.94 31.09 -7.82
C PRO A 80 27.85 30.43 -9.19
N ASP A 81 26.78 29.65 -9.41
CA ASP A 81 26.63 28.88 -10.64
C ASP A 81 26.49 29.80 -11.84
N GLY A 82 27.24 29.52 -12.90
CA GLY A 82 27.14 30.24 -14.15
C GLY A 82 28.05 31.45 -14.29
N GLN A 83 28.74 31.86 -13.23
CA GLN A 83 29.62 33.03 -13.30
C GLN A 83 31.07 32.66 -13.45
N ILE A 84 31.43 31.43 -13.09
CA ILE A 84 32.77 30.90 -13.19
C ILE A 84 32.69 29.61 -14.00
N TRP A 85 33.74 29.30 -14.75
CA TRP A 85 33.78 28.03 -15.43
C TRP A 85 33.80 26.90 -14.39
N LYS A 86 33.06 25.85 -14.67
CA LYS A 86 33.02 24.68 -13.81
C LYS A 86 33.15 23.40 -14.62
N PRO A 87 33.67 22.33 -14.01
CA PRO A 87 33.58 21.02 -14.67
C PRO A 87 32.16 20.48 -14.65
N ASP A 88 31.76 19.85 -15.75
CA ASP A 88 30.41 19.30 -15.90
C ASP A 88 30.38 17.82 -15.55
N ILE A 89 30.77 17.49 -14.32
CA ILE A 89 30.85 16.10 -13.88
C ILE A 89 29.46 15.65 -13.44
N LEU A 90 29.03 14.49 -13.94
CA LEU A 90 27.72 13.92 -13.63
C LEU A 90 27.87 12.49 -13.16
N LEU A 91 26.85 12.00 -12.46
CA LEU A 91 26.73 10.58 -12.16
C LEU A 91 26.10 9.86 -13.34
N TYR A 92 26.86 8.95 -13.95
CA TYR A 92 26.40 8.28 -15.16
C TYR A 92 25.19 7.39 -14.89
N ASN A 93 25.23 6.63 -13.80
CA ASN A 93 24.17 5.66 -13.49
C ASN A 93 23.17 6.25 -12.51
N SER A 94 22.86 7.53 -12.70
CA SER A 94 21.79 8.17 -11.96
C SER A 94 20.44 7.54 -12.25
N ALA A 95 19.65 7.32 -11.20
CA ALA A 95 18.27 6.87 -11.32
C ALA A 95 17.28 7.97 -10.96
N ASP A 96 17.73 9.21 -10.79
CA ASP A 96 16.84 10.29 -10.40
C ASP A 96 16.06 10.79 -11.61
N GLU A 97 14.78 11.09 -11.40
CA GLU A 97 13.94 11.53 -12.50
C GLU A 97 14.47 12.81 -13.14
N ARG A 98 15.19 13.63 -12.39
CA ARG A 98 15.85 14.81 -12.94
C ARG A 98 17.24 14.51 -13.46
N PHE A 99 17.72 13.29 -13.32
CA PHE A 99 19.07 12.87 -13.68
C PHE A 99 20.12 13.51 -12.79
N ASP A 100 20.34 14.82 -12.88
CA ASP A 100 21.32 15.51 -12.06
C ASP A 100 20.69 15.97 -10.75
N ALA A 101 21.22 15.48 -9.63
CA ALA A 101 20.67 15.74 -8.31
C ALA A 101 21.55 16.67 -7.46
N THR A 102 22.62 17.21 -8.03
CA THR A 102 23.55 18.07 -7.31
C THR A 102 22.92 19.42 -6.98
N PHE A 103 23.02 19.86 -5.73
CA PHE A 103 22.64 21.20 -5.33
C PHE A 103 23.84 22.13 -5.51
N HIS A 104 23.71 23.09 -6.42
CA HIS A 104 24.83 23.92 -6.86
C HIS A 104 25.19 24.97 -5.81
N THR A 105 26.38 24.87 -5.26
CA THR A 105 26.90 25.78 -4.25
C THR A 105 28.02 26.64 -4.87
N ASN A 106 28.64 27.45 -4.04
CA ASN A 106 29.67 28.37 -4.52
C ASN A 106 30.97 27.64 -4.84
N VAL A 107 31.76 28.23 -5.73
CA VAL A 107 33.13 27.82 -5.97
C VAL A 107 34.04 28.75 -5.19
N LEU A 108 34.96 28.18 -4.41
CA LEU A 108 35.88 28.94 -3.58
C LEU A 108 37.23 28.99 -4.29
N VAL A 109 37.74 30.20 -4.53
CA VAL A 109 38.98 30.42 -5.25
C VAL A 109 39.92 31.24 -4.36
N ASN A 110 41.18 30.82 -4.31
CA ASN A 110 42.20 31.49 -3.53
C ASN A 110 43.17 32.21 -4.47
N SER A 111 44.12 32.94 -3.90
CA SER A 111 44.83 33.96 -4.68
C SER A 111 45.70 33.37 -5.77
N SER A 112 46.15 32.12 -5.62
CA SER A 112 46.91 31.47 -6.68
C SER A 112 46.03 30.85 -7.75
N GLY A 113 44.71 30.98 -7.64
CA GLY A 113 43.81 30.46 -8.64
C GLY A 113 43.33 29.06 -8.43
N HIS A 114 43.60 28.45 -7.28
CA HIS A 114 43.10 27.12 -6.97
CA HIS A 114 43.10 27.12 -6.97
C HIS A 114 41.63 27.21 -6.62
N CYS A 115 40.82 26.38 -7.27
CA CYS A 115 39.37 26.40 -7.09
C CYS A 115 38.92 25.14 -6.39
N GLN A 116 38.09 25.33 -5.36
CA GLN A 116 37.42 24.24 -4.67
C GLN A 116 35.93 24.33 -4.94
N TYR A 117 35.29 23.18 -5.11
CA TYR A 117 33.87 23.15 -5.37
C TYR A 117 33.32 21.87 -4.75
N LEU A 118 32.45 22.00 -3.75
CA LEU A 118 32.03 20.88 -2.92
C LEU A 118 30.51 20.81 -2.85
N PRO A 119 29.85 20.56 -3.97
CA PRO A 119 28.39 20.58 -3.99
C PRO A 119 27.81 19.34 -3.32
N PRO A 120 26.82 19.50 -2.45
CA PRO A 120 26.15 18.35 -1.84
C PRO A 120 24.98 17.86 -2.67
N GLY A 121 24.49 16.68 -2.32
CA GLY A 121 23.29 16.17 -2.95
C GLY A 121 22.82 14.88 -2.32
N ILE A 122 21.55 14.58 -2.57
CA ILE A 122 20.98 13.27 -2.34
C ILE A 122 20.99 12.55 -3.68
N PHE A 123 21.87 11.56 -3.83
CA PHE A 123 22.06 10.88 -5.10
C PHE A 123 21.32 9.55 -5.13
N LYS A 124 20.58 9.31 -6.20
CA LYS A 124 19.95 8.03 -6.47
C LYS A 124 20.66 7.39 -7.65
N SER A 125 21.21 6.21 -7.44
CA SER A 125 22.03 5.54 -8.44
C SER A 125 21.51 4.13 -8.69
N SER A 126 21.54 3.74 -9.95
CA SER A 126 21.15 2.38 -10.32
C SER A 126 22.20 1.40 -9.85
N CYS A 127 21.78 0.37 -9.12
CA CYS A 127 22.71 -0.61 -8.57
C CYS A 127 22.12 -2.00 -8.72
N TYR A 128 22.90 -2.91 -9.28
CA TYR A 128 22.53 -4.32 -9.27
C TYR A 128 22.59 -4.82 -7.84
N ILE A 129 21.44 -5.21 -7.29
CA ILE A 129 21.33 -5.74 -5.93
C ILE A 129 21.18 -7.24 -6.03
N ASP A 130 22.23 -7.97 -5.67
CA ASP A 130 22.24 -9.43 -5.73
C ASP A 130 21.56 -9.99 -4.49
N VAL A 131 20.42 -10.65 -4.67
CA VAL A 131 19.67 -11.20 -3.56
C VAL A 131 19.87 -12.72 -3.44
N ARG A 132 20.94 -13.24 -4.03
CA ARG A 132 21.21 -14.68 -3.94
C ARG A 132 21.31 -15.15 -2.51
N TRP A 133 21.96 -14.38 -1.64
CA TRP A 133 22.23 -14.79 -0.27
C TRP A 133 21.40 -13.99 0.73
N PHE A 134 20.36 -13.31 0.27
CA PHE A 134 19.55 -12.50 1.18
C PHE A 134 18.95 -13.40 2.26
N PRO A 135 18.92 -12.94 3.52
CA PRO A 135 19.35 -11.64 4.04
C PRO A 135 20.82 -11.60 4.50
N PHE A 136 21.63 -12.61 4.19
CA PHE A 136 23.06 -12.55 4.50
C PHE A 136 23.87 -12.06 3.30
N ASP A 137 23.49 -10.92 2.73
CA ASP A 137 24.07 -10.46 1.47
C ASP A 137 25.05 -9.32 1.69
N VAL A 138 26.04 -9.24 0.80
CA VAL A 138 26.96 -8.11 0.69
C VAL A 138 26.75 -7.50 -0.68
N GLN A 139 26.42 -6.21 -0.72
CA GLN A 139 26.17 -5.53 -1.97
C GLN A 139 27.36 -4.66 -2.35
N HIS A 140 27.61 -4.55 -3.65
CA HIS A 140 28.64 -3.70 -4.22
C HIS A 140 27.97 -2.75 -5.21
N CYS A 141 27.70 -1.52 -4.78
CA CYS A 141 27.04 -0.55 -5.61
C CYS A 141 28.06 0.43 -6.16
N LYS A 142 27.94 0.77 -7.42
CA LYS A 142 28.91 1.60 -8.13
C LYS A 142 28.35 2.99 -8.36
N LEU A 143 29.15 4.00 -8.06
CA LEU A 143 28.88 5.39 -8.39
C LEU A 143 29.91 5.80 -9.43
N LYS A 144 29.47 6.01 -10.67
CA LYS A 144 30.35 6.33 -11.78
C LYS A 144 30.20 7.80 -12.14
N PHE A 145 31.30 8.55 -12.03
CA PHE A 145 31.31 9.98 -12.26
C PHE A 145 32.25 10.31 -13.42
N GLY A 146 31.85 11.26 -14.25
CA GLY A 146 32.72 11.70 -15.32
C GLY A 146 32.21 12.97 -15.95
N SER A 147 33.13 13.69 -16.58
CA SER A 147 32.76 14.86 -17.36
C SER A 147 31.94 14.42 -18.56
N TRP A 148 30.80 15.08 -18.78
CA TRP A 148 29.92 14.64 -19.83
C TRP A 148 30.45 15.00 -21.21
N SER A 149 30.94 16.22 -21.38
CA SER A 149 31.29 16.76 -22.68
C SER A 149 32.77 17.02 -22.89
N TYR A 150 33.62 16.79 -21.87
CA TYR A 150 35.06 16.99 -21.99
C TYR A 150 35.75 15.63 -21.94
N GLY A 151 36.34 15.23 -23.07
CA GLY A 151 37.14 14.03 -23.10
C GLY A 151 38.51 14.24 -22.51
N GLY A 152 39.27 13.15 -22.43
CA GLY A 152 40.61 13.14 -21.85
C GLY A 152 41.62 14.05 -22.51
N TRP A 153 41.40 14.48 -23.75
CA TRP A 153 42.28 15.50 -24.32
C TRP A 153 42.05 16.89 -23.75
N SER A 154 40.88 17.17 -23.19
CA SER A 154 40.61 18.48 -22.60
C SER A 154 40.62 18.48 -21.08
N LEU A 155 40.12 17.43 -20.45
CA LEU A 155 39.97 17.39 -18.99
C LEU A 155 40.62 16.12 -18.48
N ASP A 156 41.70 16.28 -17.71
CA ASP A 156 42.44 15.16 -17.14
C ASP A 156 41.88 14.88 -15.76
N LEU A 157 40.91 13.97 -15.70
CA LEU A 157 40.23 13.67 -14.45
C LEU A 157 41.08 12.71 -13.63
N GLN A 158 41.41 13.12 -12.41
CA GLN A 158 42.20 12.33 -11.48
C GLN A 158 41.35 12.03 -10.25
N MET A 159 41.71 10.96 -9.57
CA MET A 159 40.98 10.48 -8.41
C MET A 159 41.75 10.69 -7.11
N GLN A 160 40.99 10.86 -6.04
CA GLN A 160 41.50 10.98 -4.69
C GLN A 160 40.64 10.08 -3.82
N GLU A 161 41.24 9.52 -2.76
CA GLU A 161 40.52 8.57 -1.94
C GLU A 161 39.29 9.21 -1.29
N ALA A 162 38.19 8.47 -1.29
CA ALA A 162 36.95 8.97 -0.72
C ALA A 162 37.10 9.23 0.77
N ASP A 163 36.38 10.24 1.24
CA ASP A 163 36.34 10.57 2.66
C ASP A 163 35.15 9.89 3.33
N ILE A 164 35.38 9.29 4.49
CA ILE A 164 34.32 8.64 5.25
C ILE A 164 34.38 9.09 6.71
N SER A 165 35.13 10.15 6.98
CA SER A 165 35.35 10.58 8.36
C SER A 165 34.07 11.11 8.99
N GLY A 166 33.15 11.66 8.20
CA GLY A 166 31.89 12.15 8.71
C GLY A 166 30.72 11.20 8.49
N TYR A 167 31.01 9.94 8.16
CA TYR A 167 29.95 8.99 7.84
C TYR A 167 29.14 8.63 9.09
N ILE A 168 27.83 8.64 8.94
CA ILE A 168 26.91 8.28 10.01
C ILE A 168 26.39 6.87 9.74
N PRO A 169 26.61 5.91 10.63
CA PRO A 169 26.23 4.52 10.33
C PRO A 169 24.74 4.35 10.14
N ASN A 170 24.39 3.51 9.17
CA ASN A 170 23.02 3.05 8.97
C ASN A 170 22.77 1.84 9.88
N GLY A 171 21.60 1.82 10.52
CA GLY A 171 21.27 0.71 11.38
C GLY A 171 21.16 -0.62 10.65
N GLU A 172 20.93 -0.59 9.34
CA GLU A 172 20.72 -1.81 8.57
C GLU A 172 21.92 -2.26 7.77
N TRP A 173 22.85 -1.37 7.45
CA TRP A 173 23.96 -1.68 6.55
C TRP A 173 25.27 -1.28 7.20
N ASP A 174 26.19 -2.23 7.31
CA ASP A 174 27.54 -1.96 7.78
C ASP A 174 28.41 -1.59 6.59
N LEU A 175 29.03 -0.43 6.66
CA LEU A 175 29.90 0.00 5.57
C LEU A 175 31.21 -0.77 5.63
N VAL A 176 31.53 -1.48 4.55
CA VAL A 176 32.82 -2.16 4.46
C VAL A 176 33.90 -1.24 3.89
N GLY A 177 33.60 -0.54 2.81
CA GLY A 177 34.55 0.40 2.23
C GLY A 177 33.98 1.04 0.99
N ILE A 178 34.68 2.07 0.51
CA ILE A 178 34.30 2.77 -0.71
C ILE A 178 35.56 3.02 -1.55
N PRO A 179 36.22 1.98 -2.06
CA PRO A 179 37.37 2.18 -2.93
C PRO A 179 36.98 2.79 -4.27
N GLY A 180 37.91 3.54 -4.84
CA GLY A 180 37.71 4.17 -6.14
C GLY A 180 38.67 3.67 -7.20
N LYS A 181 38.28 3.79 -8.47
CA LYS A 181 39.10 3.37 -9.59
C LYS A 181 38.92 4.37 -10.74
N ARG A 182 40.03 4.83 -11.29
CA ARG A 182 40.00 5.78 -12.41
C ARG A 182 40.28 5.03 -13.70
N SER A 183 39.34 5.09 -14.63
CA SER A 183 39.41 4.36 -15.89
C SER A 183 39.31 5.33 -17.06
N GLU A 184 39.54 4.82 -18.26
CA GLU A 184 39.51 5.61 -19.48
C GLU A 184 38.89 4.76 -20.59
N ARG A 185 37.63 5.07 -20.92
CA ARG A 185 36.85 4.24 -21.83
C ARG A 185 36.59 4.97 -23.14
N PHE A 186 36.45 4.18 -24.20
CA PHE A 186 36.04 4.65 -25.50
C PHE A 186 34.55 4.40 -25.71
N TYR A 187 33.87 5.36 -26.33
CA TYR A 187 32.46 5.26 -26.65
C TYR A 187 32.27 5.42 -28.14
N GLU A 188 31.29 4.69 -28.68
CA GLU A 188 31.01 4.76 -30.12
C GLU A 188 30.62 6.16 -30.57
N CYS A 189 30.15 7.01 -29.65
CA CYS A 189 29.84 8.39 -30.01
C CYS A 189 31.06 9.11 -30.57
N CYS A 190 32.23 8.83 -30.02
CA CYS A 190 33.33 9.77 -30.05
C CYS A 190 34.65 9.02 -30.17
N LYS A 191 35.59 9.60 -30.92
CA LYS A 191 36.89 8.98 -31.10
C LYS A 191 37.81 9.23 -29.91
N GLU A 192 37.49 10.19 -29.06
CA GLU A 192 38.26 10.57 -27.89
C GLU A 192 37.89 9.70 -26.69
N PRO A 193 38.86 9.26 -25.89
CA PRO A 193 38.51 8.56 -24.66
C PRO A 193 37.94 9.50 -23.61
N TYR A 194 37.12 8.95 -22.72
CA TYR A 194 36.46 9.72 -21.67
C TYR A 194 36.79 9.07 -20.34
N PRO A 195 37.61 9.69 -19.50
CA PRO A 195 37.90 9.09 -18.20
C PRO A 195 36.72 9.20 -17.24
N ASP A 196 36.65 8.22 -16.35
CA ASP A 196 35.63 8.20 -15.30
C ASP A 196 36.30 7.81 -13.99
N VAL A 197 35.61 8.10 -12.89
CA VAL A 197 36.03 7.71 -11.56
C VAL A 197 34.86 6.95 -10.95
N THR A 198 35.07 5.68 -10.63
CA THR A 198 34.03 4.82 -10.10
C THR A 198 34.32 4.50 -8.65
N PHE A 199 33.40 4.85 -7.76
CA PHE A 199 33.45 4.50 -6.36
C PHE A 199 32.48 3.35 -6.13
N THR A 200 32.99 2.24 -5.58
CA THR A 200 32.19 1.08 -5.25
C THR A 200 31.94 1.04 -3.75
N VAL A 201 30.69 1.19 -3.33
CA VAL A 201 30.30 1.10 -1.93
C VAL A 201 30.09 -0.38 -1.61
N THR A 202 30.99 -0.96 -0.81
CA THR A 202 30.82 -2.33 -0.32
C THR A 202 30.15 -2.24 1.04
N MET A 203 28.88 -2.67 1.10
CA MET A 203 28.08 -2.67 2.31
C MET A 203 27.54 -4.04 2.68
N ARG A 204 27.42 -4.31 3.95
CA ARG A 204 26.98 -5.60 4.47
C ARG A 204 25.67 -5.43 5.23
N ARG A 205 24.68 -6.26 4.93
CA ARG A 205 23.39 -6.17 5.60
C ARG A 205 23.47 -6.73 7.01
N ARG A 206 23.00 -5.95 7.97
CA ARG A 206 22.88 -6.42 9.35
C ARG A 206 21.58 -7.23 9.46
N THR A 207 21.67 -8.41 10.07
CA THR A 207 20.64 -9.43 9.91
C THR A 207 19.73 -9.63 11.12
N LEU A 208 19.87 -8.83 12.17
CA LEU A 208 19.02 -9.02 13.35
C LEU A 208 17.55 -8.85 13.00
N TYR A 209 17.21 -7.77 12.31
CA TYR A 209 15.80 -7.49 12.00
C TYR A 209 15.18 -8.59 11.16
N TYR A 210 15.91 -9.10 10.16
CA TYR A 210 15.36 -10.14 9.30
C TYR A 210 15.34 -11.50 10.00
N GLY A 211 16.34 -11.77 10.85
CA GLY A 211 16.25 -12.96 11.68
C GLY A 211 15.00 -12.94 12.55
N LEU A 212 14.62 -11.76 13.05
CA LEU A 212 13.46 -11.66 13.93
C LEU A 212 12.14 -11.73 13.15
N ASN A 213 12.08 -11.13 11.97
CA ASN A 213 10.83 -11.02 11.24
C ASN A 213 10.66 -12.07 10.15
N LEU A 214 11.72 -12.74 9.74
CA LEU A 214 11.63 -13.71 8.66
C LEU A 214 12.09 -15.09 9.07
N LEU A 215 13.31 -15.22 9.60
CA LEU A 215 13.86 -16.55 9.86
C LEU A 215 13.23 -17.18 11.09
N ILE A 216 13.40 -16.57 12.26
CA ILE A 216 12.89 -17.15 13.50
C ILE A 216 11.42 -17.54 13.37
N PRO A 217 10.51 -16.65 12.98
CA PRO A 217 9.09 -17.03 12.91
C PRO A 217 8.84 -18.24 12.02
N CYS A 218 9.56 -18.37 10.90
CA CYS A 218 9.42 -19.55 10.06
C CYS A 218 9.86 -20.81 10.80
N VAL A 219 10.96 -20.75 11.55
CA VAL A 219 11.42 -21.91 12.28
C VAL A 219 10.35 -22.39 13.27
N LEU A 220 9.81 -21.47 14.06
CA LEU A 220 8.86 -21.85 15.09
C LEU A 220 7.55 -22.37 14.49
N ILE A 221 7.08 -21.75 13.41
CA ILE A 221 5.83 -22.20 12.80
C ILE A 221 6.00 -23.56 12.16
N SER A 222 7.16 -23.82 11.55
CA SER A 222 7.45 -25.16 11.06
C SER A 222 7.47 -26.16 12.20
N ALA A 223 8.03 -25.75 13.34
CA ALA A 223 8.02 -26.62 14.52
C ALA A 223 6.61 -27.00 14.93
N LEU A 224 5.66 -26.05 14.85
CA LEU A 224 4.29 -26.36 15.26
C LEU A 224 3.62 -27.31 14.28
N ALA A 225 4.05 -27.32 13.02
CA ALA A 225 3.50 -28.28 12.08
C ALA A 225 3.83 -29.70 12.51
N LEU A 226 5.01 -29.90 13.10
CA LEU A 226 5.39 -31.22 13.59
C LEU A 226 4.51 -31.72 14.71
N LEU A 227 3.69 -30.85 15.31
CA LEU A 227 2.83 -31.28 16.40
C LEU A 227 1.69 -32.15 15.91
N VAL A 228 1.34 -32.05 14.63
CA VAL A 228 0.27 -32.88 14.07
C VAL A 228 0.57 -34.35 14.35
N PHE A 229 1.83 -34.75 14.22
CA PHE A 229 2.20 -36.14 14.44
C PHE A 229 2.10 -36.58 15.89
N LEU A 230 1.74 -35.68 16.80
CA LEU A 230 1.50 -36.03 18.19
C LEU A 230 0.01 -36.01 18.55
N LEU A 231 -0.81 -35.29 17.85
CA LEU A 231 -2.21 -35.17 18.13
C LEU A 231 -2.88 -36.51 17.90
N PRO A 232 -3.56 -37.11 18.90
CA PRO A 232 -4.32 -38.34 18.68
C PRO A 232 -5.30 -38.16 17.53
N ALA A 233 -5.49 -39.22 16.75
CA ALA A 233 -6.39 -39.15 15.61
C ALA A 233 -7.83 -38.89 16.05
N ASP A 234 -8.23 -39.40 17.22
CA ASP A 234 -9.61 -39.28 17.67
C ASP A 234 -9.98 -37.87 18.10
N SER A 235 -9.01 -36.95 18.18
CA SER A 235 -9.35 -35.56 18.46
C SER A 235 -10.12 -34.92 17.32
N GLY A 236 -10.00 -35.45 16.11
CA GLY A 236 -10.66 -34.88 14.95
C GLY A 236 -10.20 -33.49 14.59
N GLU A 237 -8.95 -33.16 14.89
CA GLU A 237 -8.40 -31.84 14.61
C GLU A 237 -7.05 -31.90 13.92
N LYS A 238 -6.64 -33.07 13.43
CA LYS A 238 -5.33 -33.19 12.78
C LYS A 238 -5.25 -32.31 11.54
N ILE A 239 -6.26 -32.39 10.67
CA ILE A 239 -6.22 -31.64 9.42
C ILE A 239 -6.29 -30.14 9.68
N SER A 240 -7.16 -29.72 10.60
CA SER A 240 -7.28 -28.30 10.91
C SER A 240 -5.91 -27.70 11.23
N LEU A 241 -5.18 -28.33 12.14
CA LEU A 241 -3.87 -27.80 12.54
C LEU A 241 -2.92 -27.72 11.35
N GLY A 242 -2.78 -28.82 10.61
CA GLY A 242 -1.82 -28.85 9.52
C GLY A 242 -2.11 -27.84 8.43
N ILE A 243 -3.33 -27.86 7.91
CA ILE A 243 -3.67 -26.96 6.81
C ILE A 243 -3.64 -25.51 7.27
N THR A 244 -4.00 -25.26 8.53
CA THR A 244 -3.96 -23.90 9.05
C THR A 244 -2.54 -23.38 9.14
N VAL A 245 -1.60 -24.24 9.56
CA VAL A 245 -0.21 -23.82 9.64
C VAL A 245 0.34 -23.57 8.23
N LEU A 246 -0.08 -24.38 7.26
CA LEU A 246 0.39 -24.19 5.89
C LEU A 246 -0.14 -22.88 5.31
N LEU A 247 -1.41 -22.57 5.59
CA LEU A 247 -2.02 -21.36 5.04
C LEU A 247 -1.47 -20.11 5.69
N SER A 248 -0.92 -20.22 6.90
CA SER A 248 -0.27 -19.09 7.53
C SER A 248 1.13 -18.87 6.98
N LEU A 249 1.77 -19.92 6.48
CA LEU A 249 3.15 -19.80 6.00
C LEU A 249 3.22 -19.10 4.66
N THR A 250 2.12 -18.92 3.98
CA THR A 250 2.08 -18.14 2.76
C THR A 250 2.16 -16.67 3.07
N VAL A 251 1.86 -16.27 4.28
CA VAL A 251 2.03 -14.88 4.68
C VAL A 251 3.49 -14.46 4.52
N PHE A 252 4.41 -15.31 4.99
CA PHE A 252 5.83 -15.05 4.80
C PHE A 252 6.24 -15.19 3.35
N MET A 253 5.63 -16.10 2.61
CA MET A 253 5.93 -16.25 1.20
C MET A 253 5.60 -14.97 0.46
N LEU A 254 4.43 -14.41 0.74
CA LEU A 254 3.98 -13.18 0.10
C LEU A 254 4.75 -11.98 0.61
N LEU A 255 5.20 -12.03 1.87
CA LEU A 255 6.09 -11.00 2.39
C LEU A 255 7.41 -10.96 1.62
N VAL A 256 7.99 -12.12 1.35
CA VAL A 256 9.27 -12.16 0.64
C VAL A 256 9.11 -11.67 -0.79
N ALA A 257 8.01 -12.03 -1.44
CA ALA A 257 7.80 -11.60 -2.81
C ALA A 257 7.71 -10.08 -2.91
N GLU A 258 7.20 -9.42 -1.87
CA GLU A 258 7.02 -7.98 -1.91
C GLU A 258 8.35 -7.23 -1.79
N ILE A 259 9.32 -7.79 -1.09
CA ILE A 259 10.57 -7.10 -0.86
C ILE A 259 11.61 -7.41 -1.94
N MET A 260 11.62 -8.61 -2.47
CA MET A 260 12.64 -9.02 -3.42
C MET A 260 12.36 -8.43 -4.80
N PRO A 261 13.40 -8.12 -5.57
CA PRO A 261 13.18 -7.75 -6.98
C PRO A 261 12.70 -8.95 -7.77
N ALA A 262 11.87 -8.68 -8.78
CA ALA A 262 11.32 -9.74 -9.62
C ALA A 262 12.31 -10.16 -10.71
N THR A 263 13.45 -10.66 -10.26
CA THR A 263 14.53 -11.06 -11.15
C THR A 263 14.61 -12.58 -11.25
N SER A 264 15.17 -13.03 -12.39
CA SER A 264 15.35 -14.44 -12.66
C SER A 264 16.82 -14.86 -12.64
N ASP A 265 17.67 -14.03 -12.06
CA ASP A 265 19.10 -14.35 -12.02
C ASP A 265 19.37 -15.54 -11.11
N SER A 266 18.70 -15.60 -9.96
CA SER A 266 18.89 -16.70 -9.03
C SER A 266 17.67 -16.82 -8.15
N VAL A 267 17.57 -17.97 -7.49
CA VAL A 267 16.57 -18.19 -6.45
C VAL A 267 17.17 -17.69 -5.13
N PRO A 268 16.57 -16.70 -4.46
CA PRO A 268 17.18 -16.20 -3.23
C PRO A 268 17.24 -17.26 -2.15
N LEU A 269 18.25 -17.14 -1.28
CA LEU A 269 18.40 -18.07 -0.17
C LEU A 269 17.11 -18.14 0.64
N ILE A 270 16.55 -16.99 1.00
CA ILE A 270 15.34 -16.98 1.82
C ILE A 270 14.20 -17.69 1.11
N ALA A 271 14.13 -17.59 -0.22
CA ALA A 271 13.10 -18.32 -0.95
C ALA A 271 13.30 -19.82 -0.84
N GLN A 272 14.53 -20.30 -0.98
CA GLN A 272 14.81 -21.71 -0.78
C GLN A 272 14.37 -22.15 0.60
N TYR A 273 14.76 -21.39 1.63
CA TYR A 273 14.43 -21.78 3.00
C TYR A 273 12.91 -21.84 3.21
N PHE A 274 12.18 -20.84 2.72
CA PHE A 274 10.73 -20.84 2.91
C PHE A 274 10.03 -21.88 2.05
N ALA A 275 10.49 -22.04 0.81
CA ALA A 275 9.89 -23.04 -0.07
C ALA A 275 10.08 -24.44 0.47
N SER A 276 11.26 -24.72 1.04
CA SER A 276 11.51 -26.05 1.59
C SER A 276 10.73 -26.30 2.88
N THR A 277 10.54 -25.27 3.70
CA THR A 277 9.70 -25.42 4.90
C THR A 277 8.25 -25.68 4.52
N MET A 278 7.71 -24.96 3.53
CA MET A 278 6.32 -25.15 3.15
C MET A 278 6.09 -26.51 2.51
N ILE A 279 7.08 -27.00 1.74
CA ILE A 279 6.96 -28.32 1.13
C ILE A 279 6.96 -29.41 2.19
N ILE A 280 7.74 -29.22 3.26
CA ILE A 280 7.74 -30.20 4.34
C ILE A 280 6.41 -30.18 5.08
N VAL A 281 5.84 -28.99 5.27
CA VAL A 281 4.54 -28.89 5.92
C VAL A 281 3.46 -29.46 5.00
N GLY A 282 3.61 -29.27 3.69
CA GLY A 282 2.64 -29.86 2.77
C GLY A 282 2.68 -31.37 2.75
N LEU A 283 3.89 -31.94 2.78
CA LEU A 283 4.02 -33.39 2.85
C LEU A 283 3.47 -33.95 4.17
N SER A 284 3.61 -33.20 5.26
CA SER A 284 3.05 -33.65 6.52
C SER A 284 1.53 -33.79 6.42
N VAL A 285 0.87 -32.88 5.70
CA VAL A 285 -0.57 -32.99 5.51
C VAL A 285 -0.89 -34.25 4.70
N VAL A 286 -0.09 -34.53 3.66
CA VAL A 286 -0.29 -35.75 2.88
C VAL A 286 -0.18 -36.98 3.78
N VAL A 287 0.88 -37.02 4.60
CA VAL A 287 1.07 -38.13 5.54
C VAL A 287 -0.07 -38.23 6.54
N THR A 288 -0.63 -37.09 6.94
CA THR A 288 -1.73 -37.11 7.89
C THR A 288 -2.97 -37.76 7.28
N VAL A 289 -3.19 -37.55 5.98
CA VAL A 289 -4.31 -38.19 5.31
C VAL A 289 -4.13 -39.70 5.29
N ILE A 290 -2.90 -40.17 5.11
CA ILE A 290 -2.65 -41.61 5.13
C ILE A 290 -2.84 -42.16 6.54
N VAL A 291 -2.43 -41.39 7.56
CA VAL A 291 -2.60 -41.84 8.92
C VAL A 291 -4.08 -41.94 9.28
N LEU A 292 -4.89 -41.02 8.76
CA LEU A 292 -6.32 -41.07 9.02
C LEU A 292 -7.00 -42.19 8.25
N GLN A 293 -6.45 -42.57 7.08
CA GLN A 293 -6.96 -43.72 6.36
C GLN A 293 -6.80 -45.01 7.16
N TYR A 294 -5.68 -45.15 7.88
CA TYR A 294 -5.49 -46.35 8.67
C TYR A 294 -6.33 -46.31 9.94
N HIS A 295 -6.49 -45.13 10.53
CA HIS A 295 -7.21 -45.04 11.80
C HIS A 295 -8.70 -45.29 11.59
N HIS A 296 -9.25 -44.81 10.47
CA HIS A 296 -10.66 -44.97 10.15
C HIS A 296 -10.91 -46.16 9.22
N HIS A 297 -9.95 -47.08 9.13
CA HIS A 297 -10.09 -48.17 8.17
C HIS A 297 -11.28 -49.06 8.54
N ASP A 298 -12.12 -49.32 7.56
CA ASP A 298 -13.31 -50.15 7.77
C ASP A 298 -12.89 -51.59 8.11
N PRO A 299 -13.31 -52.14 9.24
CA PRO A 299 -12.88 -53.52 9.57
C PRO A 299 -13.33 -54.55 8.57
N ASP A 300 -14.50 -54.38 7.96
CA ASP A 300 -15.02 -55.37 7.01
C ASP A 300 -14.44 -55.20 5.62
N GLY A 301 -13.56 -54.22 5.41
CA GLY A 301 -12.94 -54.04 4.11
C GLY A 301 -11.77 -54.98 3.94
N GLY A 302 -10.72 -54.52 3.26
CA GLY A 302 -9.56 -55.36 3.04
C GLY A 302 -8.93 -55.81 4.34
N LYS A 303 -7.90 -56.64 4.24
CA LYS A 303 -7.16 -57.14 5.39
C LYS A 303 -5.74 -56.59 5.34
N MET A 304 -5.23 -56.17 6.49
CA MET A 304 -3.88 -55.64 6.57
C MET A 304 -2.94 -56.51 5.75
N PRO A 305 -2.38 -56.01 4.64
CA PRO A 305 -1.40 -56.78 3.88
C PRO A 305 -0.32 -57.40 4.75
N LYS A 306 0.36 -58.42 4.23
CA LYS A 306 1.42 -59.05 5.01
C LYS A 306 2.55 -58.07 5.24
N TRP A 307 2.89 -57.26 4.24
CA TRP A 307 4.01 -56.34 4.36
C TRP A 307 3.70 -55.22 5.34
N THR A 308 2.44 -54.82 5.45
CA THR A 308 2.07 -53.81 6.43
C THR A 308 2.22 -54.33 7.86
N ARG A 309 1.80 -55.56 8.11
CA ARG A 309 1.82 -56.11 9.47
C ARG A 309 3.22 -56.45 9.96
N VAL A 310 4.20 -56.61 9.08
CA VAL A 310 5.57 -56.87 9.49
C VAL A 310 6.39 -55.59 9.54
N ILE A 311 6.33 -54.77 8.50
CA ILE A 311 7.15 -53.55 8.47
C ILE A 311 6.76 -52.63 9.61
N LEU A 312 5.47 -52.51 9.91
CA LEU A 312 5.00 -51.52 10.86
C LEU A 312 4.74 -52.14 12.24
N LEU A 313 3.85 -53.14 12.30
CA LEU A 313 3.47 -53.70 13.60
C LEU A 313 4.57 -54.50 14.26
N ASN A 314 5.64 -54.86 13.54
CA ASN A 314 6.71 -55.66 14.11
C ASN A 314 8.03 -54.89 14.14
N TRP A 315 8.60 -54.55 12.99
CA TRP A 315 9.91 -53.90 12.95
C TRP A 315 9.85 -52.50 13.52
N CYS A 316 9.14 -51.60 12.84
CA CYS A 316 9.09 -50.21 13.28
C CYS A 316 8.58 -50.09 14.71
N ALA A 317 7.59 -50.89 15.08
CA ALA A 317 7.05 -50.82 16.42
C ALA A 317 8.09 -51.22 17.46
N TRP A 318 8.87 -52.27 17.18
CA TRP A 318 9.93 -52.67 18.11
C TRP A 318 10.99 -51.57 18.21
N PHE A 319 11.45 -51.07 17.07
CA PHE A 319 12.48 -50.03 17.07
C PHE A 319 12.04 -48.84 17.91
N LEU A 320 10.80 -48.38 17.70
CA LEU A 320 10.29 -47.23 18.42
C LEU A 320 9.82 -47.57 19.84
N ARG A 321 10.03 -48.80 20.29
CA ARG A 321 9.61 -49.24 21.62
C ARG A 321 8.18 -48.80 21.90
N MET A 322 7.26 -49.33 21.13
CA MET A 322 5.84 -48.98 21.22
C MET A 322 4.96 -50.11 21.72
N LYS A 323 5.14 -51.32 21.21
CA LYS A 323 4.42 -52.49 21.70
C LYS A 323 2.92 -52.35 21.41
N PRO A 479 -39.09 -77.68 25.83
CA PRO A 479 -39.15 -76.98 24.54
C PRO A 479 -38.91 -75.48 24.67
N ASP A 480 -39.53 -74.87 25.67
CA ASP A 480 -39.33 -73.44 25.89
C ASP A 480 -37.88 -73.15 26.27
N LEU A 481 -37.28 -74.02 27.08
CA LEU A 481 -35.90 -73.82 27.50
C LEU A 481 -34.93 -73.91 26.34
N ALA A 482 -35.29 -74.62 25.28
CA ALA A 482 -34.43 -74.70 24.10
C ALA A 482 -34.55 -73.46 23.23
N LYS A 483 -35.76 -72.93 23.08
CA LYS A 483 -35.94 -71.67 22.37
C LYS A 483 -35.20 -70.54 23.06
N ILE A 484 -35.24 -70.51 24.39
CA ILE A 484 -34.52 -69.46 25.13
C ILE A 484 -33.02 -69.61 24.90
N LEU A 485 -32.53 -70.84 24.84
CA LEU A 485 -31.12 -71.06 24.53
C LEU A 485 -30.75 -70.52 23.16
N GLU A 486 -31.60 -70.74 22.16
CA GLU A 486 -31.30 -70.27 20.81
C GLU A 486 -31.19 -68.75 20.78
N GLU A 487 -32.04 -68.04 21.52
CA GLU A 487 -32.00 -66.59 21.50
C GLU A 487 -30.84 -66.05 22.31
N VAL A 488 -30.56 -66.67 23.47
CA VAL A 488 -29.43 -66.24 24.30
C VAL A 488 -28.12 -66.48 23.57
N ARG A 489 -28.03 -67.60 22.85
CA ARG A 489 -26.80 -67.89 22.10
C ARG A 489 -26.62 -66.95 20.92
N TYR A 490 -27.71 -66.47 20.33
CA TYR A 490 -27.58 -65.47 19.26
C TYR A 490 -27.04 -64.17 19.82
N ILE A 491 -27.48 -63.80 21.02
CA ILE A 491 -27.04 -62.53 21.61
C ILE A 491 -25.57 -62.60 22.00
N ALA A 492 -25.11 -63.77 22.44
CA ALA A 492 -23.72 -63.89 22.86
C ALA A 492 -22.77 -64.00 21.66
N ASN A 493 -23.21 -64.66 20.58
CA ASN A 493 -22.37 -64.74 19.39
C ASN A 493 -22.27 -63.39 18.70
N ARG A 494 -23.33 -62.58 18.75
CA ARG A 494 -23.27 -61.25 18.18
C ARG A 494 -22.23 -60.41 18.93
N PHE A 495 -22.15 -60.54 20.25
CA PHE A 495 -21.12 -59.84 21.00
C PHE A 495 -19.73 -60.34 20.63
N ARG A 496 -19.57 -61.68 20.51
CA ARG A 496 -18.27 -62.22 20.14
C ARG A 496 -17.81 -61.70 18.79
N CYS A 497 -18.73 -61.61 17.83
CA CYS A 497 -18.38 -61.10 16.51
C CYS A 497 -17.96 -59.64 16.59
N GLN A 498 -18.66 -58.83 17.39
CA GLN A 498 -18.26 -57.44 17.58
C GLN A 498 -16.87 -57.35 18.19
N ASP A 499 -16.55 -58.24 19.12
CA ASP A 499 -15.22 -58.21 19.72
C ASP A 499 -14.13 -58.48 18.70
N GLU A 500 -14.36 -59.43 17.78
CA GLU A 500 -13.38 -59.69 16.74
C GLU A 500 -13.20 -58.47 15.83
N SER A 501 -14.30 -57.82 15.45
CA SER A 501 -14.19 -56.66 14.58
C SER A 501 -13.46 -55.51 15.25
N GLU A 502 -13.73 -55.25 16.53
CA GLU A 502 -13.04 -54.17 17.22
C GLU A 502 -11.58 -54.50 17.46
N ALA A 503 -11.22 -55.78 17.52
CA ALA A 503 -9.81 -56.13 17.65
C ALA A 503 -9.08 -55.94 16.33
N VAL A 504 -9.77 -56.10 15.21
CA VAL A 504 -9.18 -55.76 13.92
C VAL A 504 -9.05 -54.24 13.78
N CYS A 505 -10.06 -53.49 14.25
CA CYS A 505 -9.97 -52.04 14.22
C CYS A 505 -8.85 -51.53 15.11
N SER A 506 -8.61 -52.19 16.25
CA SER A 506 -7.55 -51.74 17.13
C SER A 506 -6.19 -51.96 16.49
N GLU A 507 -6.08 -52.96 15.64
CA GLU A 507 -4.82 -53.24 14.96
C GLU A 507 -4.55 -52.21 13.88
N TRP A 508 -5.60 -51.75 13.19
CA TRP A 508 -5.44 -50.66 12.22
C TRP A 508 -5.12 -49.34 12.90
N LYS A 509 -5.67 -49.11 14.10
CA LYS A 509 -5.38 -47.88 14.83
C LYS A 509 -3.95 -47.87 15.34
N PHE A 510 -3.44 -49.03 15.75
CA PHE A 510 -2.04 -49.12 16.14
C PHE A 510 -1.11 -48.81 14.96
N ALA A 511 -1.45 -49.29 13.76
CA ALA A 511 -0.66 -48.97 12.59
C ALA A 511 -0.62 -47.46 12.33
N ALA A 512 -1.76 -46.80 12.49
CA ALA A 512 -1.79 -45.34 12.31
C ALA A 512 -0.89 -44.65 13.34
N CYS A 513 -0.90 -45.13 14.59
CA CYS A 513 -0.03 -44.56 15.60
C CYS A 513 1.45 -44.78 15.27
N VAL A 514 1.81 -45.98 14.82
CA VAL A 514 3.21 -46.25 14.49
C VAL A 514 3.67 -45.38 13.33
N VAL A 515 2.89 -45.35 12.24
CA VAL A 515 3.22 -44.49 11.12
C VAL A 515 3.30 -43.03 11.56
N ASP A 516 2.38 -42.63 12.44
CA ASP A 516 2.45 -41.29 13.02
C ASP A 516 3.74 -41.07 13.80
N ARG A 517 4.17 -42.06 14.59
CA ARG A 517 5.42 -41.95 15.34
C ARG A 517 6.64 -42.00 14.44
N LEU A 518 6.68 -42.82 13.42
CA LEU A 518 7.78 -42.85 12.51
C LEU A 518 7.86 -41.56 11.72
N CYS A 519 6.72 -40.98 11.38
CA CYS A 519 6.77 -39.77 10.57
C CYS A 519 7.23 -38.57 11.40
N LEU A 520 6.86 -38.51 12.68
CA LEU A 520 7.35 -37.44 13.54
C LEU A 520 8.87 -37.38 13.52
N MET A 521 9.51 -38.49 13.74
CA MET A 521 10.97 -38.51 13.77
C MET A 521 11.55 -38.16 12.41
N ALA A 522 11.02 -38.77 11.35
CA ALA A 522 11.55 -38.51 10.02
C ALA A 522 11.39 -37.03 9.64
N PHE A 523 10.24 -36.44 9.93
CA PHE A 523 10.00 -35.06 9.56
C PHE A 523 10.77 -34.09 10.45
N SER A 524 11.03 -34.47 11.69
CA SER A 524 11.90 -33.66 12.54
C SER A 524 13.31 -33.61 11.98
N VAL A 525 13.79 -34.74 11.43
CA VAL A 525 15.13 -34.79 10.86
C VAL A 525 15.18 -33.99 9.56
N PHE A 526 14.15 -34.09 8.72
CA PHE A 526 14.15 -33.30 7.49
C PHE A 526 14.17 -31.81 7.78
N THR A 527 13.41 -31.37 8.79
CA THR A 527 13.37 -29.95 9.12
C THR A 527 14.74 -29.45 9.54
N ILE A 528 15.39 -30.16 10.48
CA ILE A 528 16.69 -29.74 10.97
C ILE A 528 17.70 -29.68 9.82
N ILE A 529 17.76 -30.75 9.02
CA ILE A 529 18.77 -30.83 7.96
C ILE A 529 18.55 -29.70 6.95
N CYS A 530 17.31 -29.57 6.46
CA CYS A 530 17.03 -28.53 5.47
C CYS A 530 17.33 -27.15 6.04
N THR A 531 16.87 -26.87 7.26
CA THR A 531 17.07 -25.56 7.85
C THR A 531 18.56 -25.24 7.99
N ILE A 532 19.30 -26.12 8.66
CA ILE A 532 20.71 -25.87 8.89
C ILE A 532 21.48 -25.87 7.57
N GLY A 533 21.17 -26.82 6.69
CA GLY A 533 21.90 -26.92 5.44
C GLY A 533 21.73 -25.69 4.55
N ILE A 534 20.51 -25.17 4.45
CA ILE A 534 20.28 -24.00 3.62
C ILE A 534 20.92 -22.77 4.23
N LEU A 535 20.74 -22.57 5.54
CA LEU A 535 21.23 -21.35 6.16
C LEU A 535 22.75 -21.28 6.18
N MET A 536 23.43 -22.40 6.40
CA MET A 536 24.87 -22.39 6.50
C MET A 536 25.56 -22.47 5.15
N SER A 537 24.81 -22.55 4.06
CA SER A 537 25.41 -22.46 2.74
C SER A 537 25.81 -21.04 2.39
N ALA A 538 25.30 -20.06 3.14
CA ALA A 538 25.61 -18.66 2.87
C ALA A 538 27.02 -18.33 3.33
N PRO A 539 27.89 -17.81 2.45
CA PRO A 539 29.27 -17.52 2.90
C PRO A 539 29.35 -16.56 4.08
N ASN A 540 28.35 -15.70 4.27
CA ASN A 540 28.38 -14.70 5.32
C ASN A 540 27.52 -15.06 6.53
N PHE A 541 27.07 -16.32 6.63
CA PHE A 541 26.19 -16.69 7.74
C PHE A 541 26.92 -16.66 9.07
N VAL A 542 28.11 -17.23 9.12
CA VAL A 542 28.87 -17.29 10.37
C VAL A 542 29.16 -15.89 10.89
N GLU A 543 29.64 -15.02 10.00
CA GLU A 543 29.90 -13.63 10.39
C GLU A 543 28.63 -12.94 10.85
N ALA A 544 27.51 -13.19 10.18
CA ALA A 544 26.26 -12.55 10.56
C ALA A 544 25.87 -12.89 12.00
N VAL A 545 25.89 -14.17 12.36
CA VAL A 545 25.50 -14.55 13.70
C VAL A 545 26.48 -14.03 14.73
N SER A 546 27.77 -13.97 14.38
CA SER A 546 28.76 -13.45 15.31
C SER A 546 28.49 -11.97 15.63
N LYS A 547 28.21 -11.16 14.61
CA LYS A 547 28.12 -9.72 14.81
C LYS A 547 26.72 -9.24 15.16
N ASP A 548 25.67 -9.91 14.68
CA ASP A 548 24.31 -9.40 14.80
C ASP A 548 23.49 -10.08 15.89
N PHE A 549 23.91 -11.27 16.34
CA PHE A 549 23.18 -12.02 17.35
C PHE A 549 24.08 -12.38 18.52
N GLU B 1 44.33 32.13 -24.44
CA GLU B 1 44.54 33.17 -25.48
C GLU B 1 43.64 32.94 -26.69
N PHE B 2 43.85 31.81 -27.35
CA PHE B 2 43.12 31.51 -28.58
C PHE B 2 41.72 30.99 -28.28
N GLN B 3 41.56 30.22 -27.20
CA GLN B 3 40.22 29.80 -26.82
C GLN B 3 39.36 31.00 -26.50
N ARG B 4 39.94 32.01 -25.84
CA ARG B 4 39.19 33.20 -25.45
C ARG B 4 38.82 34.05 -26.66
N LYS B 5 39.67 34.07 -27.67
CA LYS B 5 39.40 34.84 -28.88
C LYS B 5 38.38 34.15 -29.76
N LEU B 6 38.43 32.82 -29.86
CA LEU B 6 37.48 32.09 -30.68
C LEU B 6 36.06 32.22 -30.16
N TYR B 7 35.85 32.10 -28.84
CA TYR B 7 34.50 32.24 -28.29
C TYR B 7 33.94 33.63 -28.53
N LYS B 8 34.78 34.66 -28.39
CA LYS B 8 34.32 36.02 -28.63
C LYS B 8 33.92 36.21 -30.09
N GLU B 9 34.73 35.66 -31.02
CA GLU B 9 34.43 35.81 -32.43
C GLU B 9 33.17 35.04 -32.83
N LEU B 10 32.99 33.83 -32.30
CA LEU B 10 31.91 32.97 -32.78
C LEU B 10 30.54 33.54 -32.48
N VAL B 11 30.38 34.26 -31.37
CA VAL B 11 29.05 34.74 -30.98
C VAL B 11 28.69 36.08 -31.58
N LYS B 12 29.63 36.75 -32.25
CA LYS B 12 29.33 37.99 -32.94
C LYS B 12 28.21 37.82 -33.97
N ASN B 13 27.02 38.33 -33.65
CA ASN B 13 25.81 38.29 -34.47
C ASN B 13 25.13 36.93 -34.51
N TYR B 14 25.60 35.94 -33.77
CA TYR B 14 24.92 34.65 -33.74
C TYR B 14 23.54 34.78 -33.12
N ASN B 15 22.53 34.29 -33.83
CA ASN B 15 21.14 34.33 -33.37
C ASN B 15 20.69 32.89 -33.09
N PRO B 16 20.51 32.49 -31.84
CA PRO B 16 20.02 31.12 -31.56
C PRO B 16 18.64 30.81 -32.11
N LEU B 17 17.87 31.80 -32.55
CA LEU B 17 16.58 31.54 -33.19
C LEU B 17 16.72 31.05 -34.64
N GLU B 18 17.89 31.16 -35.24
CA GLU B 18 18.05 30.91 -36.67
C GLU B 18 18.50 29.47 -36.91
N ARG B 19 17.74 28.75 -37.74
CA ARG B 19 18.16 27.44 -38.24
C ARG B 19 19.47 27.60 -39.02
N PRO B 20 20.58 26.99 -38.56
CA PRO B 20 21.89 27.33 -39.11
C PRO B 20 22.24 26.78 -40.50
N VAL B 21 21.44 27.08 -41.52
CA VAL B 21 21.71 26.63 -42.88
C VAL B 21 22.27 27.79 -43.69
N ALA B 22 23.22 27.48 -44.59
CA ALA B 22 23.73 28.51 -45.49
C ALA B 22 22.64 28.98 -46.45
N ASN B 23 21.86 28.05 -46.98
CA ASN B 23 20.78 28.33 -47.93
C ASN B 23 19.45 28.13 -47.22
N ASP B 24 18.70 29.21 -47.06
CA ASP B 24 17.47 29.17 -46.27
C ASP B 24 16.38 28.31 -46.91
N SER B 25 16.48 28.02 -48.20
CA SER B 25 15.46 27.20 -48.86
C SER B 25 15.66 25.71 -48.61
N GLN B 26 16.86 25.29 -48.24
CA GLN B 26 17.17 23.87 -48.08
C GLN B 26 16.88 23.43 -46.64
N PRO B 27 16.29 22.26 -46.43
CA PRO B 27 16.17 21.75 -45.07
C PRO B 27 17.52 21.37 -44.49
N LEU B 28 17.59 21.41 -43.14
CA LEU B 28 18.78 21.01 -42.41
C LEU B 28 18.69 19.52 -42.09
N THR B 29 19.77 18.80 -42.31
CA THR B 29 19.82 17.37 -42.00
C THR B 29 20.24 17.18 -40.55
N VAL B 30 19.43 16.44 -39.80
CA VAL B 30 19.71 16.09 -38.42
C VAL B 30 19.72 14.57 -38.34
N TYR B 31 20.80 14.01 -37.79
CA TYR B 31 20.89 12.58 -37.56
C TYR B 31 20.52 12.30 -36.12
N PHE B 32 19.57 11.39 -35.92
CA PHE B 32 19.05 11.08 -34.60
C PHE B 32 19.27 9.60 -34.31
N SER B 33 19.66 9.31 -33.09
CA SER B 33 19.84 7.95 -32.61
C SER B 33 19.73 7.98 -31.10
N LEU B 34 19.93 6.82 -30.48
CA LEU B 34 19.97 6.76 -29.03
C LEU B 34 20.87 5.62 -28.61
N SER B 35 21.33 5.69 -27.36
CA SER B 35 22.00 4.58 -26.69
C SER B 35 21.11 4.16 -25.53
N LEU B 36 20.79 2.86 -25.48
CA LEU B 36 19.98 2.32 -24.41
C LEU B 36 20.91 1.82 -23.32
N LEU B 37 20.88 2.48 -22.17
CA LEU B 37 21.72 2.06 -21.05
C LEU B 37 21.03 1.01 -20.19
N GLN B 38 19.75 1.18 -19.90
CA GLN B 38 19.10 0.31 -18.93
C GLN B 38 17.59 0.44 -19.06
N ILE B 39 16.91 -0.70 -18.95
CA ILE B 39 15.46 -0.74 -18.80
C ILE B 39 15.20 -0.69 -17.29
N MET B 40 14.76 0.47 -16.80
CA MET B 40 14.62 0.65 -15.36
C MET B 40 13.36 -0.01 -14.82
N ASP B 41 12.23 0.18 -15.46
CA ASP B 41 10.99 -0.34 -14.91
C ASP B 41 9.97 -0.53 -16.03
N VAL B 42 9.19 -1.59 -15.91
CA VAL B 42 8.02 -1.81 -16.76
C VAL B 42 6.83 -1.83 -15.81
N ASP B 43 5.98 -0.81 -15.91
CA ASP B 43 4.76 -0.69 -15.10
C ASP B 43 3.62 -1.21 -15.95
N GLU B 44 3.28 -2.49 -15.75
CA GLU B 44 2.18 -3.09 -16.51
C GLU B 44 0.85 -2.45 -16.15
N LYS B 45 0.63 -2.13 -14.87
CA LYS B 45 -0.67 -1.59 -14.46
C LYS B 45 -0.88 -0.19 -15.02
N ASN B 46 0.14 0.66 -15.00
CA ASN B 46 0.02 1.99 -15.56
C ASN B 46 0.38 2.07 -17.03
N GLN B 47 0.90 0.99 -17.61
CA GLN B 47 1.22 0.94 -19.03
C GLN B 47 2.31 1.95 -19.37
N VAL B 48 3.41 1.92 -18.63
CA VAL B 48 4.49 2.88 -18.75
C VAL B 48 5.83 2.15 -18.75
N LEU B 49 6.73 2.59 -19.62
CA LEU B 49 8.09 2.08 -19.71
C LEU B 49 9.04 3.18 -19.26
N THR B 50 9.88 2.89 -18.28
CA THR B 50 10.94 3.78 -17.84
C THR B 50 12.29 3.26 -18.35
N THR B 51 13.05 4.13 -19.00
CA THR B 51 14.34 3.76 -19.55
C THR B 51 15.37 4.84 -19.24
N ASN B 52 16.63 4.42 -19.15
CA ASN B 52 17.77 5.32 -19.07
C ASN B 52 18.41 5.35 -20.45
N ILE B 53 18.34 6.50 -21.12
CA ILE B 53 18.74 6.63 -22.53
C ILE B 53 19.61 7.86 -22.72
N TRP B 54 20.55 7.75 -23.67
CA TRP B 54 21.33 8.89 -24.16
C TRP B 54 20.89 9.18 -25.58
N LEU B 55 20.16 10.27 -25.77
CA LEU B 55 19.86 10.72 -27.13
C LEU B 55 21.13 11.17 -27.83
N GLN B 56 21.19 10.97 -29.15
CA GLN B 56 22.33 11.40 -29.95
CA GLN B 56 22.33 11.39 -29.94
C GLN B 56 21.81 12.18 -31.14
N MET B 57 22.13 13.47 -31.19
CA MET B 57 21.73 14.35 -32.28
C MET B 57 22.96 15.02 -32.86
N SER B 58 23.13 14.92 -34.16
CA SER B 58 24.26 15.55 -34.84
C SER B 58 23.77 16.32 -36.06
N TRP B 59 24.34 17.50 -36.28
CA TRP B 59 24.03 18.32 -37.44
C TRP B 59 25.23 19.20 -37.74
N THR B 60 25.07 20.10 -38.70
CA THR B 60 26.11 21.06 -39.06
C THR B 60 25.58 22.47 -38.85
N ASP B 61 26.32 23.26 -38.10
CA ASP B 61 26.05 24.68 -37.91
C ASP B 61 26.96 25.43 -38.88
N HIS B 62 26.34 26.11 -39.85
CA HIS B 62 27.12 26.79 -40.88
C HIS B 62 27.97 27.90 -40.29
N TYR B 63 27.55 28.49 -39.16
CA TYR B 63 28.23 29.65 -38.62
C TYR B 63 29.32 29.31 -37.61
N LEU B 64 29.32 28.12 -37.03
CA LEU B 64 30.26 27.77 -35.97
C LEU B 64 31.47 27.04 -36.55
N GLN B 65 32.17 27.72 -37.46
CA GLN B 65 33.32 27.16 -38.16
C GLN B 65 34.51 28.10 -37.99
N TRP B 66 35.70 27.52 -37.94
CA TRP B 66 36.91 28.33 -37.81
C TRP B 66 38.11 27.58 -38.38
N ASN B 67 39.15 28.35 -38.70
CA ASN B 67 40.42 27.83 -39.18
C ASN B 67 41.29 27.49 -37.99
N VAL B 68 41.57 26.21 -37.78
CA VAL B 68 42.34 25.79 -36.62
C VAL B 68 43.78 26.31 -36.66
N SER B 69 44.29 26.66 -37.84
CA SER B 69 45.64 27.21 -37.90
C SER B 69 45.71 28.59 -37.27
N GLU B 70 44.61 29.34 -37.29
CA GLU B 70 44.56 30.64 -36.66
C GLU B 70 44.24 30.57 -35.17
N TYR B 71 43.77 29.41 -34.69
CA TYR B 71 43.53 29.18 -33.26
C TYR B 71 44.22 27.90 -32.85
N PRO B 72 45.55 27.89 -32.82
CA PRO B 72 46.27 26.64 -32.56
C PRO B 72 45.87 26.02 -31.23
N GLY B 73 45.59 24.71 -31.27
CA GLY B 73 45.21 23.98 -30.09
C GLY B 73 43.74 24.00 -29.75
N VAL B 74 42.92 24.71 -30.53
CA VAL B 74 41.49 24.80 -30.26
C VAL B 74 40.76 24.01 -31.34
N LYS B 75 40.48 22.75 -31.06
CA LYS B 75 39.80 21.87 -32.01
C LYS B 75 38.30 21.80 -31.78
N THR B 76 37.83 22.06 -30.56
CA THR B 76 36.42 21.99 -30.24
C THR B 76 36.06 23.12 -29.30
N VAL B 77 34.79 23.52 -29.36
CA VAL B 77 34.18 24.45 -28.42
C VAL B 77 32.89 23.82 -27.91
N ARG B 78 32.36 24.38 -26.83
CA ARG B 78 31.18 23.85 -26.18
C ARG B 78 30.21 24.97 -25.86
N PHE B 79 28.92 24.71 -26.04
CA PHE B 79 27.91 25.70 -25.75
C PHE B 79 26.77 25.10 -24.94
N PRO B 80 26.30 25.81 -23.91
CA PRO B 80 25.17 25.31 -23.10
C PRO B 80 23.81 25.64 -23.70
N ASP B 81 22.76 25.31 -22.96
CA ASP B 81 21.40 25.48 -23.46
C ASP B 81 21.07 26.95 -23.67
N GLY B 82 20.50 27.27 -24.84
CA GLY B 82 20.04 28.61 -25.14
C GLY B 82 21.05 29.52 -25.80
N GLN B 83 22.31 29.10 -25.92
CA GLN B 83 23.33 29.94 -26.54
C GLN B 83 23.63 29.55 -27.97
N ILE B 84 23.29 28.32 -28.35
CA ILE B 84 23.47 27.79 -29.69
C ILE B 84 22.11 27.28 -30.15
N TRP B 85 21.87 27.35 -31.46
CA TRP B 85 20.65 26.75 -31.98
C TRP B 85 20.69 25.24 -31.75
N LYS B 86 19.54 24.68 -31.38
CA LYS B 86 19.43 23.25 -31.19
C LYS B 86 18.16 22.73 -31.85
N PRO B 87 18.14 21.45 -32.24
CA PRO B 87 16.88 20.84 -32.65
C PRO B 87 15.96 20.59 -31.45
N ASP B 88 14.68 20.83 -31.65
CA ASP B 88 13.67 20.67 -30.60
C ASP B 88 13.00 19.29 -30.67
N ILE B 89 13.81 18.24 -30.57
CA ILE B 89 13.30 16.88 -30.69
C ILE B 89 12.75 16.44 -29.34
N LEU B 90 11.52 15.90 -29.35
CA LEU B 90 10.84 15.45 -28.15
C LEU B 90 10.37 14.02 -28.33
N LEU B 91 10.11 13.36 -27.20
CA LEU B 91 9.42 12.07 -27.20
C LEU B 91 7.91 12.31 -27.25
N TYR B 92 7.28 11.87 -28.33
CA TYR B 92 5.86 12.13 -28.52
C TYR B 92 5.00 11.43 -27.49
N ASN B 93 5.29 10.17 -27.19
CA ASN B 93 4.48 9.38 -26.28
C ASN B 93 5.07 9.38 -24.88
N SER B 94 5.58 10.53 -24.46
CA SER B 94 6.02 10.72 -23.09
C SER B 94 4.86 10.59 -22.12
N ALA B 95 5.11 9.89 -21.02
CA ALA B 95 4.18 9.80 -19.90
C ALA B 95 4.66 10.58 -18.68
N ASP B 96 5.72 11.37 -18.81
CA ASP B 96 6.25 12.11 -17.68
C ASP B 96 5.40 13.34 -17.39
N GLU B 97 5.18 13.61 -16.10
CA GLU B 97 4.35 14.75 -15.72
C GLU B 97 4.90 16.06 -16.25
N ARG B 98 6.21 16.15 -16.46
CA ARG B 98 6.81 17.32 -17.08
C ARG B 98 6.87 17.22 -18.60
N PHE B 99 6.44 16.10 -19.16
CA PHE B 99 6.53 15.82 -20.59
C PHE B 99 7.95 15.63 -21.06
N ASP B 100 8.76 16.69 -21.07
CA ASP B 100 10.15 16.59 -21.50
C ASP B 100 11.05 16.25 -20.32
N ALA B 101 11.74 15.11 -20.41
CA ALA B 101 12.57 14.59 -19.33
C ALA B 101 14.06 14.68 -19.62
N THR B 102 14.45 15.30 -20.73
CA THR B 102 15.85 15.41 -21.11
C THR B 102 16.62 16.37 -20.19
N PHE B 103 17.78 15.92 -19.70
CA PHE B 103 18.70 16.78 -18.95
C PHE B 103 19.63 17.46 -19.96
N HIS B 104 19.54 18.79 -20.06
CA HIS B 104 20.22 19.54 -21.11
C HIS B 104 21.71 19.68 -20.81
N THR B 105 22.53 19.11 -21.68
CA THR B 105 23.98 19.14 -21.58
C THR B 105 24.54 20.03 -22.70
N ASN B 106 25.86 20.09 -22.78
CA ASN B 106 26.52 20.95 -23.74
C ASN B 106 26.42 20.39 -25.16
N VAL B 107 26.49 21.30 -26.13
CA VAL B 107 26.67 20.93 -27.53
C VAL B 107 28.14 21.06 -27.87
N LEU B 108 28.73 20.02 -28.46
CA LEU B 108 30.13 19.99 -28.83
C LEU B 108 30.26 20.27 -30.32
N VAL B 109 31.03 21.30 -30.67
CA VAL B 109 31.20 21.76 -32.05
C VAL B 109 32.67 21.72 -32.39
N ASN B 110 33.01 21.19 -33.56
CA ASN B 110 34.38 21.10 -34.04
C ASN B 110 34.57 22.10 -35.19
N SER B 111 35.80 22.20 -35.68
CA SER B 111 36.18 23.38 -36.46
C SER B 111 35.45 23.46 -37.79
N SER B 112 34.99 22.33 -38.34
CA SER B 112 34.22 22.36 -39.56
C SER B 112 32.74 22.64 -39.32
N GLY B 113 32.33 22.86 -38.07
CA GLY B 113 30.96 23.19 -37.76
C GLY B 113 30.06 22.02 -37.47
N HIS B 114 30.60 20.81 -37.35
CA HIS B 114 29.79 19.66 -36.99
CA HIS B 114 29.80 19.65 -36.99
C HIS B 114 29.46 19.70 -35.51
N CYS B 115 28.19 19.56 -35.19
CA CYS B 115 27.70 19.66 -33.83
C CYS B 115 27.23 18.31 -33.33
N GLN B 116 27.69 17.94 -32.14
CA GLN B 116 27.22 16.76 -31.43
C GLN B 116 26.47 17.19 -30.19
N TYR B 117 25.39 16.49 -29.88
CA TYR B 117 24.58 16.81 -28.71
C TYR B 117 24.01 15.50 -28.19
N LEU B 118 24.39 15.12 -26.97
CA LEU B 118 24.11 13.79 -26.44
C LEU B 118 23.48 13.90 -25.06
N PRO B 119 22.29 14.48 -24.97
CA PRO B 119 21.67 14.70 -23.66
C PRO B 119 21.13 13.41 -23.07
N PRO B 120 21.40 13.14 -21.80
CA PRO B 120 20.84 11.96 -21.14
C PRO B 120 19.48 12.24 -20.52
N GLY B 121 18.81 11.17 -20.12
CA GLY B 121 17.57 11.31 -19.40
C GLY B 121 17.01 9.98 -18.94
N ILE B 122 16.14 10.07 -17.95
CA ILE B 122 15.26 8.98 -17.55
C ILE B 122 13.92 9.23 -18.24
N PHE B 123 13.60 8.43 -19.25
CA PHE B 123 12.41 8.65 -20.07
C PHE B 123 11.28 7.71 -19.63
N LYS B 124 10.10 8.28 -19.45
CA LYS B 124 8.87 7.53 -19.21
C LYS B 124 8.00 7.65 -20.43
N SER B 125 7.66 6.52 -21.04
CA SER B 125 6.93 6.50 -22.29
C SER B 125 5.70 5.63 -22.16
N SER B 126 4.61 6.07 -22.78
CA SER B 126 3.38 5.28 -22.80
C SER B 126 3.55 4.08 -23.72
N CYS B 127 3.26 2.90 -23.20
CA CYS B 127 3.44 1.68 -23.97
C CYS B 127 2.25 0.76 -23.74
N TYR B 128 1.65 0.28 -24.83
CA TYR B 128 0.66 -0.77 -24.71
C TYR B 128 1.35 -2.06 -24.26
N ILE B 129 1.00 -2.53 -23.07
CA ILE B 129 1.56 -3.75 -22.51
C ILE B 129 0.53 -4.85 -22.66
N ASP B 130 0.79 -5.79 -23.57
CA ASP B 130 -0.12 -6.89 -23.84
C ASP B 130 0.09 -8.00 -22.81
N VAL B 131 -0.91 -8.24 -21.98
CA VAL B 131 -0.81 -9.25 -20.94
C VAL B 131 -1.54 -10.54 -21.33
N ARG B 132 -1.81 -10.74 -22.62
CA ARG B 132 -2.50 -11.94 -23.06
C ARG B 132 -1.77 -13.21 -22.63
N TRP B 133 -0.44 -13.21 -22.74
CA TRP B 133 0.36 -14.39 -22.46
C TRP B 133 1.17 -14.28 -21.19
N PHE B 134 0.83 -13.32 -20.33
CA PHE B 134 1.57 -13.13 -19.09
C PHE B 134 1.53 -14.40 -18.26
N PRO B 135 2.64 -14.82 -17.64
CA PRO B 135 3.96 -14.18 -17.59
C PRO B 135 4.91 -14.61 -18.71
N PHE B 136 4.45 -15.32 -19.73
CA PHE B 136 5.28 -15.66 -20.88
C PHE B 136 5.12 -14.66 -22.02
N ASP B 137 5.25 -13.37 -21.72
CA ASP B 137 4.91 -12.32 -22.68
C ASP B 137 6.17 -11.69 -23.29
N VAL B 138 6.02 -11.23 -24.53
CA VAL B 138 7.02 -10.40 -25.20
C VAL B 138 6.36 -9.06 -25.48
N GLN B 139 6.98 -7.99 -25.00
CA GLN B 139 6.44 -6.66 -25.17
C GLN B 139 7.20 -5.90 -26.25
N HIS B 140 6.48 -5.06 -26.99
CA HIS B 140 7.05 -4.19 -28.01
C HIS B 140 6.66 -2.76 -27.65
N CYS B 141 7.58 -2.02 -27.03
CA CYS B 141 7.32 -0.65 -26.62
C CYS B 141 7.97 0.29 -27.61
N LYS B 142 7.25 1.35 -27.96
CA LYS B 142 7.69 2.29 -28.98
C LYS B 142 8.12 3.61 -28.35
N LEU B 143 9.29 4.09 -28.77
CA LEU B 143 9.76 5.43 -28.43
C LEU B 143 9.74 6.24 -29.72
N LYS B 144 8.85 7.21 -29.79
CA LYS B 144 8.65 8.03 -30.99
C LYS B 144 9.24 9.42 -30.77
N PHE B 145 10.22 9.78 -31.57
CA PHE B 145 10.93 11.04 -31.45
C PHE B 145 10.73 11.87 -32.71
N GLY B 146 10.57 13.17 -32.54
CA GLY B 146 10.47 14.06 -33.69
C GLY B 146 10.60 15.50 -33.29
N SER B 147 10.99 16.33 -34.25
CA SER B 147 11.01 17.77 -34.04
C SER B 147 9.59 18.27 -33.87
N TRP B 148 9.35 19.07 -32.84
CA TRP B 148 7.99 19.48 -32.55
C TRP B 148 7.50 20.52 -33.54
N SER B 149 8.32 21.51 -33.84
CA SER B 149 7.90 22.68 -34.60
C SER B 149 8.55 22.81 -35.98
N TYR B 150 9.46 21.91 -36.35
CA TYR B 150 10.12 21.93 -37.66
C TYR B 150 9.62 20.75 -38.48
N GLY B 151 8.87 21.04 -39.54
CA GLY B 151 8.46 20.01 -40.46
C GLY B 151 9.58 19.64 -41.43
N GLY B 152 9.30 18.62 -42.24
CA GLY B 152 10.25 18.08 -43.20
C GLY B 152 10.78 19.06 -44.24
N TRP B 153 10.11 20.19 -44.48
CA TRP B 153 10.70 21.22 -45.33
C TRP B 153 11.82 21.99 -44.67
N SER B 154 11.88 22.03 -43.34
CA SER B 154 12.95 22.72 -42.64
C SER B 154 13.97 21.80 -42.01
N LEU B 155 13.56 20.66 -41.47
CA LEU B 155 14.46 19.77 -40.75
C LEU B 155 14.33 18.37 -41.33
N ASP B 156 15.40 17.88 -41.96
CA ASP B 156 15.43 16.56 -42.58
C ASP B 156 15.97 15.58 -41.55
N LEU B 157 15.05 14.96 -40.80
CA LEU B 157 15.43 14.05 -39.74
C LEU B 157 15.77 12.69 -40.31
N GLN B 158 16.98 12.22 -40.04
CA GLN B 158 17.47 10.94 -40.49
C GLN B 158 17.76 10.07 -39.27
N MET B 159 17.74 8.77 -39.49
CA MET B 159 17.93 7.79 -38.44
C MET B 159 19.27 7.06 -38.56
N GLN B 160 19.77 6.64 -37.40
CA GLN B 160 20.99 5.84 -37.29
C GLN B 160 20.67 4.73 -36.31
N GLU B 161 21.30 3.57 -36.50
CA GLU B 161 20.98 2.42 -35.67
C GLU B 161 21.28 2.69 -34.21
N ALA B 162 20.38 2.26 -33.34
CA ALA B 162 20.54 2.48 -31.90
C ALA B 162 21.77 1.75 -31.39
N ASP B 163 22.40 2.35 -30.38
CA ASP B 163 23.54 1.75 -29.71
C ASP B 163 23.08 0.98 -28.47
N ILE B 164 23.60 -0.23 -28.31
CA ILE B 164 23.28 -1.05 -27.14
C ILE B 164 24.56 -1.59 -26.52
N SER B 165 25.71 -1.03 -26.92
CA SER B 165 26.99 -1.56 -26.46
C SER B 165 27.19 -1.36 -24.97
N GLY B 166 26.60 -0.32 -24.39
CA GLY B 166 26.71 -0.09 -22.96
C GLY B 166 25.50 -0.53 -22.17
N TYR B 167 24.65 -1.36 -22.76
CA TYR B 167 23.40 -1.76 -22.11
C TYR B 167 23.69 -2.69 -20.93
N ILE B 168 23.04 -2.42 -19.81
CA ILE B 168 23.17 -3.23 -18.60
C ILE B 168 21.91 -4.10 -18.49
N PRO B 169 22.03 -5.42 -18.48
CA PRO B 169 20.83 -6.28 -18.49
C PRO B 169 19.96 -6.08 -17.26
N ASN B 170 18.66 -6.12 -17.48
CA ASN B 170 17.67 -6.17 -16.42
C ASN B 170 17.46 -7.63 -16.02
N GLY B 171 17.39 -7.88 -14.71
CA GLY B 171 17.16 -9.23 -14.24
C GLY B 171 15.82 -9.80 -14.66
N GLU B 172 14.85 -8.96 -15.00
CA GLU B 172 13.50 -9.41 -15.32
C GLU B 172 13.19 -9.45 -16.81
N TRP B 173 13.91 -8.67 -17.62
CA TRP B 173 13.59 -8.52 -19.04
C TRP B 173 14.83 -8.78 -19.88
N ASP B 174 14.71 -9.72 -20.81
CA ASP B 174 15.77 -9.98 -21.79
C ASP B 174 15.54 -9.08 -22.99
N LEU B 175 16.55 -8.29 -23.33
CA LEU B 175 16.45 -7.42 -24.49
C LEU B 175 16.57 -8.23 -25.77
N VAL B 176 15.55 -8.18 -26.62
CA VAL B 176 15.63 -8.82 -27.93
C VAL B 176 16.25 -7.90 -28.97
N GLY B 177 15.80 -6.66 -29.03
CA GLY B 177 16.38 -5.70 -29.96
C GLY B 177 15.69 -4.36 -29.85
N ILE B 178 16.28 -3.37 -30.51
CA ILE B 178 15.71 -2.03 -30.56
C ILE B 178 15.82 -1.49 -31.99
N PRO B 179 15.13 -2.08 -32.96
CA PRO B 179 15.15 -1.55 -34.32
C PRO B 179 14.44 -0.20 -34.42
N GLY B 180 14.89 0.60 -35.37
CA GLY B 180 14.30 1.91 -35.63
C GLY B 180 13.69 2.04 -37.00
N LYS B 181 12.74 2.95 -37.15
CA LYS B 181 12.08 3.21 -38.42
C LYS B 181 11.81 4.70 -38.56
N ARG B 182 12.19 5.26 -39.71
CA ARG B 182 11.99 6.67 -39.99
C ARG B 182 10.77 6.83 -40.90
N SER B 183 9.78 7.57 -40.43
CA SER B 183 8.52 7.76 -41.13
C SER B 183 8.27 9.24 -41.36
N GLU B 184 7.24 9.53 -42.15
CA GLU B 184 6.88 10.91 -42.50
C GLU B 184 5.36 11.00 -42.53
N ARG B 185 4.78 11.60 -41.49
CA ARG B 185 3.34 11.61 -41.30
C ARG B 185 2.77 13.02 -41.49
N PHE B 186 1.52 13.06 -41.94
CA PHE B 186 0.74 14.29 -42.03
C PHE B 186 -0.18 14.41 -40.82
N TYR B 187 -0.31 15.63 -40.32
CA TYR B 187 -1.19 15.93 -39.19
C TYR B 187 -2.19 17.00 -39.61
N GLU B 188 -3.40 16.89 -39.07
CA GLU B 188 -4.45 17.85 -39.41
C GLU B 188 -4.09 19.28 -39.01
N CYS B 189 -3.15 19.44 -38.07
CA CYS B 189 -2.70 20.78 -37.71
C CYS B 189 -2.14 21.52 -38.92
N CYS B 190 -1.43 20.80 -39.78
CA CYS B 190 -0.42 21.42 -40.63
C CYS B 190 -0.39 20.73 -41.98
N LYS B 191 -0.16 21.51 -43.03
CA LYS B 191 -0.09 20.96 -44.38
C LYS B 191 1.25 20.31 -44.67
N GLU B 192 2.26 20.58 -43.87
CA GLU B 192 3.62 20.07 -44.02
C GLU B 192 3.74 18.72 -43.33
N PRO B 193 4.44 17.74 -43.94
CA PRO B 193 4.71 16.49 -43.24
C PRO B 193 5.74 16.67 -42.15
N TYR B 194 5.66 15.82 -41.14
CA TYR B 194 6.56 15.87 -39.99
C TYR B 194 7.22 14.50 -39.83
N PRO B 195 8.51 14.37 -40.13
CA PRO B 195 9.16 13.07 -39.95
C PRO B 195 9.37 12.72 -38.48
N ASP B 196 9.35 11.43 -38.20
CA ASP B 196 9.63 10.92 -36.86
C ASP B 196 10.55 9.72 -36.99
N VAL B 197 11.20 9.38 -35.87
CA VAL B 197 12.03 8.20 -35.77
C VAL B 197 11.50 7.39 -34.59
N THR B 198 11.04 6.17 -34.86
CA THR B 198 10.45 5.32 -33.84
C THR B 198 11.36 4.15 -33.56
N PHE B 199 11.78 4.03 -32.31
CA PHE B 199 12.55 2.88 -31.84
C PHE B 199 11.60 1.96 -31.07
N THR B 200 11.53 0.70 -31.48
CA THR B 200 10.71 -0.30 -30.81
C THR B 200 11.61 -1.21 -29.98
N VAL B 201 11.44 -1.18 -28.67
CA VAL B 201 12.18 -2.05 -27.76
C VAL B 201 11.42 -3.37 -27.68
N THR B 202 12.00 -4.43 -28.26
CA THR B 202 11.43 -5.77 -28.13
C THR B 202 12.14 -6.45 -26.95
N MET B 203 11.37 -6.65 -25.86
CA MET B 203 11.85 -7.27 -24.64
C MET B 203 11.06 -8.50 -24.24
N ARG B 204 11.71 -9.46 -23.65
CA ARG B 204 11.10 -10.73 -23.25
C ARG B 204 11.16 -10.89 -21.73
N ARG B 205 10.03 -11.22 -21.11
CA ARG B 205 10.00 -11.38 -19.66
C ARG B 205 10.67 -12.69 -19.25
N ARG B 206 11.59 -12.60 -18.30
CA ARG B 206 12.18 -13.79 -17.70
C ARG B 206 11.22 -14.31 -16.63
N THR B 207 10.97 -15.62 -16.65
CA THR B 207 9.81 -16.18 -15.96
C THR B 207 10.13 -16.95 -14.68
N LEU B 208 11.38 -16.98 -14.24
CA LEU B 208 11.70 -17.73 -13.03
C LEU B 208 10.95 -17.19 -11.82
N TYR B 209 10.98 -15.87 -11.63
CA TYR B 209 10.34 -15.29 -10.46
C TYR B 209 8.85 -15.55 -10.42
N TYR B 210 8.18 -15.45 -11.57
CA TYR B 210 6.74 -15.66 -11.60
C TYR B 210 6.39 -17.14 -11.53
N GLY B 211 7.22 -18.01 -12.11
CA GLY B 211 7.04 -19.43 -11.88
C GLY B 211 7.11 -19.77 -10.40
N LEU B 212 7.99 -19.10 -9.67
CA LEU B 212 8.16 -19.39 -8.25
C LEU B 212 7.04 -18.80 -7.40
N ASN B 213 6.57 -17.61 -7.73
CA ASN B 213 5.61 -16.92 -6.89
C ASN B 213 4.16 -17.05 -7.36
N LEU B 214 3.93 -17.47 -8.60
CA LEU B 214 2.57 -17.55 -9.12
C LEU B 214 2.22 -18.95 -9.59
N LEU B 215 3.02 -19.54 -10.48
CA LEU B 215 2.64 -20.81 -11.09
C LEU B 215 2.82 -21.97 -10.12
N ILE B 216 4.06 -22.22 -9.69
CA ILE B 216 4.33 -23.36 -8.81
C ILE B 216 3.39 -23.39 -7.62
N PRO B 217 3.28 -22.32 -6.81
CA PRO B 217 2.39 -22.40 -5.64
C PRO B 217 0.96 -22.77 -5.98
N CYS B 218 0.44 -22.28 -7.11
CA CYS B 218 -0.91 -22.68 -7.53
C CYS B 218 -0.99 -24.17 -7.83
N VAL B 219 0.03 -24.73 -8.49
CA VAL B 219 0.03 -26.15 -8.80
C VAL B 219 -0.04 -26.98 -7.52
N LEU B 220 0.82 -26.66 -6.55
CA LEU B 220 0.89 -27.47 -5.33
C LEU B 220 -0.38 -27.33 -4.49
N ILE B 221 -0.94 -26.12 -4.41
CA ILE B 221 -2.16 -25.93 -3.61
C ILE B 221 -3.34 -26.64 -4.27
N SER B 222 -3.41 -26.62 -5.60
CA SER B 222 -4.44 -27.41 -6.27
C SER B 222 -4.25 -28.89 -5.98
N ALA B 223 -3.00 -29.34 -5.95
CA ALA B 223 -2.72 -30.73 -5.61
C ALA B 223 -3.26 -31.08 -4.23
N LEU B 224 -3.15 -30.16 -3.26
CA LEU B 224 -3.63 -30.47 -1.92
C LEU B 224 -5.15 -30.53 -1.88
N ALA B 225 -5.83 -29.83 -2.78
CA ALA B 225 -7.28 -29.93 -2.85
C ALA B 225 -7.70 -31.36 -3.18
N LEU B 226 -6.92 -32.04 -4.03
CA LEU B 226 -7.23 -33.42 -4.40
C LEU B 226 -7.13 -34.37 -3.22
N LEU B 227 -6.56 -33.94 -2.10
CA LEU B 227 -6.43 -34.83 -0.95
C LEU B 227 -7.77 -35.05 -0.27
N VAL B 228 -8.73 -34.14 -0.48
CA VAL B 228 -10.05 -34.31 0.12
C VAL B 228 -10.62 -35.67 -0.28
N PHE B 229 -10.42 -36.08 -1.52
CA PHE B 229 -10.95 -37.34 -2.01
C PHE B 229 -10.28 -38.56 -1.38
N LEU B 230 -9.27 -38.36 -0.54
CA LEU B 230 -8.64 -39.45 0.20
C LEU B 230 -9.01 -39.45 1.67
N LEU B 231 -9.40 -38.35 2.25
CA LEU B 231 -9.74 -38.24 3.63
C LEU B 231 -10.97 -39.06 3.91
N PRO B 232 -10.93 -40.04 4.83
CA PRO B 232 -12.15 -40.77 5.23
C PRO B 232 -13.24 -39.80 5.66
N ALA B 233 -14.49 -40.13 5.33
CA ALA B 233 -15.60 -39.26 5.68
C ALA B 233 -15.75 -39.13 7.19
N ASP B 234 -15.44 -40.18 7.95
CA ASP B 234 -15.64 -40.17 9.39
C ASP B 234 -14.65 -39.28 10.13
N SER B 235 -13.65 -38.74 9.45
CA SER B 235 -12.75 -37.78 10.10
C SER B 235 -13.47 -36.47 10.43
N GLY B 236 -14.57 -36.18 9.74
CA GLY B 236 -15.29 -34.95 9.95
C GLY B 236 -14.51 -33.70 9.61
N GLU B 237 -13.58 -33.79 8.66
CA GLU B 237 -12.73 -32.67 8.29
C GLU B 237 -12.67 -32.46 6.78
N LYS B 238 -13.52 -33.14 6.01
CA LYS B 238 -13.48 -33.01 4.56
C LYS B 238 -13.77 -31.58 4.12
N ILE B 239 -14.84 -30.98 4.65
CA ILE B 239 -15.22 -29.63 4.22
C ILE B 239 -14.17 -28.61 4.64
N SER B 240 -13.66 -28.73 5.86
CA SER B 240 -12.65 -27.79 6.33
C SER B 240 -11.49 -27.70 5.34
N LEU B 241 -10.94 -28.85 4.95
CA LEU B 241 -9.81 -28.85 4.04
C LEU B 241 -10.16 -28.20 2.71
N GLY B 242 -11.27 -28.61 2.10
CA GLY B 242 -11.60 -28.12 0.77
C GLY B 242 -11.87 -26.61 0.76
N ILE B 243 -12.75 -26.15 1.63
CA ILE B 243 -13.10 -24.73 1.63
C ILE B 243 -11.91 -23.89 2.04
N THR B 244 -11.06 -24.40 2.92
CA THR B 244 -9.87 -23.66 3.33
C THR B 244 -8.89 -23.51 2.17
N VAL B 245 -8.73 -24.55 1.37
CA VAL B 245 -7.84 -24.46 0.21
C VAL B 245 -8.40 -23.49 -0.80
N LEU B 246 -9.73 -23.47 -0.97
CA LEU B 246 -10.35 -22.56 -1.92
C LEU B 246 -10.18 -21.11 -1.47
N LEU B 247 -10.34 -20.87 -0.18
CA LEU B 247 -10.25 -19.50 0.35
C LEU B 247 -8.82 -18.99 0.34
N SER B 248 -7.84 -19.89 0.32
CA SER B 248 -6.45 -19.47 0.19
C SER B 248 -6.09 -19.16 -1.26
N LEU B 249 -6.80 -19.76 -2.21
CA LEU B 249 -6.47 -19.56 -3.61
C LEU B 249 -6.93 -18.20 -4.13
N THR B 250 -7.74 -17.51 -3.39
CA THR B 250 -8.14 -16.15 -3.73
C THR B 250 -7.01 -15.19 -3.43
N VAL B 251 -6.06 -15.58 -2.59
CA VAL B 251 -4.89 -14.75 -2.35
C VAL B 251 -4.12 -14.54 -3.65
N PHE B 252 -3.94 -15.61 -4.42
CA PHE B 252 -3.29 -15.48 -5.73
C PHE B 252 -4.19 -14.76 -6.73
N MET B 253 -5.51 -14.94 -6.62
CA MET B 253 -6.42 -14.24 -7.50
C MET B 253 -6.29 -12.74 -7.30
N LEU B 254 -6.27 -12.32 -6.04
CA LEU B 254 -6.14 -10.91 -5.71
C LEU B 254 -4.75 -10.38 -5.98
N LEU B 255 -3.75 -11.24 -5.88
CA LEU B 255 -2.40 -10.87 -6.29
C LEU B 255 -2.34 -10.54 -7.78
N VAL B 256 -2.97 -11.38 -8.61
CA VAL B 256 -2.93 -11.15 -10.06
C VAL B 256 -3.67 -9.87 -10.41
N ALA B 257 -4.80 -9.61 -9.75
CA ALA B 257 -5.57 -8.41 -10.06
C ALA B 257 -4.76 -7.16 -9.78
N GLU B 258 -3.87 -7.21 -8.78
CA GLU B 258 -3.11 -6.03 -8.40
C GLU B 258 -2.01 -5.70 -9.40
N ILE B 259 -1.47 -6.69 -10.09
CA ILE B 259 -0.35 -6.45 -11.00
C ILE B 259 -0.84 -6.18 -12.43
N MET B 260 -1.93 -6.80 -12.85
CA MET B 260 -2.37 -6.69 -14.23
C MET B 260 -3.08 -5.34 -14.45
N PRO B 261 -2.97 -4.77 -15.65
CA PRO B 261 -3.80 -3.60 -15.96
C PRO B 261 -5.27 -3.98 -16.06
N ALA B 262 -6.14 -3.05 -15.69
CA ALA B 262 -7.58 -3.29 -15.71
C ALA B 262 -8.15 -3.10 -17.12
N THR B 263 -7.65 -3.92 -18.05
CA THR B 263 -8.05 -3.83 -19.44
C THR B 263 -8.99 -4.96 -19.81
N SER B 264 -9.79 -4.72 -20.85
CA SER B 264 -10.76 -5.68 -21.36
C SER B 264 -10.37 -6.20 -22.73
N ASP B 265 -9.12 -6.03 -23.13
CA ASP B 265 -8.68 -6.49 -24.44
C ASP B 265 -8.66 -8.01 -24.50
N SER B 266 -8.21 -8.67 -23.44
CA SER B 266 -8.15 -10.12 -23.41
C SER B 266 -8.13 -10.60 -21.97
N VAL B 267 -8.42 -11.88 -21.79
CA VAL B 267 -8.26 -12.54 -20.50
C VAL B 267 -6.82 -13.04 -20.42
N PRO B 268 -6.03 -12.59 -19.45
CA PRO B 268 -4.63 -13.03 -19.40
C PRO B 268 -4.51 -14.53 -19.19
N LEU B 269 -3.43 -15.09 -19.71
CA LEU B 269 -3.17 -16.51 -19.54
C LEU B 269 -3.20 -16.90 -18.06
N ILE B 270 -2.50 -16.13 -17.22
CA ILE B 270 -2.46 -16.45 -15.80
C ILE B 270 -3.85 -16.43 -15.19
N ALA B 271 -4.72 -15.54 -15.66
CA ALA B 271 -6.09 -15.52 -15.17
C ALA B 271 -6.83 -16.80 -15.54
N GLN B 272 -6.69 -17.24 -16.79
CA GLN B 272 -7.28 -18.52 -17.19
C GLN B 272 -6.79 -19.64 -16.29
N TYR B 273 -5.48 -19.72 -16.09
CA TYR B 273 -4.92 -20.80 -15.28
C TYR B 273 -5.45 -20.78 -13.86
N PHE B 274 -5.51 -19.60 -13.24
CA PHE B 274 -5.97 -19.51 -11.86
C PHE B 274 -7.48 -19.71 -11.77
N ALA B 275 -8.23 -19.14 -12.72
CA ALA B 275 -9.68 -19.32 -12.70
C ALA B 275 -10.07 -20.77 -12.89
N SER B 276 -9.35 -21.50 -13.75
CA SER B 276 -9.67 -22.90 -13.97
C SER B 276 -9.27 -23.77 -12.78
N THR B 277 -8.18 -23.44 -12.09
CA THR B 277 -7.83 -24.16 -10.89
C THR B 277 -8.85 -23.95 -9.78
N MET B 278 -9.30 -22.71 -9.58
CA MET B 278 -10.28 -22.44 -8.52
C MET B 278 -11.62 -23.09 -8.82
N ILE B 279 -12.01 -23.14 -10.09
CA ILE B 279 -13.27 -23.78 -10.46
C ILE B 279 -13.21 -25.28 -10.21
N ILE B 280 -12.04 -25.89 -10.42
CA ILE B 280 -11.90 -27.31 -10.14
C ILE B 280 -11.94 -27.56 -8.64
N VAL B 281 -11.34 -26.66 -7.85
CA VAL B 281 -11.40 -26.82 -6.40
C VAL B 281 -12.81 -26.55 -5.91
N GLY B 282 -13.53 -25.63 -6.55
CA GLY B 282 -14.91 -25.39 -6.16
C GLY B 282 -15.81 -26.57 -6.46
N LEU B 283 -15.63 -27.20 -7.63
CA LEU B 283 -16.40 -28.40 -7.95
C LEU B 283 -16.07 -29.56 -7.02
N SER B 284 -14.82 -29.65 -6.56
CA SER B 284 -14.48 -30.70 -5.61
C SER B 284 -15.27 -30.55 -4.32
N VAL B 285 -15.47 -29.31 -3.87
CA VAL B 285 -16.30 -29.08 -2.68
C VAL B 285 -17.73 -29.53 -2.93
N VAL B 286 -18.27 -29.23 -4.12
CA VAL B 286 -19.62 -29.69 -4.47
C VAL B 286 -19.69 -31.21 -4.40
N VAL B 287 -18.72 -31.88 -5.01
CA VAL B 287 -18.66 -33.34 -4.99
C VAL B 287 -18.53 -33.87 -3.57
N THR B 288 -17.81 -33.15 -2.71
CA THR B 288 -17.64 -33.60 -1.33
C THR B 288 -18.97 -33.57 -0.59
N VAL B 289 -19.82 -32.58 -0.88
CA VAL B 289 -21.13 -32.52 -0.26
C VAL B 289 -21.98 -33.72 -0.68
N ILE B 290 -21.86 -34.14 -1.94
CA ILE B 290 -22.60 -35.32 -2.40
C ILE B 290 -22.05 -36.57 -1.74
N VAL B 291 -20.74 -36.65 -1.56
CA VAL B 291 -20.14 -37.81 -0.91
C VAL B 291 -20.59 -37.90 0.54
N LEU B 292 -20.73 -36.75 1.20
CA LEU B 292 -21.19 -36.76 2.58
C LEU B 292 -22.68 -37.08 2.68
N GLN B 293 -23.46 -36.74 1.65
CA GLN B 293 -24.86 -37.13 1.62
C GLN B 293 -25.02 -38.65 1.59
N TYR B 294 -24.15 -39.34 0.86
CA TYR B 294 -24.24 -40.80 0.82
C TYR B 294 -23.72 -41.43 2.10
N HIS B 295 -22.67 -40.84 2.70
CA HIS B 295 -22.07 -41.45 3.86
C HIS B 295 -22.98 -41.31 5.07
N HIS B 296 -23.68 -40.18 5.18
CA HIS B 296 -24.60 -39.91 6.28
C HIS B 296 -26.04 -40.25 5.92
N HIS B 297 -26.28 -41.04 4.89
CA HIS B 297 -27.62 -41.29 4.43
C HIS B 297 -28.41 -42.06 5.50
N ASP B 298 -29.60 -41.55 5.82
CA ASP B 298 -30.45 -42.16 6.83
C ASP B 298 -30.91 -43.54 6.36
N PRO B 299 -30.64 -44.62 7.10
CA PRO B 299 -31.06 -45.95 6.63
C PRO B 299 -32.56 -46.10 6.45
N ASP B 300 -33.37 -45.44 7.27
CA ASP B 300 -34.81 -45.55 7.18
C ASP B 300 -35.42 -44.65 6.12
N GLY B 301 -34.61 -43.89 5.40
CA GLY B 301 -35.11 -43.03 4.34
C GLY B 301 -35.29 -43.82 3.06
N GLY B 302 -35.03 -43.20 1.93
CA GLY B 302 -35.20 -43.87 0.66
C GLY B 302 -34.32 -45.10 0.55
N LYS B 303 -34.45 -45.83 -0.56
CA LYS B 303 -33.66 -47.02 -0.82
C LYS B 303 -32.77 -46.76 -2.02
N MET B 304 -31.50 -47.19 -1.93
CA MET B 304 -30.57 -47.01 -3.03
C MET B 304 -31.24 -47.32 -4.35
N PRO B 305 -31.47 -46.31 -5.22
CA PRO B 305 -32.02 -46.59 -6.55
C PRO B 305 -31.36 -47.75 -7.26
N LYS B 306 -32.02 -48.33 -8.25
CA LYS B 306 -31.44 -49.44 -8.98
C LYS B 306 -30.20 -48.97 -9.74
N TRP B 307 -30.26 -47.77 -10.32
CA TRP B 307 -29.14 -47.28 -11.13
C TRP B 307 -27.93 -46.95 -10.26
N THR B 308 -28.16 -46.53 -9.01
CA THR B 308 -27.04 -46.29 -8.10
C THR B 308 -26.32 -47.58 -7.75
N ARG B 309 -27.08 -48.65 -7.47
CA ARG B 309 -26.47 -49.90 -7.02
C ARG B 309 -25.75 -50.66 -8.12
N VAL B 310 -26.03 -50.38 -9.39
CA VAL B 310 -25.33 -51.02 -10.50
C VAL B 310 -24.17 -50.16 -10.99
N ILE B 311 -24.41 -48.88 -11.23
CA ILE B 311 -23.36 -48.02 -11.78
C ILE B 311 -22.19 -47.93 -10.81
N LEU B 312 -22.47 -47.85 -9.51
CA LEU B 312 -21.43 -47.59 -8.52
C LEU B 312 -20.97 -48.88 -7.83
N LEU B 313 -21.90 -49.57 -7.18
CA LEU B 313 -21.52 -50.74 -6.39
C LEU B 313 -21.09 -51.93 -7.24
N ASN B 314 -21.34 -51.91 -8.56
CA ASN B 314 -20.98 -53.04 -9.42
C ASN B 314 -19.94 -52.63 -10.46
N TRP B 315 -20.28 -51.74 -11.38
CA TRP B 315 -19.36 -51.38 -12.46
C TRP B 315 -18.15 -50.62 -11.95
N CYS B 316 -18.37 -49.41 -11.43
CA CYS B 316 -17.26 -48.58 -10.98
C CYS B 316 -16.43 -49.28 -9.92
N ALA B 317 -17.09 -50.01 -9.01
CA ALA B 317 -16.35 -50.70 -7.95
C ALA B 317 -15.45 -51.78 -8.52
N TRP B 318 -15.95 -52.53 -9.51
CA TRP B 318 -15.10 -53.55 -10.15
C TRP B 318 -13.93 -52.90 -10.87
N PHE B 319 -14.21 -51.88 -11.68
CA PHE B 319 -13.15 -51.21 -12.43
C PHE B 319 -12.06 -50.72 -11.48
N LEU B 320 -12.44 -50.07 -10.39
CA LEU B 320 -11.47 -49.54 -9.44
C LEU B 320 -10.91 -50.60 -8.51
N ARG B 321 -11.27 -51.87 -8.70
CA ARG B 321 -10.80 -52.96 -7.86
C ARG B 321 -10.94 -52.60 -6.37
N MET B 322 -12.19 -52.42 -5.96
CA MET B 322 -12.50 -52.01 -4.59
C MET B 322 -13.22 -53.08 -3.78
N LYS B 323 -14.22 -53.74 -4.36
CA LYS B 323 -14.89 -54.85 -3.70
C LYS B 323 -15.64 -54.37 -2.46
N PRO B 479 -45.61 -71.20 32.81
CA PRO B 479 -46.11 -69.88 32.45
C PRO B 479 -45.02 -68.81 32.54
N ASP B 480 -44.22 -68.85 33.61
CA ASP B 480 -43.13 -67.89 33.75
C ASP B 480 -42.09 -68.09 32.65
N LEU B 481 -41.81 -69.35 32.30
CA LEU B 481 -40.82 -69.63 31.28
C LEU B 481 -41.25 -69.13 29.91
N ALA B 482 -42.56 -68.99 29.67
CA ALA B 482 -43.03 -68.45 28.40
C ALA B 482 -42.93 -66.94 28.37
N LYS B 483 -43.23 -66.27 29.49
CA LYS B 483 -43.03 -64.83 29.55
C LYS B 483 -41.57 -64.46 29.36
N ILE B 484 -40.65 -65.24 29.95
CA ILE B 484 -39.23 -64.97 29.78
C ILE B 484 -38.84 -65.14 28.32
N LEU B 485 -39.42 -66.14 27.65
CA LEU B 485 -39.16 -66.32 26.23
C LEU B 485 -39.61 -65.10 25.43
N GLU B 486 -40.78 -64.55 25.75
CA GLU B 486 -41.28 -63.41 24.99
C GLU B 486 -40.34 -62.21 25.12
N GLU B 487 -39.78 -62.00 26.31
CA GLU B 487 -38.91 -60.86 26.51
C GLU B 487 -37.53 -61.08 25.89
N VAL B 488 -37.00 -62.31 26.01
CA VAL B 488 -35.71 -62.62 25.42
C VAL B 488 -35.79 -62.55 23.90
N ARG B 489 -36.91 -63.00 23.33
CA ARG B 489 -37.08 -62.94 21.89
C ARG B 489 -37.23 -61.50 21.39
N TYR B 490 -37.82 -60.62 22.20
CA TYR B 490 -37.88 -59.23 21.81
C TYR B 490 -36.49 -58.61 21.77
N ILE B 491 -35.63 -58.99 22.72
CA ILE B 491 -34.30 -58.41 22.78
C ILE B 491 -33.45 -58.90 21.62
N ALA B 492 -33.65 -60.15 21.18
CA ALA B 492 -32.86 -60.68 20.09
C ALA B 492 -33.34 -60.16 18.74
N ASN B 493 -34.64 -59.98 18.58
CA ASN B 493 -35.15 -59.42 17.33
C ASN B 493 -34.76 -57.96 17.17
N ARG B 494 -34.70 -57.21 18.26
CA ARG B 494 -34.25 -55.84 18.20
C ARG B 494 -32.81 -55.77 17.72
N PHE B 495 -31.96 -56.69 18.17
CA PHE B 495 -30.58 -56.74 17.67
C PHE B 495 -30.55 -57.10 16.19
N ARG B 496 -31.36 -58.08 15.78
CA ARG B 496 -31.40 -58.47 14.37
C ARG B 496 -31.81 -57.29 13.50
N CYS B 497 -32.80 -56.52 13.94
CA CYS B 497 -33.23 -55.36 13.15
C CYS B 497 -32.11 -54.32 13.06
N GLN B 498 -31.39 -54.09 14.15
CA GLN B 498 -30.27 -53.17 14.11
C GLN B 498 -29.20 -53.65 13.12
N ASP B 499 -28.96 -54.96 13.06
CA ASP B 499 -27.98 -55.49 12.13
C ASP B 499 -28.38 -55.21 10.69
N GLU B 500 -29.66 -55.38 10.37
CA GLU B 500 -30.11 -55.07 9.00
C GLU B 500 -29.92 -53.60 8.68
N SER B 501 -30.25 -52.71 9.61
CA SER B 501 -30.11 -51.28 9.35
C SER B 501 -28.65 -50.88 9.16
N GLU B 502 -27.75 -51.43 9.97
CA GLU B 502 -26.33 -51.10 9.82
C GLU B 502 -25.75 -51.70 8.55
N ALA B 503 -26.33 -52.79 8.04
CA ALA B 503 -25.86 -53.33 6.77
C ALA B 503 -26.32 -52.48 5.61
N VAL B 504 -27.46 -51.82 5.73
CA VAL B 504 -27.89 -50.85 4.73
C VAL B 504 -27.02 -49.60 4.81
N CYS B 505 -26.68 -49.17 6.03
CA CYS B 505 -25.79 -48.02 6.18
C CYS B 505 -24.40 -48.31 5.63
N SER B 506 -23.92 -49.55 5.76
CA SER B 506 -22.60 -49.89 5.26
C SER B 506 -22.59 -49.84 3.74
N GLU B 507 -23.73 -50.13 3.13
CA GLU B 507 -23.83 -50.10 1.67
C GLU B 507 -23.83 -48.66 1.15
N TRP B 508 -24.46 -47.75 1.88
CA TRP B 508 -24.40 -46.34 1.53
C TRP B 508 -23.01 -45.76 1.75
N LYS B 509 -22.30 -46.23 2.77
CA LYS B 509 -20.94 -45.75 3.01
C LYS B 509 -19.98 -46.24 1.94
N PHE B 510 -20.18 -47.47 1.45
CA PHE B 510 -19.38 -47.96 0.35
C PHE B 510 -19.60 -47.14 -0.91
N ALA B 511 -20.84 -46.74 -1.18
CA ALA B 511 -21.12 -45.88 -2.32
C ALA B 511 -20.37 -44.55 -2.22
N ALA B 512 -20.34 -43.96 -1.02
CA ALA B 512 -19.60 -42.73 -0.83
C ALA B 512 -18.12 -42.93 -1.10
N CYS B 513 -17.56 -44.05 -0.65
CA CYS B 513 -16.16 -44.35 -0.92
C CYS B 513 -15.89 -44.52 -2.41
N VAL B 514 -16.76 -45.23 -3.12
CA VAL B 514 -16.55 -45.43 -4.56
C VAL B 514 -16.62 -44.10 -5.31
N VAL B 515 -17.67 -43.32 -5.05
CA VAL B 515 -17.78 -42.00 -5.67
C VAL B 515 -16.58 -41.14 -5.31
N ASP B 516 -16.12 -41.24 -4.07
CA ASP B 516 -14.90 -40.56 -3.66
C ASP B 516 -13.69 -41.02 -4.47
N ARG B 517 -13.57 -42.33 -4.69
CA ARG B 517 -12.46 -42.88 -5.47
C ARG B 517 -12.58 -42.54 -6.95
N LEU B 518 -13.74 -42.56 -7.54
CA LEU B 518 -13.93 -42.18 -8.91
C LEU B 518 -13.65 -40.69 -9.09
N CYS B 519 -14.03 -39.89 -8.12
CA CYS B 519 -13.81 -38.45 -8.28
C CYS B 519 -12.34 -38.08 -8.16
N LEU B 520 -11.60 -38.76 -7.29
CA LEU B 520 -10.16 -38.52 -7.20
C LEU B 520 -9.50 -38.65 -8.56
N MET B 521 -9.73 -39.74 -9.24
CA MET B 521 -9.11 -39.99 -10.53
C MET B 521 -9.58 -38.96 -11.55
N ALA B 522 -10.89 -38.72 -11.61
CA ALA B 522 -11.42 -37.76 -12.59
C ALA B 522 -10.86 -36.37 -12.37
N PHE B 523 -10.79 -35.93 -11.10
CA PHE B 523 -10.31 -34.58 -10.82
C PHE B 523 -8.81 -34.47 -10.99
N SER B 524 -8.07 -35.56 -10.76
CA SER B 524 -6.65 -35.56 -11.06
C SER B 524 -6.40 -35.38 -12.55
N VAL B 525 -7.24 -35.99 -13.38
CA VAL B 525 -7.10 -35.86 -14.84
C VAL B 525 -7.47 -34.45 -15.29
N PHE B 526 -8.54 -33.88 -14.72
CA PHE B 526 -8.90 -32.51 -15.10
C PHE B 526 -7.80 -31.52 -14.75
N THR B 527 -7.18 -31.69 -13.59
CA THR B 527 -6.12 -30.78 -13.18
C THR B 527 -4.95 -30.83 -14.15
N ILE B 528 -4.47 -32.04 -14.45
CA ILE B 528 -3.33 -32.18 -15.36
C ILE B 528 -3.65 -31.58 -16.72
N ILE B 529 -4.81 -31.94 -17.29
CA ILE B 529 -5.14 -31.48 -18.64
C ILE B 529 -5.25 -29.97 -18.67
N CYS B 530 -6.02 -29.40 -17.74
CA CYS B 530 -6.18 -27.94 -17.72
C CYS B 530 -4.85 -27.25 -17.53
N THR B 531 -4.05 -27.71 -16.56
CA THR B 531 -2.78 -27.06 -16.29
C THR B 531 -1.87 -27.11 -17.50
N ILE B 532 -1.63 -28.30 -18.04
CA ILE B 532 -0.72 -28.44 -19.18
C ILE B 532 -1.29 -27.74 -20.40
N GLY B 533 -2.59 -27.91 -20.65
CA GLY B 533 -3.19 -27.32 -21.83
C GLY B 533 -3.12 -25.80 -21.85
N ILE B 534 -3.40 -25.17 -20.71
CA ILE B 534 -3.36 -23.71 -20.65
C ILE B 534 -1.93 -23.21 -20.76
N LEU B 535 -1.00 -23.83 -20.03
CA LEU B 535 0.37 -23.31 -20.00
C LEU B 535 1.07 -23.47 -21.35
N MET B 536 0.82 -24.57 -22.05
CA MET B 536 1.52 -24.83 -23.31
C MET B 536 0.85 -24.16 -24.50
N SER B 537 -0.27 -23.46 -24.29
CA SER B 537 -0.86 -22.67 -25.35
C SER B 537 -0.07 -21.39 -25.62
N ALA B 538 0.81 -21.01 -24.70
CA ALA B 538 1.60 -19.79 -24.84
C ALA B 538 2.72 -20.00 -25.86
N PRO B 539 2.80 -19.19 -26.92
CA PRO B 539 3.85 -19.41 -27.92
C PRO B 539 5.26 -19.39 -27.35
N ASN B 540 5.48 -18.70 -26.24
CA ASN B 540 6.81 -18.56 -25.66
C ASN B 540 7.05 -19.46 -24.46
N PHE B 541 6.18 -20.45 -24.21
CA PHE B 541 6.32 -21.29 -23.02
C PHE B 541 7.56 -22.18 -23.13
N VAL B 542 7.76 -22.82 -24.27
CA VAL B 542 8.89 -23.72 -24.45
C VAL B 542 10.20 -22.98 -24.27
N GLU B 543 10.33 -21.82 -24.92
CA GLU B 543 11.53 -21.01 -24.76
C GLU B 543 11.73 -20.58 -23.31
N ALA B 544 10.65 -20.21 -22.63
CA ALA B 544 10.75 -19.77 -21.24
C ALA B 544 11.36 -20.86 -20.36
N VAL B 545 10.85 -22.08 -20.45
CA VAL B 545 11.37 -23.15 -19.60
C VAL B 545 12.80 -23.49 -19.97
N SER B 546 13.14 -23.41 -21.25
CA SER B 546 14.50 -23.70 -21.67
C SER B 546 15.49 -22.71 -21.07
N LYS B 547 15.17 -21.41 -21.10
CA LYS B 547 16.12 -20.39 -20.69
C LYS B 547 16.06 -20.05 -19.22
N ASP B 548 14.89 -20.14 -18.58
CA ASP B 548 14.71 -19.63 -17.23
C ASP B 548 14.69 -20.71 -16.16
N PHE B 549 14.45 -21.97 -16.55
CA PHE B 549 14.39 -23.08 -15.59
C PHE B 549 15.35 -24.19 -15.99
N GLU C 1 21.46 34.03 -44.45
CA GLU C 1 21.45 35.46 -44.88
C GLU C 1 20.12 36.13 -44.62
N PHE C 2 19.08 35.61 -45.27
CA PHE C 2 17.76 36.23 -45.18
C PHE C 2 17.05 35.83 -43.88
N GLN C 3 17.26 34.59 -43.42
CA GLN C 3 16.69 34.21 -42.14
C GLN C 3 17.28 35.07 -41.02
N ARG C 4 18.57 35.39 -41.11
CA ARG C 4 19.23 36.17 -40.08
C ARG C 4 18.77 37.62 -40.10
N LYS C 5 18.45 38.14 -41.28
CA LYS C 5 17.99 39.52 -41.41
C LYS C 5 16.53 39.66 -40.96
N LEU C 6 15.70 38.66 -41.28
CA LEU C 6 14.30 38.71 -40.88
C LEU C 6 14.13 38.69 -39.36
N TYR C 7 14.86 37.83 -38.67
CA TYR C 7 14.75 37.79 -37.21
C TYR C 7 15.18 39.10 -36.57
N LYS C 8 16.25 39.70 -37.10
CA LYS C 8 16.71 40.97 -36.56
C LYS C 8 15.66 42.06 -36.78
N GLU C 9 15.04 42.09 -37.96
CA GLU C 9 14.04 43.11 -38.26
C GLU C 9 12.78 42.91 -37.42
N LEU C 10 12.34 41.67 -37.24
CA LEU C 10 11.04 41.43 -36.62
C LEU C 10 11.00 41.89 -35.17
N VAL C 11 12.12 41.79 -34.45
CA VAL C 11 12.11 42.10 -33.02
C VAL C 11 12.36 43.57 -32.72
N LYS C 12 12.70 44.37 -33.73
CA LYS C 12 12.85 45.81 -33.53
C LYS C 12 11.58 46.45 -32.98
N ASN C 13 11.59 46.81 -31.70
CA ASN C 13 10.50 47.45 -30.97
C ASN C 13 9.37 46.50 -30.60
N TYR C 14 9.48 45.21 -30.87
CA TYR C 14 8.44 44.27 -30.47
C TYR C 14 8.35 44.17 -28.95
N ASN C 15 7.14 44.36 -28.42
CA ASN C 15 6.89 44.29 -26.98
C ASN C 15 6.03 43.07 -26.70
N PRO C 16 6.56 42.01 -26.10
CA PRO C 16 5.72 40.84 -25.77
C PRO C 16 4.59 41.12 -24.80
N LEU C 17 4.56 42.26 -24.13
CA LEU C 17 3.42 42.62 -23.30
C LEU C 17 2.19 43.10 -24.08
N GLU C 18 2.35 43.40 -25.37
CA GLU C 18 1.30 44.05 -26.15
C GLU C 18 0.45 43.01 -26.88
N ARG C 19 -0.85 43.04 -26.66
CA ARG C 19 -1.80 42.27 -27.47
C ARG C 19 -1.68 42.69 -28.93
N PRO C 20 -1.27 41.79 -29.83
CA PRO C 20 -0.88 42.21 -31.19
C PRO C 20 -2.01 42.58 -32.15
N VAL C 21 -2.86 43.54 -31.81
CA VAL C 21 -3.94 43.98 -32.69
C VAL C 21 -3.55 45.30 -33.34
N ALA C 22 -3.94 45.48 -34.59
CA ALA C 22 -3.73 46.77 -35.26
C ALA C 22 -4.56 47.87 -34.61
N ASN C 23 -5.81 47.57 -34.26
CA ASN C 23 -6.73 48.50 -33.65
C ASN C 23 -6.95 48.10 -32.20
N ASP C 24 -6.50 48.94 -31.29
CA ASP C 24 -6.52 48.60 -29.86
C ASP C 24 -7.92 48.46 -29.30
N SER C 25 -8.94 49.00 -29.97
CA SER C 25 -10.30 48.90 -29.46
C SER C 25 -10.95 47.56 -29.78
N GLN C 26 -10.43 46.84 -30.78
CA GLN C 26 -11.05 45.60 -31.22
C GLN C 26 -10.46 44.42 -30.44
N PRO C 27 -11.27 43.45 -30.02
CA PRO C 27 -10.70 42.23 -29.44
C PRO C 27 -9.95 41.41 -30.47
N LEU C 28 -9.00 40.61 -29.98
CA LEU C 28 -8.23 39.69 -30.80
C LEU C 28 -8.95 38.34 -30.83
N THR C 29 -9.08 37.77 -32.02
CA THR C 29 -9.70 36.46 -32.17
C THR C 29 -8.65 35.37 -31.97
N VAL C 30 -8.93 34.45 -31.06
CA VAL C 30 -8.09 33.29 -30.81
C VAL C 30 -8.94 32.05 -31.03
N TYR C 31 -8.44 31.14 -31.86
CA TYR C 31 -9.10 29.87 -32.10
C TYR C 31 -8.46 28.82 -31.21
N PHE C 32 -9.27 28.12 -30.43
CA PHE C 32 -8.78 27.14 -29.48
C PHE C 32 -9.37 25.78 -29.80
N SER C 33 -8.54 24.75 -29.70
CA SER C 33 -8.97 23.38 -29.89
C SER C 33 -7.98 22.49 -29.16
N LEU C 34 -8.16 21.18 -29.27
CA LEU C 34 -7.20 20.24 -28.72
C LEU C 34 -7.22 18.97 -29.55
N SER C 35 -6.14 18.21 -29.43
CA SER C 35 -6.06 16.85 -29.93
C SER C 35 -5.91 15.93 -28.74
N LEU C 36 -6.77 14.93 -28.65
CA LEU C 36 -6.73 13.97 -27.56
C LEU C 36 -5.88 12.79 -28.03
N LEU C 37 -4.72 12.61 -27.43
CA LEU C 37 -3.86 11.48 -27.78
C LEU C 37 -4.20 10.23 -26.99
N GLN C 38 -4.43 10.36 -25.68
CA GLN C 38 -4.58 9.18 -24.86
C GLN C 38 -5.23 9.56 -23.53
N ILE C 39 -6.12 8.69 -23.07
CA ILE C 39 -6.66 8.77 -21.71
C ILE C 39 -5.72 7.93 -20.84
N MET C 40 -4.88 8.59 -20.06
CA MET C 40 -3.85 7.88 -19.32
C MET C 40 -4.41 7.19 -18.08
N ASP C 41 -5.21 7.90 -17.29
CA ASP C 41 -5.69 7.31 -16.04
C ASP C 41 -6.97 7.98 -15.62
N VAL C 42 -7.87 7.19 -15.05
CA VAL C 42 -9.06 7.69 -14.38
C VAL C 42 -8.94 7.25 -12.93
N ASP C 43 -8.76 8.24 -12.04
CA ASP C 43 -8.65 7.99 -10.61
C ASP C 43 -10.03 8.26 -10.01
N GLU C 44 -10.80 7.19 -9.84
CA GLU C 44 -12.14 7.33 -9.26
C GLU C 44 -12.08 7.79 -7.81
N LYS C 45 -11.11 7.28 -7.04
CA LYS C 45 -11.06 7.63 -5.63
C LYS C 45 -10.68 9.10 -5.42
N ASN C 46 -9.74 9.61 -6.19
CA ASN C 46 -9.37 11.01 -6.08
C ASN C 46 -10.16 11.92 -7.01
N GLN C 47 -10.99 11.35 -7.89
CA GLN C 47 -11.85 12.13 -8.78
C GLN C 47 -11.01 12.99 -9.73
N VAL C 48 -10.05 12.36 -10.40
CA VAL C 48 -9.09 13.05 -11.27
C VAL C 48 -8.97 12.29 -12.59
N LEU C 49 -8.92 13.04 -13.68
CA LEU C 49 -8.70 12.51 -15.02
C LEU C 49 -7.34 12.97 -15.51
N THR C 50 -6.50 12.04 -15.90
CA THR C 50 -5.21 12.33 -16.52
C THR C 50 -5.30 12.04 -18.02
N THR C 51 -4.90 13.03 -18.83
CA THR C 51 -4.95 12.89 -20.28
C THR C 51 -3.64 13.41 -20.88
N ASN C 52 -3.30 12.86 -22.05
CA ASN C 52 -2.23 13.36 -22.89
C ASN C 52 -2.88 14.14 -24.03
N ILE C 53 -2.68 15.45 -24.06
CA ILE C 53 -3.38 16.35 -24.97
C ILE C 53 -2.41 17.32 -25.62
N TRP C 54 -2.72 17.69 -26.87
CA TRP C 54 -2.04 18.77 -27.58
C TRP C 54 -3.02 19.93 -27.72
N LEU C 55 -2.80 21.00 -26.97
CA LEU C 55 -3.59 22.20 -27.19
C LEU C 55 -3.25 22.81 -28.54
N GLN C 56 -4.23 23.44 -29.17
CA GLN C 56 -4.04 24.12 -30.45
CA GLN C 56 -4.04 24.12 -30.45
C GLN C 56 -4.60 25.52 -30.34
N MET C 57 -3.73 26.52 -30.44
CA MET C 57 -4.10 27.93 -30.38
C MET C 57 -3.57 28.65 -31.61
N SER C 58 -4.45 29.34 -32.32
CA SER C 58 -4.05 30.08 -33.50
C SER C 58 -4.63 31.49 -33.44
N TRP C 59 -3.82 32.46 -33.85
CA TRP C 59 -4.25 33.85 -33.90
C TRP C 59 -3.42 34.57 -34.96
N THR C 60 -3.60 35.88 -35.06
CA THR C 60 -2.83 36.71 -35.97
C THR C 60 -2.06 37.76 -35.19
N ASP C 61 -0.75 37.82 -35.42
CA ASP C 61 0.09 38.85 -34.85
C ASP C 61 0.28 39.91 -35.94
N HIS C 62 -0.23 41.10 -35.68
CA HIS C 62 -0.19 42.16 -36.68
C HIS C 62 1.25 42.56 -37.02
N TYR C 63 2.17 42.39 -36.08
CA TYR C 63 3.54 42.88 -36.27
C TYR C 63 4.47 41.85 -36.89
N LEU C 64 4.14 40.57 -36.84
CA LEU C 64 5.06 39.53 -37.32
C LEU C 64 4.74 39.14 -38.76
N GLN C 65 4.82 40.13 -39.64
CA GLN C 65 4.50 39.96 -41.06
C GLN C 65 5.67 40.43 -41.89
N TRP C 66 5.88 39.80 -43.04
CA TRP C 66 6.96 40.19 -43.94
C TRP C 66 6.63 39.80 -45.37
N ASN C 67 7.31 40.45 -46.30
CA ASN C 67 7.21 40.16 -47.73
C ASN C 67 8.20 39.05 -48.07
N VAL C 68 7.68 37.88 -48.46
CA VAL C 68 8.55 36.74 -48.74
C VAL C 68 9.44 36.99 -49.95
N SER C 69 9.06 37.91 -50.84
CA SER C 69 9.92 38.20 -51.98
C SER C 69 11.21 38.88 -51.55
N GLU C 70 11.17 39.62 -50.46
CA GLU C 70 12.36 40.27 -49.93
C GLU C 70 13.20 39.35 -49.05
N TYR C 71 12.64 38.21 -48.62
CA TYR C 71 13.36 37.20 -47.85
C TYR C 71 13.15 35.85 -48.52
N PRO C 72 13.74 35.65 -49.70
CA PRO C 72 13.47 34.42 -50.45
C PRO C 72 13.83 33.18 -49.64
N GLY C 73 12.91 32.21 -49.63
CA GLY C 73 13.11 30.97 -48.92
C GLY C 73 12.72 30.99 -47.45
N VAL C 74 12.28 32.12 -46.93
CA VAL C 74 11.90 32.22 -45.52
C VAL C 74 10.38 32.36 -45.43
N LYS C 75 9.70 31.23 -45.28
CA LYS C 75 8.25 31.22 -45.21
C LYS C 75 7.72 31.23 -43.79
N THR C 76 8.51 30.76 -42.82
CA THR C 76 8.08 30.69 -41.43
C THR C 76 9.25 31.04 -40.53
N VAL C 77 8.91 31.57 -39.35
CA VAL C 77 9.85 31.80 -38.26
C VAL C 77 9.28 31.17 -37.01
N ARG C 78 10.12 31.03 -36.00
CA ARG C 78 9.75 30.37 -34.76
C ARG C 78 10.22 31.19 -33.57
N PHE C 79 9.40 31.27 -32.53
CA PHE C 79 9.75 32.02 -31.34
C PHE C 79 9.46 31.20 -30.09
N PRO C 80 10.39 31.19 -29.12
CA PRO C 80 10.16 30.46 -27.86
C PRO C 80 9.38 31.27 -26.84
N ASP C 81 9.24 30.70 -25.64
CA ASP C 81 8.42 31.32 -24.60
C ASP C 81 9.02 32.64 -24.15
N GLY C 82 8.18 33.68 -24.07
CA GLY C 82 8.57 34.97 -23.56
C GLY C 82 9.11 35.96 -24.58
N GLN C 83 9.31 35.53 -25.83
CA GLN C 83 9.82 36.42 -26.86
C GLN C 83 8.74 36.94 -27.78
N ILE C 84 7.61 36.25 -27.83
CA ILE C 84 6.46 36.63 -28.63
C ILE C 84 5.26 36.69 -27.70
N TRP C 85 4.32 37.57 -28.00
CA TRP C 85 3.08 37.60 -27.23
C TRP C 85 2.35 36.27 -27.42
N LYS C 86 1.78 35.76 -26.34
CA LYS C 86 1.01 34.54 -26.39
C LYS C 86 -0.29 34.69 -25.62
N PRO C 87 -1.33 33.94 -25.97
CA PRO C 87 -2.52 33.87 -25.10
C PRO C 87 -2.23 33.08 -23.83
N ASP C 88 -2.79 33.56 -22.72
CA ASP C 88 -2.58 32.93 -21.41
C ASP C 88 -3.74 31.99 -21.08
N ILE C 89 -3.96 31.00 -21.93
CA ILE C 89 -5.08 30.07 -21.75
C ILE C 89 -4.65 28.98 -20.77
N LEU C 90 -5.50 28.73 -19.78
CA LEU C 90 -5.25 27.74 -18.73
C LEU C 90 -6.43 26.80 -18.62
N LEU C 91 -6.18 25.63 -18.05
CA LEU C 91 -7.23 24.70 -17.64
C LEU C 91 -7.76 25.13 -16.28
N TYR C 92 -9.04 25.52 -16.22
CA TYR C 92 -9.60 26.05 -14.98
C TYR C 92 -9.67 24.98 -13.90
N ASN C 93 -10.11 23.77 -14.25
CA ASN C 93 -10.32 22.70 -13.27
C ASN C 93 -9.11 21.77 -13.23
N SER C 94 -7.93 22.36 -13.33
CA SER C 94 -6.69 21.62 -13.12
C SER C 94 -6.60 21.07 -11.71
N ALA C 95 -6.16 19.82 -11.59
CA ALA C 95 -5.85 19.19 -10.32
C ALA C 95 -4.36 18.99 -10.10
N ASP C 96 -3.53 19.56 -10.97
CA ASP C 96 -2.09 19.37 -10.86
C ASP C 96 -1.52 20.28 -9.78
N GLU C 97 -0.57 19.74 -9.01
CA GLU C 97 0.01 20.50 -7.91
C GLU C 97 0.68 21.79 -8.41
N ARG C 98 1.15 21.80 -9.65
CA ARG C 98 1.68 23.02 -10.27
C ARG C 98 0.61 23.85 -10.96
N PHE C 99 -0.62 23.38 -10.98
CA PHE C 99 -1.73 24.02 -11.69
C PHE C 99 -1.55 23.96 -13.20
N ASP C 100 -0.58 24.69 -13.76
CA ASP C 100 -0.34 24.69 -15.19
C ASP C 100 0.63 23.57 -15.57
N ALA C 101 0.19 22.65 -16.42
CA ALA C 101 0.95 21.47 -16.79
C ALA C 101 1.44 21.52 -18.24
N THR C 102 1.23 22.63 -18.94
CA THR C 102 1.63 22.76 -20.33
C THR C 102 3.15 22.84 -20.49
N PHE C 103 3.71 22.04 -21.39
CA PHE C 103 5.11 22.14 -21.77
C PHE C 103 5.24 23.15 -22.91
N HIS C 104 5.92 24.26 -22.64
CA HIS C 104 5.96 25.40 -23.56
C HIS C 104 6.86 25.13 -24.75
N THR C 105 6.28 25.09 -25.94
CA THR C 105 6.98 24.87 -27.20
C THR C 105 7.00 26.16 -28.01
N ASN C 106 7.54 26.08 -29.22
CA ASN C 106 7.68 27.26 -30.06
C ASN C 106 6.34 27.70 -30.64
N VAL C 107 6.25 28.98 -30.97
CA VAL C 107 5.16 29.52 -31.76
C VAL C 107 5.64 29.64 -33.20
N LEU C 108 4.85 29.10 -34.13
CA LEU C 108 5.18 29.12 -35.55
C LEU C 108 4.39 30.23 -36.23
N VAL C 109 5.10 31.13 -36.90
CA VAL C 109 4.51 32.30 -37.54
C VAL C 109 4.89 32.29 -39.01
N ASN C 110 3.90 32.54 -39.87
CA ASN C 110 4.10 32.59 -41.32
C ASN C 110 4.01 34.03 -41.79
N SER C 111 4.26 34.24 -43.09
CA SER C 111 4.59 35.58 -43.55
C SER C 111 3.43 36.56 -43.43
N SER C 112 2.20 36.07 -43.43
CA SER C 112 1.04 36.95 -43.24
C SER C 112 0.75 37.21 -41.77
N GLY C 113 1.56 36.67 -40.85
CA GLY C 113 1.39 36.93 -39.44
C GLY C 113 0.49 35.96 -38.72
N HIS C 114 0.08 34.87 -39.35
CA HIS C 114 -0.71 33.86 -38.66
CA HIS C 114 -0.72 33.86 -38.67
C HIS C 114 0.18 33.04 -37.75
N CYS C 115 -0.22 32.91 -36.50
CA CYS C 115 0.56 32.22 -35.48
C CYS C 115 -0.12 30.92 -35.08
N GLN C 116 0.67 29.85 -35.07
CA GLN C 116 0.23 28.56 -34.55
C GLN C 116 1.03 28.25 -33.29
N TYR C 117 0.35 27.66 -32.32
CA TYR C 117 1.01 27.30 -31.06
C TYR C 117 0.33 26.03 -30.54
N LEU C 118 1.10 24.95 -30.45
CA LEU C 118 0.53 23.62 -30.19
C LEU C 118 1.27 22.95 -29.04
N PRO C 119 1.18 23.52 -27.84
CA PRO C 119 1.93 22.97 -26.71
C PRO C 119 1.33 21.67 -26.21
N PRO C 120 2.15 20.65 -25.96
CA PRO C 120 1.64 19.40 -25.40
C PRO C 120 1.66 19.43 -23.87
N GLY C 121 1.00 18.44 -23.29
CA GLY C 121 1.05 18.27 -21.85
C GLY C 121 0.34 17.03 -21.39
N ILE C 122 0.69 16.63 -20.17
CA ILE C 122 -0.07 15.64 -19.41
C ILE C 122 -0.95 16.43 -18.46
N PHE C 123 -2.25 16.47 -18.71
CA PHE C 123 -3.18 17.28 -17.94
C PHE C 123 -3.92 16.45 -16.91
N LYS C 124 -3.96 16.95 -15.68
CA LYS C 124 -4.76 16.37 -14.61
C LYS C 124 -5.90 17.33 -14.31
N SER C 125 -7.13 16.86 -14.44
CA SER C 125 -8.30 17.70 -14.32
C SER C 125 -9.26 17.11 -13.30
N SER C 126 -9.87 17.97 -12.51
CA SER C 126 -10.88 17.54 -11.54
C SER C 126 -12.14 17.13 -12.27
N CYS C 127 -12.63 15.93 -12.00
CA CYS C 127 -13.81 15.42 -12.67
C CYS C 127 -14.72 14.72 -11.67
N TYR C 128 -15.99 15.09 -11.66
CA TYR C 128 -16.96 14.32 -10.89
C TYR C 128 -17.13 12.95 -11.54
N ILE C 129 -16.75 11.91 -10.82
CA ILE C 129 -16.87 10.53 -11.29
C ILE C 129 -18.07 9.90 -10.61
N ASP C 130 -19.14 9.68 -11.38
CA ASP C 130 -20.37 9.11 -10.84
C ASP C 130 -20.25 7.59 -10.80
N VAL C 131 -20.25 7.03 -9.60
CA VAL C 131 -20.11 5.59 -9.43
C VAL C 131 -21.45 4.92 -9.15
N ARG C 132 -22.57 5.58 -9.47
CA ARG C 132 -23.88 5.01 -9.24
C ARG C 132 -24.05 3.66 -9.93
N TRP C 133 -23.55 3.54 -11.16
CA TRP C 133 -23.74 2.34 -11.96
C TRP C 133 -22.45 1.54 -12.14
N PHE C 134 -21.44 1.82 -11.33
CA PHE C 134 -20.18 1.12 -11.46
C PHE C 134 -20.39 -0.39 -11.28
N PRO C 135 -19.75 -1.23 -12.08
CA PRO C 135 -18.78 -0.94 -13.14
C PRO C 135 -19.39 -0.72 -14.52
N PHE C 136 -20.71 -0.59 -14.65
CA PHE C 136 -21.34 -0.28 -15.94
C PHE C 136 -21.58 1.22 -16.08
N ASP C 137 -20.55 2.03 -15.86
CA ASP C 137 -20.72 3.48 -15.79
C ASP C 137 -20.21 4.17 -17.06
N VAL C 138 -20.84 5.31 -17.36
CA VAL C 138 -20.38 6.23 -18.39
C VAL C 138 -20.04 7.53 -17.70
N GLN C 139 -18.81 8.00 -17.87
CA GLN C 139 -18.35 9.23 -17.24
C GLN C 139 -18.31 10.37 -18.24
N HIS C 140 -18.61 11.56 -17.76
CA HIS C 140 -18.54 12.80 -18.54
C HIS C 140 -17.61 13.76 -17.81
N CYS C 141 -16.36 13.83 -18.25
CA CYS C 141 -15.37 14.68 -17.63
C CYS C 141 -15.19 15.94 -18.46
N LYS C 142 -15.10 17.07 -17.79
CA LYS C 142 -15.05 18.37 -18.44
C LYS C 142 -13.64 18.95 -18.36
N LEU C 143 -13.15 19.44 -19.48
CA LEU C 143 -11.91 20.21 -19.56
C LEU C 143 -12.31 21.64 -19.93
N LYS C 144 -12.15 22.56 -18.99
CA LYS C 144 -12.55 23.95 -19.18
C LYS C 144 -11.32 24.82 -19.38
N PHE C 145 -11.25 25.47 -20.54
CA PHE C 145 -10.10 26.29 -20.91
C PHE C 145 -10.54 27.73 -21.11
N GLY C 146 -9.71 28.67 -20.68
CA GLY C 146 -10.01 30.07 -20.92
C GLY C 146 -8.81 30.93 -20.63
N SER C 147 -8.80 32.11 -21.25
CA SER C 147 -7.80 33.11 -20.93
C SER C 147 -7.98 33.59 -19.50
N TRP C 148 -6.89 33.62 -18.73
CA TRP C 148 -7.02 33.95 -17.33
C TRP C 148 -7.28 35.43 -17.12
N SER C 149 -6.54 36.28 -17.82
CA SER C 149 -6.53 37.72 -17.56
C SER C 149 -7.12 38.57 -18.69
N TYR C 150 -7.52 37.96 -19.82
CA TYR C 150 -8.12 38.70 -20.92
C TYR C 150 -9.60 38.34 -21.02
N GLY C 151 -10.46 39.30 -20.74
CA GLY C 151 -11.88 39.11 -20.93
C GLY C 151 -12.28 39.25 -22.38
N GLY C 152 -13.56 39.00 -22.63
CA GLY C 152 -14.14 39.04 -23.96
C GLY C 152 -14.03 40.36 -24.72
N TRP C 153 -13.80 41.47 -24.02
CA TRP C 153 -13.51 42.72 -24.73
C TRP C 153 -12.11 42.76 -25.34
N SER C 154 -11.18 41.98 -24.84
CA SER C 154 -9.82 41.95 -25.39
C SER C 154 -9.52 40.71 -26.21
N LEU C 155 -10.02 39.55 -25.80
CA LEU C 155 -9.69 38.29 -26.46
C LEU C 155 -10.98 37.57 -26.81
N ASP C 156 -11.24 37.43 -28.11
CA ASP C 156 -12.43 36.76 -28.62
C ASP C 156 -12.10 35.29 -28.83
N LEU C 157 -12.35 34.49 -27.81
CA LEU C 157 -12.01 33.07 -27.85
C LEU C 157 -13.08 32.31 -28.62
N GLN C 158 -12.65 31.62 -29.68
CA GLN C 158 -13.53 30.81 -30.51
C GLN C 158 -13.10 29.36 -30.42
N MET C 159 -14.04 28.48 -30.70
CA MET C 159 -13.83 27.04 -30.60
C MET C 159 -13.77 26.38 -31.97
N GLN C 160 -13.03 25.27 -32.03
CA GLN C 160 -12.92 24.42 -33.19
C GLN C 160 -13.06 22.98 -32.69
N GLU C 161 -13.62 22.12 -33.53
CA GLU C 161 -13.89 20.75 -33.09
C GLU C 161 -12.59 20.04 -32.71
N ALA C 162 -12.65 19.29 -31.61
CA ALA C 162 -11.48 18.58 -31.13
C ALA C 162 -11.04 17.53 -32.14
N ASP C 163 -9.74 17.29 -32.19
CA ASP C 163 -9.15 16.26 -33.03
C ASP C 163 -8.97 14.97 -32.24
N ILE C 164 -9.36 13.85 -32.84
CA ILE C 164 -9.20 12.54 -32.22
C ILE C 164 -8.56 11.57 -33.20
N SER C 165 -8.01 12.10 -34.29
CA SER C 165 -7.48 11.23 -35.33
C SER C 165 -6.26 10.45 -34.87
N GLY C 166 -5.50 10.99 -33.92
CA GLY C 166 -4.33 10.29 -33.40
C GLY C 166 -4.58 9.62 -32.06
N TYR C 167 -5.83 9.46 -31.68
CA TYR C 167 -6.17 8.90 -30.37
C TYR C 167 -5.80 7.43 -30.29
N ILE C 168 -5.15 7.04 -29.20
CA ILE C 168 -4.76 5.65 -28.95
C ILE C 168 -5.73 5.08 -27.93
N PRO C 169 -6.47 4.02 -28.24
CA PRO C 169 -7.49 3.53 -27.32
C PRO C 169 -6.92 3.04 -26.00
N ASN C 170 -7.64 3.32 -24.93
CA ASN C 170 -7.37 2.76 -23.62
C ASN C 170 -8.07 1.41 -23.50
N GLY C 171 -7.35 0.44 -22.95
CA GLY C 171 -7.94 -0.88 -22.77
C GLY C 171 -9.14 -0.89 -21.83
N GLU C 172 -9.27 0.10 -20.97
CA GLU C 172 -10.33 0.12 -19.97
C GLU C 172 -11.49 1.05 -20.31
N TRP C 173 -11.28 2.05 -21.16
CA TRP C 173 -12.29 3.07 -21.43
C TRP C 173 -12.48 3.21 -22.93
N ASP C 174 -13.73 3.07 -23.37
CA ASP C 174 -14.11 3.31 -24.75
C ASP C 174 -14.48 4.78 -24.91
N LEU C 175 -13.82 5.46 -25.81
CA LEU C 175 -14.11 6.87 -26.05
C LEU C 175 -15.42 6.99 -26.83
N VAL C 176 -16.39 7.69 -26.26
CA VAL C 176 -17.64 7.96 -26.97
C VAL C 176 -17.53 9.24 -27.79
N GLY C 177 -17.00 10.31 -27.22
CA GLY C 177 -16.83 11.55 -27.96
C GLY C 177 -16.25 12.62 -27.07
N ILE C 178 -15.85 13.72 -27.71
CA ILE C 178 -15.32 14.89 -27.00
C ILE C 178 -15.92 16.15 -27.59
N PRO C 179 -17.22 16.36 -27.48
CA PRO C 179 -17.81 17.62 -27.96
C PRO C 179 -17.38 18.82 -27.14
N GLY C 180 -17.34 19.97 -27.81
CA GLY C 180 -16.98 21.22 -27.18
C GLY C 180 -18.11 22.24 -27.17
N LYS C 181 -18.05 23.18 -26.23
CA LYS C 181 -19.05 24.24 -26.10
C LYS C 181 -18.36 25.52 -25.69
N ARG C 182 -18.65 26.61 -26.40
CA ARG C 182 -18.07 27.91 -26.11
C ARG C 182 -19.10 28.76 -25.37
N SER C 183 -18.77 29.18 -24.16
CA SER C 183 -19.66 29.92 -23.29
C SER C 183 -19.03 31.25 -22.91
N GLU C 184 -19.83 32.10 -22.26
CA GLU C 184 -19.39 33.44 -21.86
C GLU C 184 -20.00 33.74 -20.49
N ARG C 185 -19.18 33.66 -19.44
CA ARG C 185 -19.65 33.74 -18.07
C ARG C 185 -19.19 35.03 -17.41
N PHE C 186 -19.98 35.50 -16.46
CA PHE C 186 -19.64 36.63 -15.61
C PHE C 186 -19.15 36.12 -14.26
N TYR C 187 -18.12 36.78 -13.73
CA TYR C 187 -17.55 36.45 -12.44
C TYR C 187 -17.61 37.67 -11.53
N GLU C 188 -17.83 37.42 -10.24
CA GLU C 188 -17.93 38.52 -9.28
C GLU C 188 -16.65 39.34 -9.21
N CYS C 189 -15.51 38.78 -9.62
CA CYS C 189 -14.28 39.54 -9.66
C CYS C 189 -14.40 40.77 -10.55
N CYS C 190 -15.13 40.65 -11.65
CA CYS C 190 -14.91 41.51 -12.80
C CYS C 190 -16.23 41.79 -13.49
N LYS C 191 -16.37 43.00 -14.00
CA LYS C 191 -17.59 43.38 -14.71
C LYS C 191 -17.61 42.87 -16.15
N GLU C 192 -16.47 42.47 -16.68
CA GLU C 192 -16.31 41.97 -18.03
C GLU C 192 -16.60 40.48 -18.10
N PRO C 193 -17.31 40.00 -19.12
CA PRO C 193 -17.47 38.55 -19.28
C PRO C 193 -16.18 37.89 -19.74
N TYR C 194 -16.04 36.61 -19.39
CA TYR C 194 -14.84 35.84 -19.72
C TYR C 194 -15.29 34.59 -20.46
N PRO C 195 -15.02 34.49 -21.76
CA PRO C 195 -15.40 33.28 -22.48
C PRO C 195 -14.52 32.09 -22.12
N ASP C 196 -15.12 30.90 -22.21
CA ASP C 196 -14.40 29.66 -22.00
C ASP C 196 -14.81 28.67 -23.08
N VAL C 197 -13.99 27.64 -23.24
CA VAL C 197 -14.26 26.53 -24.15
C VAL C 197 -14.18 25.27 -23.33
N THR C 198 -15.28 24.54 -23.22
CA THR C 198 -15.35 23.33 -22.41
C THR C 198 -15.49 22.12 -23.31
N PHE C 199 -14.53 21.20 -23.20
CA PHE C 199 -14.58 19.92 -23.88
C PHE C 199 -15.00 18.86 -22.87
N THR C 200 -16.07 18.14 -23.19
CA THR C 200 -16.56 17.05 -22.34
C THR C 200 -16.16 15.71 -22.95
N VAL C 201 -15.32 14.96 -22.26
CA VAL C 201 -14.92 13.63 -22.69
C VAL C 201 -15.98 12.64 -22.20
N THR C 202 -16.77 12.10 -23.12
CA THR C 202 -17.72 11.04 -22.79
C THR C 202 -17.03 9.70 -23.03
N MET C 203 -16.73 8.99 -21.94
CA MET C 203 -16.07 7.69 -21.98
C MET C 203 -16.88 6.59 -21.29
N ARG C 204 -16.78 5.40 -21.80
CA ARG C 204 -17.53 4.24 -21.30
C ARG C 204 -16.57 3.19 -20.76
N ARG C 205 -16.83 2.70 -19.55
CA ARG C 205 -15.95 1.69 -18.94
C ARG C 205 -16.17 0.33 -19.59
N ARG C 206 -15.08 -0.30 -20.01
CA ARG C 206 -15.14 -1.67 -20.49
C ARG C 206 -15.13 -2.61 -19.29
N THR C 207 -16.04 -3.58 -19.27
CA THR C 207 -16.39 -4.28 -18.04
C THR C 207 -15.86 -5.71 -17.93
N LEU C 208 -15.03 -6.17 -18.88
CA LEU C 208 -14.53 -7.54 -18.79
C LEU C 208 -13.70 -7.75 -17.53
N TYR C 209 -12.77 -6.83 -17.26
CA TYR C 209 -11.90 -7.00 -16.11
C TYR C 209 -12.67 -7.03 -14.79
N TYR C 210 -13.66 -6.16 -14.66
CA TYR C 210 -14.43 -6.11 -13.42
C TYR C 210 -15.41 -7.27 -13.31
N GLY C 211 -15.98 -7.70 -14.44
CA GLY C 211 -16.74 -8.93 -14.42
C GLY C 211 -15.92 -10.11 -13.93
N LEU C 212 -14.64 -10.15 -14.31
CA LEU C 212 -13.78 -11.27 -13.93
C LEU C 212 -13.32 -11.16 -12.47
N ASN C 213 -13.04 -9.97 -11.99
CA ASN C 213 -12.45 -9.81 -10.67
C ASN C 213 -13.46 -9.44 -9.59
N LEU C 214 -14.66 -8.98 -9.96
CA LEU C 214 -15.63 -8.55 -8.98
C LEU C 214 -16.94 -9.31 -9.09
N LEU C 215 -17.57 -9.33 -10.27
CA LEU C 215 -18.90 -9.90 -10.38
C LEU C 215 -18.86 -11.43 -10.34
N ILE C 216 -18.20 -12.05 -11.32
CA ILE C 216 -18.17 -13.51 -11.38
C ILE C 216 -17.77 -14.13 -10.06
N PRO C 217 -16.63 -13.77 -9.45
CA PRO C 217 -16.26 -14.43 -8.19
C PRO C 217 -17.32 -14.32 -7.11
N CYS C 218 -18.02 -13.18 -7.02
CA CYS C 218 -19.10 -13.05 -6.05
C CYS C 218 -20.23 -14.03 -6.35
N VAL C 219 -20.58 -14.19 -7.63
CA VAL C 219 -21.65 -15.12 -7.98
C VAL C 219 -21.32 -16.54 -7.53
N LEU C 220 -20.10 -17.00 -7.86
CA LEU C 220 -19.73 -18.38 -7.54
C LEU C 220 -19.61 -18.61 -6.05
N ILE C 221 -19.06 -17.64 -5.30
CA ILE C 221 -18.93 -17.81 -3.86
C ILE C 221 -20.30 -17.80 -3.18
N SER C 222 -21.22 -16.97 -3.67
CA SER C 222 -22.58 -17.04 -3.16
C SER C 222 -23.20 -18.40 -3.45
N ALA C 223 -22.92 -18.94 -4.63
CA ALA C 223 -23.40 -20.28 -4.98
C ALA C 223 -22.90 -21.31 -3.98
N LEU C 224 -21.65 -21.20 -3.53
CA LEU C 224 -21.12 -22.19 -2.59
C LEU C 224 -21.77 -22.07 -1.22
N ALA C 225 -22.26 -20.87 -0.88
CA ALA C 225 -22.97 -20.72 0.38
C ALA C 225 -24.24 -21.57 0.38
N LEU C 226 -24.89 -21.69 -0.77
CA LEU C 226 -26.10 -22.51 -0.88
C LEU C 226 -25.83 -23.98 -0.64
N LEU C 227 -24.57 -24.40 -0.62
CA LEU C 227 -24.27 -25.82 -0.41
C LEU C 227 -24.51 -26.22 1.03
N VAL C 228 -24.51 -25.26 1.96
CA VAL C 228 -24.77 -25.57 3.36
C VAL C 228 -26.09 -26.33 3.49
N PHE C 229 -27.10 -25.92 2.72
CA PHE C 229 -28.40 -26.53 2.78
C PHE C 229 -28.43 -27.96 2.24
N LEU C 230 -27.31 -28.45 1.71
CA LEU C 230 -27.20 -29.84 1.27
C LEU C 230 -26.35 -30.68 2.21
N LEU C 231 -25.46 -30.12 2.98
CA LEU C 231 -24.61 -30.83 3.86
C LEU C 231 -25.43 -31.47 4.95
N PRO C 232 -25.37 -32.81 5.14
CA PRO C 232 -26.07 -33.45 6.27
C PRO C 232 -25.64 -32.81 7.58
N ALA C 233 -26.60 -32.69 8.51
CA ALA C 233 -26.31 -32.08 9.80
C ALA C 233 -25.27 -32.88 10.58
N ASP C 234 -25.25 -34.20 10.43
CA ASP C 234 -24.35 -35.05 11.21
C ASP C 234 -22.91 -34.94 10.78
N SER C 235 -22.61 -34.23 9.69
CA SER C 235 -21.22 -33.99 9.32
C SER C 235 -20.52 -33.08 10.31
N GLY C 236 -21.28 -32.27 11.06
CA GLY C 236 -20.69 -31.34 12.00
C GLY C 236 -19.84 -30.26 11.36
N GLU C 237 -20.14 -29.89 10.12
CA GLU C 237 -19.37 -28.89 9.40
C GLU C 237 -20.25 -27.83 8.76
N LYS C 238 -21.53 -27.77 9.10
CA LYS C 238 -22.44 -26.79 8.48
C LYS C 238 -21.99 -25.37 8.80
N ILE C 239 -21.72 -25.08 10.07
CA ILE C 239 -21.36 -23.71 10.45
C ILE C 239 -20.03 -23.31 9.86
N SER C 240 -19.04 -24.22 9.89
CA SER C 240 -17.73 -23.90 9.33
C SER C 240 -17.86 -23.38 7.91
N LEU C 241 -18.59 -24.12 7.05
CA LEU C 241 -18.72 -23.72 5.66
C LEU C 241 -19.38 -22.35 5.54
N GLY C 242 -20.52 -22.16 6.21
CA GLY C 242 -21.26 -20.91 6.05
C GLY C 242 -20.49 -19.70 6.53
N ILE C 243 -19.98 -19.75 7.76
CA ILE C 243 -19.28 -18.59 8.31
C ILE C 243 -17.99 -18.33 7.55
N THR C 244 -17.35 -19.39 7.07
CA THR C 244 -16.11 -19.22 6.28
C THR C 244 -16.40 -18.53 4.96
N VAL C 245 -17.51 -18.88 4.30
CA VAL C 245 -17.85 -18.23 3.06
C VAL C 245 -18.20 -16.76 3.30
N LEU C 246 -18.87 -16.48 4.42
CA LEU C 246 -19.23 -15.10 4.73
C LEU C 246 -17.98 -14.26 5.01
N LEU C 247 -17.02 -14.83 5.74
CA LEU C 247 -15.81 -14.10 6.09
C LEU C 247 -14.90 -13.88 4.89
N SER C 248 -15.04 -14.71 3.85
CA SER C 248 -14.29 -14.49 2.62
C SER C 248 -14.94 -13.42 1.76
N LEU C 249 -16.25 -13.20 1.90
CA LEU C 249 -16.94 -12.24 1.06
C LEU C 249 -16.66 -10.81 1.49
N THR C 250 -16.09 -10.60 2.64
CA THR C 250 -15.66 -9.28 3.08
C THR C 250 -14.41 -8.87 2.35
N VAL C 251 -13.68 -9.80 1.78
CA VAL C 251 -12.52 -9.46 0.96
C VAL C 251 -12.95 -8.60 -0.22
N PHE C 252 -14.04 -9.00 -0.89
CA PHE C 252 -14.58 -8.19 -1.98
C PHE C 252 -15.20 -6.91 -1.47
N MET C 253 -15.79 -6.93 -0.28
CA MET C 253 -16.36 -5.72 0.30
C MET C 253 -15.27 -4.70 0.51
N LEU C 254 -14.15 -5.12 1.09
CA LEU C 254 -13.02 -4.25 1.36
C LEU C 254 -12.31 -3.86 0.07
N LEU C 255 -12.33 -4.73 -0.94
CA LEU C 255 -11.81 -4.37 -2.25
C LEU C 255 -12.60 -3.22 -2.86
N VAL C 256 -13.93 -3.28 -2.78
CA VAL C 256 -14.75 -2.23 -3.36
C VAL C 256 -14.55 -0.91 -2.63
N ALA C 257 -14.42 -0.95 -1.31
CA ALA C 257 -14.24 0.28 -0.56
C ALA C 257 -12.94 0.98 -0.95
N GLU C 258 -11.93 0.21 -1.35
CA GLU C 258 -10.63 0.80 -1.67
C GLU C 258 -10.65 1.52 -3.01
N ILE C 259 -11.49 1.09 -3.95
CA ILE C 259 -11.50 1.68 -5.28
C ILE C 259 -12.51 2.83 -5.39
N MET C 260 -13.62 2.74 -4.70
CA MET C 260 -14.67 3.73 -4.84
C MET C 260 -14.32 5.01 -4.08
N PRO C 261 -14.75 6.17 -4.56
CA PRO C 261 -14.61 7.39 -3.77
C PRO C 261 -15.53 7.35 -2.56
N ALA C 262 -15.09 7.98 -1.47
CA ALA C 262 -15.85 7.99 -0.22
C ALA C 262 -16.93 9.07 -0.26
N THR C 263 -17.84 8.93 -1.23
CA THR C 263 -18.91 9.90 -1.43
C THR C 263 -20.24 9.36 -0.93
N SER C 264 -21.13 10.30 -0.60
CA SER C 264 -22.46 9.99 -0.10
C SER C 264 -23.55 10.35 -1.10
N ASP C 265 -23.17 10.56 -2.36
CA ASP C 265 -24.16 10.93 -3.36
C ASP C 265 -25.11 9.78 -3.67
N SER C 266 -24.59 8.56 -3.74
CA SER C 266 -25.42 7.40 -4.02
C SER C 266 -24.71 6.16 -3.51
N VAL C 267 -25.49 5.08 -3.39
CA VAL C 267 -24.95 3.76 -3.13
C VAL C 267 -24.58 3.12 -4.47
N PRO C 268 -23.31 2.78 -4.70
CA PRO C 268 -22.95 2.22 -6.00
C PRO C 268 -23.66 0.90 -6.27
N LEU C 269 -23.89 0.63 -7.56
CA LEU C 269 -24.51 -0.63 -7.95
C LEU C 269 -23.76 -1.81 -7.37
N ILE C 270 -22.43 -1.82 -7.52
CA ILE C 270 -21.64 -2.94 -7.04
C ILE C 270 -21.80 -3.11 -5.53
N ALA C 271 -21.95 -2.01 -4.81
CA ALA C 271 -22.18 -2.11 -3.37
C ALA C 271 -23.52 -2.79 -3.07
N GLN C 272 -24.58 -2.39 -3.78
CA GLN C 272 -25.87 -3.06 -3.63
C GLN C 272 -25.72 -4.56 -3.88
N TYR C 273 -25.08 -4.92 -4.99
CA TYR C 273 -24.94 -6.33 -5.33
C TYR C 273 -24.18 -7.10 -4.27
N PHE C 274 -23.07 -6.56 -3.77
CA PHE C 274 -22.29 -7.27 -2.76
C PHE C 274 -22.99 -7.26 -1.41
N ALA C 275 -23.61 -6.15 -1.04
CA ALA C 275 -24.31 -6.10 0.24
C ALA C 275 -25.47 -7.07 0.27
N SER C 276 -26.19 -7.21 -0.85
CA SER C 276 -27.32 -8.14 -0.89
C SER C 276 -26.87 -9.59 -0.89
N THR C 277 -25.74 -9.90 -1.54
CA THR C 277 -25.20 -11.25 -1.49
C THR C 277 -24.76 -11.61 -0.07
N MET C 278 -24.08 -10.71 0.62
CA MET C 278 -23.61 -11.01 1.97
C MET C 278 -24.76 -11.16 2.95
N ILE C 279 -25.82 -10.36 2.77
CA ILE C 279 -26.98 -10.47 3.64
C ILE C 279 -27.69 -11.81 3.44
N ILE C 280 -27.71 -12.30 2.20
CA ILE C 280 -28.31 -13.62 1.95
C ILE C 280 -27.46 -14.71 2.56
N VAL C 281 -26.13 -14.58 2.50
CA VAL C 281 -25.27 -15.56 3.13
C VAL C 281 -25.37 -15.47 4.64
N GLY C 282 -25.56 -14.26 5.17
CA GLY C 282 -25.73 -14.12 6.60
C GLY C 282 -27.03 -14.74 7.09
N LEU C 283 -28.12 -14.55 6.35
CA LEU C 283 -29.38 -15.19 6.71
C LEU C 283 -29.30 -16.71 6.60
N SER C 284 -28.52 -17.24 5.66
CA SER C 284 -28.36 -18.68 5.57
C SER C 284 -27.73 -19.23 6.84
N VAL C 285 -26.77 -18.51 7.41
CA VAL C 285 -26.18 -18.94 8.68
C VAL C 285 -27.22 -18.95 9.78
N VAL C 286 -28.08 -17.92 9.82
CA VAL C 286 -29.15 -17.88 10.81
C VAL C 286 -30.06 -19.10 10.65
N VAL C 287 -30.46 -19.39 9.42
CA VAL C 287 -31.30 -20.56 9.13
C VAL C 287 -30.59 -21.84 9.50
N THR C 288 -29.27 -21.90 9.34
CA THR C 288 -28.54 -23.11 9.68
C THR C 288 -28.58 -23.37 11.18
N VAL C 289 -28.55 -22.30 11.98
CA VAL C 289 -28.64 -22.46 13.43
C VAL C 289 -30.01 -23.02 13.81
N ILE C 290 -31.06 -22.61 13.12
CA ILE C 290 -32.39 -23.14 13.40
C ILE C 290 -32.47 -24.60 12.97
N VAL C 291 -31.83 -24.95 11.85
CA VAL C 291 -31.84 -26.33 11.39
C VAL C 291 -31.10 -27.22 12.38
N LEU C 292 -30.02 -26.72 12.97
CA LEU C 292 -29.27 -27.49 13.95
C LEU C 292 -30.03 -27.61 15.26
N GLN C 293 -30.86 -26.61 15.60
CA GLN C 293 -31.71 -26.71 16.78
C GLN C 293 -32.71 -27.85 16.66
N TYR C 294 -33.25 -28.07 15.46
CA TYR C 294 -34.19 -29.17 15.28
C TYR C 294 -33.47 -30.51 15.23
N HIS C 295 -32.28 -30.55 14.64
CA HIS C 295 -31.58 -31.82 14.49
C HIS C 295 -31.07 -32.33 15.83
N HIS C 296 -30.62 -31.41 16.69
CA HIS C 296 -30.11 -31.75 18.01
C HIS C 296 -31.16 -31.61 19.10
N HIS C 297 -32.43 -31.56 18.74
CA HIS C 297 -33.47 -31.30 19.72
C HIS C 297 -33.53 -32.44 20.74
N ASP C 298 -33.52 -32.07 22.02
CA ASP C 298 -33.56 -33.06 23.09
C ASP C 298 -34.90 -33.79 23.08
N PRO C 299 -34.92 -35.12 22.98
CA PRO C 299 -36.22 -35.82 22.93
C PRO C 299 -37.07 -35.62 24.17
N ASP C 300 -36.45 -35.49 25.35
CA ASP C 300 -37.20 -35.34 26.59
C ASP C 300 -37.64 -33.90 26.84
N GLY C 301 -37.31 -32.98 25.94
CA GLY C 301 -37.74 -31.60 26.11
C GLY C 301 -39.15 -31.42 25.61
N GLY C 302 -39.45 -30.26 25.01
CA GLY C 302 -40.77 -30.00 24.52
C GLY C 302 -41.22 -31.02 23.49
N LYS C 303 -42.46 -30.90 23.03
CA LYS C 303 -43.02 -31.78 22.01
C LYS C 303 -43.30 -30.96 20.76
N MET C 304 -42.97 -31.52 19.60
CA MET C 304 -43.21 -30.84 18.33
C MET C 304 -44.58 -30.18 18.34
N PRO C 305 -44.66 -28.85 18.35
CA PRO C 305 -45.96 -28.17 18.26
C PRO C 305 -46.85 -28.75 17.17
N LYS C 306 -48.16 -28.49 17.27
CA LYS C 306 -49.07 -29.00 16.25
C LYS C 306 -48.78 -28.35 14.92
N TRP C 307 -48.48 -27.04 14.92
CA TRP C 307 -48.26 -26.33 13.68
C TRP C 307 -46.96 -26.76 13.01
N THR C 308 -45.96 -27.15 13.79
CA THR C 308 -44.72 -27.67 13.21
C THR C 308 -44.96 -28.99 12.49
N ARG C 309 -45.73 -29.89 13.11
CA ARG C 309 -45.92 -31.22 12.54
C ARG C 309 -46.81 -31.25 11.31
N VAL C 310 -47.63 -30.22 11.10
CA VAL C 310 -48.46 -30.14 9.90
C VAL C 310 -47.80 -29.33 8.80
N ILE C 311 -47.30 -28.14 9.13
CA ILE C 311 -46.70 -27.28 8.10
C ILE C 311 -45.50 -27.96 7.47
N LEU C 312 -44.67 -28.64 8.27
CA LEU C 312 -43.41 -29.19 7.78
C LEU C 312 -43.52 -30.68 7.45
N LEU C 313 -43.89 -31.49 8.44
CA LEU C 313 -43.91 -32.93 8.22
C LEU C 313 -45.01 -33.40 7.29
N ASN C 314 -46.00 -32.56 6.98
CA ASN C 314 -47.10 -32.96 6.11
C ASN C 314 -47.12 -32.15 4.82
N TRP C 315 -47.36 -30.85 4.89
CA TRP C 315 -47.49 -30.04 3.68
C TRP C 315 -46.17 -29.92 2.93
N CYS C 316 -45.19 -29.25 3.54
CA CYS C 316 -43.91 -29.03 2.86
C CYS C 316 -43.26 -30.33 2.46
N ALA C 317 -43.36 -31.37 3.30
CA ALA C 317 -42.74 -32.65 2.97
C ALA C 317 -43.41 -33.27 1.74
N TRP C 318 -44.73 -33.19 1.65
CA TRP C 318 -45.42 -33.71 0.46
C TRP C 318 -45.03 -32.92 -0.78
N PHE C 319 -45.08 -31.59 -0.69
CA PHE C 319 -44.73 -30.76 -1.83
C PHE C 319 -43.34 -31.09 -2.35
N LEU C 320 -42.36 -31.20 -1.45
CA LEU C 320 -40.99 -31.49 -1.83
C LEU C 320 -40.76 -32.96 -2.13
N ARG C 321 -41.80 -33.79 -2.10
CA ARG C 321 -41.69 -35.22 -2.35
C ARG C 321 -40.52 -35.82 -1.56
N MET C 322 -40.66 -35.77 -0.24
CA MET C 322 -39.62 -36.23 0.68
C MET C 322 -40.02 -37.47 1.48
N LYS C 323 -41.23 -37.49 2.02
CA LYS C 323 -41.73 -38.68 2.72
C LYS C 323 -40.92 -38.96 3.97
N PRO C 479 -39.77 -69.54 42.56
CA PRO C 479 -39.43 -68.20 43.07
C PRO C 479 -38.26 -67.58 42.31
N ASP C 480 -37.23 -68.36 42.04
CA ASP C 480 -36.09 -67.85 41.28
C ASP C 480 -36.52 -67.48 39.86
N LEU C 481 -37.39 -68.29 39.25
CA LEU C 481 -37.83 -68.02 37.89
C LEU C 481 -38.65 -66.74 37.80
N ALA C 482 -39.27 -66.31 38.89
CA ALA C 482 -40.01 -65.05 38.90
C ALA C 482 -39.09 -63.86 39.04
N LYS C 483 -38.06 -63.97 39.87
CA LYS C 483 -37.06 -62.91 39.96
C LYS C 483 -36.35 -62.71 38.63
N ILE C 484 -36.03 -63.80 37.94
CA ILE C 484 -35.39 -63.67 36.63
C ILE C 484 -36.31 -62.97 35.65
N LEU C 485 -37.61 -63.27 35.72
CA LEU C 485 -38.57 -62.58 34.89
C LEU C 485 -38.57 -61.08 35.15
N GLU C 486 -38.53 -60.69 36.42
CA GLU C 486 -38.56 -59.26 36.75
C GLU C 486 -37.36 -58.53 36.17
N GLU C 487 -36.20 -59.17 36.19
CA GLU C 487 -34.99 -58.51 35.68
C GLU C 487 -34.97 -58.50 34.15
N VAL C 488 -35.40 -59.59 33.53
CA VAL C 488 -35.44 -59.66 32.08
C VAL C 488 -36.47 -58.67 31.54
N ARG C 489 -37.60 -58.53 32.23
CA ARG C 489 -38.61 -57.57 31.79
C ARG C 489 -38.15 -56.13 31.96
N TYR C 490 -37.32 -55.85 32.97
CA TYR C 490 -36.77 -54.51 33.09
C TYR C 490 -35.85 -54.20 31.93
N ILE C 491 -35.06 -55.19 31.49
CA ILE C 491 -34.11 -54.95 30.42
C ILE C 491 -34.83 -54.74 29.10
N ALA C 492 -35.96 -55.43 28.89
CA ALA C 492 -36.69 -55.29 27.65
C ALA C 492 -37.50 -54.00 27.59
N ASN C 493 -38.05 -53.57 28.74
CA ASN C 493 -38.78 -52.30 28.76
C ASN C 493 -37.85 -51.13 28.59
N ARG C 494 -36.63 -51.21 29.12
CA ARG C 494 -35.65 -50.16 28.92
C ARG C 494 -35.33 -50.00 27.44
N PHE C 495 -35.21 -51.12 26.70
CA PHE C 495 -35.00 -51.03 25.26
C PHE C 495 -36.20 -50.42 24.56
N ARG C 496 -37.42 -50.84 24.95
CA ARG C 496 -38.62 -50.27 24.34
C ARG C 496 -38.68 -48.76 24.55
N CYS C 497 -38.34 -48.29 25.74
CA CYS C 497 -38.36 -46.85 26.00
C CYS C 497 -37.34 -46.13 25.14
N GLN C 498 -36.15 -46.70 24.98
CA GLN C 498 -35.14 -46.11 24.10
C GLN C 498 -35.65 -46.04 22.66
N ASP C 499 -36.38 -47.06 22.22
CA ASP C 499 -36.91 -47.03 20.86
C ASP C 499 -37.89 -45.89 20.66
N GLU C 500 -38.76 -45.65 21.65
CA GLU C 500 -39.68 -44.53 21.55
C GLU C 500 -38.94 -43.19 21.48
N SER C 501 -37.91 -43.02 22.31
CA SER C 501 -37.17 -41.77 22.31
C SER C 501 -36.44 -41.53 20.99
N GLU C 502 -35.84 -42.58 20.43
CA GLU C 502 -35.15 -42.41 19.15
C GLU C 502 -36.12 -42.19 18.01
N ALA C 503 -37.36 -42.66 18.13
CA ALA C 503 -38.35 -42.38 17.10
C ALA C 503 -38.83 -40.94 17.17
N VAL C 504 -38.84 -40.35 18.37
CA VAL C 504 -39.11 -38.93 18.50
C VAL C 504 -37.94 -38.11 17.96
N CYS C 505 -36.70 -38.56 18.22
CA CYS C 505 -35.54 -37.87 17.68
C CYS C 505 -35.50 -37.95 16.16
N SER C 506 -35.95 -39.07 15.59
CA SER C 506 -35.93 -39.20 14.14
C SER C 506 -36.93 -38.24 13.51
N GLU C 507 -38.01 -37.94 14.23
CA GLU C 507 -39.01 -37.02 13.72
C GLU C 507 -38.51 -35.59 13.75
N TRP C 508 -37.72 -35.22 14.76
CA TRP C 508 -37.10 -33.91 14.79
C TRP C 508 -36.02 -33.77 13.74
N LYS C 509 -35.31 -34.87 13.44
CA LYS C 509 -34.27 -34.82 12.41
C LYS C 509 -34.89 -34.68 11.02
N PHE C 510 -36.04 -35.32 10.79
CA PHE C 510 -36.76 -35.14 9.53
C PHE C 510 -37.20 -33.70 9.35
N ALA C 511 -37.67 -33.05 10.43
CA ALA C 511 -38.05 -31.65 10.35
C ALA C 511 -36.86 -30.78 9.95
N ALA C 512 -35.68 -31.05 10.51
CA ALA C 512 -34.50 -30.30 10.13
C ALA C 512 -34.17 -30.49 8.66
N CYS C 513 -34.32 -31.72 8.15
CA CYS C 513 -34.08 -31.98 6.73
C CYS C 513 -35.08 -31.24 5.85
N VAL C 514 -36.36 -31.25 6.22
CA VAL C 514 -37.37 -30.56 5.41
C VAL C 514 -37.10 -29.06 5.39
N VAL C 515 -36.91 -28.46 6.56
CA VAL C 515 -36.58 -27.03 6.62
C VAL C 515 -35.31 -26.74 5.84
N ASP C 516 -34.33 -27.63 5.93
CA ASP C 516 -33.12 -27.52 5.11
C ASP C 516 -33.44 -27.56 3.61
N ARG C 517 -34.33 -28.46 3.19
CA ARG C 517 -34.71 -28.55 1.78
C ARG C 517 -35.57 -27.38 1.35
N LEU C 518 -36.48 -26.88 2.15
CA LEU C 518 -37.26 -25.72 1.81
C LEU C 518 -36.37 -24.49 1.73
N CYS C 519 -35.39 -24.40 2.60
CA CYS C 519 -34.55 -23.20 2.59
C CYS C 519 -33.62 -23.18 1.38
N LEU C 520 -33.12 -24.35 0.96
CA LEU C 520 -32.31 -24.40 -0.25
C LEU C 520 -33.03 -23.77 -1.44
N MET C 521 -34.24 -24.18 -1.68
CA MET C 521 -35.00 -23.67 -2.81
C MET C 521 -35.27 -22.18 -2.64
N ALA C 522 -35.73 -21.77 -1.45
CA ALA C 522 -36.05 -20.37 -1.23
C ALA C 522 -34.81 -19.48 -1.40
N PHE C 523 -33.67 -19.92 -0.87
CA PHE C 523 -32.46 -19.11 -0.96
C PHE C 523 -31.87 -19.12 -2.36
N SER C 524 -32.06 -20.20 -3.10
CA SER C 524 -31.66 -20.22 -4.50
C SER C 524 -32.46 -19.19 -5.30
N VAL C 525 -33.75 -19.05 -5.00
CA VAL C 525 -34.59 -18.10 -5.70
C VAL C 525 -34.22 -16.67 -5.32
N PHE C 526 -33.94 -16.42 -4.04
CA PHE C 526 -33.53 -15.07 -3.64
C PHE C 526 -32.24 -14.65 -4.31
N THR C 527 -31.28 -15.58 -4.42
CA THR C 527 -30.01 -15.26 -5.05
C THR C 527 -30.20 -14.87 -6.51
N ILE C 528 -30.93 -15.68 -7.27
CA ILE C 528 -31.15 -15.40 -8.68
C ILE C 528 -31.85 -14.07 -8.86
N ILE C 529 -32.94 -13.84 -8.12
CA ILE C 529 -33.72 -12.62 -8.30
C ILE C 529 -32.88 -11.40 -7.96
N CYS C 530 -32.23 -11.41 -6.79
CA CYS C 530 -31.42 -10.26 -6.39
C CYS C 530 -30.30 -10.02 -7.40
N THR C 531 -29.59 -11.08 -7.79
CA THR C 531 -28.47 -10.91 -8.72
C THR C 531 -28.94 -10.32 -10.04
N ILE C 532 -29.92 -10.97 -10.67
CA ILE C 532 -30.39 -10.51 -11.97
C ILE C 532 -31.04 -9.14 -11.85
N GLY C 533 -31.86 -8.95 -10.82
CA GLY C 533 -32.56 -7.68 -10.67
C GLY C 533 -31.64 -6.50 -10.48
N ILE C 534 -30.60 -6.66 -9.66
CA ILE C 534 -29.67 -5.56 -9.43
C ILE C 534 -28.84 -5.29 -10.67
N LEU C 535 -28.32 -6.34 -11.31
CA LEU C 535 -27.41 -6.14 -12.44
C LEU C 535 -28.13 -5.54 -13.64
N MET C 536 -29.37 -5.94 -13.90
CA MET C 536 -30.09 -5.47 -15.08
C MET C 536 -30.77 -4.13 -14.85
N SER C 537 -30.68 -3.56 -13.66
CA SER C 537 -31.18 -2.22 -13.43
C SER C 537 -30.26 -1.16 -14.04
N ALA C 538 -29.03 -1.54 -14.39
CA ALA C 538 -28.08 -0.61 -14.95
C ALA C 538 -28.41 -0.30 -16.40
N PRO C 539 -28.61 0.97 -16.77
CA PRO C 539 -28.97 1.27 -18.17
C PRO C 539 -27.98 0.74 -19.19
N ASN C 540 -26.70 0.57 -18.82
CA ASN C 540 -25.67 0.15 -19.75
C ASN C 540 -25.30 -1.32 -19.61
N PHE C 541 -26.10 -2.12 -18.90
CA PHE C 541 -25.73 -3.51 -18.68
C PHE C 541 -25.81 -4.32 -19.97
N VAL C 542 -26.90 -4.14 -20.74
CA VAL C 542 -27.07 -4.91 -21.97
C VAL C 542 -25.94 -4.60 -22.95
N GLU C 543 -25.64 -3.32 -23.14
CA GLU C 543 -24.54 -2.94 -24.02
C GLU C 543 -23.22 -3.52 -23.53
N ALA C 544 -22.99 -3.50 -22.22
CA ALA C 544 -21.73 -4.01 -21.67
C ALA C 544 -21.52 -5.47 -22.03
N VAL C 545 -22.54 -6.31 -21.81
CA VAL C 545 -22.38 -7.74 -22.09
C VAL C 545 -22.24 -7.97 -23.59
N SER C 546 -22.92 -7.17 -24.41
CA SER C 546 -22.79 -7.32 -25.85
C SER C 546 -21.38 -7.05 -26.33
N LYS C 547 -20.76 -5.98 -25.84
CA LYS C 547 -19.46 -5.56 -26.36
C LYS C 547 -18.28 -6.18 -25.63
N ASP C 548 -18.39 -6.47 -24.33
CA ASP C 548 -17.25 -6.87 -23.53
C ASP C 548 -17.19 -8.36 -23.25
N PHE C 549 -18.31 -9.07 -23.41
CA PHE C 549 -18.34 -10.52 -23.14
C PHE C 549 -18.88 -11.28 -24.35
N GLU D 1 -0.68 50.76 -31.89
CA GLU D 1 -0.12 52.14 -31.84
C GLU D 1 -0.11 52.68 -30.42
N PHE D 2 -1.29 52.82 -29.85
CA PHE D 2 -1.43 53.42 -28.52
C PHE D 2 -1.09 52.42 -27.42
N GLN D 3 -1.43 51.14 -27.61
CA GLN D 3 -1.02 50.13 -26.65
C GLN D 3 0.50 50.05 -26.57
N ARG D 4 1.17 50.18 -27.71
CA ARG D 4 2.63 50.08 -27.74
C ARG D 4 3.29 51.29 -27.10
N LYS D 5 2.66 52.45 -27.22
CA LYS D 5 3.20 53.68 -26.62
C LYS D 5 2.97 53.71 -25.12
N LEU D 6 1.81 53.23 -24.66
CA LEU D 6 1.52 53.23 -23.23
C LEU D 6 2.47 52.31 -22.46
N TYR D 7 2.74 51.11 -22.98
CA TYR D 7 3.65 50.20 -22.29
C TYR D 7 5.05 50.79 -22.19
N LYS D 8 5.51 51.43 -23.26
CA LYS D 8 6.83 52.04 -23.23
C LYS D 8 6.89 53.16 -22.21
N GLU D 9 5.84 53.99 -22.14
CA GLU D 9 5.83 55.10 -21.19
C GLU D 9 5.75 54.61 -19.75
N LEU D 10 4.94 53.58 -19.49
CA LEU D 10 4.66 53.20 -18.11
C LEU D 10 5.90 52.68 -17.40
N VAL D 11 6.81 52.02 -18.12
CA VAL D 11 7.96 51.39 -17.48
C VAL D 11 9.15 52.33 -17.33
N LYS D 12 9.10 53.52 -17.91
CA LYS D 12 10.16 54.51 -17.73
C LYS D 12 10.37 54.84 -16.26
N ASN D 13 11.46 54.34 -15.69
CA ASN D 13 11.88 54.55 -14.30
C ASN D 13 11.09 53.73 -13.30
N TYR D 14 10.17 52.87 -13.73
CA TYR D 14 9.44 52.03 -12.78
C TYR D 14 10.38 51.04 -12.08
N ASN D 15 10.33 51.03 -10.75
CA ASN D 15 11.17 50.14 -9.96
C ASN D 15 10.26 49.13 -9.26
N PRO D 16 10.26 47.86 -9.67
CA PRO D 16 9.43 46.86 -8.98
C PRO D 16 9.76 46.63 -7.51
N LEU D 17 10.90 47.14 -7.02
CA LEU D 17 11.19 47.05 -5.59
C LEU D 17 10.43 48.08 -4.74
N GLU D 18 9.81 49.07 -5.36
CA GLU D 18 9.21 50.19 -4.63
C GLU D 18 7.74 49.94 -4.36
N ARG D 19 7.36 50.01 -3.09
CA ARG D 19 5.95 50.01 -2.69
C ARG D 19 5.25 51.22 -3.33
N PRO D 20 4.28 51.01 -4.22
CA PRO D 20 3.77 52.12 -5.06
C PRO D 20 2.86 53.14 -4.38
N VAL D 21 3.31 53.80 -3.33
CA VAL D 21 2.52 54.82 -2.65
C VAL D 21 3.04 56.20 -3.04
N ALA D 22 2.13 57.16 -3.18
CA ALA D 22 2.53 58.53 -3.43
C ALA D 22 3.29 59.11 -2.24
N ASN D 23 2.80 58.83 -1.03
CA ASN D 23 3.39 59.33 0.21
C ASN D 23 4.05 58.16 0.92
N ASP D 24 5.38 58.20 1.05
CA ASP D 24 6.12 57.07 1.58
C ASP D 24 5.82 56.81 3.06
N SER D 25 5.27 57.78 3.79
CA SER D 25 4.97 57.56 5.20
C SER D 25 3.67 56.80 5.42
N GLN D 26 2.79 56.77 4.43
CA GLN D 26 1.48 56.15 4.59
C GLN D 26 1.54 54.68 4.19
N PRO D 27 0.91 53.77 4.93
CA PRO D 27 0.82 52.39 4.47
C PRO D 27 -0.06 52.26 3.23
N LEU D 28 0.20 51.21 2.45
CA LEU D 28 -0.59 50.89 1.26
C LEU D 28 -1.72 49.96 1.67
N THR D 29 -2.93 50.25 1.20
CA THR D 29 -4.08 49.39 1.47
C THR D 29 -4.14 48.28 0.44
N VAL D 30 -4.21 47.04 0.91
CA VAL D 30 -4.37 45.87 0.07
C VAL D 30 -5.63 45.15 0.54
N TYR D 31 -6.53 44.88 -0.40
CA TYR D 31 -7.73 44.10 -0.12
C TYR D 31 -7.48 42.66 -0.51
N PHE D 32 -7.72 41.76 0.43
CA PHE D 32 -7.45 40.34 0.21
C PHE D 32 -8.74 39.55 0.39
N SER D 33 -8.94 38.57 -0.48
CA SER D 33 -10.07 37.66 -0.41
C SER D 33 -9.68 36.39 -1.14
N LEU D 34 -10.63 35.47 -1.24
CA LEU D 34 -10.41 34.27 -2.03
C LEU D 34 -11.75 33.78 -2.57
N SER D 35 -11.65 32.96 -3.60
CA SER D 35 -12.78 32.19 -4.11
C SER D 35 -12.46 30.73 -3.91
N LEU D 36 -13.36 30.01 -3.26
CA LEU D 36 -13.18 28.59 -3.02
C LEU D 36 -13.86 27.84 -4.16
N LEU D 37 -13.05 27.17 -4.98
CA LEU D 37 -13.62 26.40 -6.08
C LEU D 37 -13.97 24.98 -5.66
N GLN D 38 -13.10 24.31 -4.90
CA GLN D 38 -13.31 22.92 -4.62
C GLN D 38 -12.46 22.49 -3.43
N ILE D 39 -13.03 21.65 -2.57
CA ILE D 39 -12.30 20.95 -1.53
C ILE D 39 -11.83 19.64 -2.16
N MET D 40 -10.54 19.57 -2.47
CA MET D 40 -10.02 18.42 -3.21
C MET D 40 -9.83 17.20 -2.31
N ASP D 41 -9.21 17.39 -1.14
CA ASP D 41 -8.91 16.24 -0.30
C ASP D 41 -8.77 16.68 1.14
N VAL D 42 -9.23 15.83 2.04
CA VAL D 42 -8.99 15.98 3.47
C VAL D 42 -8.21 14.75 3.89
N ASP D 43 -6.94 14.94 4.25
CA ASP D 43 -6.06 13.87 4.70
C ASP D 43 -6.09 13.90 6.22
N GLU D 44 -6.94 13.06 6.82
CA GLU D 44 -7.03 13.00 8.27
C GLU D 44 -5.74 12.46 8.89
N LYS D 45 -5.12 11.47 8.26
CA LYS D 45 -3.92 10.88 8.85
C LYS D 45 -2.76 11.85 8.85
N ASN D 46 -2.57 12.60 7.76
CA ASN D 46 -1.49 13.58 7.71
C ASN D 46 -1.91 14.96 8.19
N GLN D 47 -3.20 15.16 8.48
CA GLN D 47 -3.70 16.43 9.01
C GLN D 47 -3.47 17.56 8.01
N VAL D 48 -3.91 17.35 6.76
CA VAL D 48 -3.68 18.29 5.67
C VAL D 48 -4.97 18.48 4.90
N LEU D 49 -5.24 19.73 4.52
CA LEU D 49 -6.38 20.09 3.69
C LEU D 49 -5.85 20.57 2.34
N THR D 50 -6.33 19.95 1.27
CA THR D 50 -6.04 20.39 -0.10
C THR D 50 -7.25 21.09 -0.68
N THR D 51 -7.05 22.31 -1.20
CA THR D 51 -8.13 23.09 -1.78
C THR D 51 -7.68 23.68 -3.11
N ASN D 52 -8.66 23.91 -3.99
CA ASN D 52 -8.48 24.67 -5.22
C ASN D 52 -9.06 26.06 -4.98
N ILE D 53 -8.20 27.08 -4.95
CA ILE D 53 -8.58 28.43 -4.54
C ILE D 53 -8.03 29.45 -5.53
N TRP D 54 -8.79 30.54 -5.71
CA TRP D 54 -8.33 31.73 -6.43
C TRP D 54 -8.14 32.85 -5.41
N LEU D 55 -6.91 33.20 -5.12
CA LEU D 55 -6.66 34.39 -4.31
C LEU D 55 -7.07 35.63 -5.06
N GLN D 56 -7.52 36.65 -4.34
CA GLN D 56 -7.91 37.92 -4.93
CA GLN D 56 -7.93 37.92 -4.93
C GLN D 56 -7.24 39.04 -4.14
N MET D 57 -6.33 39.76 -4.81
CA MET D 57 -5.61 40.87 -4.22
C MET D 57 -5.79 42.11 -5.07
N SER D 58 -6.23 43.20 -4.47
CA SER D 58 -6.41 44.45 -5.18
C SER D 58 -5.77 45.59 -4.41
N TRP D 59 -5.12 46.49 -5.14
CA TRP D 59 -4.50 47.67 -4.55
C TRP D 59 -4.44 48.77 -5.61
N THR D 60 -3.80 49.88 -5.27
CA THR D 60 -3.60 50.98 -6.20
C THR D 60 -2.11 51.22 -6.39
N ASP D 61 -1.68 51.22 -7.64
CA ASP D 61 -0.32 51.58 -8.00
C ASP D 61 -0.34 53.04 -8.44
N HIS D 62 0.34 53.89 -7.67
CA HIS D 62 0.31 55.32 -7.95
C HIS D 62 0.93 55.64 -9.31
N TYR D 63 1.85 54.82 -9.78
CA TYR D 63 2.59 55.13 -11.00
C TYR D 63 1.95 54.58 -12.27
N LEU D 64 1.08 53.59 -12.17
CA LEU D 64 0.51 52.93 -13.35
C LEU D 64 -0.83 53.55 -13.73
N GLN D 65 -0.80 54.86 -14.00
CA GLN D 65 -1.99 55.63 -14.32
C GLN D 65 -1.78 56.34 -15.64
N TRP D 66 -2.86 56.52 -16.40
CA TRP D 66 -2.77 57.23 -17.67
C TRP D 66 -4.13 57.83 -18.03
N ASN D 67 -4.08 58.81 -18.93
CA ASN D 67 -5.27 59.47 -19.47
C ASN D 67 -5.75 58.68 -20.67
N VAL D 68 -6.93 58.07 -20.57
CA VAL D 68 -7.43 57.23 -21.65
C VAL D 68 -7.73 58.04 -22.90
N SER D 69 -7.94 59.35 -22.78
CA SER D 69 -8.19 60.16 -23.97
C SER D 69 -6.94 60.25 -24.84
N GLU D 70 -5.75 60.17 -24.23
CA GLU D 70 -4.51 60.20 -24.97
C GLU D 70 -4.11 58.83 -25.51
N TYR D 71 -4.74 57.76 -25.01
CA TYR D 71 -4.51 56.40 -25.51
C TYR D 71 -5.86 55.77 -25.83
N PRO D 72 -6.54 56.25 -26.87
CA PRO D 72 -7.91 55.78 -27.15
C PRO D 72 -7.95 54.27 -27.35
N GLY D 73 -8.90 53.63 -26.68
CA GLY D 73 -9.08 52.20 -26.77
C GLY D 73 -8.25 51.38 -25.81
N VAL D 74 -7.39 52.00 -25.01
CA VAL D 74 -6.54 51.28 -24.08
C VAL D 74 -7.04 51.53 -22.66
N LYS D 75 -7.90 50.65 -22.17
CA LYS D 75 -8.48 50.80 -20.84
C LYS D 75 -7.73 50.01 -19.78
N THR D 76 -7.02 48.96 -20.17
CA THR D 76 -6.30 48.11 -19.23
C THR D 76 -4.98 47.68 -19.84
N VAL D 77 -4.01 47.43 -18.96
CA VAL D 77 -2.74 46.83 -19.32
C VAL D 77 -2.50 45.65 -18.38
N ARG D 78 -1.54 44.80 -18.76
CA ARG D 78 -1.26 43.59 -18.01
C ARG D 78 0.24 43.44 -17.82
N PHE D 79 0.64 42.98 -16.64
CA PHE D 79 2.05 42.79 -16.34
C PHE D 79 2.29 41.43 -15.70
N PRO D 80 3.34 40.71 -16.14
CA PRO D 80 3.66 39.41 -15.54
C PRO D 80 4.50 39.52 -14.28
N ASP D 81 4.92 38.37 -13.74
CA ASP D 81 5.65 38.33 -12.49
C ASP D 81 7.00 39.01 -12.62
N GLY D 82 7.32 39.88 -11.66
CA GLY D 82 8.61 40.53 -11.59
C GLY D 82 8.73 41.85 -12.32
N GLN D 83 7.72 42.25 -13.09
CA GLN D 83 7.77 43.51 -13.83
C GLN D 83 6.99 44.62 -13.16
N ILE D 84 6.07 44.26 -12.28
CA ILE D 84 5.27 45.21 -11.51
C ILE D 84 5.43 44.85 -10.04
N TRP D 85 5.36 45.84 -9.17
CA TRP D 85 5.38 45.56 -7.75
C TRP D 85 4.14 44.74 -7.39
N LYS D 86 4.32 43.76 -6.53
CA LYS D 86 3.23 42.94 -6.05
C LYS D 86 3.30 42.76 -4.54
N PRO D 87 2.16 42.52 -3.88
CA PRO D 87 2.20 42.11 -2.47
C PRO D 87 2.71 40.68 -2.33
N ASP D 88 3.53 40.45 -1.31
CA ASP D 88 4.12 39.14 -1.05
C ASP D 88 3.30 38.35 -0.03
N ILE D 89 2.02 38.13 -0.35
CA ILE D 89 1.13 37.44 0.57
C ILE D 89 1.31 35.94 0.42
N LEU D 90 1.48 35.25 1.55
CA LEU D 90 1.69 33.81 1.58
C LEU D 90 0.71 33.15 2.53
N LEU D 91 0.50 31.85 2.35
CA LEU D 91 -0.21 31.03 3.31
C LEU D 91 0.73 30.60 4.42
N TYR D 92 0.47 31.05 5.64
CA TYR D 92 1.39 30.78 6.75
C TYR D 92 1.45 29.31 7.09
N ASN D 93 0.30 28.64 7.13
CA ASN D 93 0.24 27.22 7.53
C ASN D 93 0.22 26.31 6.32
N SER D 94 1.01 26.67 5.31
CA SER D 94 1.22 25.80 4.17
C SER D 94 1.90 24.50 4.58
N ALA D 95 1.40 23.39 4.03
CA ALA D 95 2.02 22.08 4.18
C ALA D 95 2.69 21.60 2.89
N ASP D 96 2.79 22.45 1.88
CA ASP D 96 3.36 22.05 0.60
C ASP D 96 4.87 22.02 0.69
N GLU D 97 5.48 21.01 0.07
CA GLU D 97 6.93 20.86 0.13
C GLU D 97 7.65 22.08 -0.46
N ARG D 98 7.01 22.78 -1.39
CA ARG D 98 7.55 24.03 -1.93
C ARG D 98 7.13 25.24 -1.11
N PHE D 99 6.30 25.06 -0.09
CA PHE D 99 5.74 26.13 0.71
C PHE D 99 4.75 26.99 -0.07
N ASP D 100 5.22 27.76 -1.06
CA ASP D 100 4.35 28.60 -1.85
C ASP D 100 3.84 27.83 -3.07
N ALA D 101 2.51 27.68 -3.17
CA ALA D 101 1.88 26.88 -4.21
C ALA D 101 1.13 27.74 -5.24
N THR D 102 1.23 29.06 -5.15
CA THR D 102 0.53 29.95 -6.06
C THR D 102 1.13 29.91 -7.48
N PHE D 103 0.26 29.75 -8.48
CA PHE D 103 0.66 29.87 -9.89
C PHE D 103 0.55 31.34 -10.30
N HIS D 104 1.68 31.95 -10.61
CA HIS D 104 1.77 33.40 -10.83
C HIS D 104 1.17 33.79 -12.18
N THR D 105 0.09 34.56 -12.15
CA THR D 105 -0.59 35.06 -13.34
C THR D 105 -0.36 36.56 -13.47
N ASN D 106 -1.00 37.16 -14.47
CA ASN D 106 -0.81 38.58 -14.75
C ASN D 106 -1.51 39.45 -13.71
N VAL D 107 -0.99 40.66 -13.56
CA VAL D 107 -1.67 41.72 -12.81
C VAL D 107 -2.38 42.62 -13.81
N LEU D 108 -3.66 42.87 -13.58
CA LEU D 108 -4.48 43.69 -14.45
C LEU D 108 -4.60 45.09 -13.85
N VAL D 109 -4.22 46.10 -14.61
CA VAL D 109 -4.20 47.49 -14.15
C VAL D 109 -5.05 48.32 -15.10
N ASN D 110 -5.90 49.17 -14.53
CA ASN D 110 -6.77 50.06 -15.30
C ASN D 110 -6.27 51.49 -15.17
N SER D 111 -6.90 52.41 -15.89
CA SER D 111 -6.29 53.70 -16.16
C SER D 111 -6.10 54.55 -14.90
N SER D 112 -6.92 54.34 -13.88
CA SER D 112 -6.75 55.06 -12.63
C SER D 112 -5.72 54.41 -11.71
N GLY D 113 -5.08 53.32 -12.15
CA GLY D 113 -4.04 52.69 -11.37
C GLY D 113 -4.50 51.61 -10.43
N HIS D 114 -5.76 51.20 -10.51
CA HIS D 114 -6.24 50.09 -9.68
CA HIS D 114 -6.24 50.09 -9.68
C HIS D 114 -5.74 48.78 -10.24
N CYS D 115 -5.13 47.97 -9.39
CA CYS D 115 -4.52 46.71 -9.77
C CYS D 115 -5.32 45.54 -9.23
N GLN D 116 -5.63 44.59 -10.09
CA GLN D 116 -6.22 43.32 -9.72
C GLN D 116 -5.22 42.20 -9.95
N TYR D 117 -5.20 41.23 -9.04
CA TYR D 117 -4.29 40.11 -9.17
C TYR D 117 -4.98 38.89 -8.57
N LEU D 118 -5.25 37.89 -9.39
CA LEU D 118 -6.11 36.77 -9.00
C LEU D 118 -5.41 35.44 -9.30
N PRO D 119 -4.31 35.17 -8.63
CA PRO D 119 -3.54 33.96 -8.92
C PRO D 119 -4.23 32.71 -8.40
N PRO D 120 -4.33 31.65 -9.19
CA PRO D 120 -4.91 30.40 -8.71
C PRO D 120 -3.85 29.49 -8.10
N GLY D 121 -4.33 28.45 -7.43
CA GLY D 121 -3.42 27.44 -6.91
C GLY D 121 -4.17 26.28 -6.29
N ILE D 122 -3.43 25.18 -6.17
CA ILE D 122 -3.83 24.05 -5.34
C ILE D 122 -3.08 24.21 -4.03
N PHE D 123 -3.78 24.57 -2.96
CA PHE D 123 -3.16 24.86 -1.67
C PHE D 123 -3.28 23.68 -0.73
N LYS D 124 -2.16 23.32 -0.10
CA LYS D 124 -2.11 22.33 0.96
C LYS D 124 -1.81 23.06 2.26
N SER D 125 -2.70 22.93 3.23
CA SER D 125 -2.62 23.67 4.48
C SER D 125 -2.69 22.71 5.65
N SER D 126 -1.88 23.00 6.68
CA SER D 126 -1.92 22.21 7.90
C SER D 126 -3.20 22.51 8.66
N CYS D 127 -3.94 21.46 9.01
CA CYS D 127 -5.21 21.62 9.70
C CYS D 127 -5.32 20.59 10.81
N TYR D 128 -5.63 21.04 12.02
CA TYR D 128 -5.99 20.12 13.09
C TYR D 128 -7.32 19.46 12.74
N ILE D 129 -7.30 18.15 12.53
CA ILE D 129 -8.50 17.37 12.20
C ILE D 129 -8.92 16.64 13.46
N ASP D 130 -10.02 17.07 14.07
CA ASP D 130 -10.52 16.47 15.30
C ASP D 130 -11.35 15.24 14.96
N VAL D 131 -10.88 14.06 15.36
CA VAL D 131 -11.57 12.82 15.06
C VAL D 131 -12.35 12.30 16.27
N ARG D 132 -12.64 13.17 17.24
CA ARG D 132 -13.38 12.75 18.42
C ARG D 132 -14.72 12.14 18.06
N TRP D 133 -15.43 12.72 17.09
CA TRP D 133 -16.78 12.30 16.73
C TRP D 133 -16.82 11.61 15.37
N PHE D 134 -15.68 11.19 14.85
CA PHE D 134 -15.65 10.55 13.54
C PHE D 134 -16.53 9.31 13.56
N PRO D 135 -17.30 9.04 12.51
CA PRO D 135 -17.44 9.79 11.25
C PRO D 135 -18.50 10.87 11.27
N PHE D 136 -19.08 11.22 12.41
CA PHE D 136 -20.02 12.34 12.51
C PHE D 136 -19.33 13.64 12.91
N ASP D 137 -18.25 14.00 12.21
CA ASP D 137 -17.40 15.11 12.63
C ASP D 137 -17.63 16.36 11.78
N VAL D 138 -17.42 17.51 12.40
CA VAL D 138 -17.38 18.80 11.71
C VAL D 138 -15.98 19.36 11.91
N GLN D 139 -15.30 19.66 10.81
CA GLN D 139 -13.94 20.16 10.87
C GLN D 139 -13.93 21.66 10.61
N HIS D 140 -13.00 22.36 11.28
CA HIS D 140 -12.76 23.78 11.09
C HIS D 140 -11.29 23.96 10.72
N CYS D 141 -11.03 24.13 9.43
CA CYS D 141 -9.67 24.28 8.94
C CYS D 141 -9.40 25.74 8.65
N LYS D 142 -8.23 26.21 9.03
CA LYS D 142 -7.87 27.62 8.93
C LYS D 142 -6.87 27.82 7.81
N LEU D 143 -7.13 28.83 6.98
CA LEU D 143 -6.20 29.32 5.97
C LEU D 143 -5.76 30.70 6.40
N LYS D 144 -4.51 30.84 6.80
CA LYS D 144 -3.98 32.10 7.32
C LYS D 144 -3.06 32.73 6.28
N PHE D 145 -3.42 33.93 5.83
CA PHE D 145 -2.70 34.64 4.79
C PHE D 145 -2.16 35.95 5.34
N GLY D 146 -0.96 36.32 4.93
CA GLY D 146 -0.41 37.60 5.33
C GLY D 146 0.82 37.93 4.51
N SER D 147 1.12 39.23 4.46
CA SER D 147 2.35 39.69 3.85
C SER D 147 3.53 39.22 4.68
N TRP D 148 4.52 38.63 4.03
CA TRP D 148 5.62 38.04 4.78
C TRP D 148 6.55 39.12 5.35
N SER D 149 6.90 40.12 4.53
CA SER D 149 7.93 41.08 4.87
C SER D 149 7.43 42.50 5.07
N TYR D 150 6.13 42.77 4.88
CA TYR D 150 5.56 44.10 5.07
C TYR D 150 4.66 44.07 6.30
N GLY D 151 5.07 44.78 7.35
CA GLY D 151 4.22 44.93 8.52
C GLY D 151 3.15 45.98 8.29
N GLY D 152 2.28 46.10 9.30
CA GLY D 152 1.16 47.02 9.26
C GLY D 152 1.49 48.49 9.08
N TRP D 153 2.73 48.92 9.35
CA TRP D 153 3.11 50.28 9.00
C TRP D 153 3.32 50.50 7.51
N SER D 154 3.58 49.45 6.74
CA SER D 154 3.77 49.59 5.30
C SER D 154 2.60 49.07 4.48
N LEU D 155 1.96 47.99 4.91
CA LEU D 155 0.91 47.36 4.13
C LEU D 155 -0.32 47.18 5.02
N ASP D 156 -1.39 47.89 4.69
CA ASP D 156 -2.64 47.84 5.45
C ASP D 156 -3.52 46.77 4.81
N LEU D 157 -3.42 45.55 5.32
CA LEU D 157 -4.16 44.43 4.77
C LEU D 157 -5.59 44.45 5.28
N GLN D 158 -6.54 44.48 4.35
CA GLN D 158 -7.96 44.49 4.66
C GLN D 158 -8.59 43.23 4.07
N MET D 159 -9.71 42.84 4.65
CA MET D 159 -10.41 41.63 4.27
C MET D 159 -11.72 41.93 3.55
N GLN D 160 -12.10 41.01 2.68
CA GLN D 160 -13.35 41.02 1.95
C GLN D 160 -13.93 39.62 2.05
N GLU D 161 -15.26 39.51 2.06
CA GLU D 161 -15.90 38.22 2.24
C GLU D 161 -15.52 37.26 1.13
N ALA D 162 -15.24 36.01 1.51
CA ALA D 162 -14.86 35.00 0.54
C ALA D 162 -15.98 34.74 -0.45
N ASP D 163 -15.61 34.41 -1.67
CA ASP D 163 -16.55 34.03 -2.71
C ASP D 163 -16.71 32.51 -2.77
N ILE D 164 -17.95 32.06 -2.84
CA ILE D 164 -18.25 30.64 -2.95
C ILE D 164 -19.22 30.39 -4.09
N SER D 165 -19.42 31.39 -4.95
CA SER D 165 -20.42 31.28 -6.00
C SER D 165 -20.05 30.21 -7.03
N GLY D 166 -18.77 29.96 -7.24
CA GLY D 166 -18.34 28.93 -8.17
C GLY D 166 -17.94 27.63 -7.52
N TYR D 167 -18.30 27.44 -6.26
CA TYR D 167 -17.89 26.26 -5.51
C TYR D 167 -18.57 25.00 -6.06
N ILE D 168 -17.78 23.95 -6.25
CA ILE D 168 -18.28 22.66 -6.73
C ILE D 168 -18.33 21.72 -5.53
N PRO D 169 -19.51 21.19 -5.18
CA PRO D 169 -19.61 20.38 -3.95
C PRO D 169 -18.76 19.11 -4.01
N ASN D 170 -18.17 18.79 -2.87
CA ASN D 170 -17.50 17.51 -2.67
C ASN D 170 -18.52 16.47 -2.22
N GLY D 171 -18.44 15.28 -2.80
CA GLY D 171 -19.35 14.22 -2.41
C GLY D 171 -19.23 13.80 -0.96
N GLU D 172 -18.10 14.08 -0.32
CA GLU D 172 -17.86 13.63 1.05
C GLU D 172 -18.03 14.71 2.10
N TRP D 173 -17.92 15.99 1.73
CA TRP D 173 -17.91 17.08 2.68
C TRP D 173 -18.93 18.13 2.27
N ASP D 174 -19.84 18.46 3.18
CA ASP D 174 -20.79 19.53 2.99
C ASP D 174 -20.17 20.82 3.50
N LEU D 175 -20.10 21.83 2.64
CA LEU D 175 -19.54 23.12 3.05
C LEU D 175 -20.55 23.85 3.91
N VAL D 176 -20.16 24.18 5.14
CA VAL D 176 -21.00 25.00 6.01
C VAL D 176 -20.76 26.49 5.78
N GLY D 177 -19.50 26.91 5.73
CA GLY D 177 -19.19 28.30 5.47
C GLY D 177 -17.68 28.52 5.50
N ILE D 178 -17.29 29.71 5.05
CA ILE D 178 -15.89 30.12 5.06
C ILE D 178 -15.78 31.55 5.57
N PRO D 179 -16.13 31.83 6.82
CA PRO D 179 -15.96 33.19 7.35
C PRO D 179 -14.49 33.57 7.51
N GLY D 180 -14.24 34.87 7.39
CA GLY D 180 -12.91 35.41 7.54
C GLY D 180 -12.76 36.36 8.72
N LYS D 181 -11.54 36.51 9.21
CA LYS D 181 -11.25 37.41 10.33
C LYS D 181 -9.90 38.06 10.10
N ARG D 182 -9.85 39.38 10.25
CA ARG D 182 -8.63 40.15 10.06
C ARG D 182 -8.06 40.50 11.43
N SER D 183 -6.84 40.04 11.69
CA SER D 183 -6.18 40.22 12.98
C SER D 183 -4.87 40.95 12.79
N GLU D 184 -4.25 41.33 13.91
CA GLU D 184 -2.99 42.07 13.92
C GLU D 184 -2.14 41.55 15.07
N ARG D 185 -1.13 40.75 14.75
CA ARG D 185 -0.34 40.04 15.76
C ARG D 185 1.08 40.58 15.82
N PHE D 186 1.66 40.49 17.01
CA PHE D 186 3.07 40.79 17.25
C PHE D 186 3.87 39.51 17.26
N TYR D 187 5.06 39.57 16.68
CA TYR D 187 6.00 38.45 16.64
C TYR D 187 7.32 38.86 17.28
N GLU D 188 7.94 37.92 17.96
CA GLU D 188 9.21 38.20 18.62
C GLU D 188 10.30 38.63 17.64
N CYS D 189 10.16 38.29 16.36
CA CYS D 189 11.12 38.75 15.37
C CYS D 189 11.20 40.27 15.33
N CYS D 190 10.06 40.93 15.50
CA CYS D 190 9.90 42.28 14.97
C CYS D 190 9.03 43.09 15.90
N LYS D 191 9.36 44.38 16.03
CA LYS D 191 8.59 45.27 16.89
C LYS D 191 7.30 45.74 16.24
N GLU D 192 7.18 45.59 14.93
CA GLU D 192 6.03 46.02 14.14
C GLU D 192 4.96 44.92 14.14
N PRO D 193 3.68 45.26 14.26
CA PRO D 193 2.64 44.24 14.10
C PRO D 193 2.48 43.83 12.65
N TYR D 194 2.01 42.60 12.45
CA TYR D 194 1.83 42.03 11.12
C TYR D 194 0.39 41.57 11.00
N PRO D 195 -0.45 42.24 10.21
CA PRO D 195 -1.83 41.78 10.05
C PRO D 195 -1.92 40.52 9.22
N ASP D 196 -2.94 39.72 9.52
CA ASP D 196 -3.24 38.52 8.76
C ASP D 196 -4.75 38.46 8.51
N VAL D 197 -5.13 37.64 7.54
CA VAL D 197 -6.52 37.37 7.23
C VAL D 197 -6.68 35.86 7.28
N THR D 198 -7.51 35.37 8.19
CA THR D 198 -7.72 33.95 8.39
C THR D 198 -9.12 33.56 7.93
N PHE D 199 -9.19 32.65 6.98
CA PHE D 199 -10.43 32.06 6.53
C PHE D 199 -10.56 30.68 7.15
N THR D 200 -11.67 30.44 7.85
CA THR D 200 -11.95 29.15 8.46
C THR D 200 -13.00 28.42 7.63
N VAL D 201 -12.63 27.30 7.05
CA VAL D 201 -13.54 26.47 6.28
C VAL D 201 -14.25 25.54 7.26
N THR D 202 -15.54 25.78 7.50
CA THR D 202 -16.35 24.87 8.31
C THR D 202 -17.03 23.89 7.38
N MET D 203 -16.59 22.63 7.44
CA MET D 203 -17.11 21.54 6.62
C MET D 203 -17.65 20.37 7.43
N ARG D 204 -18.67 19.74 6.95
CA ARG D 204 -19.34 18.62 7.63
C ARG D 204 -19.20 17.34 6.82
N ARG D 205 -18.77 16.26 7.46
CA ARG D 205 -18.60 14.99 6.77
C ARG D 205 -19.95 14.34 6.47
N ARG D 206 -20.15 13.96 5.22
CA ARG D 206 -21.33 13.18 4.83
C ARG D 206 -21.07 11.72 5.19
N THR D 207 -22.03 11.07 5.83
CA THR D 207 -21.76 9.82 6.54
C THR D 207 -22.31 8.57 5.87
N LEU D 208 -22.89 8.67 4.67
CA LEU D 208 -23.44 7.48 4.03
C LEU D 208 -22.35 6.44 3.77
N TYR D 209 -21.23 6.87 3.20
CA TYR D 209 -20.18 5.91 2.86
C TYR D 209 -19.62 5.20 4.09
N TYR D 210 -19.43 5.93 5.18
CA TYR D 210 -18.88 5.31 6.38
C TYR D 210 -19.93 4.47 7.11
N GLY D 211 -21.19 4.90 7.09
CA GLY D 211 -22.24 4.03 7.57
C GLY D 211 -22.26 2.70 6.85
N LEU D 212 -22.00 2.72 5.54
CA LEU D 212 -22.05 1.50 4.74
C LEU D 212 -20.82 0.64 4.95
N ASN D 213 -19.64 1.24 5.09
CA ASN D 213 -18.41 0.49 5.14
C ASN D 213 -17.88 0.26 6.55
N LEU D 214 -18.35 1.00 7.54
CA LEU D 214 -17.84 0.88 8.89
C LEU D 214 -18.92 0.52 9.89
N LEU D 215 -20.01 1.30 9.96
CA LEU D 215 -21.00 1.11 11.02
C LEU D 215 -21.86 -0.12 10.74
N ILE D 216 -22.61 -0.10 9.65
CA ILE D 216 -23.53 -1.20 9.35
C ILE D 216 -22.82 -2.56 9.44
N PRO D 217 -21.72 -2.79 8.73
CA PRO D 217 -21.10 -4.13 8.80
C PRO D 217 -20.75 -4.55 10.22
N CYS D 218 -20.30 -3.62 11.06
CA CYS D 218 -20.03 -3.96 12.45
C CYS D 218 -21.30 -4.40 13.19
N VAL D 219 -22.42 -3.70 12.95
CA VAL D 219 -23.67 -4.07 13.60
C VAL D 219 -24.06 -5.50 13.25
N LEU D 220 -24.05 -5.82 11.95
CA LEU D 220 -24.50 -7.14 11.51
C LEU D 220 -23.56 -8.25 12.00
N ILE D 221 -22.26 -8.02 11.98
CA ILE D 221 -21.33 -9.04 12.42
C ILE D 221 -21.43 -9.27 13.92
N SER D 222 -21.66 -8.20 14.68
CA SER D 222 -21.93 -8.37 16.11
C SER D 222 -23.20 -9.18 16.31
N ALA D 223 -24.22 -8.92 15.48
CA ALA D 223 -25.45 -9.70 15.55
C ALA D 223 -25.19 -11.18 15.34
N LEU D 224 -24.28 -11.53 14.43
CA LEU D 224 -24.01 -12.95 14.18
C LEU D 224 -23.29 -13.60 15.34
N ALA D 225 -22.54 -12.80 16.13
CA ALA D 225 -21.90 -13.36 17.31
C ALA D 225 -22.94 -13.85 18.30
N LEU D 226 -24.08 -13.15 18.39
CA LEU D 226 -25.15 -13.56 19.29
C LEU D 226 -25.76 -14.90 18.91
N LEU D 227 -25.47 -15.41 17.71
CA LEU D 227 -26.04 -16.69 17.29
C LEU D 227 -25.41 -17.85 18.03
N VAL D 228 -24.20 -17.66 18.58
CA VAL D 228 -23.55 -18.72 19.34
C VAL D 228 -24.47 -19.21 20.45
N PHE D 229 -25.18 -18.28 21.10
CA PHE D 229 -26.05 -18.63 22.20
C PHE D 229 -27.30 -19.41 21.76
N LEU D 230 -27.47 -19.63 20.45
CA LEU D 230 -28.55 -20.46 19.94
C LEU D 230 -28.07 -21.81 19.43
N LEU D 231 -26.83 -21.96 19.04
CA LEU D 231 -26.29 -23.16 18.53
C LEU D 231 -26.29 -24.22 19.61
N PRO D 232 -26.93 -25.39 19.41
CA PRO D 232 -26.85 -26.48 20.38
C PRO D 232 -25.39 -26.84 20.66
N ALA D 233 -25.10 -27.18 21.92
CA ALA D 233 -23.73 -27.52 22.28
C ALA D 233 -23.24 -28.76 21.55
N ASP D 234 -24.13 -29.70 21.25
CA ASP D 234 -23.72 -30.97 20.63
C ASP D 234 -23.34 -30.81 19.16
N SER D 235 -23.53 -29.63 18.57
CA SER D 235 -23.05 -29.41 17.22
C SER D 235 -21.53 -29.39 17.15
N GLY D 236 -20.86 -29.11 18.27
CA GLY D 236 -19.42 -29.03 18.28
C GLY D 236 -18.84 -27.92 17.44
N GLU D 237 -19.58 -26.83 17.26
CA GLU D 237 -19.15 -25.71 16.43
C GLU D 237 -19.32 -24.37 17.13
N LYS D 238 -19.60 -24.36 18.44
CA LYS D 238 -19.82 -23.11 19.15
C LYS D 238 -18.56 -22.24 19.12
N ILE D 239 -17.40 -22.82 19.45
CA ILE D 239 -16.18 -22.04 19.52
C ILE D 239 -15.78 -21.54 18.13
N SER D 240 -15.88 -22.40 17.12
CA SER D 240 -15.51 -21.98 15.77
C SER D 240 -16.23 -20.69 15.38
N LEU D 241 -17.55 -20.66 15.56
CA LEU D 241 -18.31 -19.48 15.17
C LEU D 241 -17.85 -18.25 15.94
N GLY D 242 -17.77 -18.36 17.27
CA GLY D 242 -17.44 -17.18 18.07
C GLY D 242 -16.06 -16.63 17.78
N ILE D 243 -15.04 -17.48 17.82
CA ILE D 243 -13.68 -17.00 17.62
C ILE D 243 -13.49 -16.50 16.19
N THR D 244 -14.19 -17.13 15.23
CA THR D 244 -14.09 -16.69 13.85
C THR D 244 -14.69 -15.31 13.67
N VAL D 245 -15.81 -15.03 14.33
CA VAL D 245 -16.42 -13.72 14.24
C VAL D 245 -15.52 -12.67 14.89
N LEU D 246 -14.87 -13.04 16.00
CA LEU D 246 -13.98 -12.10 16.67
C LEU D 246 -12.77 -11.78 15.81
N LEU D 247 -12.21 -12.80 15.15
CA LEU D 247 -11.02 -12.61 14.33
C LEU D 247 -11.32 -11.83 13.06
N SER D 248 -12.57 -11.83 12.62
CA SER D 248 -12.96 -11.01 11.48
C SER D 248 -13.17 -9.56 11.89
N LEU D 249 -13.51 -9.30 13.15
CA LEU D 249 -13.80 -7.94 13.58
C LEU D 249 -12.53 -7.12 13.75
N THR D 250 -11.38 -7.74 13.74
CA THR D 250 -10.12 -7.02 13.77
C THR D 250 -9.83 -6.43 12.41
N VAL D 251 -10.46 -6.91 11.36
CA VAL D 251 -10.32 -6.30 10.04
C VAL D 251 -10.79 -4.85 10.09
N PHE D 252 -11.94 -4.61 10.72
CA PHE D 252 -12.43 -3.24 10.88
C PHE D 252 -11.57 -2.47 11.87
N MET D 253 -11.04 -3.12 12.89
CA MET D 253 -10.16 -2.45 13.84
C MET D 253 -8.93 -1.93 13.11
N LEU D 254 -8.33 -2.76 12.27
CA LEU D 254 -7.15 -2.39 11.52
C LEU D 254 -7.47 -1.40 10.41
N LEU D 255 -8.69 -1.47 9.87
CA LEU D 255 -9.15 -0.46 8.93
C LEU D 255 -9.21 0.92 9.58
N VAL D 256 -9.75 1.00 10.80
CA VAL D 256 -9.87 2.29 11.46
C VAL D 256 -8.50 2.85 11.80
N ALA D 257 -7.56 2.00 12.22
CA ALA D 257 -6.24 2.47 12.57
C ALA D 257 -5.54 3.09 11.38
N GLU D 258 -5.84 2.59 10.16
CA GLU D 258 -5.16 3.08 8.97
C GLU D 258 -5.64 4.46 8.55
N ILE D 259 -6.89 4.80 8.84
CA ILE D 259 -7.45 6.07 8.40
C ILE D 259 -7.25 7.17 9.45
N MET D 260 -7.31 6.84 10.73
CA MET D 260 -7.26 7.84 11.77
C MET D 260 -5.83 8.33 11.99
N PRO D 261 -5.64 9.59 12.35
CA PRO D 261 -4.31 10.05 12.76
C PRO D 261 -3.90 9.40 14.08
N ALA D 262 -2.60 9.17 14.23
CA ALA D 262 -2.07 8.53 15.43
C ALA D 262 -1.91 9.54 16.56
N THR D 263 -3.03 10.14 16.96
CA THR D 263 -3.05 11.16 17.99
C THR D 263 -3.58 10.62 19.30
N SER D 264 -3.18 11.27 20.40
CA SER D 264 -3.58 10.90 21.74
C SER D 264 -4.51 11.94 22.36
N ASP D 265 -5.08 12.82 21.54
CA ASP D 265 -5.95 13.86 22.08
C ASP D 265 -7.25 13.27 22.61
N SER D 266 -7.81 12.29 21.91
CA SER D 266 -9.05 11.66 22.34
C SER D 266 -9.16 10.29 21.71
N VAL D 267 -10.04 9.48 22.28
CA VAL D 267 -10.43 8.19 21.69
C VAL D 267 -11.56 8.47 20.70
N PRO D 268 -11.40 8.18 19.41
CA PRO D 268 -12.46 8.47 18.46
C PRO D 268 -13.74 7.71 18.76
N LEU D 269 -14.86 8.30 18.40
CA LEU D 269 -16.15 7.65 18.58
C LEU D 269 -16.15 6.26 17.94
N ILE D 270 -15.70 6.17 16.69
CA ILE D 270 -15.71 4.88 16.00
C ILE D 270 -14.86 3.87 16.73
N ALA D 271 -13.77 4.31 17.36
CA ALA D 271 -12.95 3.38 18.14
C ALA D 271 -13.71 2.85 19.34
N GLN D 272 -14.41 3.73 20.06
CA GLN D 272 -15.25 3.29 21.16
C GLN D 272 -16.26 2.26 20.69
N TYR D 273 -16.95 2.56 19.60
CA TYR D 273 -17.98 1.65 19.10
C TYR D 273 -17.40 0.29 18.74
N PHE D 274 -16.26 0.27 18.04
CA PHE D 274 -15.68 -1.00 17.63
C PHE D 274 -15.05 -1.73 18.81
N ALA D 275 -14.39 -1.00 19.70
CA ALA D 275 -13.79 -1.64 20.86
C ALA D 275 -14.85 -2.27 21.76
N SER D 276 -15.99 -1.60 21.92
CA SER D 276 -17.05 -2.15 22.76
C SER D 276 -17.73 -3.35 22.12
N THR D 277 -17.88 -3.34 20.79
CA THR D 277 -18.43 -4.51 20.10
C THR D 277 -17.49 -5.71 20.23
N MET D 278 -16.20 -5.51 20.05
CA MET D 278 -15.26 -6.63 20.14
C MET D 278 -15.17 -7.19 21.55
N ILE D 279 -15.26 -6.31 22.56
CA ILE D 279 -15.23 -6.78 23.94
C ILE D 279 -16.47 -7.60 24.27
N ILE D 280 -17.62 -7.23 23.69
CA ILE D 280 -18.83 -8.02 23.91
C ILE D 280 -18.72 -9.38 23.22
N VAL D 281 -18.12 -9.41 22.02
CA VAL D 281 -17.91 -10.68 21.34
C VAL D 281 -16.87 -11.51 22.07
N GLY D 282 -15.86 -10.86 22.66
CA GLY D 282 -14.89 -11.60 23.44
C GLY D 282 -15.47 -12.21 24.70
N LEU D 283 -16.33 -11.46 25.39
CA LEU D 283 -17.00 -12.01 26.56
C LEU D 283 -17.95 -13.15 26.21
N SER D 284 -18.57 -13.08 25.03
CA SER D 284 -19.43 -14.18 24.60
C SER D 284 -18.63 -15.47 24.47
N VAL D 285 -17.40 -15.39 23.97
CA VAL D 285 -16.56 -16.57 23.88
C VAL D 285 -16.25 -17.11 25.27
N VAL D 286 -15.98 -16.22 26.23
CA VAL D 286 -15.74 -16.64 27.61
C VAL D 286 -16.95 -17.38 28.15
N VAL D 287 -18.13 -16.79 27.96
CA VAL D 287 -19.39 -17.42 28.39
C VAL D 287 -19.61 -18.76 27.70
N THR D 288 -19.20 -18.87 26.44
CA THR D 288 -19.38 -20.12 25.72
C THR D 288 -18.52 -21.23 26.33
N VAL D 289 -17.33 -20.88 26.81
CA VAL D 289 -16.48 -21.87 27.47
C VAL D 289 -17.14 -22.36 28.76
N ILE D 290 -17.80 -21.48 29.49
CA ILE D 290 -18.50 -21.90 30.70
C ILE D 290 -19.70 -22.76 30.36
N VAL D 291 -20.39 -22.44 29.27
CA VAL D 291 -21.54 -23.24 28.86
C VAL D 291 -21.09 -24.64 28.45
N LEU D 292 -19.93 -24.75 27.81
CA LEU D 292 -19.41 -26.05 27.42
C LEU D 292 -18.91 -26.84 28.62
N GLN D 293 -18.44 -26.15 29.66
CA GLN D 293 -18.05 -26.83 30.89
C GLN D 293 -19.25 -27.52 31.54
N TYR D 294 -20.42 -26.88 31.51
CA TYR D 294 -21.60 -27.52 32.09
C TYR D 294 -22.13 -28.63 31.21
N HIS D 295 -22.05 -28.46 29.89
CA HIS D 295 -22.63 -29.45 28.99
C HIS D 295 -21.80 -30.73 29.01
N HIS D 296 -20.48 -30.60 29.10
CA HIS D 296 -19.57 -31.73 29.13
C HIS D 296 -19.19 -32.15 30.54
N HIS D 297 -19.95 -31.72 31.54
CA HIS D 297 -19.55 -31.98 32.93
C HIS D 297 -19.58 -33.47 33.21
N ASP D 298 -18.48 -33.96 33.78
CA ASP D 298 -18.36 -35.38 34.10
C ASP D 298 -19.38 -35.77 35.18
N PRO D 299 -20.25 -36.75 34.93
CA PRO D 299 -21.26 -37.09 35.96
C PRO D 299 -20.65 -37.57 37.27
N ASP D 300 -19.52 -38.27 37.23
CA ASP D 300 -18.91 -38.80 38.42
C ASP D 300 -18.06 -37.77 39.16
N GLY D 301 -17.97 -36.56 38.65
CA GLY D 301 -17.21 -35.51 39.33
C GLY D 301 -18.04 -34.87 40.43
N GLY D 302 -17.88 -33.58 40.63
CA GLY D 302 -18.62 -32.89 41.66
C GLY D 302 -20.11 -32.99 41.47
N LYS D 303 -20.88 -32.46 42.41
CA LYS D 303 -22.33 -32.45 42.35
C LYS D 303 -22.81 -31.01 42.21
N MET D 304 -23.80 -30.79 41.35
CA MET D 304 -24.34 -29.46 41.15
C MET D 304 -24.53 -28.77 42.50
N PRO D 305 -23.76 -27.71 42.79
CA PRO D 305 -23.96 -26.96 44.03
C PRO D 305 -25.42 -26.63 44.29
N LYS D 306 -25.76 -26.31 45.54
CA LYS D 306 -27.13 -25.97 45.86
C LYS D 306 -27.53 -24.67 45.16
N TRP D 307 -26.62 -23.71 45.10
CA TRP D 307 -26.94 -22.41 44.51
C TRP D 307 -27.10 -22.52 43.01
N THR D 308 -26.39 -23.45 42.36
CA THR D 308 -26.57 -23.65 40.92
C THR D 308 -27.95 -24.23 40.62
N ARG D 309 -28.40 -25.20 41.41
CA ARG D 309 -29.66 -25.88 41.13
C ARG D 309 -30.88 -25.02 41.42
N VAL D 310 -30.76 -23.98 42.23
CA VAL D 310 -31.88 -23.08 42.50
C VAL D 310 -31.85 -21.86 41.59
N ILE D 311 -30.70 -21.20 41.47
CA ILE D 311 -30.64 -19.99 40.66
C ILE D 311 -30.97 -20.29 39.20
N LEU D 312 -30.48 -21.42 38.68
CA LEU D 312 -30.61 -21.72 37.27
C LEU D 312 -31.77 -22.67 36.98
N LEU D 313 -31.75 -23.86 37.58
CA LEU D 313 -32.77 -24.87 37.26
C LEU D 313 -34.15 -24.51 37.79
N ASN D 314 -34.27 -23.53 38.68
CA ASN D 314 -35.56 -23.17 39.25
C ASN D 314 -35.97 -21.75 38.87
N TRP D 315 -35.23 -20.73 39.33
CA TRP D 315 -35.62 -19.36 39.08
C TRP D 315 -35.51 -18.98 37.61
N CYS D 316 -34.28 -18.96 37.09
CA CYS D 316 -34.06 -18.55 35.71
C CYS D 316 -34.85 -19.41 34.74
N ALA D 317 -34.93 -20.71 35.00
CA ALA D 317 -35.67 -21.59 34.11
C ALA D 317 -37.15 -21.25 34.08
N TRP D 318 -37.73 -20.95 35.25
CA TRP D 318 -39.14 -20.54 35.29
C TRP D 318 -39.34 -19.23 34.56
N PHE D 319 -38.51 -18.24 34.87
CA PHE D 319 -38.64 -16.93 34.22
C PHE D 319 -38.60 -17.08 32.71
N LEU D 320 -37.63 -17.84 32.19
CA LEU D 320 -37.49 -18.01 30.75
C LEU D 320 -38.47 -19.02 30.18
N ARG D 321 -39.39 -19.54 30.98
CA ARG D 321 -40.38 -20.52 30.53
C ARG D 321 -39.70 -21.63 29.72
N MET D 322 -38.83 -22.37 30.40
CA MET D 322 -38.05 -23.44 29.77
C MET D 322 -38.42 -24.83 30.24
N LYS D 323 -38.58 -25.03 31.55
CA LYS D 323 -39.03 -26.30 32.09
C LYS D 323 -38.00 -27.39 31.83
N PRO D 479 -29.66 -74.93 41.64
CA PRO D 479 -28.37 -74.24 41.76
C PRO D 479 -28.01 -73.45 40.52
N ASP D 480 -28.24 -74.04 39.34
CA ASP D 480 -27.97 -73.32 38.10
C ASP D 480 -28.88 -72.12 37.95
N LEU D 481 -30.15 -72.27 38.35
CA LEU D 481 -31.10 -71.17 38.23
C LEU D 481 -30.74 -70.00 39.14
N ALA D 482 -30.00 -70.25 40.22
CA ALA D 482 -29.56 -69.16 41.09
C ALA D 482 -28.35 -68.44 40.52
N LYS D 483 -27.42 -69.18 39.92
CA LYS D 483 -26.30 -68.54 39.24
C LYS D 483 -26.78 -67.66 38.09
N ILE D 484 -27.78 -68.13 37.33
CA ILE D 484 -28.31 -67.33 36.24
C ILE D 484 -28.95 -66.06 36.78
N LEU D 485 -29.62 -66.17 37.92
CA LEU D 485 -30.20 -64.98 38.56
C LEU D 485 -29.11 -63.97 38.92
N GLU D 486 -27.99 -64.44 39.47
CA GLU D 486 -26.93 -63.52 39.87
C GLU D 486 -26.38 -62.76 38.67
N GLU D 487 -26.26 -63.43 37.52
CA GLU D 487 -25.70 -62.76 36.35
C GLU D 487 -26.72 -61.83 35.70
N VAL D 488 -27.98 -62.25 35.65
CA VAL D 488 -29.02 -61.41 35.08
C VAL D 488 -29.23 -60.17 35.94
N ARG D 489 -29.15 -60.33 37.26
CA ARG D 489 -29.31 -59.18 38.15
C ARG D 489 -28.13 -58.22 38.04
N TYR D 490 -26.93 -58.72 37.76
CA TYR D 490 -25.80 -57.82 37.54
C TYR D 490 -26.01 -57.00 36.29
N ILE D 491 -26.57 -57.61 35.24
CA ILE D 491 -26.76 -56.90 33.98
C ILE D 491 -27.83 -55.83 34.12
N ALA D 492 -28.86 -56.10 34.94
CA ALA D 492 -29.94 -55.13 35.09
C ALA D 492 -29.54 -53.98 36.01
N ASN D 493 -28.74 -54.27 37.05
CA ASN D 493 -28.27 -53.20 37.92
C ASN D 493 -27.29 -52.29 37.21
N ARG D 494 -26.46 -52.85 36.32
CA ARG D 494 -25.56 -52.02 35.54
C ARG D 494 -26.33 -51.05 34.66
N PHE D 495 -27.44 -51.49 34.08
CA PHE D 495 -28.28 -50.58 33.31
C PHE D 495 -28.90 -49.51 34.20
N ARG D 496 -29.39 -49.91 35.38
CA ARG D 496 -29.98 -48.93 36.30
C ARG D 496 -28.97 -47.87 36.69
N CYS D 497 -27.73 -48.27 36.95
CA CYS D 497 -26.70 -47.31 37.31
C CYS D 497 -26.42 -46.35 36.16
N GLN D 498 -26.37 -46.87 34.93
CA GLN D 498 -26.18 -46.00 33.77
C GLN D 498 -27.33 -45.00 33.64
N ASP D 499 -28.55 -45.43 33.94
CA ASP D 499 -29.69 -44.52 33.86
C ASP D 499 -29.55 -43.37 34.85
N GLU D 500 -29.10 -43.66 36.07
CA GLU D 500 -28.88 -42.60 37.05
C GLU D 500 -27.81 -41.62 36.57
N SER D 501 -26.71 -42.13 36.02
CA SER D 501 -25.64 -41.25 35.57
C SER D 501 -26.10 -40.36 34.42
N GLU D 502 -26.85 -40.91 33.47
CA GLU D 502 -27.32 -40.10 32.35
C GLU D 502 -28.38 -39.10 32.78
N ALA D 503 -29.10 -39.37 33.88
CA ALA D 503 -30.05 -38.39 34.37
C ALA D 503 -29.33 -37.24 35.08
N VAL D 504 -28.18 -37.51 35.67
CA VAL D 504 -27.35 -36.44 36.20
C VAL D 504 -26.73 -35.63 35.07
N CYS D 505 -26.31 -36.31 34.01
CA CYS D 505 -25.76 -35.60 32.85
C CYS D 505 -26.83 -34.74 32.17
N SER D 506 -28.07 -35.21 32.15
CA SER D 506 -29.14 -34.43 31.52
C SER D 506 -29.41 -33.17 32.32
N GLU D 507 -29.19 -33.22 33.62
CA GLU D 507 -29.41 -32.07 34.47
C GLU D 507 -28.31 -31.02 34.27
N TRP D 508 -27.08 -31.46 34.05
CA TRP D 508 -26.01 -30.53 33.71
C TRP D 508 -26.18 -29.93 32.32
N LYS D 509 -26.74 -30.70 31.39
CA LYS D 509 -26.98 -30.17 30.05
C LYS D 509 -28.10 -29.15 30.05
N PHE D 510 -29.13 -29.35 30.88
CA PHE D 510 -30.17 -28.36 31.04
C PHE D 510 -29.62 -27.05 31.60
N ALA D 511 -28.70 -27.13 32.57
CA ALA D 511 -28.07 -25.93 33.11
C ALA D 511 -27.33 -25.16 32.02
N ALA D 512 -26.61 -25.88 31.16
CA ALA D 512 -25.91 -25.22 30.05
C ALA D 512 -26.88 -24.52 29.13
N CYS D 513 -28.02 -25.16 28.84
CA CYS D 513 -29.04 -24.53 28.00
C CYS D 513 -29.62 -23.28 28.65
N VAL D 514 -29.92 -23.34 29.95
CA VAL D 514 -30.48 -22.17 30.64
C VAL D 514 -29.48 -21.02 30.64
N VAL D 515 -28.24 -21.29 31.05
CA VAL D 515 -27.21 -20.27 31.02
C VAL D 515 -27.03 -19.72 29.60
N ASP D 516 -27.10 -20.60 28.63
CA ASP D 516 -27.06 -20.17 27.22
C ASP D 516 -28.24 -19.26 26.88
N ARG D 517 -29.44 -19.59 27.35
CA ARG D 517 -30.62 -18.76 27.10
C ARG D 517 -30.57 -17.46 27.89
N LEU D 518 -30.12 -17.42 29.11
CA LEU D 518 -29.98 -16.21 29.85
C LEU D 518 -28.93 -15.33 29.24
N CYS D 519 -27.86 -15.91 28.73
CA CYS D 519 -26.79 -15.08 28.17
C CYS D 519 -27.21 -14.45 26.84
N LEU D 520 -27.98 -15.17 26.03
CA LEU D 520 -28.49 -14.59 24.79
C LEU D 520 -29.22 -13.29 25.06
N MET D 521 -30.14 -13.30 25.97
CA MET D 521 -30.92 -12.10 26.27
C MET D 521 -30.04 -11.01 26.84
N ALA D 522 -29.18 -11.35 27.81
CA ALA D 522 -28.32 -10.34 28.41
C ALA D 522 -27.39 -9.71 27.38
N PHE D 523 -26.80 -10.52 26.50
CA PHE D 523 -25.86 -9.99 25.51
C PHE D 523 -26.56 -9.23 24.42
N SER D 524 -27.81 -9.61 24.10
CA SER D 524 -28.59 -8.82 23.16
C SER D 524 -28.86 -7.43 23.72
N VAL D 525 -29.12 -7.33 25.02
CA VAL D 525 -29.37 -6.04 25.64
C VAL D 525 -28.10 -5.21 25.70
N PHE D 526 -26.96 -5.82 26.02
CA PHE D 526 -25.71 -5.06 26.04
C PHE D 526 -25.37 -4.50 24.67
N THR D 527 -25.60 -5.29 23.62
CA THR D 527 -25.29 -4.83 22.27
C THR D 527 -26.13 -3.61 21.91
N ILE D 528 -27.45 -3.70 22.12
CA ILE D 528 -28.32 -2.58 21.78
C ILE D 528 -27.93 -1.33 22.56
N ILE D 529 -27.76 -1.47 23.87
CA ILE D 529 -27.48 -0.29 24.70
C ILE D 529 -26.17 0.35 24.29
N CYS D 530 -25.10 -0.46 24.20
CA CYS D 530 -23.80 0.08 23.82
C CYS D 530 -23.86 0.73 22.44
N THR D 531 -24.46 0.05 21.46
CA THR D 531 -24.51 0.59 20.11
C THR D 531 -25.27 1.92 20.08
N ILE D 532 -26.49 1.93 20.59
CA ILE D 532 -27.30 3.14 20.55
C ILE D 532 -26.67 4.23 21.41
N GLY D 533 -26.20 3.87 22.61
CA GLY D 533 -25.64 4.86 23.51
C GLY D 533 -24.41 5.55 22.95
N ILE D 534 -23.51 4.78 22.33
CA ILE D 534 -22.30 5.38 21.77
C ILE D 534 -22.63 6.23 20.56
N LEU D 535 -23.47 5.73 19.66
CA LEU D 535 -23.74 6.45 18.42
C LEU D 535 -24.50 7.75 18.67
N MET D 536 -25.44 7.76 19.61
CA MET D 536 -26.25 8.94 19.83
C MET D 536 -25.59 9.94 20.77
N SER D 537 -24.39 9.64 21.27
CA SER D 537 -23.65 10.63 22.03
C SER D 537 -23.05 11.70 21.13
N ALA D 538 -22.98 11.45 19.82
CA ALA D 538 -22.40 12.39 18.90
C ALA D 538 -23.35 13.56 18.64
N PRO D 539 -22.92 14.81 18.88
CA PRO D 539 -23.85 15.94 18.68
C PRO D 539 -24.44 16.01 17.28
N ASN D 540 -23.74 15.49 16.27
CA ASN D 540 -24.19 15.59 14.89
C ASN D 540 -24.82 14.30 14.37
N PHE D 541 -25.15 13.34 15.24
CA PHE D 541 -25.69 12.07 14.77
C PHE D 541 -27.08 12.24 14.18
N VAL D 542 -27.95 12.98 14.86
CA VAL D 542 -29.32 13.16 14.38
C VAL D 542 -29.32 13.84 13.02
N GLU D 543 -28.55 14.92 12.88
CA GLU D 543 -28.46 15.59 11.60
C GLU D 543 -27.90 14.67 10.52
N ALA D 544 -26.91 13.86 10.86
CA ALA D 544 -26.32 12.96 9.89
C ALA D 544 -27.36 12.01 9.30
N VAL D 545 -28.14 11.36 10.16
CA VAL D 545 -29.12 10.39 9.67
C VAL D 545 -30.22 11.09 8.88
N SER D 546 -30.58 12.32 9.29
CA SER D 546 -31.60 13.06 8.55
C SER D 546 -31.15 13.36 7.14
N LYS D 547 -29.92 13.82 6.96
CA LYS D 547 -29.47 14.29 5.65
C LYS D 547 -28.84 13.20 4.79
N ASP D 548 -28.19 12.21 5.38
CA ASP D 548 -27.40 11.25 4.62
C ASP D 548 -28.08 9.90 4.43
N PHE D 549 -29.08 9.59 5.25
CA PHE D 549 -29.79 8.30 5.16
C PHE D 549 -31.29 8.51 5.01
N GLU E 1 8.50 59.20 -4.12
CA GLU E 1 9.60 60.18 -4.37
C GLU E 1 10.90 59.74 -3.71
N PHE E 2 10.87 59.65 -2.38
CA PHE E 2 12.06 59.34 -1.62
C PHE E 2 12.36 57.84 -1.63
N GLN E 3 11.32 57.01 -1.62
CA GLN E 3 11.54 55.57 -1.76
C GLN E 3 12.19 55.25 -3.10
N ARG E 4 11.78 55.97 -4.15
CA ARG E 4 12.31 55.71 -5.49
C ARG E 4 13.75 56.16 -5.61
N LYS E 5 14.11 57.24 -4.91
CA LYS E 5 15.46 57.76 -4.94
C LYS E 5 16.42 56.91 -4.11
N LEU E 6 15.95 56.42 -2.96
CA LEU E 6 16.78 55.57 -2.10
C LEU E 6 17.17 54.26 -2.78
N TYR E 7 16.21 53.60 -3.44
CA TYR E 7 16.52 52.34 -4.12
C TYR E 7 17.53 52.56 -5.24
N LYS E 8 17.38 53.65 -5.99
CA LYS E 8 18.33 53.94 -7.06
C LYS E 8 19.72 54.19 -6.51
N GLU E 9 19.82 54.92 -5.40
CA GLU E 9 21.11 55.22 -4.82
C GLU E 9 21.78 53.98 -4.23
N LEU E 10 21.00 53.13 -3.56
CA LEU E 10 21.58 52.02 -2.82
C LEU E 10 22.28 51.02 -3.73
N VAL E 11 21.77 50.81 -4.94
CA VAL E 11 22.32 49.77 -5.81
C VAL E 11 23.49 50.26 -6.65
N LYS E 12 23.79 51.56 -6.65
CA LYS E 12 24.96 52.08 -7.36
C LYS E 12 26.24 51.42 -6.89
N ASN E 13 26.79 50.54 -7.72
CA ASN E 13 28.04 49.79 -7.49
C ASN E 13 27.89 48.65 -6.50
N TYR E 14 26.70 48.36 -5.99
CA TYR E 14 26.53 47.23 -5.10
C TYR E 14 26.80 45.90 -5.81
N ASN E 15 27.69 45.09 -5.23
CA ASN E 15 28.05 43.79 -5.79
C ASN E 15 27.52 42.71 -4.85
N PRO E 16 26.49 41.96 -5.23
CA PRO E 16 26.01 40.87 -4.37
C PRO E 16 27.01 39.75 -4.10
N LEU E 17 28.13 39.70 -4.83
CA LEU E 17 29.17 38.72 -4.53
C LEU E 17 30.03 39.11 -3.33
N GLU E 18 29.94 40.35 -2.85
CA GLU E 18 30.86 40.86 -1.84
C GLU E 18 30.27 40.70 -0.44
N ARG E 19 31.02 40.03 0.44
CA ARG E 19 30.69 39.99 1.86
C ARG E 19 30.68 41.41 2.42
N PRO E 20 29.54 41.93 2.89
CA PRO E 20 29.42 43.36 3.18
C PRO E 20 30.10 43.87 4.45
N VAL E 21 31.41 43.69 4.59
CA VAL E 21 32.15 44.19 5.75
C VAL E 21 32.93 45.43 5.35
N ALA E 22 33.02 46.40 6.27
CA ALA E 22 33.85 47.57 6.03
C ALA E 22 35.33 47.19 5.94
N ASN E 23 35.78 46.30 6.82
CA ASN E 23 37.15 45.85 6.90
C ASN E 23 37.22 44.41 6.41
N ASP E 24 37.88 44.20 5.28
CA ASP E 24 37.90 42.89 4.64
C ASP E 24 38.61 41.83 5.47
N SER E 25 39.45 42.22 6.43
CA SER E 25 40.16 41.23 7.25
C SER E 25 39.30 40.68 8.37
N GLN E 26 38.25 41.37 8.75
CA GLN E 26 37.42 40.97 9.88
C GLN E 26 36.29 40.04 9.41
N PRO E 27 35.99 38.98 10.14
CA PRO E 27 34.80 38.19 9.80
C PRO E 27 33.51 38.96 10.07
N LEU E 28 32.46 38.58 9.33
CA LEU E 28 31.13 39.15 9.50
C LEU E 28 30.36 38.32 10.52
N THR E 29 29.71 38.99 11.45
CA THR E 29 28.89 38.32 12.46
C THR E 29 27.50 38.09 11.90
N VAL E 30 27.05 36.83 11.95
CA VAL E 30 25.71 36.45 11.56
C VAL E 30 25.06 35.78 12.75
N TYR E 31 23.87 36.25 13.14
CA TYR E 31 23.10 35.64 14.19
C TYR E 31 22.07 34.71 13.58
N PHE E 32 22.06 33.46 14.02
CA PHE E 32 21.18 32.46 13.46
C PHE E 32 20.29 31.90 14.55
N SER E 33 19.02 31.68 14.21
CA SER E 33 18.05 31.09 15.10
C SER E 33 16.96 30.49 14.24
N LEU E 34 15.92 29.95 14.89
CA LEU E 34 14.76 29.46 14.16
C LEU E 34 13.54 29.58 15.06
N SER E 35 12.38 29.56 14.42
CA SER E 35 11.10 29.42 15.09
C SER E 35 10.50 28.10 14.64
N LEU E 36 10.12 27.27 15.60
CA LEU E 36 9.51 25.98 15.31
C LEU E 36 8.01 26.18 15.32
N LEU E 37 7.38 26.05 14.15
CA LEU E 37 5.93 26.19 14.06
C LEU E 37 5.22 24.87 14.32
N GLN E 38 5.71 23.78 13.75
CA GLN E 38 4.97 22.53 13.82
C GLN E 38 5.88 21.37 13.48
N ILE E 39 5.71 20.26 14.21
CA ILE E 39 6.32 18.98 13.87
C ILE E 39 5.32 18.28 12.96
N MET E 40 5.60 18.25 11.67
CA MET E 40 4.63 17.71 10.72
C MET E 40 4.60 16.19 10.70
N ASP E 41 5.76 15.54 10.67
CA ASP E 41 5.76 14.09 10.55
C ASP E 41 7.07 13.55 11.09
N VAL E 42 6.97 12.40 11.73
CA VAL E 42 8.14 11.61 12.13
C VAL E 42 8.00 10.29 11.40
N ASP E 43 8.90 10.05 10.44
CA ASP E 43 8.94 8.81 9.67
C ASP E 43 9.98 7.92 10.32
N GLU E 44 9.53 7.01 11.19
CA GLU E 44 10.43 6.09 11.86
C GLU E 44 11.08 5.13 10.88
N LYS E 45 10.32 4.65 9.89
CA LYS E 45 10.87 3.67 8.96
C LYS E 45 11.95 4.28 8.07
N ASN E 46 11.74 5.49 7.59
CA ASN E 46 12.75 6.14 6.76
C ASN E 46 13.73 6.99 7.56
N GLN E 47 13.50 7.14 8.87
CA GLN E 47 14.40 7.89 9.75
C GLN E 47 14.50 9.35 9.32
N VAL E 48 13.35 10.00 9.16
CA VAL E 48 13.26 11.37 8.66
C VAL E 48 12.30 12.16 9.53
N LEU E 49 12.68 13.40 9.82
CA LEU E 49 11.85 14.35 10.56
C LEU E 49 11.45 15.46 9.61
N THR E 50 10.15 15.71 9.50
CA THR E 50 9.61 16.83 8.75
C THR E 50 9.12 17.90 9.71
N THR E 51 9.57 19.14 9.51
CA THR E 51 9.19 20.25 10.37
C THR E 51 8.84 21.47 9.52
N ASN E 52 7.97 22.31 10.08
CA ASN E 52 7.66 23.63 9.53
C ASN E 52 8.42 24.64 10.38
N ILE E 53 9.40 25.31 9.79
CA ILE E 53 10.33 26.16 10.52
C ILE E 53 10.51 27.50 9.80
N TRP E 54 10.72 28.56 10.58
CA TRP E 54 11.14 29.87 10.07
C TRP E 54 12.57 30.11 10.51
N LEU E 55 13.51 30.03 9.58
CA LEU E 55 14.88 30.42 9.89
C LEU E 55 14.94 31.93 10.15
N GLN E 56 15.84 32.34 11.03
CA GLN E 56 16.05 33.74 11.35
CA GLN E 56 16.04 33.75 11.35
C GLN E 56 17.53 34.05 11.25
N MET E 57 17.91 34.89 10.28
CA MET E 57 19.27 35.31 10.07
C MET E 57 19.36 36.83 10.08
N SER E 58 20.24 37.37 10.90
CA SER E 58 20.42 38.81 10.98
C SER E 58 21.90 39.15 10.92
N TRP E 59 22.23 40.21 10.18
CA TRP E 59 23.60 40.69 10.08
C TRP E 59 23.55 42.18 9.76
N THR E 60 24.72 42.75 9.51
CA THR E 60 24.83 44.15 9.13
C THR E 60 25.48 44.26 7.76
N ASP E 61 24.82 44.97 6.85
CA ASP E 61 25.36 45.29 5.54
C ASP E 61 25.93 46.69 5.63
N HIS E 62 27.24 46.80 5.48
CA HIS E 62 27.91 48.10 5.63
C HIS E 62 27.44 49.09 4.57
N TYR E 63 27.02 48.61 3.41
CA TYR E 63 26.69 49.49 2.29
C TYR E 63 25.23 49.92 2.26
N LEU E 64 24.33 49.19 2.91
CA LEU E 64 22.89 49.48 2.82
C LEU E 64 22.45 50.37 3.97
N GLN E 65 23.05 51.55 4.06
CA GLN E 65 22.79 52.51 5.11
C GLN E 65 22.42 53.86 4.49
N TRP E 66 21.54 54.59 5.18
CA TRP E 66 21.14 55.90 4.70
C TRP E 66 20.69 56.78 5.86
N ASN E 67 20.70 58.08 5.61
CA ASN E 67 20.22 59.09 6.55
C ASN E 67 18.72 59.27 6.36
N VAL E 68 17.93 58.88 7.37
CA VAL E 68 16.48 58.95 7.22
C VAL E 68 15.98 60.39 7.11
N SER E 69 16.76 61.36 7.57
CA SER E 69 16.33 62.75 7.43
C SER E 69 16.33 63.19 5.98
N GLU E 70 17.20 62.60 5.15
CA GLU E 70 17.24 62.90 3.73
C GLU E 70 16.22 62.10 2.93
N TYR E 71 15.65 61.05 3.52
CA TYR E 71 14.59 60.26 2.89
C TYR E 71 13.42 60.14 3.86
N PRO E 72 12.72 61.24 4.12
CA PRO E 72 11.67 61.22 5.14
C PRO E 72 10.61 60.17 4.85
N GLY E 73 10.28 59.38 5.88
CA GLY E 73 9.29 58.35 5.77
C GLY E 73 9.79 57.01 5.27
N VAL E 74 11.08 56.89 4.94
CA VAL E 74 11.63 55.65 4.44
C VAL E 74 12.54 55.05 5.52
N LYS E 75 11.98 54.18 6.35
CA LYS E 75 12.73 53.57 7.43
C LYS E 75 13.29 52.21 7.07
N THR E 76 12.69 51.52 6.10
CA THR E 76 13.13 50.20 5.70
C THR E 76 13.02 50.06 4.19
N VAL E 77 13.87 49.19 3.64
CA VAL E 77 13.81 48.76 2.25
C VAL E 77 13.83 47.24 2.23
N ARG E 78 13.48 46.68 1.09
CA ARG E 78 13.38 45.23 0.93
C ARG E 78 14.06 44.80 -0.36
N PHE E 79 14.76 43.67 -0.30
CA PHE E 79 15.44 43.16 -1.47
C PHE E 79 15.16 41.67 -1.65
N PRO E 80 14.88 41.22 -2.89
CA PRO E 80 14.64 39.80 -3.14
C PRO E 80 15.92 39.01 -3.37
N ASP E 81 15.76 37.73 -3.70
CA ASP E 81 16.90 36.84 -3.85
C ASP E 81 17.80 37.26 -5.00
N GLY E 82 19.10 37.32 -4.75
CA GLY E 82 20.09 37.61 -5.77
C GLY E 82 20.43 39.08 -5.95
N GLN E 83 19.72 39.99 -5.30
CA GLN E 83 19.99 41.43 -5.44
C GLN E 83 20.79 41.98 -4.29
N ILE E 84 20.79 41.29 -3.15
CA ILE E 84 21.52 41.67 -1.96
C ILE E 84 22.38 40.47 -1.57
N TRP E 85 23.53 40.74 -0.97
CA TRP E 85 24.34 39.65 -0.45
C TRP E 85 23.57 38.95 0.67
N LYS E 86 23.65 37.64 0.70
CA LYS E 86 23.01 36.84 1.74
C LYS E 86 23.96 35.79 2.27
N PRO E 87 23.79 35.36 3.51
CA PRO E 87 24.51 34.17 3.99
C PRO E 87 23.96 32.90 3.36
N ASP E 88 24.87 31.98 3.01
CA ASP E 88 24.50 30.72 2.38
C ASP E 88 24.38 29.59 3.40
N ILE E 89 23.49 29.79 4.36
CA ILE E 89 23.32 28.81 5.43
C ILE E 89 22.38 27.70 4.96
N LEU E 90 22.82 26.45 5.16
CA LEU E 90 22.06 25.27 4.74
C LEU E 90 21.90 24.32 5.91
N LEU E 91 20.90 23.44 5.80
CA LEU E 91 20.77 22.31 6.71
C LEU E 91 21.67 21.17 6.23
N TYR E 92 22.65 20.81 7.06
CA TYR E 92 23.63 19.81 6.64
C TYR E 92 23.00 18.43 6.48
N ASN E 93 22.13 18.04 7.42
CA ASN E 93 21.55 16.70 7.41
C ASN E 93 20.16 16.72 6.78
N SER E 94 20.03 17.51 5.71
CA SER E 94 18.83 17.50 4.90
C SER E 94 18.61 16.14 4.25
N ALA E 95 17.36 15.67 4.28
CA ALA E 95 16.94 14.48 3.57
C ALA E 95 16.06 14.79 2.37
N ASP E 96 15.93 16.06 2.00
CA ASP E 96 15.05 16.44 0.90
C ASP E 96 15.74 16.16 -0.43
N GLU E 97 14.97 15.67 -1.39
CA GLU E 97 15.53 15.32 -2.70
C GLU E 97 16.17 16.53 -3.38
N ARG E 98 15.68 17.74 -3.07
CA ARG E 98 16.30 18.96 -3.57
C ARG E 98 17.41 19.48 -2.66
N PHE E 99 17.64 18.82 -1.53
CA PHE E 99 18.59 19.25 -0.51
C PHE E 99 18.14 20.54 0.18
N ASP E 100 18.14 21.67 -0.51
CA ASP E 100 17.74 22.94 0.09
C ASP E 100 16.23 23.13 -0.09
N ALA E 101 15.52 23.26 1.03
CA ALA E 101 14.06 23.35 1.04
C ALA E 101 13.56 24.74 1.42
N THR E 102 14.45 25.71 1.59
CA THR E 102 14.07 27.06 1.99
C THR E 102 13.34 27.79 0.87
N PHE E 103 12.20 28.41 1.20
CA PHE E 103 11.48 29.30 0.29
C PHE E 103 12.04 30.72 0.46
N HIS E 104 12.67 31.23 -0.58
CA HIS E 104 13.42 32.49 -0.50
C HIS E 104 12.49 33.69 -0.47
N THR E 105 12.52 34.43 0.64
CA THR E 105 11.72 35.62 0.85
C THR E 105 12.63 36.85 0.82
N ASN E 106 12.03 38.01 1.10
CA ASN E 106 12.78 39.26 1.04
C ASN E 106 13.71 39.41 2.25
N VAL E 107 14.76 40.20 2.04
CA VAL E 107 15.61 40.66 3.13
C VAL E 107 15.17 42.07 3.51
N LEU E 108 14.93 42.30 4.80
CA LEU E 108 14.50 43.59 5.30
C LEU E 108 15.68 44.33 5.90
N VAL E 109 15.95 45.54 5.41
CA VAL E 109 17.09 46.34 5.81
C VAL E 109 16.59 47.68 6.32
N ASN E 110 17.12 48.12 7.46
CA ASN E 110 16.77 49.39 8.07
C ASN E 110 17.93 50.37 7.90
N SER E 111 17.72 51.61 8.33
CA SER E 111 18.58 52.69 7.88
C SER E 111 20.00 52.58 8.37
N SER E 112 20.23 51.90 9.50
CA SER E 112 21.59 51.67 9.98
C SER E 112 22.25 50.48 9.32
N GLY E 113 21.58 49.80 8.39
CA GLY E 113 22.17 48.70 7.67
C GLY E 113 21.96 47.34 8.30
N HIS E 114 21.13 47.23 9.32
CA HIS E 114 20.82 45.94 9.91
CA HIS E 114 20.82 45.94 9.91
C HIS E 114 19.87 45.17 9.01
N CYS E 115 20.23 43.94 8.69
CA CYS E 115 19.46 43.11 7.77
C CYS E 115 18.79 41.97 8.52
N GLN E 116 17.50 41.79 8.28
CA GLN E 116 16.75 40.65 8.76
C GLN E 116 16.34 39.78 7.57
N TYR E 117 16.38 38.48 7.77
CA TYR E 117 16.02 37.55 6.71
C TYR E 117 15.40 36.33 7.38
N LEU E 118 14.12 36.07 7.11
CA LEU E 118 13.35 35.07 7.87
C LEU E 118 12.65 34.13 6.89
N PRO E 119 13.41 33.35 6.13
CA PRO E 119 12.80 32.48 5.12
C PRO E 119 12.13 31.27 5.76
N PRO E 120 10.91 30.95 5.34
CA PRO E 120 10.24 29.75 5.85
C PRO E 120 10.56 28.52 5.00
N GLY E 121 10.19 27.37 5.53
CA GLY E 121 10.32 26.14 4.77
C GLY E 121 9.72 24.96 5.49
N ILE E 122 9.45 23.92 4.71
CA ILE E 122 9.18 22.59 5.22
C ILE E 122 10.49 21.81 5.11
N PHE E 123 11.12 21.54 6.23
CA PHE E 123 12.43 20.91 6.27
C PHE E 123 12.32 19.43 6.56
N LYS E 124 13.00 18.61 5.76
CA LYS E 124 13.15 17.18 5.99
C LYS E 124 14.60 16.92 6.38
N SER E 125 14.80 16.35 7.56
CA SER E 125 16.13 16.16 8.11
C SER E 125 16.33 14.70 8.50
N SER E 126 17.53 14.21 8.26
CA SER E 126 17.87 12.85 8.66
C SER E 126 18.03 12.78 10.16
N CYS E 127 17.33 11.85 10.80
CA CYS E 127 17.36 11.73 12.25
C CYS E 127 17.43 10.27 12.64
N TYR E 128 18.39 9.93 13.49
CA TYR E 128 18.41 8.61 14.09
C TYR E 128 17.21 8.47 15.04
N ILE E 129 16.30 7.58 14.72
CA ILE E 129 15.11 7.33 15.52
C ILE E 129 15.34 6.04 16.30
N ASP E 130 15.55 6.16 17.60
CA ASP E 130 15.81 5.02 18.47
C ASP E 130 14.48 4.38 18.86
N VAL E 131 14.26 3.14 18.41
CA VAL E 131 13.02 2.44 18.69
C VAL E 131 13.19 1.40 19.80
N ARG E 132 14.25 1.54 20.60
CA ARG E 132 14.49 0.59 21.69
C ARG E 132 13.30 0.52 22.65
N TRP E 133 12.70 1.65 22.97
CA TRP E 133 11.63 1.72 23.95
C TRP E 133 10.27 2.01 23.33
N PHE E 134 10.16 1.85 22.02
CA PHE E 134 8.89 2.14 21.36
C PHE E 134 7.79 1.26 21.93
N PRO E 135 6.58 1.81 22.15
CA PRO E 135 6.12 3.17 21.88
C PRO E 135 6.33 4.16 23.02
N PHE E 136 7.08 3.81 24.06
CA PHE E 136 7.40 4.75 25.13
C PHE E 136 8.76 5.43 24.88
N ASP E 137 8.96 5.99 23.70
CA ASP E 137 10.26 6.49 23.30
C ASP E 137 10.33 8.02 23.37
N VAL E 138 11.54 8.53 23.62
CA VAL E 138 11.86 9.94 23.52
C VAL E 138 12.93 10.07 22.43
N GLN E 139 12.65 10.88 21.42
CA GLN E 139 13.57 11.06 20.31
C GLN E 139 14.30 12.39 20.44
N HIS E 140 15.56 12.39 20.00
CA HIS E 140 16.40 13.60 19.95
C HIS E 140 16.87 13.77 18.51
N CYS E 141 16.20 14.63 17.77
CA CYS E 141 16.53 14.87 16.37
C CYS E 141 17.32 16.17 16.26
N LYS E 142 18.37 16.14 15.44
CA LYS E 142 19.29 17.25 15.31
C LYS E 142 19.08 17.96 13.98
N LEU E 143 19.00 19.28 14.05
CA LEU E 143 19.00 20.15 12.87
C LEU E 143 20.32 20.92 12.89
N LYS E 144 21.20 20.61 11.95
CA LYS E 144 22.53 21.21 11.90
C LYS E 144 22.60 22.22 10.76
N PHE E 145 22.86 23.48 11.10
CA PHE E 145 22.89 24.57 10.15
C PHE E 145 24.28 25.19 10.11
N GLY E 146 24.73 25.57 8.91
CA GLY E 146 25.99 26.25 8.80
C GLY E 146 26.17 26.84 7.42
N SER E 147 27.02 27.85 7.35
CA SER E 147 27.41 28.41 6.06
C SER E 147 28.20 27.38 5.28
N TRP E 148 27.82 27.18 4.01
CA TRP E 148 28.44 26.12 3.24
C TRP E 148 29.86 26.50 2.83
N SER E 149 30.05 27.72 2.34
CA SER E 149 31.30 28.13 1.72
C SER E 149 32.07 29.19 2.49
N TYR E 150 31.56 29.69 3.61
CA TYR E 150 32.25 30.70 4.43
C TYR E 150 32.67 30.05 5.73
N GLY E 151 33.99 29.91 5.92
CA GLY E 151 34.51 29.43 7.18
C GLY E 151 34.53 30.54 8.22
N GLY E 152 34.92 30.14 9.44
CA GLY E 152 34.99 31.03 10.58
C GLY E 152 35.88 32.25 10.46
N TRP E 153 36.84 32.24 9.53
CA TRP E 153 37.59 33.47 9.27
C TRP E 153 36.79 34.52 8.51
N SER E 154 35.75 34.13 7.77
CA SER E 154 34.94 35.09 7.04
C SER E 154 33.58 35.34 7.67
N LEU E 155 32.94 34.32 8.23
CA LEU E 155 31.58 34.44 8.74
C LEU E 155 31.56 33.93 10.18
N ASP E 156 31.32 34.83 11.12
CA ASP E 156 31.27 34.49 12.55
C ASP E 156 29.83 34.16 12.90
N LEU E 157 29.49 32.89 12.82
CA LEU E 157 28.12 32.45 13.05
C LEU E 157 27.87 32.33 14.56
N GLN E 158 26.86 33.06 15.03
CA GLN E 158 26.47 33.06 16.43
C GLN E 158 25.05 32.53 16.54
N MET E 159 24.73 32.01 17.72
CA MET E 159 23.45 31.40 18.00
C MET E 159 22.59 32.24 18.91
N GLN E 160 21.29 32.09 18.74
CA GLN E 160 20.27 32.72 19.57
C GLN E 160 19.24 31.64 19.90
N GLU E 161 18.64 31.74 21.07
CA GLU E 161 17.71 30.69 21.50
C GLU E 161 16.53 30.57 20.54
N ALA E 162 16.16 29.32 20.25
CA ALA E 162 15.07 29.07 19.34
C ALA E 162 13.76 29.62 19.90
N ASP E 163 12.88 30.05 19.00
CA ASP E 163 11.55 30.52 19.35
C ASP E 163 10.55 29.38 19.22
N ILE E 164 9.69 29.24 20.23
CA ILE E 164 8.64 28.23 20.21
C ILE E 164 7.31 28.86 20.57
N SER E 165 7.24 30.19 20.56
CA SER E 165 6.03 30.87 21.01
C SER E 165 4.85 30.62 20.08
N GLY E 166 5.10 30.37 18.80
CA GLY E 166 4.04 30.08 17.85
C GLY E 166 3.87 28.60 17.55
N TYR E 167 4.45 27.74 18.37
CA TYR E 167 4.43 26.32 18.11
C TYR E 167 3.03 25.75 18.28
N ILE E 168 2.59 24.94 17.33
CA ILE E 168 1.29 24.29 17.36
C ILE E 168 1.51 22.83 17.75
N PRO E 169 0.92 22.35 18.86
CA PRO E 169 1.23 20.99 19.32
C PRO E 169 0.79 19.92 18.32
N ASN E 170 1.62 18.89 18.20
CA ASN E 170 1.28 17.68 17.48
C ASN E 170 0.52 16.74 18.40
N GLY E 171 -0.54 16.13 17.89
CA GLY E 171 -1.30 15.19 18.69
C GLY E 171 -0.52 13.98 19.12
N GLU E 172 0.56 13.65 18.41
CA GLU E 172 1.33 12.44 18.69
C GLU E 172 2.61 12.67 19.45
N TRP E 173 3.17 13.87 19.41
CA TRP E 173 4.48 14.15 19.99
C TRP E 173 4.40 15.35 20.90
N ASP E 174 4.83 15.18 22.14
CA ASP E 174 4.93 16.27 23.09
C ASP E 174 6.32 16.88 22.97
N LEU E 175 6.38 18.18 22.71
CA LEU E 175 7.66 18.87 22.59
C LEU E 175 8.26 19.06 23.98
N VAL E 176 9.45 18.52 24.19
CA VAL E 176 10.18 18.74 25.44
C VAL E 176 11.02 20.01 25.37
N GLY E 177 11.77 20.20 24.29
CA GLY E 177 12.56 21.40 24.13
C GLY E 177 13.35 21.37 22.83
N ILE E 178 13.93 22.51 22.50
CA ILE E 178 14.77 22.64 21.32
C ILE E 178 16.03 23.44 21.67
N PRO E 179 16.89 22.93 22.54
CA PRO E 179 18.14 23.65 22.84
C PRO E 179 19.09 23.67 21.64
N GLY E 180 19.89 24.72 21.58
CA GLY E 180 20.89 24.88 20.55
C GLY E 180 22.31 24.88 21.06
N LYS E 181 23.26 24.54 20.20
CA LYS E 181 24.68 24.52 20.54
C LYS E 181 25.49 24.98 19.35
N ARG E 182 26.40 25.93 19.58
CA ARG E 182 27.25 26.47 18.54
C ARG E 182 28.64 25.85 18.65
N SER E 183 29.06 25.16 17.59
CA SER E 183 30.32 24.43 17.56
C SER E 183 31.18 24.94 16.42
N GLU E 184 32.43 24.47 16.40
CA GLU E 184 33.41 24.88 15.39
C GLU E 184 34.25 23.65 15.02
N ARG E 185 33.98 23.08 13.85
CA ARG E 185 34.57 21.82 13.44
C ARG E 185 35.54 22.01 12.29
N PHE E 186 36.54 21.14 12.24
CA PHE E 186 37.47 21.04 11.13
C PHE E 186 37.06 19.92 10.20
N TYR E 187 37.19 20.16 8.90
CA TYR E 187 36.90 19.18 7.87
C TYR E 187 38.14 18.94 7.02
N GLU E 188 38.30 17.70 6.58
CA GLU E 188 39.46 17.35 5.76
C GLU E 188 39.51 18.13 4.46
N CYS E 189 38.38 18.67 4.00
CA CYS E 189 38.38 19.50 2.80
C CYS E 189 39.30 20.71 2.96
N CYS E 190 39.33 21.27 4.17
CA CYS E 190 39.70 22.67 4.32
C CYS E 190 40.47 22.85 5.62
N LYS E 191 41.46 23.74 5.59
CA LYS E 191 42.26 24.02 6.78
C LYS E 191 41.55 24.96 7.75
N GLU E 192 40.52 25.65 7.29
CA GLU E 192 39.76 26.62 8.06
C GLU E 192 38.63 25.91 8.83
N PRO E 193 38.39 26.28 10.09
CA PRO E 193 37.23 25.71 10.79
C PRO E 193 35.92 26.29 10.26
N TYR E 194 34.85 25.51 10.40
CA TYR E 194 33.53 25.90 9.91
C TYR E 194 32.57 25.81 11.09
N PRO E 195 32.07 26.92 11.61
CA PRO E 195 31.11 26.85 12.71
C PRO E 195 29.74 26.37 12.25
N ASP E 196 29.04 25.70 13.15
CA ASP E 196 27.67 25.27 12.90
C ASP E 196 26.83 25.56 14.13
N VAL E 197 25.52 25.58 13.94
CA VAL E 197 24.55 25.73 15.02
C VAL E 197 23.62 24.55 14.94
N THR E 198 23.59 23.73 15.97
CA THR E 198 22.79 22.52 16.01
C THR E 198 21.65 22.68 17.01
N PHE E 199 20.43 22.55 16.52
CA PHE E 199 19.24 22.54 17.36
C PHE E 199 18.78 21.10 17.50
N THR E 200 18.65 20.63 18.74
CA THR E 200 18.17 19.29 19.03
C THR E 200 16.72 19.37 19.50
N VAL E 201 15.81 18.79 18.74
CA VAL E 201 14.40 18.73 19.11
C VAL E 201 14.22 17.50 19.99
N THR E 202 13.96 17.71 21.29
CA THR E 202 13.64 16.62 22.21
C THR E 202 12.12 16.51 22.26
N MET E 203 11.59 15.42 21.68
CA MET E 203 10.16 15.14 21.62
C MET E 203 9.79 13.81 22.25
N ARG E 204 8.64 13.74 22.86
CA ARG E 204 8.16 12.54 23.56
C ARG E 204 6.89 12.02 22.88
N ARG E 205 6.87 10.71 22.59
CA ARG E 205 5.71 10.13 21.93
C ARG E 205 4.54 9.98 22.92
N ARG E 206 3.37 10.46 22.51
CA ARG E 206 2.16 10.26 23.28
C ARG E 206 1.62 8.86 22.94
N THR E 207 1.27 8.08 23.97
CA THR E 207 1.12 6.65 23.82
C THR E 207 -0.32 6.15 23.82
N LEU E 208 -1.32 7.03 23.86
CA LEU E 208 -2.71 6.57 23.89
C LEU E 208 -3.05 5.75 22.64
N TYR E 209 -2.70 6.28 21.47
CA TYR E 209 -3.06 5.61 20.22
C TYR E 209 -2.42 4.23 20.12
N TYR E 210 -1.16 4.10 20.53
CA TYR E 210 -0.47 2.83 20.42
C TYR E 210 -0.92 1.87 21.52
N GLY E 211 -1.23 2.38 22.71
CA GLY E 211 -1.86 1.55 23.71
C GLY E 211 -3.16 0.95 23.21
N LEU E 212 -3.92 1.73 22.44
CA LEU E 212 -5.22 1.25 21.96
C LEU E 212 -5.07 0.29 20.78
N ASN E 213 -4.11 0.53 19.90
CA ASN E 213 -4.01 -0.27 18.68
C ASN E 213 -2.97 -1.37 18.75
N LEU E 214 -2.06 -1.32 19.70
CA LEU E 214 -0.99 -2.32 19.78
C LEU E 214 -0.99 -3.06 21.11
N LEU E 215 -0.92 -2.34 22.24
CA LEU E 215 -0.75 -3.00 23.53
C LEU E 215 -2.04 -3.67 23.99
N ILE E 216 -3.09 -2.89 24.21
CA ILE E 216 -4.34 -3.45 24.72
C ILE E 216 -4.79 -4.66 23.90
N PRO E 217 -4.95 -4.57 22.59
CA PRO E 217 -5.43 -5.74 21.83
C PRO E 217 -4.58 -6.98 22.03
N CYS E 218 -3.26 -6.83 22.14
CA CYS E 218 -2.40 -7.98 22.42
C CYS E 218 -2.70 -8.59 23.77
N VAL E 219 -2.92 -7.75 24.79
CA VAL E 219 -3.23 -8.26 26.12
C VAL E 219 -4.49 -9.11 26.10
N LEU E 220 -5.56 -8.58 25.50
CA LEU E 220 -6.84 -9.29 25.50
C LEU E 220 -6.79 -10.58 24.69
N ILE E 221 -6.10 -10.55 23.54
CA ILE E 221 -6.02 -11.75 22.72
C ILE E 221 -5.18 -12.82 23.40
N SER E 222 -4.12 -12.43 24.09
CA SER E 222 -3.38 -13.39 24.89
C SER E 222 -4.26 -13.97 25.98
N ALA E 223 -5.10 -13.14 26.60
CA ALA E 223 -6.03 -13.62 27.59
C ALA E 223 -6.96 -14.69 27.03
N LEU E 224 -7.40 -14.54 25.78
CA LEU E 224 -8.31 -15.53 25.21
C LEU E 224 -7.60 -16.84 24.92
N ALA E 225 -6.28 -16.79 24.71
CA ALA E 225 -5.53 -18.03 24.53
C ALA E 225 -5.59 -18.88 25.79
N LEU E 226 -5.61 -18.23 26.96
CA LEU E 226 -5.69 -18.95 28.22
C LEU E 226 -7.01 -19.68 28.39
N LEU E 227 -8.01 -19.40 27.55
CA LEU E 227 -9.30 -20.07 27.68
C LEU E 227 -9.21 -21.51 27.23
N VAL E 228 -8.22 -21.86 26.40
CA VAL E 228 -8.07 -23.23 25.96
C VAL E 228 -8.00 -24.17 27.16
N PHE E 229 -7.30 -23.74 28.21
CA PHE E 229 -7.14 -24.57 29.39
C PHE E 229 -8.43 -24.74 30.18
N LEU E 230 -9.52 -24.10 29.78
CA LEU E 230 -10.83 -24.29 30.39
C LEU E 230 -11.77 -25.10 29.53
N LEU E 231 -11.60 -25.15 28.23
CA LEU E 231 -12.44 -25.86 27.33
C LEU E 231 -12.34 -27.34 27.60
N PRO E 232 -13.45 -28.05 27.91
CA PRO E 232 -13.41 -29.50 28.05
C PRO E 232 -12.82 -30.15 26.80
N ALA E 233 -12.05 -31.21 27.00
CA ALA E 233 -11.43 -31.89 25.87
C ALA E 233 -12.46 -32.48 24.92
N ASP E 234 -13.60 -32.92 25.43
CA ASP E 234 -14.61 -33.58 24.61
C ASP E 234 -15.35 -32.62 23.68
N SER E 235 -15.13 -31.31 23.80
CA SER E 235 -15.71 -30.38 22.86
C SER E 235 -15.10 -30.53 21.47
N GLY E 236 -13.89 -31.09 21.38
CA GLY E 236 -13.22 -31.23 20.10
C GLY E 236 -12.88 -29.92 19.43
N GLU E 237 -12.66 -28.86 20.20
CA GLU E 237 -12.37 -27.54 19.66
C GLU E 237 -11.16 -26.89 20.32
N LYS E 238 -10.39 -27.64 21.11
CA LYS E 238 -9.25 -27.06 21.80
C LYS E 238 -8.21 -26.53 20.81
N ILE E 239 -7.86 -27.34 19.82
CA ILE E 239 -6.81 -26.93 18.87
C ILE E 239 -7.29 -25.76 18.02
N SER E 240 -8.53 -25.80 17.55
CA SER E 240 -9.04 -24.70 16.74
C SER E 240 -8.84 -23.36 17.44
N LEU E 241 -9.26 -23.27 18.70
CA LEU E 241 -9.14 -22.00 19.42
C LEU E 241 -7.67 -21.57 19.53
N GLY E 242 -6.81 -22.47 19.98
CA GLY E 242 -5.42 -22.08 20.21
C GLY E 242 -4.70 -21.66 18.95
N ILE E 243 -4.75 -22.49 17.91
CA ILE E 243 -4.02 -22.17 16.69
C ILE E 243 -4.62 -20.94 16.01
N THR E 244 -5.94 -20.76 16.13
CA THR E 244 -6.58 -19.58 15.55
C THR E 244 -6.13 -18.31 16.24
N VAL E 245 -5.99 -18.35 17.57
CA VAL E 245 -5.52 -17.18 18.29
C VAL E 245 -4.07 -16.88 17.93
N LEU E 246 -3.26 -17.93 17.74
CA LEU E 246 -1.86 -17.72 17.38
C LEU E 246 -1.74 -17.12 15.99
N LEU E 247 -2.56 -17.58 15.06
CA LEU E 247 -2.49 -17.10 13.68
C LEU E 247 -3.02 -15.67 13.56
N SER E 248 -3.85 -15.23 14.50
CA SER E 248 -4.29 -13.85 14.51
C SER E 248 -3.24 -12.94 15.11
N LEU E 249 -2.37 -13.45 15.97
CA LEU E 249 -1.39 -12.61 16.64
C LEU E 249 -0.25 -12.24 15.70
N THR E 250 -0.13 -12.88 14.57
CA THR E 250 0.85 -12.50 13.56
C THR E 250 0.41 -11.24 12.84
N VAL E 251 -0.86 -10.90 12.90
CA VAL E 251 -1.33 -9.65 12.34
C VAL E 251 -0.63 -8.48 13.01
N PHE E 252 -0.55 -8.51 14.35
CA PHE E 252 0.18 -7.48 15.08
C PHE E 252 1.68 -7.59 14.84
N MET E 253 2.21 -8.80 14.67
CA MET E 253 3.62 -8.96 14.39
C MET E 253 3.96 -8.28 13.08
N LEU E 254 3.15 -8.50 12.06
CA LEU E 254 3.36 -7.91 10.75
C LEU E 254 3.07 -6.42 10.75
N LEU E 255 2.14 -5.98 11.60
CA LEU E 255 1.92 -4.56 11.80
C LEU E 255 3.15 -3.86 12.34
N VAL E 256 3.80 -4.46 13.35
CA VAL E 256 4.97 -3.84 13.94
C VAL E 256 6.13 -3.80 12.94
N ALA E 257 6.29 -4.85 12.14
CA ALA E 257 7.38 -4.86 11.18
C ALA E 257 7.22 -3.74 10.15
N GLU E 258 5.98 -3.36 9.85
CA GLU E 258 5.75 -2.35 8.83
C GLU E 258 6.09 -0.95 9.32
N ILE E 259 5.96 -0.69 10.61
CA ILE E 259 6.20 0.65 11.14
C ILE E 259 7.64 0.85 11.58
N MET E 260 8.28 -0.18 12.10
CA MET E 260 9.62 -0.03 12.65
C MET E 260 10.66 0.02 11.54
N PRO E 261 11.75 0.76 11.74
CA PRO E 261 12.86 0.69 10.78
C PRO E 261 13.55 -0.67 10.86
N ALA E 262 14.06 -1.12 9.71
CA ALA E 262 14.71 -2.42 9.63
C ALA E 262 16.16 -2.34 10.12
N THR E 263 16.31 -1.96 11.38
CA THR E 263 17.62 -1.79 11.99
C THR E 263 17.96 -2.94 12.92
N SER E 264 19.26 -3.14 13.11
CA SER E 264 19.79 -4.19 13.98
C SER E 264 20.44 -3.63 15.24
N ASP E 265 20.16 -2.37 15.56
CA ASP E 265 20.77 -1.76 16.73
C ASP E 265 20.24 -2.37 18.02
N SER E 266 18.94 -2.64 18.07
CA SER E 266 18.33 -3.23 19.24
C SER E 266 17.04 -3.91 18.85
N VAL E 267 16.56 -4.76 19.76
CA VAL E 267 15.22 -5.36 19.64
C VAL E 267 14.24 -4.39 20.29
N PRO E 268 13.26 -3.86 19.56
CA PRO E 268 12.34 -2.90 20.18
C PRO E 268 11.54 -3.52 21.31
N LEU E 269 11.17 -2.67 22.28
CA LEU E 269 10.37 -3.13 23.40
C LEU E 269 9.10 -3.83 22.91
N ILE E 270 8.39 -3.21 21.97
CA ILE E 270 7.13 -3.78 21.48
C ILE E 270 7.38 -5.14 20.84
N ALA E 271 8.54 -5.32 20.19
CA ALA E 271 8.86 -6.64 19.63
C ALA E 271 9.04 -7.67 20.72
N GLN E 272 9.75 -7.33 21.79
CA GLN E 272 9.89 -8.23 22.93
C GLN E 272 8.51 -8.62 23.47
N TYR E 273 7.66 -7.63 23.68
CA TYR E 273 6.34 -7.89 24.25
C TYR E 273 5.52 -8.81 23.36
N PHE E 274 5.52 -8.56 22.04
CA PHE E 274 4.73 -9.39 21.14
C PHE E 274 5.36 -10.76 20.95
N ALA E 275 6.68 -10.82 20.84
CA ALA E 275 7.34 -12.10 20.67
C ALA E 275 7.13 -13.00 21.89
N SER E 276 7.16 -12.42 23.09
CA SER E 276 6.95 -13.22 24.30
C SER E 276 5.50 -13.67 24.45
N THR E 277 4.54 -12.84 24.02
CA THR E 277 3.14 -13.27 24.04
C THR E 277 2.90 -14.40 23.06
N MET E 278 3.45 -14.32 21.85
CA MET E 278 3.23 -15.37 20.86
C MET E 278 3.90 -16.68 21.28
N ILE E 279 5.06 -16.59 21.92
CA ILE E 279 5.74 -17.80 22.39
C ILE E 279 4.94 -18.48 23.49
N ILE E 280 4.28 -17.68 24.34
CA ILE E 280 3.45 -18.27 25.38
C ILE E 280 2.21 -18.93 24.78
N VAL E 281 1.64 -18.31 23.74
CA VAL E 281 0.50 -18.91 23.07
C VAL E 281 0.94 -20.15 22.29
N GLY E 282 2.16 -20.13 21.75
CA GLY E 282 2.65 -21.32 21.06
C GLY E 282 2.89 -22.48 22.01
N LEU E 283 3.45 -22.20 23.18
CA LEU E 283 3.64 -23.25 24.18
C LEU E 283 2.31 -23.80 24.69
N SER E 284 1.28 -22.95 24.78
CA SER E 284 -0.03 -23.43 25.19
C SER E 284 -0.56 -24.47 24.20
N VAL E 285 -0.32 -24.27 22.91
CA VAL E 285 -0.74 -25.25 21.92
C VAL E 285 0.03 -26.56 22.14
N VAL E 286 1.32 -26.48 22.42
CA VAL E 286 2.10 -27.68 22.70
C VAL E 286 1.51 -28.43 23.90
N VAL E 287 1.23 -27.69 24.98
CA VAL E 287 0.63 -28.29 26.17
C VAL E 287 -0.75 -28.88 25.86
N THR E 288 -1.49 -28.26 24.96
CA THR E 288 -2.80 -28.77 24.62
C THR E 288 -2.70 -30.13 23.92
N VAL E 289 -1.66 -30.31 23.10
CA VAL E 289 -1.44 -31.60 22.45
C VAL E 289 -1.15 -32.68 23.49
N ILE E 290 -0.40 -32.34 24.53
CA ILE E 290 -0.11 -33.30 25.59
C ILE E 290 -1.39 -33.62 26.37
N VAL E 291 -2.23 -32.60 26.60
CA VAL E 291 -3.47 -32.82 27.33
C VAL E 291 -4.39 -33.74 26.53
N LEU E 292 -4.40 -33.59 25.20
CA LEU E 292 -5.23 -34.44 24.37
C LEU E 292 -4.67 -35.86 24.27
N GLN E 293 -3.35 -36.01 24.40
CA GLN E 293 -2.76 -37.34 24.45
C GLN E 293 -3.23 -38.11 25.67
N TYR E 294 -3.38 -37.44 26.81
CA TYR E 294 -3.86 -38.13 28.00
C TYR E 294 -5.35 -38.40 27.93
N HIS E 295 -6.12 -37.47 27.34
CA HIS E 295 -7.56 -37.63 27.33
C HIS E 295 -7.97 -38.75 26.38
N HIS E 296 -7.27 -38.88 25.26
CA HIS E 296 -7.54 -39.90 24.26
C HIS E 296 -6.67 -41.13 24.43
N HIS E 297 -6.05 -41.31 25.60
CA HIS E 297 -5.11 -42.41 25.77
C HIS E 297 -5.82 -43.75 25.66
N ASP E 298 -5.26 -44.63 24.84
CA ASP E 298 -5.84 -45.95 24.63
C ASP E 298 -5.77 -46.76 25.91
N PRO E 299 -6.89 -47.27 26.44
CA PRO E 299 -6.83 -48.02 27.70
C PRO E 299 -5.98 -49.27 27.62
N ASP E 300 -5.94 -49.95 26.47
CA ASP E 300 -5.18 -51.18 26.33
C ASP E 300 -3.72 -50.94 26.04
N GLY E 301 -3.28 -49.68 25.95
CA GLY E 301 -1.89 -49.38 25.74
C GLY E 301 -1.11 -49.44 27.03
N GLY E 302 -0.12 -48.56 27.18
CA GLY E 302 0.68 -48.56 28.39
C GLY E 302 -0.15 -48.32 29.63
N LYS E 303 0.49 -48.36 30.79
CA LYS E 303 -0.17 -48.13 32.07
C LYS E 303 0.41 -46.86 32.68
N MET E 304 -0.47 -46.03 33.24
CA MET E 304 -0.03 -44.79 33.87
C MET E 304 1.22 -45.04 34.71
N PRO E 305 2.37 -44.50 34.31
CA PRO E 305 3.58 -44.63 35.14
C PRO E 305 3.33 -44.34 36.61
N LYS E 306 4.23 -44.81 37.48
CA LYS E 306 4.07 -44.53 38.90
C LYS E 306 4.20 -43.04 39.18
N TRP E 307 5.13 -42.38 38.49
CA TRP E 307 5.37 -40.97 38.75
C TRP E 307 4.21 -40.11 38.25
N THR E 308 3.52 -40.54 37.20
CA THR E 308 2.35 -39.80 36.74
C THR E 308 1.21 -39.89 37.75
N ARG E 309 0.98 -41.07 38.33
CA ARG E 309 -0.16 -41.26 39.22
C ARG E 309 0.04 -40.60 40.58
N VAL E 310 1.26 -40.29 40.98
CA VAL E 310 1.50 -39.60 42.24
C VAL E 310 1.63 -38.09 42.05
N ILE E 311 2.44 -37.66 41.08
CA ILE E 311 2.64 -36.23 40.88
C ILE E 311 1.33 -35.53 40.53
N LEU E 312 0.51 -36.17 39.70
CA LEU E 312 -0.69 -35.53 39.16
C LEU E 312 -1.94 -35.95 39.93
N LEU E 313 -2.24 -37.24 39.97
CA LEU E 313 -3.49 -37.70 40.58
C LEU E 313 -3.50 -37.55 42.09
N ASN E 314 -2.37 -37.32 42.73
CA ASN E 314 -2.31 -37.20 44.19
C ASN E 314 -1.89 -35.81 44.63
N TRP E 315 -0.66 -35.39 44.33
CA TRP E 315 -0.16 -34.10 44.80
C TRP E 315 -0.88 -32.93 44.16
N CYS E 316 -0.70 -32.77 42.84
CA CYS E 316 -1.30 -31.64 42.14
C CYS E 316 -2.81 -31.62 42.31
N ALA E 317 -3.45 -32.79 42.28
CA ALA E 317 -4.91 -32.83 42.42
C ALA E 317 -5.34 -32.35 43.80
N TRP E 318 -4.62 -32.75 44.85
CA TRP E 318 -4.94 -32.27 46.19
C TRP E 318 -4.74 -30.76 46.28
N PHE E 319 -3.58 -30.27 45.83
CA PHE E 319 -3.29 -28.85 45.90
C PHE E 319 -4.39 -28.04 45.22
N LEU E 320 -4.78 -28.45 44.02
CA LEU E 320 -5.80 -27.75 43.26
C LEU E 320 -7.22 -28.05 43.74
N ARG E 321 -7.37 -28.82 44.81
CA ARG E 321 -8.68 -29.19 45.34
C ARG E 321 -9.60 -29.65 44.22
N MET E 322 -9.23 -30.77 43.60
CA MET E 322 -9.96 -31.31 42.46
C MET E 322 -10.63 -32.64 42.76
N LYS E 323 -9.93 -33.57 43.40
CA LYS E 323 -10.52 -34.85 43.82
C LYS E 323 -10.91 -35.68 42.60
N PRO E 479 -29.23 -79.97 31.29
CA PRO E 479 -28.19 -79.68 30.30
C PRO E 479 -28.41 -78.34 29.59
N ASP E 480 -29.65 -78.06 29.21
CA ASP E 480 -29.95 -76.78 28.57
C ASP E 480 -29.71 -75.63 29.53
N LEU E 481 -30.06 -75.81 30.81
CA LEU E 481 -29.90 -74.76 31.79
C LEU E 481 -28.42 -74.44 32.04
N ALA E 482 -27.52 -75.40 31.79
CA ALA E 482 -26.10 -75.14 31.93
C ALA E 482 -25.55 -74.37 30.73
N LYS E 483 -25.99 -74.72 29.52
CA LYS E 483 -25.59 -73.95 28.35
C LYS E 483 -26.06 -72.50 28.45
N ILE E 484 -27.28 -72.28 28.95
CA ILE E 484 -27.77 -70.92 29.11
C ILE E 484 -26.91 -70.16 30.11
N LEU E 485 -26.48 -70.85 31.17
CA LEU E 485 -25.58 -70.23 32.14
C LEU E 485 -24.27 -69.81 31.49
N GLU E 486 -23.70 -70.66 30.64
CA GLU E 486 -22.43 -70.32 30.00
C GLU E 486 -22.56 -69.08 29.15
N GLU E 487 -23.68 -68.92 28.45
CA GLU E 487 -23.84 -67.76 27.57
C GLU E 487 -24.15 -66.50 28.38
N VAL E 488 -24.98 -66.63 29.42
CA VAL E 488 -25.30 -65.48 30.25
C VAL E 488 -24.06 -65.01 31.01
N ARG E 489 -23.22 -65.94 31.45
CA ARG E 489 -22.00 -65.56 32.14
C ARG E 489 -21.00 -64.91 31.21
N TYR E 490 -20.99 -65.29 29.94
CA TYR E 490 -20.11 -64.61 28.99
C TYR E 490 -20.56 -63.16 28.79
N ILE E 491 -21.87 -62.93 28.76
CA ILE E 491 -22.38 -61.58 28.53
C ILE E 491 -22.10 -60.70 29.72
N ALA E 492 -22.14 -61.25 30.93
CA ALA E 492 -21.92 -60.45 32.13
C ALA E 492 -20.43 -60.17 32.34
N ASN E 493 -19.57 -61.12 32.00
CA ASN E 493 -18.12 -60.88 32.12
C ASN E 493 -17.64 -59.87 31.09
N ARG E 494 -18.24 -59.88 29.90
CA ARG E 494 -17.89 -58.88 28.90
C ARG E 494 -18.23 -57.48 29.39
N PHE E 495 -19.36 -57.33 30.08
CA PHE E 495 -19.70 -56.03 30.66
C PHE E 495 -18.71 -55.65 31.76
N ARG E 496 -18.36 -56.61 32.63
CA ARG E 496 -17.40 -56.33 33.69
C ARG E 496 -16.06 -55.87 33.13
N CYS E 497 -15.60 -56.51 32.05
CA CYS E 497 -14.34 -56.11 31.44
C CYS E 497 -14.43 -54.70 30.87
N GLN E 498 -15.56 -54.36 30.23
CA GLN E 498 -15.75 -53.01 29.73
C GLN E 498 -15.72 -51.99 30.87
N ASP E 499 -16.29 -52.35 32.02
CA ASP E 499 -16.28 -51.43 33.16
C ASP E 499 -14.86 -51.15 33.63
N GLU E 500 -14.02 -52.18 33.67
CA GLU E 500 -12.62 -51.97 34.07
C GLU E 500 -11.91 -51.06 33.08
N SER E 501 -12.12 -51.27 31.78
CA SER E 501 -11.44 -50.45 30.78
C SER E 501 -11.88 -48.99 30.86
N GLU E 502 -13.18 -48.75 31.05
CA GLU E 502 -13.66 -47.37 31.14
C GLU E 502 -13.21 -46.71 32.44
N ALA E 503 -12.94 -47.49 33.49
CA ALA E 503 -12.41 -46.90 34.71
C ALA E 503 -10.94 -46.53 34.54
N VAL E 504 -10.21 -47.25 33.71
CA VAL E 504 -8.85 -46.84 33.38
C VAL E 504 -8.88 -45.60 32.48
N CYS E 505 -9.82 -45.54 31.54
CA CYS E 505 -9.96 -44.36 30.70
C CYS E 505 -10.34 -43.14 31.52
N SER E 506 -11.18 -43.32 32.55
CA SER E 506 -11.59 -42.18 33.36
C SER E 506 -10.41 -41.64 34.16
N GLU E 507 -9.46 -42.51 34.49
CA GLU E 507 -8.29 -42.09 35.23
C GLU E 507 -7.33 -41.30 34.33
N TRP E 508 -7.22 -41.68 33.07
CA TRP E 508 -6.44 -40.88 32.12
C TRP E 508 -7.09 -39.55 31.81
N LYS E 509 -8.43 -39.50 31.80
CA LYS E 509 -9.12 -38.24 31.54
C LYS E 509 -8.97 -37.30 32.71
N PHE E 510 -8.97 -37.82 33.94
CA PHE E 510 -8.71 -36.99 35.11
C PHE E 510 -7.31 -36.39 35.06
N ALA E 511 -6.31 -37.17 34.62
CA ALA E 511 -4.96 -36.64 34.48
C ALA E 511 -4.92 -35.48 33.49
N ALA E 512 -5.63 -35.61 32.37
CA ALA E 512 -5.69 -34.52 31.40
C ALA E 512 -6.31 -33.28 32.02
N CYS E 513 -7.38 -33.45 32.81
CA CYS E 513 -8.00 -32.32 33.48
C CYS E 513 -7.05 -31.65 34.47
N VAL E 514 -6.32 -32.44 35.27
CA VAL E 514 -5.41 -31.88 36.25
C VAL E 514 -4.29 -31.11 35.55
N VAL E 515 -3.64 -31.73 34.56
CA VAL E 515 -2.62 -31.05 33.79
C VAL E 515 -3.17 -29.79 33.14
N ASP E 516 -4.40 -29.88 32.64
CA ASP E 516 -5.08 -28.69 32.11
C ASP E 516 -5.26 -27.61 33.18
N ARG E 517 -5.65 -28.00 34.39
CA ARG E 517 -5.81 -27.04 35.48
C ARG E 517 -4.48 -26.49 35.98
N LEU E 518 -3.44 -27.28 36.08
CA LEU E 518 -2.15 -26.79 36.46
C LEU E 518 -1.59 -25.87 35.41
N CYS E 519 -1.83 -26.16 34.14
CA CYS E 519 -1.27 -25.31 33.11
C CYS E 519 -1.96 -23.97 33.04
N LEU E 520 -3.28 -23.93 33.27
CA LEU E 520 -3.98 -22.66 33.31
C LEU E 520 -3.33 -21.69 34.30
N MET E 521 -3.11 -22.13 35.50
CA MET E 521 -2.53 -21.27 36.51
C MET E 521 -1.11 -20.88 36.13
N ALA E 522 -0.29 -21.85 35.71
CA ALA E 522 1.09 -21.55 35.36
C ALA E 522 1.17 -20.55 34.20
N PHE E 523 0.34 -20.73 33.17
CA PHE E 523 0.38 -19.86 32.02
C PHE E 523 -0.21 -18.49 32.32
N SER E 524 -1.18 -18.43 33.24
CA SER E 524 -1.67 -17.13 33.69
C SER E 524 -0.57 -16.34 34.39
N VAL E 525 0.26 -17.02 35.17
CA VAL E 525 1.35 -16.36 35.88
C VAL E 525 2.43 -15.91 34.90
N PHE E 526 2.76 -16.74 33.90
CA PHE E 526 3.76 -16.33 32.92
C PHE E 526 3.30 -15.11 32.15
N THR E 527 2.02 -15.05 31.78
CA THR E 527 1.52 -13.91 31.03
C THR E 527 1.64 -12.63 31.83
N ILE E 528 1.18 -12.64 33.08
CA ILE E 528 1.23 -11.44 33.91
C ILE E 528 2.68 -10.98 34.10
N ILE E 529 3.58 -11.92 34.46
CA ILE E 529 4.96 -11.54 34.75
C ILE E 529 5.61 -10.96 33.49
N CYS E 530 5.52 -11.68 32.38
CA CYS E 530 6.14 -11.21 31.15
C CYS E 530 5.57 -9.85 30.75
N THR E 531 4.24 -9.71 30.77
CA THR E 531 3.62 -8.46 30.35
C THR E 531 4.08 -7.30 31.22
N ILE E 532 3.91 -7.44 32.54
CA ILE E 532 4.27 -6.35 33.45
C ILE E 532 5.77 -6.11 33.42
N GLY E 533 6.57 -7.18 33.42
CA GLY E 533 8.01 -7.03 33.45
C GLY E 533 8.57 -6.32 32.24
N ILE E 534 8.07 -6.67 31.06
CA ILE E 534 8.56 -6.03 29.84
C ILE E 534 8.11 -4.57 29.78
N LEU E 535 6.84 -4.31 30.07
CA LEU E 535 6.32 -2.95 29.92
C LEU E 535 6.94 -1.99 30.91
N MET E 536 7.18 -2.42 32.15
CA MET E 536 7.71 -1.53 33.17
C MET E 536 9.22 -1.39 33.13
N SER E 537 9.89 -2.09 32.21
CA SER E 537 11.32 -1.89 32.03
C SER E 537 11.60 -0.58 31.29
N ALA E 538 10.59 0.00 30.66
CA ALA E 538 10.77 1.24 29.90
C ALA E 538 10.91 2.42 30.85
N PRO E 539 11.99 3.20 30.77
CA PRO E 539 12.14 4.33 31.71
C PRO E 539 10.98 5.32 31.67
N ASN E 540 10.27 5.43 30.54
CA ASN E 540 9.20 6.40 30.38
C ASN E 540 7.82 5.80 30.52
N PHE E 541 7.70 4.57 31.03
CA PHE E 541 6.39 3.93 31.10
C PHE E 541 5.50 4.61 32.13
N VAL E 542 6.03 4.90 33.32
CA VAL E 542 5.24 5.50 34.38
C VAL E 542 4.71 6.87 33.93
N GLU E 543 5.60 7.69 33.36
CA GLU E 543 5.17 9.00 32.86
C GLU E 543 4.12 8.85 31.77
N ALA E 544 4.28 7.87 30.88
CA ALA E 544 3.33 7.68 29.80
C ALA E 544 1.93 7.43 30.33
N VAL E 545 1.79 6.50 31.27
CA VAL E 545 0.46 6.17 31.79
C VAL E 545 -0.11 7.34 32.56
N SER E 546 0.74 8.11 33.26
CA SER E 546 0.25 9.27 34.00
C SER E 546 -0.35 10.31 33.06
N LYS E 547 0.34 10.61 31.96
CA LYS E 547 -0.07 11.71 31.10
C LYS E 547 -1.05 11.30 30.00
N ASP E 548 -0.96 10.08 29.50
CA ASP E 548 -1.72 9.69 28.31
C ASP E 548 -2.95 8.83 28.62
N PHE E 549 -3.01 8.23 29.81
CA PHE E 549 -4.14 7.38 30.18
C PHE E 549 -4.75 7.82 31.50
C1 NAG F . 51.46 24.11 -25.19
C2 NAG F . 52.79 24.76 -25.59
C3 NAG F . 53.33 24.11 -26.86
C4 NAG F . 53.39 22.58 -26.69
C5 NAG F . 52.03 22.06 -26.24
C6 NAG F . 52.05 20.58 -25.95
C7 NAG F . 53.21 27.10 -24.97
C8 NAG F . 52.95 28.53 -25.32
N2 NAG F . 52.64 26.19 -25.78
O3 NAG F . 54.63 24.61 -27.13
O4 NAG F . 53.71 21.99 -27.94
O5 NAG F . 51.65 22.71 -25.02
O6 NAG F . 50.82 20.16 -25.38
O7 NAG F . 53.91 26.77 -24.02
H2 NAG F . 53.43 24.60 -24.86
H3 NAG F . 52.74 24.31 -27.60
H4 NAG F . 54.07 22.35 -26.03
H5 NAG F . 51.37 22.25 -26.94
H61 NAG F . 52.78 20.38 -25.33
H62 NAG F . 52.19 20.09 -26.78
H81 NAG F . 53.42 29.11 -24.67
H82 NAG F . 51.99 28.70 -25.28
H83 NAG F . 53.29 28.72 -26.21
HN2 NAG F . 52.13 26.48 -26.47
HO3 NAG F . 54.61 25.50 -27.12
HO6 NAG F . 50.89 19.32 -25.12
C1 NAG F . 55.05 21.47 -27.96
C2 NAG F . 55.12 20.38 -29.03
C3 NAG F . 56.54 19.84 -29.13
C4 NAG F . 57.51 20.98 -29.39
C5 NAG F . 57.36 22.05 -28.32
C6 NAG F . 58.22 23.27 -28.57
C7 NAG F . 53.00 19.15 -29.32
C8 NAG F . 52.63 20.17 -30.37
N2 NAG F . 54.19 19.31 -28.73
O3 NAG F . 56.61 18.89 -30.19
O4 NAG F . 58.85 20.50 -29.41
O5 NAG F . 56.01 22.50 -28.25
O6 NAG F . 58.16 24.19 -27.49
O7 NAG F . 52.25 18.22 -29.03
H2 NAG F . 54.92 20.80 -29.89
H3 NAG F . 56.78 19.40 -28.29
H4 NAG F . 57.31 21.38 -30.26
H5 NAG F . 57.62 21.66 -27.45
H61 NAG F . 57.90 23.72 -29.38
H62 NAG F . 59.14 22.99 -28.70
H81 NAG F . 52.61 21.05 -29.97
H82 NAG F . 53.28 20.14 -31.10
H83 NAG F . 51.74 19.95 -30.72
HN2 NAG F . 54.43 18.70 -28.10
HO3 NAG F . 56.31 19.27 -30.94
HO4 NAG F . 58.99 20.03 -30.16
HO6 NAG F . 57.30 24.37 -27.31
C1 NAG G . 45.83 28.15 -2.76
C2 NAG G . 47.08 28.32 -1.92
C3 NAG G . 48.13 27.26 -2.29
C4 NAG G . 47.53 25.87 -2.24
C5 NAG G . 46.25 25.82 -3.07
C6 NAG G . 45.55 24.49 -2.99
C7 NAG G . 47.59 30.57 -1.11
C8 NAG G . 48.25 31.88 -1.42
N2 NAG G . 47.63 29.65 -2.07
O3 NAG G . 49.23 27.34 -1.39
O4 NAG G . 48.44 24.92 -2.78
O5 NAG G . 45.34 26.81 -2.60
O6 NAG G . 44.97 24.28 -1.71
O7 NAG G . 47.06 30.35 -0.03
H2 NAG G . 46.85 28.20 -0.99
H3 NAG G . 48.44 27.43 -3.19
H4 NAG G . 47.33 25.65 -1.31
H5 NAG G . 46.53 25.98 -3.99
H61 NAG G . 46.17 23.77 -3.19
H62 NAG G . 44.85 24.45 -3.67
H81 NAG G . 48.35 32.39 -0.60
H82 NAG G . 47.68 32.37 -2.04
H83 NAG G . 49.11 31.71 -1.82
HN2 NAG G . 48.00 29.86 -2.82
HO3 NAG G . 48.96 27.15 -0.61
HO6 NAG G . 44.89 23.46 -1.57
C1 NAG G . 48.85 23.96 -1.79
C2 NAG G . 49.26 22.65 -2.46
C3 NAG G . 49.76 21.66 -1.43
C4 NAG G . 50.86 22.28 -0.57
C5 NAG G . 50.37 23.60 0.03
C6 NAG G . 51.44 24.33 0.79
C7 NAG G . 48.19 21.99 -4.57
C8 NAG G . 47.04 21.26 -5.19
N2 NAG G . 48.17 22.08 -3.23
O3 NAG G . 50.26 20.50 -2.08
O4 NAG G . 51.20 21.39 0.48
O5 NAG G . 49.94 24.47 -1.02
O6 NAG G . 50.88 25.10 1.84
O7 NAG G . 49.09 22.48 -5.24
H2 NAG G . 49.99 22.86 -3.07
H3 NAG G . 49.02 21.41 -0.84
H4 NAG G . 51.63 22.45 -1.13
H5 NAG G . 49.65 23.37 0.64
H61 NAG G . 51.93 24.91 0.18
H62 NAG G . 52.08 23.70 1.15
H81 NAG G . 46.57 20.76 -4.49
H82 NAG G . 47.38 20.65 -5.86
H83 NAG G . 46.44 21.91 -5.59
HN2 NAG G . 47.48 21.78 -2.81
HO3 NAG G . 50.00 19.81 -1.67
HO6 NAG G . 51.50 25.41 2.31
C1 BMA G . 52.61 21.06 0.42
C2 BMA G . 52.96 20.31 1.71
C3 BMA G . 54.42 19.90 1.68
C4 BMA G . 54.73 19.11 0.39
C5 BMA G . 54.30 19.94 -0.85
C6 BMA G . 54.53 19.19 -2.14
O2 BMA G . 52.20 19.12 1.79
O3 BMA G . 54.78 19.13 2.81
O4 BMA G . 56.11 18.84 0.32
O5 BMA G . 52.91 20.26 -0.72
O6 BMA G . 54.37 17.80 -1.89
H2 BMA G . 52.76 20.89 2.46
H3 BMA G . 54.94 20.72 1.68
H4 BMA G . 54.24 18.29 0.41
H5 BMA G . 54.86 20.73 -0.87
H61 BMA G . 55.41 19.37 -2.49
H62 BMA G . 53.89 19.48 -2.81
HO2 BMA G . 51.80 18.97 1.06
HO3 BMA G . 54.37 18.38 2.77
HO4 BMA G . 56.51 19.48 -0.05
HO6 BMA G . 54.20 17.40 -2.62
C1 NAG H . 19.16 27.24 -52.49
C2 NAG H . 19.84 27.81 -53.73
C3 NAG H . 18.82 27.99 -54.86
C4 NAG H . 18.05 26.70 -55.09
C5 NAG H . 17.46 26.19 -53.78
C6 NAG H . 16.77 24.86 -53.92
C7 NAG H . 21.84 29.21 -53.47
C8 NAG H . 22.36 30.57 -53.15
N2 NAG H . 20.51 29.07 -53.44
O3 NAG H . 19.49 28.38 -56.05
O4 NAG H . 16.96 26.95 -55.99
O5 NAG H . 18.51 26.02 -52.82
O6 NAG H . 16.39 24.35 -52.64
O7 NAG H . 22.59 28.27 -53.76
H2 NAG H . 20.50 27.16 -54.04
H3 NAG H . 18.19 28.70 -54.60
H4 NAG H . 18.64 26.02 -55.47
H5 NAG H . 16.81 26.86 -53.45
H61 NAG H . 17.38 24.23 -54.34
H62 NAG H . 15.97 24.96 -54.47
H81 NAG H . 23.33 30.57 -53.20
H82 NAG H . 22.08 30.82 -52.25
H83 NAG H . 22.00 31.22 -53.79
HN2 NAG H . 20.00 29.79 -53.23
HO3 NAG H . 20.02 29.08 -55.88
HO6 NAG H . 16.09 23.52 -52.74
C1 NAG H . 17.21 26.37 -57.28
C2 NAG H . 15.86 26.17 -57.97
C3 NAG H . 16.07 25.60 -59.38
C4 NAG H . 16.99 26.53 -60.17
C5 NAG H . 18.30 26.72 -59.41
C6 NAG H . 19.22 27.72 -60.08
C7 NAG H . 14.02 25.67 -56.40
C8 NAG H . 13.77 27.15 -56.32
N2 NAG H . 15.02 25.26 -57.19
O3 NAG H . 14.81 25.50 -60.03
O4 NAG H . 17.25 25.98 -61.45
O5 NAG H . 18.04 27.23 -58.09
O6 NAG H . 20.48 27.78 -59.43
O7 NAG H . 13.34 24.86 -55.76
H2 NAG H . 15.44 27.04 -58.08
H3 NAG H . 16.49 24.73 -59.31
H4 NAG H . 16.55 27.40 -60.28
H5 NAG H . 18.76 25.86 -59.35
H61 NAG H . 18.80 28.61 -60.06
H62 NAG H . 19.35 27.46 -61.01
H81 NAG H . 14.57 27.60 -56.00
H82 NAG H . 13.54 27.48 -57.22
H83 NAG H . 13.03 27.31 -55.71
HN2 NAG H . 15.19 24.37 -57.25
HO3 NAG H . 14.40 26.28 -60.01
HO4 NAG H . 16.53 26.05 -61.96
HO6 NAG H . 20.35 27.94 -58.56
C1 NAG I . 34.42 17.52 -37.53
C2 NAG I . 35.63 16.98 -38.28
C3 NAG I . 35.19 16.24 -39.55
C4 NAG I . 34.12 15.19 -39.21
C5 NAG I . 32.99 15.84 -38.43
C6 NAG I . 31.95 14.84 -37.97
C7 NAG I . 37.74 18.18 -38.03
C8 NAG I . 38.60 19.30 -38.53
N2 NAG I . 36.56 18.04 -38.62
O3 NAG I . 36.31 15.60 -40.14
O4 NAG I . 33.57 14.66 -40.42
O5 NAG I . 33.52 16.45 -37.24
O6 NAG I . 32.44 13.98 -36.97
O7 NAG I . 38.12 17.43 -37.14
H2 NAG I . 36.09 16.35 -37.71
H3 NAG I . 34.80 16.88 -40.17
H4 NAG I . 34.54 14.49 -38.69
H5 NAG I . 32.58 16.48 -39.02
H61 NAG I . 31.66 14.32 -38.73
H62 NAG I . 31.17 15.32 -37.64
H81 NAG I . 39.50 19.20 -38.19
H82 NAG I . 38.23 20.14 -38.20
H83 NAG I . 38.59 19.30 -39.49
HN2 NAG I . 36.33 18.61 -39.22
HO3 NAG I . 36.60 15.01 -39.62
HO6 NAG I . 32.01 13.26 -36.97
C1 NAG I . 33.85 13.25 -40.52
C2 NAG I . 32.78 12.58 -41.39
C3 NAG I . 33.10 11.11 -41.58
C4 NAG I . 34.52 10.93 -42.11
C5 NAG I . 35.51 11.66 -41.20
C6 NAG I . 36.92 11.63 -41.73
C7 NAG I . 30.50 13.49 -41.41
C8 NAG I . 29.16 13.44 -40.75
N2 NAG I . 31.46 12.75 -40.83
O3 NAG I . 32.17 10.52 -42.49
O4 NAG I . 34.85 9.54 -42.13
O5 NAG I . 35.13 13.04 -41.11
O6 NAG I . 37.86 11.66 -40.66
O7 NAG I . 30.72 14.16 -42.41
H2 NAG I . 32.79 13.02 -42.27
H3 NAG I . 33.04 10.66 -40.72
H4 NAG I . 34.57 11.29 -43.01
H5 NAG I . 35.47 11.20 -40.34
H61 NAG I . 37.06 12.38 -42.32
H62 NAG I . 37.05 10.82 -42.26
H81 NAG I . 29.13 12.70 -40.13
H82 NAG I . 28.47 13.34 -41.44
H83 NAG I . 29.00 14.28 -40.27
HN2 NAG I . 31.28 12.35 -40.09
HO3 NAG I . 31.93 9.77 -42.19
HO6 NAG I . 38.63 11.54 -40.97
C1 BMA I . 35.20 9.14 -43.47
C2 BMA I . 35.76 7.71 -43.37
C3 BMA I . 36.12 7.22 -44.77
C4 BMA I . 34.91 7.34 -45.70
C5 BMA I . 34.38 8.79 -45.70
C6 BMA I . 33.14 8.96 -46.55
O2 BMA I . 34.78 6.83 -42.85
O3 BMA I . 36.57 5.88 -44.75
O4 BMA I . 35.28 6.98 -47.01
O5 BMA I . 34.07 9.16 -44.34
O6 BMA I . 32.42 7.75 -46.54
H2 BMA I . 36.54 7.73 -42.79
H3 BMA I . 36.84 7.78 -45.09
H4 BMA I . 34.21 6.74 -45.39
H5 BMA I . 35.08 9.36 -46.07
H61 BMA I . 33.39 9.20 -47.46
H62 BMA I . 32.60 9.69 -46.21
HO2 BMA I . 34.04 7.22 -42.83
HO3 BMA I . 35.94 5.37 -44.53
HO4 BMA I . 35.58 7.66 -47.42
HO6 BMA I . 31.61 7.90 -46.76
C1 NAG J . -11.18 50.64 -34.26
C2 NAG J . -11.39 51.75 -35.28
C3 NAG J . -12.48 52.72 -34.81
C4 NAG J . -13.74 51.96 -34.42
C5 NAG J . -13.39 50.84 -33.44
C6 NAG J . -14.58 49.97 -33.11
C7 NAG J . -9.53 52.42 -36.74
C8 NAG J . -8.27 53.22 -36.84
N2 NAG J . -10.16 52.47 -35.56
O3 NAG J . -12.77 53.65 -35.84
O4 NAG J . -14.65 52.83 -33.79
O5 NAG J . -12.41 49.98 -34.02
O6 NAG J . -14.19 48.85 -32.32
O7 NAG J . -9.97 51.76 -37.68
H2 NAG J . -11.71 51.34 -36.12
H3 NAG J . -12.15 53.20 -34.03
H4 NAG J . -14.15 51.57 -35.22
H5 NAG J . -13.05 51.24 -32.62
H61 NAG J . -14.99 49.65 -33.93
H62 NAG J . -15.23 50.49 -32.60
H81 NAG J . -7.89 53.12 -37.74
H82 NAG J . -7.62 52.90 -36.18
H83 NAG J . -8.47 54.16 -36.68
HN2 NAG J . -9.79 52.97 -34.90
HO3 NAG J . -12.02 54.03 -36.12
HO6 NAG J . -14.88 48.30 -32.23
C1 NAG J . -15.78 53.15 -34.64
C2 NAG J . -16.94 53.58 -33.74
C3 NAG J . -18.14 53.97 -34.60
C4 NAG J . -17.73 55.05 -35.60
C5 NAG J . -16.55 54.57 -36.42
C6 NAG J . -16.02 55.63 -37.36
C7 NAG J . -16.94 52.47 -31.53
C8 NAG J . -16.12 53.62 -31.02
N2 NAG J . -17.31 52.51 -32.82
O3 NAG J . -19.17 54.45 -33.76
O4 NAG J . -18.83 55.36 -36.45
O5 NAG J . -15.47 54.19 -35.57
O6 NAG J . -15.00 55.11 -38.20
O7 NAG J . -17.28 51.55 -30.80
H2 NAG J . -16.66 54.38 -33.27
H3 NAG J . -18.45 53.18 -35.09
H4 NAG J . -17.47 55.85 -35.11
H5 NAG J . -16.82 53.79 -36.95
H61 NAG J . -15.65 56.36 -36.84
H62 NAG J . -16.74 55.97 -37.91
H81 NAG J . -15.28 53.67 -31.54
H82 NAG J . -16.62 54.46 -31.12
H83 NAG J . -15.92 53.48 -30.08
HN2 NAG J . -17.80 51.82 -33.15
HO3 NAG J . -18.87 55.11 -33.25
HO4 NAG J . -19.43 55.82 -36.01
HO6 NAG J . -14.37 54.73 -37.72
C1 NAG K . -0.40 31.90 -43.39
C2 NAG K . -0.72 31.76 -44.87
C3 NAG K . -2.21 32.01 -45.11
C4 NAG K . -3.06 31.13 -44.20
C5 NAG K . -2.61 31.31 -42.76
C6 NAG K . -3.35 30.40 -41.80
C7 NAG K . 1.07 32.27 -46.46
C8 NAG K . 1.77 33.34 -47.24
N2 NAG K . 0.09 32.68 -45.66
O3 NAG K . -2.51 31.73 -46.47
O4 NAG K . -4.43 31.52 -44.29
O5 NAG K . -1.22 31.00 -42.65
O6 NAG K . -2.97 29.04 -41.97
O7 NAG K . 1.38 31.08 -46.55
H2 NAG K . -0.50 30.86 -45.15
H3 NAG K . -2.40 32.94 -44.92
H4 NAG K . -2.96 30.21 -44.47
H5 NAG K . -2.81 32.23 -42.52
H61 NAG K . -4.31 30.49 -41.94
H62 NAG K . -3.16 30.67 -40.89
H81 NAG K . 2.31 32.92 -47.93
H82 NAG K . 2.34 33.84 -46.64
H83 NAG K . 1.11 33.92 -47.64
HN2 NAG K . -0.08 33.52 -45.61
HO3 NAG K . -2.39 30.91 -46.62
HO6 NAG K . -3.58 28.54 -41.71
C1 NAG K . -5.23 30.44 -44.81
C2 NAG K . -6.67 30.60 -44.33
C3 NAG K . -7.55 29.50 -44.94
C4 NAG K . -7.42 29.51 -46.45
C5 NAG K . -5.95 29.39 -46.85
C6 NAG K . -5.72 29.50 -48.33
C7 NAG K . -7.11 31.62 -42.14
C8 NAG K . -7.26 31.37 -40.68
N2 NAG K . -6.75 30.57 -42.88
O3 NAG K . -8.90 29.73 -44.57
O4 NAG K . -8.12 28.40 -46.98
O5 NAG K . -5.20 30.46 -46.24
O6 NAG K . -4.58 28.75 -48.73
O7 NAG K . -7.29 32.73 -42.63
H2 NAG K . -7.00 31.47 -44.62
H3 NAG K . -7.26 28.65 -44.60
H4 NAG K . -7.78 30.33 -46.81
H5 NAG K . -5.65 28.52 -46.53
H61 NAG K . -5.61 30.43 -48.58
H62 NAG K . -6.51 29.17 -48.81
H81 NAG K . -7.29 30.42 -40.51
H82 NAG K . -8.07 31.79 -40.36
H83 NAG K . -6.50 31.75 -40.21
HN2 NAG K . -6.56 29.83 -42.48
HO3 NAG K . -9.26 29.00 -44.36
HO6 NAG K . -4.53 28.73 -49.57
C1 BMA K . -9.13 28.84 -47.92
C2 BMA K . -9.67 27.59 -48.63
C3 BMA K . -10.77 28.00 -49.60
C4 BMA K . -11.84 28.83 -48.88
C5 BMA K . -11.19 30.03 -48.16
C6 BMA K . -12.19 30.85 -47.38
O2 BMA K . -10.27 26.71 -47.68
O3 BMA K . -11.37 26.88 -50.22
O4 BMA K . -12.79 29.30 -49.81
O5 BMA K . -10.17 29.54 -47.27
O6 BMA K . -13.22 29.99 -46.92
H2 BMA K . -8.94 27.15 -49.08
H3 BMA K . -10.35 28.54 -50.28
H4 BMA K . -12.28 28.27 -48.22
H5 BMA K . -10.80 30.61 -48.85
H61 BMA K . -12.56 31.56 -47.94
H62 BMA K . -11.76 31.29 -46.63
HO2 BMA K . -10.34 27.10 -46.94
HO3 BMA K . -11.79 26.43 -49.64
HO4 BMA K . -12.53 30.03 -50.14
HO6 BMA K . -13.62 30.35 -46.27
C1 NAG L . 2.39 61.97 4.29
C2 NAG L . 2.26 63.49 4.25
C3 NAG L . 2.71 64.10 5.57
C4 NAG L . 1.97 63.44 6.75
C5 NAG L . 2.12 61.92 6.65
C6 NAG L . 1.33 61.19 7.71
C7 NAG L . 2.46 64.65 2.09
C8 NAG L . 3.41 65.16 1.05
N2 NAG L . 3.03 64.05 3.15
O3 NAG L . 2.45 65.49 5.58
O4 NAG L . 2.55 63.87 7.97
O5 NAG L . 1.63 61.46 5.39
O6 NAG L . 1.35 59.79 7.50
O7 NAG L . 1.25 64.76 1.99
H2 NAG L . 1.32 63.71 4.12
H3 NAG L . 3.66 63.95 5.69
H4 NAG L . 1.03 63.68 6.72
H5 NAG L . 3.07 61.69 6.74
H61 NAG L . 0.41 61.50 7.69
H62 NAG L . 1.71 61.38 8.59
H81 NAG L . 2.91 65.58 0.33
H82 NAG L . 3.94 64.42 0.70
H83 NAG L . 4.01 65.83 1.46
HN2 NAG L . 3.94 63.98 3.18
HO3 NAG L . 2.80 65.86 4.84
HO6 NAG L . 0.79 59.39 8.06
C1 NAG L . 1.68 64.77 8.67
C2 NAG L . 2.06 64.72 10.16
C3 NAG L . 1.20 65.71 10.94
C4 NAG L . 1.35 67.10 10.35
C5 NAG L . 1.00 67.08 8.87
C6 NAG L . 1.22 68.41 8.18
C7 NAG L . 2.89 62.51 10.89
C8 NAG L . 4.28 63.00 10.55
N2 NAG L . 1.89 63.38 10.68
O3 NAG L . 1.62 65.72 12.30
O4 NAG L . 0.49 68.02 11.02
O5 NAG L . 1.82 66.11 8.18
O6 NAG L . 0.77 68.38 6.83
O7 NAG L . 2.70 61.39 11.34
H2 NAG L . 2.98 65.03 10.23
H3 NAG L . 0.27 65.43 10.90
H4 NAG L . 2.28 67.41 10.45
H5 NAG L . 0.06 66.83 8.77
H61 NAG L . 2.18 68.61 8.19
H62 NAG L . 0.74 69.10 8.67
H81 NAG L . 4.32 63.23 9.60
H82 NAG L . 4.50 63.78 11.10
H83 NAG L . 4.93 62.29 10.73
HN2 NAG L . 1.05 63.11 10.89
HO3 NAG L . 2.49 65.89 12.34
HO4 NAG L . 0.82 68.19 11.83
HO6 NAG L . 1.14 67.69 6.41
C1 NAG M . -10.49 51.39 -12.24
C2 NAG M . -11.72 52.23 -12.58
C3 NAG M . -12.37 52.77 -11.30
C4 NAG M . -12.63 51.64 -10.31
C5 NAG M . -11.35 50.84 -10.09
C6 NAG M . -11.56 49.64 -9.18
C7 NAG M . -11.73 53.35 -14.75
C8 NAG M . -11.33 54.56 -15.52
N2 NAG M . -11.37 53.32 -13.47
O3 NAG M . -13.59 53.41 -11.63
O4 NAG M . -13.04 52.19 -9.06
O5 NAG M . -10.87 50.35 -11.34
O6 NAG M . -12.34 48.64 -9.82
O7 NAG M . -12.38 52.43 -15.27
H2 NAG M . -12.35 51.66 -13.03
H3 NAG M . -11.76 53.40 -10.89
H4 NAG M . -13.33 51.07 -10.67
H5 NAG M . -10.72 51.45 -9.66
H61 NAG M . -12.00 49.92 -8.37
H62 NAG M . -10.70 49.28 -8.92
H81 NAG M . -11.82 54.58 -16.36
H82 NAG M . -10.37 54.52 -15.70
H83 NAG M . -11.53 55.35 -15.00
HN2 NAG M . -10.90 53.97 -13.17
HO3 NAG M . -14.13 52.84 -11.94
HO6 NAG M . -12.72 48.16 -9.24
C1 NAG M . -14.38 51.77 -8.73
C2 NAG M . -14.57 51.80 -7.21
C3 NAG M . -16.01 51.43 -6.86
C4 NAG M . -16.98 52.33 -7.61
C5 NAG M . -16.69 52.27 -9.10
C6 NAG M . -17.54 53.22 -9.90
C7 NAG M . -12.66 51.32 -5.76
C8 NAG M . -11.87 50.25 -5.06
N2 NAG M . -13.64 50.90 -6.55
O3 NAG M . -16.20 51.55 -5.46
O4 NAG M . -18.31 51.86 -7.38
O5 NAG M . -15.33 52.65 -9.34
O6 NAG M . -17.78 52.74 -11.21
O7 NAG M . -12.40 52.50 -5.61
H2 NAG M . -14.38 52.70 -6.90
H3 NAG M . -16.17 50.51 -7.12
H4 NAG M . -16.87 53.23 -7.28
H5 NAG M . -16.88 51.37 -9.38
H61 NAG M . -17.10 54.10 -9.95
H62 NAG M . -18.40 53.37 -9.45
H81 NAG M . -12.35 49.41 -5.12
H82 NAG M . -11.75 50.50 -4.12
H83 NAG M . -11.00 50.16 -5.48
HN2 NAG M . -13.73 50.05 -6.68
HO3 NAG M . -16.64 50.90 -5.17
HO6 NAG M . -18.34 53.23 -11.59
C1 BMA M . -19.10 52.92 -6.78
C2 BMA M . -20.56 52.44 -6.80
C3 BMA M . -21.43 53.52 -6.14
C4 BMA M . -20.90 53.86 -4.76
C5 BMA M . -19.43 54.28 -4.84
C6 BMA M . -18.82 54.59 -3.49
O2 BMA M . -20.69 51.27 -6.02
O3 BMA M . -22.78 53.08 -6.06
O4 BMA M . -21.66 54.93 -4.21
O5 BMA M . -18.68 53.21 -5.46
O6 BMA M . -19.47 53.77 -2.51
H2 BMA M . -20.82 52.27 -7.72
H3 BMA M . -21.40 54.30 -6.71
H4 BMA M . -20.98 53.09 -4.18
H5 BMA M . -19.38 55.09 -5.37
H61 BMA M . -18.93 55.53 -3.27
H62 BMA M . -17.87 54.41 -3.49
HO2 BMA M . -19.98 51.13 -5.59
HO3 BMA M . -22.84 52.45 -5.51
HO4 BMA M . -21.33 55.66 -4.45
HO6 BMA M . -18.97 53.71 -1.83
C1 NAG N . 41.09 45.57 9.92
C2 NAG N . 41.91 46.81 10.26
C3 NAG N . 43.37 46.42 10.51
C4 NAG N . 43.46 45.30 11.54
C5 NAG N . 42.55 44.15 11.12
C6 NAG N . 42.49 43.04 12.15
C7 NAG N . 41.23 49.00 9.38
C8 NAG N . 41.24 49.91 8.19
N2 NAG N . 41.83 47.81 9.21
O3 NAG N . 44.10 47.56 10.97
O4 NAG N . 44.79 44.81 11.60
O5 NAG N . 41.21 44.62 10.96
O6 NAG N . 41.52 42.07 11.81
O7 NAG N . 40.72 49.32 10.44
H2 NAG N . 41.56 47.19 11.09
H3 NAG N . 43.76 46.11 9.67
H4 NAG N . 43.18 45.63 12.41
H5 NAG N . 42.86 43.78 10.28
H61 NAG N . 42.27 43.42 13.02
H62 NAG N . 43.37 42.61 12.20
H81 NAG N . 40.78 50.74 8.42
H82 NAG N . 40.78 49.48 7.45
H83 NAG N . 42.16 50.11 7.93
HN2 NAG N . 42.21 47.63 8.40
HO3 NAG N . 43.97 48.23 10.42
HO6 NAG N . 41.43 41.48 12.46
C1 NAG N . 45.45 45.21 12.82
C2 NAG N . 46.58 44.22 13.09
C3 NAG N . 47.35 44.63 14.33
C4 NAG N . 47.84 46.06 14.19
C5 NAG N . 46.67 46.98 13.89
C6 NAG N . 47.09 48.42 13.63
C7 NAG N . 46.11 41.93 12.27
C8 NAG N . 46.76 42.33 10.98
N2 NAG N . 46.06 42.86 13.23
O3 NAG N . 48.45 43.76 14.53
O4 NAG N . 48.48 46.48 15.40
O5 NAG N . 45.97 46.54 12.72
O6 NAG N . 45.96 49.27 13.48
O7 NAG N . 45.66 40.81 12.44
H2 NAG N . 47.22 44.29 12.35
H3 NAG N . 46.76 44.57 15.11
H4 NAG N . 48.48 46.11 13.46
H5 NAG N . 46.05 46.98 14.65
H61 NAG N . 47.62 48.44 12.81
H62 NAG N . 47.64 48.73 14.36
H81 NAG N . 46.27 43.08 10.58
H82 NAG N . 47.68 42.58 11.13
H83 NAG N . 46.73 41.58 10.35
HN2 NAG N . 45.68 42.64 14.03
HO3 NAG N . 48.94 43.74 13.79
HO4 NAG N . 49.27 46.09 15.46
HO6 NAG N . 45.43 48.94 12.85
C1 NAG O . 18.07 49.07 12.88
C2 NAG O . 17.82 50.10 13.98
C3 NAG O . 18.73 49.84 15.17
C4 NAG O . 18.62 48.39 15.63
C5 NAG O . 18.84 47.45 14.44
C6 NAG O . 18.65 46.00 14.81
C7 NAG O . 17.01 52.30 13.28
C8 NAG O . 17.38 53.67 12.80
N2 NAG O . 18.01 51.45 13.47
O3 NAG O . 18.37 50.70 16.24
O4 NAG O . 19.62 48.11 16.61
O5 NAG O . 17.89 47.76 13.41
O6 NAG O . 17.28 45.70 15.07
O7 NAG O . 15.84 51.98 13.49
H2 NAG O . 16.89 50.02 14.27
H3 NAG O . 19.65 50.00 14.90
H4 NAG O . 17.73 48.25 16.01
H5 NAG O . 19.75 47.58 14.16
H61 NAG O . 19.18 45.78 15.59
H62 NAG O . 18.97 45.44 14.08
H81 NAG O . 16.62 54.26 12.90
H82 NAG O . 17.64 53.61 11.86
H83 NAG O . 18.13 54.00 13.33
HN2 NAG O . 18.81 51.71 13.29
HO3 NAG O . 17.60 50.52 16.50
HO6 NAG O . 17.23 45.03 15.58
C1 NAG O . 19.03 47.76 17.87
C2 NAG O . 19.99 46.89 18.67
C3 NAG O . 19.41 46.57 20.04
C4 NAG O . 19.03 47.87 20.76
C5 NAG O . 18.10 48.69 19.88
C6 NAG O . 17.78 50.05 20.47
C7 NAG O . 21.51 45.37 17.47
C8 NAG O . 21.68 44.01 16.89
N2 NAG O . 20.30 45.66 17.96
O3 NAG O . 20.35 45.85 20.82
O4 NAG O . 18.35 47.54 21.97
O5 NAG O . 18.74 48.95 18.61
O6 NAG O . 16.48 50.49 20.05
O7 NAG O . 22.43 46.18 17.51
H2 NAG O . 20.83 47.37 18.78
H3 NAG O . 18.60 46.04 19.92
H4 NAG O . 19.84 48.37 20.95
H5 NAG O . 17.29 48.18 19.78
H61 NAG O . 18.44 50.69 20.20
H62 NAG O . 17.81 49.99 21.44
H81 NAG O . 20.92 43.45 17.15
H82 NAG O . 22.51 43.62 17.21
H83 NAG O . 21.70 44.08 15.92
HN2 NAG O . 19.66 45.08 17.84
HO3 NAG O . 19.96 45.23 21.22
HO6 NAG O . 16.29 51.18 20.48
C1 BMA O . 19.03 48.12 23.10
C2 BMA O . 18.13 47.95 24.32
C3 BMA O . 18.84 48.51 25.54
C4 BMA O . 20.22 47.87 25.70
C5 BMA O . 21.04 48.05 24.41
C6 BMA O . 22.40 47.38 24.49
O2 BMA O . 17.90 46.57 24.56
O3 BMA O . 18.08 48.30 26.72
O4 BMA O . 20.91 48.47 26.78
O5 BMA O . 20.29 47.48 23.31
O6 BMA O . 22.30 46.24 25.32
H2 BMA O . 17.29 48.41 24.14
H3 BMA O . 18.94 49.46 25.41
H4 BMA O . 20.11 46.92 25.88
H5 BMA O . 21.19 49.00 24.29
H61 BMA O . 23.07 48.00 24.83
H62 BMA O . 22.69 47.12 23.60
HO2 BMA O . 18.40 46.11 24.08
HO3 BMA O . 18.04 47.48 26.89
HO4 BMA O . 21.32 49.15 26.51
HO6 BMA O . 22.92 45.71 25.15
CA CA P . 17.67 -2.35 2.49
C1 NAG Q . 52.80 41.88 -5.10
C2 NAG Q . 54.01 41.66 -6.02
C3 NAG Q . 55.30 42.03 -5.29
C4 NAG Q . 55.21 43.45 -4.73
C5 NAG Q . 53.98 43.57 -3.85
C6 NAG Q . 53.76 44.97 -3.32
C7 NAG Q . 54.37 39.96 -7.75
C8 NAG Q . 54.37 41.09 -8.74
N2 NAG Q . 54.06 40.29 -6.49
O3 NAG Q . 56.39 41.94 -6.20
O4 NAG Q . 56.36 43.74 -3.96
O5 NAG Q . 52.80 43.23 -4.60
O6 NAG Q . 53.15 45.80 -4.30
O7 NAG Q . 54.65 38.82 -8.08
H2 NAG Q . 53.90 42.25 -6.79
H3 NAG Q . 55.43 41.41 -4.56
H4 NAG Q . 55.14 44.07 -5.47
H5 NAG Q . 54.12 42.97 -3.10
H61 NAG Q . 54.61 45.35 -3.06
H62 NAG Q . 53.21 44.94 -2.53
H81 NAG Q . 55.17 41.04 -9.29
H82 NAG Q . 54.34 41.94 -8.26
H83 NAG Q . 53.58 41.01 -9.31
HN2 NAG Q . 53.88 39.66 -5.94
HO3 NAG Q . 57.10 42.15 -5.81
HO4 NAG Q . 56.29 43.39 -3.19
HO6 NAG Q . 53.26 45.47 -5.06
N POV R . 23.98 -16.94 -8.48
P POV R . 23.18 -19.85 -11.69
C1 POV R . 20.68 -20.52 -11.44
C2 POV R . 19.74 -20.69 -10.29
C3 POV R . 18.39 -20.11 -10.59
C210 POV R . 11.20 -25.00 -5.01
C11 POV R . 23.74 -17.34 -11.03
O11 POV R . 21.71 -19.57 -11.11
C211 POV R . 10.90 -26.11 -5.98
C12 POV R . 24.52 -16.74 -9.88
O12 POV R . 24.18 -18.70 -11.21
C212 POV R . 9.46 -26.56 -5.93
C13 POV R . 25.14 -17.06 -7.56
O13 POV R . 23.63 -21.13 -11.08
C213 POV R . 9.15 -27.74 -6.82
C14 POV R . 23.11 -18.14 -8.26
O14 POV R . 23.07 -19.76 -13.16
C214 POV R . 7.90 -28.50 -6.43
C15 POV R . 23.23 -15.69 -8.14
C215 POV R . 8.03 -29.22 -5.09
C216 POV R . 7.09 -30.40 -4.93
C217 POV R . 7.17 -31.06 -3.58
C218 POV R . 6.11 -32.10 -3.39
C21 POV R . 20.14 -20.39 -7.88
O21 POV R . 20.28 -19.96 -9.15
C22 POV R . 19.35 -21.67 -7.77
O22 POV R . 20.56 -19.81 -6.92
C23 POV R . 19.24 -22.13 -6.32
C24 POV R . 18.42 -23.39 -6.14
C25 POV R . 16.94 -23.11 -6.19
C26 POV R . 16.07 -24.29 -5.84
C27 POV R . 14.77 -23.88 -5.17
C28 POV R . 13.60 -24.75 -5.57
C29 POV R . 12.36 -24.42 -4.83
C31 POV R . 17.60 -21.98 -11.81
O31 POV R . 17.45 -21.20 -10.75
C32 POV R . 17.20 -23.39 -11.50
O32 POV R . 18.02 -21.61 -12.87
C33 POV R . 16.68 -23.63 -10.09
C34 POV R . 15.23 -23.26 -9.95
C35 POV R . 14.33 -24.47 -9.82
C36 POV R . 12.88 -24.22 -10.12
C37 POV R . 12.22 -25.37 -10.84
C38 POV R . 10.72 -25.21 -11.04
C39 POV R . 10.10 -26.29 -11.90
H29 POV R . 12.41 -23.70 -4.18
H1 POV R . 21.08 -21.37 -11.68
H1A POV R . 20.19 -20.21 -12.22
H2 POV R . 19.64 -21.64 -10.10
H3 POV R . 18.11 -19.52 -9.87
H3A POV R . 18.42 -19.57 -11.40
H210 POV R . 10.46 -24.71 -4.45
H11 POV R . 22.79 -17.30 -10.84
H11A POV R . 23.88 -16.82 -11.84
H211 POV R . 11.11 -25.80 -6.88
H21A POV R . 11.49 -26.86 -5.79
H12 POV R . 24.60 -15.78 -10.04
H12A POV R . 25.42 -17.10 -9.91
H22 POV R . 18.47 -21.55 -8.14
H212 POV R . 9.24 -26.80 -5.01
H22A POV R . 19.79 -22.36 -8.30
H21B POV R . 8.88 -25.82 -6.17
H32 POV R . 16.52 -23.67 -12.13
H32A POV R . 17.96 -23.97 -11.66
H13 POV R . 24.83 -17.18 -6.65
H13A POV R . 25.69 -17.81 -7.82
H13B POV R . 25.67 -16.25 -7.61
H23 POV R . 20.13 -22.28 -5.97
H213 POV R . 9.04 -27.42 -7.72
H23A POV R . 18.85 -21.41 -5.80
H21C POV R . 9.91 -28.34 -6.81
H33 POV R . 16.81 -24.55 -9.84
H33A POV R . 17.21 -23.10 -9.46
H14 POV R . 22.82 -18.17 -7.33
H14A POV R . 22.33 -18.08 -8.84
H14B POV R . 23.61 -18.95 -8.47
H24 POV R . 18.65 -24.02 -6.83
H214 POV R . 7.16 -27.89 -6.39
H24A POV R . 18.65 -23.80 -5.29
H21D POV R . 7.70 -29.16 -7.11
H34 POV R . 15.11 -22.69 -9.17
H34A POV R . 14.95 -22.75 -10.72
H15 POV R . 22.87 -15.78 -7.24
H15A POV R . 23.84 -14.94 -8.17
H15B POV R . 22.52 -15.57 -8.78
H25 POV R . 16.75 -22.38 -5.57
H215 POV R . 8.94 -29.54 -5.00
H25A POV R . 16.71 -22.80 -7.07
H21E POV R . 7.87 -28.60 -4.38
H35 POV R . 14.66 -25.17 -10.41
H35A POV R . 14.41 -24.81 -8.91
H26 POV R . 15.87 -24.79 -6.64
H216 POV R . 6.18 -30.10 -5.08
H26A POV R . 16.56 -24.89 -5.25
H21F POV R . 7.28 -31.06 -5.62
H36 POV R . 12.40 -24.03 -9.30
H36A POV R . 12.80 -23.42 -10.67
H27 POV R . 14.89 -23.92 -4.21
H217 POV R . 8.04 -31.47 -3.47
H27A POV R . 14.58 -22.96 -5.40
H21G POV R . 7.08 -30.39 -2.89
H37 POV R . 12.64 -25.50 -11.70
H37A POV R . 12.38 -26.19 -10.34
H28 POV R . 13.44 -24.66 -6.53
H218 POV R . 6.20 -32.50 -2.51
H28A POV R . 13.83 -25.68 -5.41
H21H POV R . 5.24 -31.69 -3.48
H21J POV R . 6.21 -32.79 -4.06
H38 POV R . 10.29 -25.22 -10.17
H38A POV R . 10.56 -24.34 -11.44
H39 POV R . 10.71 -27.19 -11.86
H39A POV R . 10.14 -25.99 -12.95
N POV S . -9.41 -52.84 -0.96
P POV S . -6.16 -48.89 -1.35
C1 POV S . -5.26 -46.57 -0.48
C2 POV S . -5.06 -45.24 -1.16
C3 POV S . -5.27 -45.35 -2.66
C210 POV S . 2.08 -37.92 -3.72
C310 POV S . -0.79 -34.72 -3.96
C11 POV S . -7.85 -50.82 -0.67
O11 POV S . -6.31 -47.31 -1.17
C211 POV S . 2.11 -37.01 -2.53
C311 POV S . -0.53 -33.64 -2.94
C12 POV S . -8.85 -51.55 -1.52
O12 POV S . -7.62 -49.52 -1.28
C212 POV S . 3.25 -36.01 -2.56
C312 POV S . 0.71 -32.82 -3.21
C13 POV S . -8.41 -53.60 -0.16
O13 POV S . -5.63 -49.11 -2.71
C213 POV S . 4.63 -36.62 -2.70
C313 POV S . 1.46 -32.41 -1.96
C14 POV S . -10.61 -52.56 -0.11
O14 POV S . -5.42 -49.40 -0.19
C314 POV S . 2.48 -31.33 -2.16
C15 POV S . -9.82 -53.67 -2.13
C315 POV S . 3.13 -30.91 -0.86
C316 POV S . 4.16 -29.84 -1.04
C21 POV S . -3.01 -44.89 0.14
O21 POV S . -3.69 -44.75 -1.02
C22 POV S . -1.62 -44.38 0.00
O22 POV S . -3.47 -45.38 1.13
C23 POV S . -1.55 -42.87 -0.08
C24 POV S . -1.71 -42.33 -1.50
C25 POV S . -2.06 -40.87 -1.53
C26 POV S . -0.96 -39.98 -0.97
C27 POV S . 0.25 -39.88 -1.87
C28 POV S . -0.04 -39.13 -3.16
C29 POV S . 1.17 -38.83 -3.97
C31 POV S . -4.80 -44.19 -4.66
O31 POV S . -4.69 -44.21 -3.33
C32 POV S . -4.51 -42.84 -5.23
O32 POV S . -5.12 -45.16 -5.32
C33 POV S . -3.40 -42.07 -4.54
C34 POV S . -2.94 -40.85 -5.32
C35 POV S . -3.69 -39.58 -4.99
C36 POV S . -3.44 -38.42 -5.94
C37 POV S . -3.46 -37.04 -5.29
C38 POV S . -2.26 -36.74 -4.42
C39 POV S . -2.19 -35.31 -3.92
H29 POV S . 1.29 -39.37 -4.78
H1 POV S . -4.43 -47.08 -0.50
H1A POV S . -5.51 -46.44 0.44
H2 POV S . -5.70 -44.64 -0.74
H3 POV S . -4.86 -46.17 -2.98
H3A POV S . -6.22 -45.41 -2.86
H310 POV S . -0.65 -34.34 -4.85
H31A POV S . -0.15 -35.42 -3.84
H210 POV S . 2.81 -37.83 -4.36
H11 POV S . -8.18 -50.71 0.23
H11A POV S . -7.02 -51.32 -0.61
H211 POV S . 1.27 -36.53 -2.47
H21A POV S . 2.18 -37.54 -1.72
H311 POV S . -1.30 -33.05 -2.89
H31B POV S . -0.45 -34.06 -2.06
H12 POV S . -8.43 -51.75 -2.38
H12A POV S . -9.60 -50.95 -1.71
H22 POV S . -1.09 -44.69 0.76
H212 POV S . 3.10 -35.39 -3.29
H22A POV S . -1.21 -44.77 -0.79
H21B POV S . 3.23 -35.48 -1.74
H32 POV S . -4.27 -42.94 -6.17
H312 POV S . 1.31 -33.33 -3.78
H32A POV S . -5.32 -42.31 -5.20
H31C POV S . 0.46 -32.02 -3.71
H13 POV S . -8.82 -54.42 0.17
H13A POV S . -7.65 -53.83 -0.73
H13B POV S . -8.11 -53.06 0.58
H23 POV S . -2.26 -42.49 0.48
H213 POV S . 5.38 -35.84 -2.59
H23A POV S . -0.70 -42.57 0.27
H21C POV S . 4.81 -37.28 -1.85
H33 POV S . -3.71 -41.79 -3.67
H313 POV S . 0.81 -32.12 -1.29
H33A POV S . -2.65 -42.67 -4.40
H31D POV S . 1.90 -33.20 -1.60
H14 POV S . -10.95 -53.40 0.24
H14A POV S . -10.34 -51.98 0.62
H14B POV S . -11.28 -52.13 -0.65
H24 POV S . -0.89 -42.48 -1.99
H24A POV S . -2.41 -42.83 -1.96
H34 POV S . -2.00 -40.71 -5.16
H314 POV S . 3.17 -31.64 -2.77
H34A POV S . -3.04 -41.03 -6.27
H31E POV S . 2.06 -30.56 -2.57
H15 POV S . -10.19 -54.51 -1.81
H15A POV S . -10.49 -53.19 -2.65
H15B POV S . -9.04 -53.84 -2.69
H25 POV S . -2.24 -40.60 -2.44
H25A POV S . -2.86 -40.72 -1.02
H35 POV S . -4.65 -39.76 -4.97
H315 POV S . 2.44 -30.58 -0.25
H35A POV S . -3.44 -39.30 -4.08
H31F POV S . 3.54 -31.68 -0.44
H26 POV S . -1.32 -39.09 -0.83
H26A POV S . -0.69 -40.31 -0.11
H36 POV S . -2.57 -38.55 -6.37
H316 POV S . 4.54 -29.62 -0.17
H36A POV S . -4.11 -38.44 -6.64
H31G POV S . 4.85 -30.18 -1.63
H31H POV S . 3.74 -29.06 -1.43
H27 POV S . 0.97 -39.43 -1.39
H27A POV S . 0.58 -40.77 -2.08
H37 POV S . -3.53 -36.37 -5.99
H37A POV S . -4.27 -36.96 -4.75
H28 POV S . -0.66 -39.65 -3.68
H28A POV S . -0.48 -38.29 -2.94
H38 POV S . -2.26 -37.34 -3.66
H38A POV S . -1.46 -36.93 -4.93
H39 POV S . -2.51 -35.28 -3.00
H39A POV S . -2.78 -34.76 -4.44
C01 9Z9 T . 15.29 -45.52 10.98
C02 9Z9 T . 14.04 -46.05 10.27
C03 9Z9 T . 13.39 -44.97 9.36
C04 9Z9 T . 14.26 -44.98 8.10
C05 9Z9 T . 15.01 -46.31 8.07
C06 9Z9 T . 14.37 -47.12 9.21
C07 9Z9 T . 15.07 -48.35 9.77
C08 9Z9 T . 14.17 -48.99 10.83
C09 9Z9 T . 13.70 -47.98 11.88
C10 9Z9 T . 13.09 -46.71 11.27
C11 9Z9 T . 14.79 -50.27 11.45
C12 9Z9 T . 15.92 -49.94 12.45
C13 9Z9 T . 15.37 -51.15 10.36
C14 9Z9 T . 15.53 -50.75 9.11
C15 9Z9 T . 15.36 -49.34 8.64
C16 9Z9 T . 15.73 -52.57 10.75
C17 9Z9 T . 14.57 -53.25 11.44
C18 9Z9 T . 14.11 -52.44 12.63
C19 9Z9 T . 13.68 -51.05 12.19
O20 9Z9 T . 14.98 -54.56 11.81
C21 9Z9 T . 14.06 -55.59 11.44
C22 9Z9 T . 14.65 -56.94 11.74
C23 9Z9 T . 14.84 -57.28 13.22
C24 9Z9 T . 13.53 -57.57 13.90
O25 9Z9 T . 13.43 -56.83 15.08
C26 9Z9 T . 12.20 -57.04 15.75
C48 9Z9 T . 15.78 -58.45 13.37
O49 9Z9 T . 15.37 -59.50 12.51
C50 9Z9 T . 15.55 -60.78 13.07
O72 9Z9 T . 15.11 -43.85 8.24
C73 9Z9 T . 14.34 -42.80 8.82
C74 9Z9 T . 13.38 -43.49 9.79
C75 9Z9 T . 11.98 -42.88 9.88
C76 9Z9 T . 15.29 -41.81 9.45
C77 9Z9 T . 14.72 -40.40 9.43
C78 9Z9 T . 14.46 -39.92 8.01
C79 9Z9 T . 14.22 -41.12 7.13
O80 9Z9 T . 13.55 -42.18 7.82
C81 9Z9 T . 15.62 -39.07 7.49
H1 9Z9 T . 15.87 -45.11 10.33
H2 9Z9 T . 15.03 -44.87 11.65
H3 9Z9 T . 15.75 -46.26 11.41
H4 9Z9 T . 12.45 -45.22 9.31
H5 9Z9 T . 13.77 -44.93 7.26
H6 9Z9 T . 15.96 -46.18 8.21
H7 9Z9 T . 14.92 -46.76 7.21
H8 9Z9 T . 13.61 -47.58 8.85
H9 9Z9 T . 15.92 -48.09 10.17
H10 9Z9 T . 13.38 -49.29 10.37
H11 9Z9 T . 13.05 -48.40 12.46
H12 9Z9 T . 14.45 -47.72 12.44
H13 9Z9 T . 12.25 -46.93 10.83
H14 9Z9 T . 12.88 -46.09 11.99
H15 9Z9 T . 16.61 -49.45 11.98
H16 9Z9 T . 15.56 -49.39 13.17
H17 9Z9 T . 16.28 -50.77 12.81
H18 9Z9 T . 15.77 -51.38 8.48
H19 9Z9 T . 16.17 -49.06 8.17
H20 9Z9 T . 14.63 -49.31 8.00
H21 9Z9 T . 16.50 -52.55 11.34
H22 9Z9 T . 15.98 -53.07 9.96
H23 9Z9 T . 13.81 -53.31 10.84
H24 9Z9 T . 13.38 -52.89 13.08
H25 9Z9 T . 14.84 -52.38 13.28
H26 9Z9 T . 12.91 -51.13 11.60
H27 9Z9 T . 13.40 -50.54 12.96
H28 9Z9 T . 13.85 -55.52 10.50
H29 9Z9 T . 13.23 -55.47 11.92
H30 9Z9 T . 15.50 -57.02 11.29
H31 9Z9 T . 14.07 -57.62 11.35
H32 9Z9 T . 15.24 -56.50 13.65
H33 9Z9 T . 13.45 -58.52 14.09
H34 9Z9 T . 12.78 -57.35 13.30
H35 9Z9 T . 12.19 -56.49 16.56
H36 9Z9 T . 11.48 -56.77 15.16
H37 9Z9 T . 12.12 -57.97 15.98
H38 9Z9 T . 15.77 -58.77 14.29
H39 9Z9 T . 16.68 -58.19 13.15
H40 9Z9 T . 15.27 -61.45 12.44
H41 9Z9 T . 16.50 -60.90 13.27
H42 9Z9 T . 15.04 -60.84 13.89
H43 9Z9 T . 13.68 -43.38 10.71
H44 9Z9 T . 12.06 -41.96 10.15
H45 9Z9 T . 11.56 -42.92 9.00
H46 9Z9 T . 11.46 -43.37 10.52
H47 9Z9 T . 15.47 -42.07 10.36
H48 9Z9 T . 16.14 -41.82 8.98
H49 9Z9 T . 13.88 -40.38 9.93
H50 9Z9 T . 15.33 -39.79 9.87
H51 9Z9 T . 13.68 -39.34 8.01
H52 9Z9 T . 15.08 -41.44 6.79
H53 9Z9 T . 13.70 -40.85 6.36
H54 9Z9 T . 15.75 -38.31 8.07
H55 9Z9 T . 16.42 -39.62 7.46
H56 9Z9 T . 15.40 -38.77 6.59
C1 EPJ U . 29.38 11.36 -24.28
C2 EPJ U . 30.83 10.82 -24.17
C3 EPJ U . 30.88 10.39 -22.70
C4 EPJ U . 30.02 9.16 -22.50
C5 EPJ U . 28.60 9.69 -22.58
C6 EPJ U . 28.85 11.19 -22.85
N1 EPJ U . 30.07 11.45 -22.07
C7 EPJ U . 29.25 12.77 -24.83
C8 EPJ U . 30.10 13.25 -25.82
C9 EPJ U . 29.94 14.51 -26.33
C10 EPJ U . 28.90 15.27 -25.83
CL EPJ U . 28.62 16.86 -26.47
N2 EPJ U . 28.06 14.86 -24.88
C11 EPJ U . 28.25 13.63 -24.41
H1 EPJ U . 28.84 10.71 -24.97
H2C1 EPJ U . 31.02 9.99 -24.86
H2C2 EPJ U . 31.60 11.54 -24.42
H3 EPJ U . 31.88 10.31 -22.29
H4C1 EPJ U . 30.23 8.39 -23.23
H4C2 EPJ U . 30.22 8.68 -21.54
H5C1 EPJ U . 28.00 9.24 -23.36
H5C2 EPJ U . 28.04 9.54 -21.65
H6 EPJ U . 28.00 11.82 -22.59
HA EPJ U . 29.96 11.35 -21.06
H8 EPJ U . 30.90 12.62 -26.21
H9 EPJ U . 30.58 14.90 -27.11
H11 EPJ U . 27.53 13.35 -23.64
C1 YLI V . 7.09 -23.72 -3.62
C2 YLI V . 7.99 -23.15 -4.67
C3 YLI V . 7.85 -21.83 -4.79
C10 YLI V . 8.02 -19.35 -2.94
C11 YLI V . 8.57 -18.64 -1.88
C12 YLI V . 8.41 -19.09 -0.58
C13 YLI V . 7.69 -20.25 -0.35
C18 YLI V . 4.49 -23.54 -1.69
C19 YLI V . 3.10 -23.47 -1.81
C20 YLI V . 2.30 -24.53 -1.42
C21 YLI V . 2.89 -25.66 -0.90
C22 YLI V . 4.26 -25.76 -0.76
C23 YLI V . 5.05 -24.70 -1.16
C4 YLI V . 6.75 -21.31 -3.89
C5 YLI V . 6.02 -22.61 -3.49
C6 YLI V . 5.36 -22.38 -2.13
C8 YLI V . 7.13 -20.96 -1.41
C9 YLI V . 7.30 -20.51 -2.72
N17 YLI V . 8.42 -15.96 -2.39
N7 YLI V . 6.42 -22.12 -1.16
O15 YLI V . 10.16 -17.33 -3.43
O16 YLI V . 10.22 -16.86 -1.02
S14 YLI V . 9.47 -17.15 -2.20
BR24 YLI V . 1.80 -27.12 -0.37
H1B YLI V . 6.71 -24.56 -3.93
H1A YLI V . 7.59 -23.87 -2.80
H2 YLI V . 8.59 -23.69 -5.21
H3 YLI V . 8.40 -21.26 -5.37
H10 YLI V . 8.14 -19.01 -3.85
H12 YLI V . 8.80 -18.60 0.18
H13 YLI V . 7.58 -20.56 0.58
H19 YLI V . 2.66 -22.68 -2.18
H20 YLI V . 1.33 -24.46 -1.51
H22 YLI V . 4.67 -26.56 -0.39
H23 YLI V . 6.02 -24.77 -1.07
H4 YLI V . 6.13 -20.73 -4.41
H5 YLI V . 5.32 -22.79 -4.16
H6 YLI V . 4.77 -21.61 -2.19
H17B YLI V . 8.83 -15.19 -2.30
H17A YLI V . 7.73 -16.07 -1.86
H7 YLI V . 6.58 -22.65 -0.47
N POV W . 3.99 -47.16 25.31
P POV W . 5.18 -42.19 24.95
C1 POV W . 4.48 -39.69 24.52
C2 POV W . 4.99 -38.64 23.57
C3 POV W . 6.26 -39.10 22.88
C210 POV W . 9.32 -29.05 22.92
C310 POV W . 7.89 -28.30 18.91
C11 POV W . 4.12 -44.59 25.26
O11 POV W . 4.74 -41.01 23.98
C211 POV W . 8.14 -28.12 22.87
C311 POV W . 6.93 -27.13 18.86
C12 POV W . 4.56 -45.90 24.68
O12 POV W . 4.59 -43.54 24.38
C212 POV W . 8.51 -26.65 23.03
C312 POV W . 7.59 -25.79 19.10
C13 POV W . 3.80 -47.02 26.79
O13 POV W . 6.66 -42.27 24.90
C213 POV W . 9.30 -26.33 24.28
C313 POV W . 6.74 -24.82 19.87
C14 POV W . 2.68 -47.52 24.68
O14 POV W . 4.53 -41.95 26.26
C314 POV W . 7.19 -23.38 19.82
C15 POV W . 4.98 -48.25 25.06
C315 POV W . 6.25 -22.45 20.54
C316 POV W . 6.70 -21.03 20.52
C21 POV W . 4.65 -36.92 25.28
O21 POV W . 5.37 -37.40 24.26
C22 POV W . 5.29 -35.70 25.87
O22 POV W . 3.63 -37.42 25.68
C23 POV W . 5.19 -34.50 24.95
C24 POV W . 6.32 -34.41 23.93
C25 POV W . 6.00 -33.46 22.81
C26 POV W . 5.85 -32.03 23.23
C27 POV W . 7.14 -31.37 23.63
C28 POV W . 8.07 -31.17 22.44
C29 POV W . 9.28 -30.35 22.75
C31 POV W . 8.09 -38.24 21.67
O31 POV W . 6.95 -37.97 22.30
C32 POV W . 8.55 -37.10 20.81
O32 POV W . 8.68 -39.29 21.76
C33 POV W . 8.29 -35.72 21.38
C34 POV W . 9.02 -34.62 20.63
C35 POV W . 8.23 -34.02 19.48
C36 POV W . 9.04 -33.12 18.56
C37 POV W . 8.26 -31.95 17.98
C38 POV W . 7.96 -30.84 18.96
C39 POV W . 7.34 -29.60 18.36
H29 POV W . 10.12 -30.83 22.82
H1 POV W . 4.90 -39.59 25.39
H1A POV W . 3.52 -39.58 24.66
H2 POV W . 4.26 -38.47 22.94
H3 POV W . 6.83 -39.55 23.52
H3A POV W . 6.04 -39.75 22.19
H310 POV W . 8.69 -28.07 18.42
H31A POV W . 8.15 -28.45 19.84
H210 POV W . 10.18 -28.64 23.10
H11 POV W . 3.15 -44.56 25.35
H11A POV W . 4.48 -44.48 26.16
H211 POV W . 7.67 -28.24 22.03
H21A POV W . 7.52 -28.36 23.58
H311 POV W . 6.48 -27.12 18.00
H31B POV W . 6.24 -27.26 19.54
H12 POV W . 5.53 -45.95 24.73
H12A POV W . 4.33 -45.91 23.74
H22 POV W . 4.86 -35.50 26.72
H212 POV W . 9.03 -26.38 22.25
H22A POV W . 6.22 -35.90 26.05
H21B POV W . 7.70 -26.12 23.03
H32 POV W . 9.51 -37.20 20.64
H312 POV W . 8.42 -25.93 19.58
H32A POV W . 8.11 -37.16 19.94
H31C POV W . 7.82 -25.40 18.24
H13 POV W . 3.44 -47.85 27.14
H13A POV W . 4.65 -46.84 27.20
H13B POV W . 3.19 -46.30 26.97
H23 POV W . 4.35 -34.53 24.48
H213 POV W . 9.43 -25.26 24.35
H23A POV W . 5.19 -33.69 25.49
H21C POV W . 8.71 -26.59 25.16
H33 POV W . 7.34 -35.54 21.36
H313 POV W . 5.82 -24.87 19.53
H33A POV W . 8.57 -35.70 22.31
H31D POV W . 6.70 -25.10 20.80
H14 POV W . 2.35 -48.33 25.10
H14A POV W . 2.06 -46.79 24.81
H14B POV W . 2.83 -47.68 23.74
H24 POV W . 7.13 -34.11 24.39
H24A POV W . 6.50 -35.29 23.58
H34 POV W . 9.26 -33.91 21.25
H314 POV W . 8.08 -23.32 20.22
H34A POV W . 9.85 -34.98 20.27
H31E POV W . 7.28 -23.11 18.90
H15 POV W . 4.65 -49.08 25.45
H15A POV W . 5.08 -48.36 24.10
H15B POV W . 5.83 -48.01 25.46
H25 POV W . 6.71 -33.52 22.14
H25A POV W . 5.18 -33.76 22.37
H35 POV W . 7.84 -34.73 18.96
H315 POV W . 5.38 -22.52 20.13
H35A POV W . 7.50 -33.50 19.85
H31F POV W . 6.15 -22.75 21.46
H26 POV W . 5.44 -31.53 22.50
H26A POV W . 5.23 -31.98 23.98
H36 POV W . 9.81 -32.77 19.04
H316 POV W . 6.06 -20.49 21.00
H36A POV W . 9.39 -33.65 17.83
H31G POV W . 7.56 -20.97 20.96
H31H POV W . 6.77 -20.73 19.60
H27 POV W . 6.96 -30.51 24.04
H27A POV W . 7.59 -31.90 24.30
H37 POV W . 8.77 -31.57 17.23
H37A POV W . 7.43 -32.28 17.60
H28 POV W . 8.35 -32.04 22.12
H28A POV W . 7.58 -30.75 21.72
H38 POV W . 7.34 -31.19 19.64
H38A POV W . 8.77 -30.59 19.42
H39 POV W . 6.37 -29.62 18.49
H39A POV W . 7.48 -29.61 17.40
CA CA X . 7.76 -5.73 -15.19
C1 NAG Y . 44.02 28.76 -42.47
C2 NAG Y . 43.78 28.98 -43.96
C3 NAG Y . 45.04 28.66 -44.76
C4 NAG Y . 46.24 29.43 -44.21
C5 NAG Y . 46.39 29.15 -42.72
C6 NAG Y . 47.49 29.96 -42.08
C7 NAG Y . 41.74 28.65 -45.29
C8 NAG Y . 41.74 30.13 -45.50
N2 NAG Y . 42.66 28.19 -44.43
O3 NAG Y . 44.84 28.98 -46.13
O4 NAG Y . 47.42 29.03 -44.89
O5 NAG Y . 45.17 29.51 -42.04
O6 NAG Y . 47.07 31.29 -41.80
O7 NAG Y . 40.95 27.92 -45.85
H2 NAG Y . 43.57 29.92 -44.09
H3 NAG Y . 45.23 27.71 -44.68
H4 NAG Y . 46.08 30.37 -44.36
H5 NAG Y . 46.59 28.21 -42.64
H61 NAG Y . 48.26 29.98 -42.68
H62 NAG Y . 47.77 29.53 -41.26
H81 NAG Y . 41.68 30.31 -46.45
H82 NAG Y . 42.56 30.51 -45.14
H83 NAG Y . 40.98 30.53 -45.04
HN2 NAG Y . 42.58 27.38 -44.15
HO3 NAG Y . 45.53 28.80 -46.57
HO4 NAG Y . 47.70 28.31 -44.56
HO6 NAG Y . 46.41 31.48 -42.27
N POV Z . -5.76 -11.34 -27.77
P POV Z . -10.03 -11.55 -28.87
C1 POV Z . -11.32 -11.88 -26.64
C2 POV Z . -11.04 -12.60 -25.34
C3 POV Z . -11.47 -11.77 -24.17
C210 POV Z . -13.65 -18.04 -16.23
C11 POV Z . -7.83 -10.06 -28.68
O11 POV Z . -10.09 -11.49 -27.27
C211 POV Z . -15.11 -18.26 -16.56
C12 POV Z . -6.36 -10.39 -28.81
O12 POV Z . -8.59 -11.08 -29.38
C212 POV Z . -15.95 -18.46 -15.31
C13 POV Z . -4.71 -12.14 -28.46
O13 POV Z . -10.19 -12.99 -29.23
C213 POV Z . -17.40 -18.79 -15.60
C14 POV Z . -6.71 -12.29 -27.11
O14 POV Z . -11.02 -10.57 -29.36
C214 POV Z . -18.11 -19.47 -14.45
C15 POV Z . -5.10 -10.47 -26.76
C215 POV Z . -17.59 -20.85 -14.14
C216 POV Z . -18.58 -21.74 -13.42
C217 POV Z . -18.03 -23.10 -13.04
C218 POV Z . -18.98 -23.88 -12.18
C21 POV Z . -9.05 -13.88 -24.66
O21 POV Z . -9.59 -12.78 -25.24
C22 POV Z . -10.08 -14.85 -24.13
O22 POV Z . -7.87 -14.06 -24.54
C23 POV Z . -9.42 -16.07 -23.51
C24 POV Z . -10.40 -17.05 -22.91
C25 POV Z . -10.89 -16.61 -21.55
C26 POV Z . -11.73 -17.62 -20.82
C27 POV Z . -11.58 -17.53 -19.31
C28 POV Z . -12.86 -17.81 -18.58
C29 POV Z . -12.70 -17.83 -17.10
C31 POV Z . -13.76 -12.40 -24.27
O31 POV Z . -12.63 -12.41 -23.57
C32 POV Z . -14.56 -13.64 -24.02
O32 POV Z . -14.06 -11.51 -25.02
C33 POV Z . -13.96 -14.60 -23.02
C34 POV Z . -14.27 -14.21 -21.59
C35 POV Z . -15.27 -15.11 -20.94
C36 POV Z . -15.94 -14.53 -19.71
C37 POV Z . -17.41 -14.92 -19.61
C38 POV Z . -18.07 -14.46 -18.33
C39 POV Z . -19.57 -14.69 -18.30
H29 POV Z . -11.80 -17.68 -16.75
H1 POV Z . -11.82 -12.47 -27.23
H1A POV Z . -11.87 -11.10 -26.48
H2 POV Z . -11.52 -13.44 -25.34
H3 POV Z . -10.74 -11.71 -23.53
H3A POV Z . -11.68 -10.87 -24.44
H210 POV Z . -13.41 -18.03 -15.29
H11 POV Z . -8.09 -10.02 -27.75
H11A POV Z . -8.02 -9.19 -29.05
H211 POV Z . -15.44 -17.51 -17.06
H21A POV Z . -15.18 -19.04 -17.12
H12 POV Z . -5.86 -9.56 -28.79
H12A POV Z . -6.23 -10.78 -29.68
H22 POV Z . -10.63 -14.40 -23.46
H212 POV Z . -15.56 -19.17 -14.77
H22A POV Z . -10.67 -15.13 -24.85
H21B POV Z . -15.91 -17.65 -14.78
H32 POV Z . -15.44 -13.38 -23.71
H32A POV Z . -14.69 -14.10 -24.86
H13 POV Z . -4.31 -12.75 -27.82
H13A POV Z . -5.13 -12.64 -29.19
H13B POV Z . -4.03 -11.54 -28.82
H23 POV Z . -8.89 -16.52 -24.18
H213 POV Z . -17.87 -17.98 -15.83
H23A POV Z . -8.80 -15.77 -22.81
H21C POV Z . -17.43 -19.37 -16.37
H33 POV Z . -14.30 -15.50 -23.18
H33A POV Z . -13.00 -14.64 -23.14
H14 POV Z . -6.22 -12.83 -26.47
H14A POV Z . -7.40 -11.78 -26.64
H14B POV Z . -7.11 -12.85 -27.78
H24 POV Z . -11.15 -17.16 -23.49
H214 POV Z . -18.03 -18.91 -13.66
H24A POV Z . -9.97 -17.92 -22.82
H21D POV Z . -19.06 -19.53 -14.66
H34 POV Z . -13.44 -14.23 -21.07
H34A POV Z . -14.59 -13.29 -21.57
H15 POV Z . -4.70 -11.02 -26.08
H15A POV Z . -4.42 -9.93 -27.20
H15B POV Z . -5.76 -9.89 -26.37
H25 POV Z . -10.12 -16.39 -21.00
H215 POV Z . -17.32 -21.28 -14.97
H25A POV Z . -11.40 -15.79 -21.66
H21E POV Z . -16.79 -20.77 -13.59
H35 POV Z . -15.95 -15.33 -21.59
H35A POV Z . -14.83 -15.94 -20.68
H26 POV Z . -12.66 -17.49 -21.05
H216 POV Z . -18.89 -21.29 -12.62
H26A POV Z . -11.48 -18.52 -21.11
H21F POV Z . -19.36 -21.86 -13.98
H36 POV Z . -15.47 -14.83 -18.92
H36A POV Z . -15.87 -13.56 -19.74
H27 POV Z . -10.90 -18.16 -19.03
H217 POV Z . -17.83 -23.60 -13.84
H27A POV Z . -11.27 -16.65 -19.08
H21G POV Z . -17.19 -22.98 -12.56
H37 POV Z . -17.88 -14.54 -20.37
H37A POV Z . -17.48 -15.88 -19.69
H28 POV Z . -13.53 -17.15 -18.81
H218 POV Z . -18.57 -24.74 -11.96
H28A POV Z . -13.22 -18.68 -18.86
H21H POV Z . -19.15 -23.38 -11.37
H21J POV Z . -19.80 -24.02 -12.67
H38 POV Z . -17.67 -14.93 -17.59
H38A POV Z . -17.91 -13.52 -18.21
H39 POV Z . -19.83 -15.51 -18.98
H39A POV Z . -20.09 -13.83 -18.72
N POV AA . -36.34 -39.49 -0.71
P POV AA . -32.86 -36.61 -3.12
C1 POV AA . -30.51 -35.44 -3.19
C2 POV AA . -30.07 -34.01 -3.43
C3 POV AA . -31.24 -33.17 -3.88
C210 POV AA . -24.39 -27.69 -9.68
C310 POV AA . -23.85 -24.65 -6.68
C11 POV AA . -34.27 -38.30 -1.66
O11 POV AA . -31.85 -35.46 -2.66
C211 POV AA . -23.02 -27.71 -9.06
C311 POV AA . -22.39 -24.47 -6.30
C12 POV AA . -35.70 -38.22 -1.23
O12 POV AA . -33.81 -36.94 -1.89
C212 POV AA . -21.96 -27.05 -9.93
C312 POV AA . -21.56 -23.83 -7.39
C13 POV AA . -35.83 -40.71 -1.41
O13 POV AA . -33.69 -36.02 -4.21
C213 POV AA . -21.85 -27.64 -11.32
C313 POV AA . -20.16 -24.37 -7.48
C14 POV AA . -36.10 -39.63 0.76
O14 POV AA . -32.06 -37.81 -3.41
C314 POV AA . -19.20 -23.54 -8.29
C15 POV AA . -37.80 -39.37 -0.97
C315 POV AA . -17.80 -24.08 -8.27
C316 POV AA . -16.85 -23.28 -9.10
C21 POV AA . -28.12 -34.80 -4.67
O21 POV AA . -29.10 -33.89 -4.52
C22 POV AA . -27.31 -34.51 -5.90
O22 POV AA . -27.93 -35.73 -3.94
C23 POV AA . -26.43 -33.28 -5.74
C24 POV AA . -27.14 -31.98 -6.09
C25 POV AA . -26.42 -30.77 -5.55
C26 POV AA . -25.05 -30.55 -6.16
C27 POV AA . -25.08 -30.10 -7.60
C28 POV AA . -25.63 -28.69 -7.74
C29 POV AA . -25.50 -28.12 -9.11
C31 POV AA . -31.71 -31.09 -4.93
O31 POV AA . -30.78 -31.94 -4.49
C32 POV AA . -31.16 -29.73 -5.21
O32 POV AA . -32.87 -31.41 -5.08
C33 POV AA . -29.76 -29.70 -5.79
C34 POV AA . -29.36 -28.33 -6.32
C35 POV AA . -28.69 -27.43 -5.29
C36 POV AA . -28.53 -25.98 -5.73
C37 POV AA . -27.28 -25.30 -5.21
C38 POV AA . -26.00 -25.75 -5.88
C39 POV AA . -24.77 -24.95 -5.50
H29 POV AA . -26.31 -28.07 -9.65
H1 POV AA . -30.47 -35.94 -4.02
H1A POV AA . -29.89 -35.87 -2.57
H2 POV AA . -29.69 -33.71 -2.59
H3 POV AA . -31.78 -33.66 -4.51
H3A POV AA . -31.81 -32.96 -3.13
H310 POV AA . -24.16 -23.84 -7.11
H31A POV AA . -23.92 -25.37 -7.32
H210 POV AA . -24.46 -27.34 -10.58
H11 POV AA . -33.73 -38.72 -0.96
H11A POV AA . -34.17 -38.83 -2.46
H211 POV AA . -23.07 -27.25 -8.20
H21A POV AA . -22.77 -28.62 -8.88
H311 POV AA . -22.34 -23.92 -5.50
H31B POV AA . -22.01 -25.33 -6.08
H12 POV AA . -36.23 -37.90 -1.99
H12A POV AA . -35.78 -37.53 -0.54
H22 POV AA . -26.75 -35.27 -6.11
H212 POV AA . -22.15 -26.10 -10.00
H22A POV AA . -27.91 -34.38 -6.65
H21B POV AA . -21.10 -27.13 -9.48
H32 POV AA . -31.77 -29.27 -5.82
H312 POV AA . -22.01 -23.96 -8.24
H32A POV AA . -31.17 -29.22 -4.38
H31C POV AA . -21.53 -22.87 -7.24
H13 POV AA . -36.26 -41.50 -1.03
H13A POV AA . -36.03 -40.65 -2.35
H13B POV AA . -34.87 -40.77 -1.27
H23 POV AA . -26.13 -33.23 -4.82
H213 POV AA . -20.98 -27.19 -11.82
H23A POV AA . -25.65 -33.38 -6.30
H21C POV AA . -21.59 -28.70 -11.25
H33 POV AA . -29.13 -29.97 -5.11
H313 POV AA . -19.80 -24.45 -6.58
H33A POV AA . -29.71 -30.35 -6.50
H31D POV AA . -20.19 -25.26 -7.85
H14 POV AA . -36.51 -40.45 1.07
H14A POV AA . -35.14 -39.65 0.92
H14B POV AA . -36.49 -38.86 1.22
H24 POV AA . -27.21 -31.91 -7.06
H24A POV AA . -28.04 -32.00 -5.74
H34 POV AA . -28.77 -28.45 -7.08
H314 POV AA . -19.52 -23.50 -9.21
H34A POV AA . -30.16 -27.88 -6.65
H31E POV AA . -19.20 -22.62 -7.96
H15 POV AA . -38.24 -40.17 -0.64
H15A POV AA . -38.14 -38.60 -0.50
H15B POV AA . -37.95 -39.27 -1.92
H25 POV AA . -26.97 -29.99 -5.73
H25A POV AA . -26.33 -30.86 -4.59
H35 POV AA . -29.19 -27.47 -4.47
H315 POV AA . -17.48 -24.11 -7.36
H35A POV AA . -27.80 -27.80 -5.10
H31F POV AA . -17.80 -25.00 -8.59
H26 POV AA . -24.57 -29.90 -5.63
H26A POV AA . -24.55 -31.39 -6.10
H36 POV AA . -28.54 -25.95 -6.70
H316 POV AA . -15.96 -23.68 -9.03
H36A POV AA . -29.31 -25.49 -5.42
H31G POV AA . -17.15 -23.27 -10.01
H31H POV AA . -16.82 -22.37 -8.75
H27 POV AA . -24.18 -30.13 -7.97
H27A POV AA . -25.62 -30.71 -8.12
H37 POV AA . -27.37 -24.34 -5.33
H37A POV AA . -27.20 -25.46 -4.26
H28 POV AA . -26.56 -28.69 -7.49
H28A POV AA . -25.17 -28.11 -7.12
H38 POV AA . -25.84 -26.69 -5.67
H38A POV AA . -26.11 -25.70 -6.84
H39 POV AA . -24.27 -25.44 -4.83
H39A POV AA . -25.05 -24.12 -5.09
C01 9Z9 BA . -13.39 -44.36 -16.71
C02 9Z9 BA . -14.72 -44.16 -15.96
C03 9Z9 BA . -14.96 -42.68 -15.58
C04 9Z9 BA . -15.46 -42.04 -16.88
C05 9Z9 BA . -15.95 -43.17 -17.79
C06 9Z9 BA . -15.93 -44.40 -16.89
C07 9Z9 BA . -16.00 -45.80 -17.48
C08 9Z9 BA . -16.04 -46.83 -16.34
C09 9Z9 BA . -14.92 -46.61 -15.32
C10 9Z9 BA . -14.83 -45.17 -14.82
C11 9Z9 BA . -16.13 -48.30 -16.85
C12 9Z9 BA . -14.77 -48.79 -17.40
C13 9Z9 BA . -17.15 -48.40 -17.97
C14 9Z9 BA . -17.69 -47.35 -18.55
C15 9Z9 BA . -17.23 -45.93 -18.36
C16 9Z9 BA . -17.59 -49.79 -18.36
C17 9Z9 BA . -18.01 -50.59 -17.15
C18 9Z9 BA . -16.92 -50.62 -16.12
C19 9Z9 BA . -16.56 -49.20 -15.68
O20 9Z9 BA . -18.38 -51.89 -17.59
C21 9Z9 BA . -19.63 -52.35 -17.08
C22 9Z9 BA . -20.00 -53.66 -17.71
C23 9Z9 BA . -19.11 -54.85 -17.32
C24 9Z9 BA . -19.39 -55.32 -15.92
O25 9Z9 BA . -18.17 -55.43 -15.22
C26 9Z9 BA . -18.36 -55.85 -13.88
C48 9Z9 BA . -19.32 -55.99 -18.30
O49 9Z9 BA . -20.71 -56.23 -18.46
C50 9Z9 BA . -21.01 -57.60 -18.61
O72 9Z9 BA . -14.33 -41.36 -17.40
C73 9Z9 BA . -13.62 -40.78 -16.29
C74 9Z9 BA . -13.78 -41.79 -15.14
C75 9Z9 BA . -13.95 -41.17 -13.76
C76 9Z9 BA . -12.20 -40.51 -16.73
C77 9Z9 BA . -11.60 -39.33 -15.98
C78 9Z9 BA . -12.40 -38.05 -16.26
C79 9Z9 BA . -13.81 -38.43 -16.61
O80 9Z9 BA . -14.26 -39.58 -15.89
C81 9Z9 BA . -11.76 -37.23 -17.37
H1 9Z9 BA . -13.34 -43.72 -17.43
H2 9Z9 BA . -12.66 -44.22 -16.09
H3 9Z9 BA . -13.35 -45.25 -17.06
H4 9Z9 BA . -15.54 -42.72 -14.80
H5 9Z9 BA . -16.20 -41.42 -16.78
H6 9Z9 BA . -15.38 -43.28 -18.56
H7 9Z9 BA . -16.85 -42.98 -18.13
H8 9Z9 BA . -16.78 -44.45 -16.42
H9 9Z9 BA . -15.21 -45.96 -18.03
H10 9Z9 BA . -16.88 -46.67 -15.87
H11 9Z9 BA . -15.06 -47.20 -14.57
H12 9Z9 BA . -14.07 -46.85 -15.72
H13 9Z9 BA . -15.62 -44.97 -14.28
H14 9Z9 BA . -14.07 -45.08 -14.22
H15 9Z9 BA . -14.50 -48.22 -18.13
H16 9Z9 BA . -14.11 -48.75 -16.69
H17 9Z9 BA . -14.87 -49.70 -17.71
H18 9Z9 BA . -18.40 -47.49 -19.14
H19 9Z9 BA . -17.04 -45.54 -19.23
H20 9Z9 BA . -17.95 -45.41 -17.97
H21 9Z9 BA . -16.85 -50.25 -18.81
H22 9Z9 BA . -18.32 -49.74 -19.00
H23 9Z9 BA . -18.78 -50.17 -16.73
H24 9Z9 BA . -17.19 -51.14 -15.35
H25 9Z9 BA . -16.13 -51.06 -16.49
H26 9Z9 BA . -17.34 -48.80 -15.25
H27 9Z9 BA . -15.86 -49.23 -15.02
H28 9Z9 BA . -20.32 -51.69 -17.28
H29 9Z9 BA . -19.59 -52.44 -16.12
H30 9Z9 BA . -19.98 -53.57 -18.67
H31 9Z9 BA . -20.92 -53.89 -17.46
H32 9Z9 BA . -18.19 -54.56 -17.38
H33 9Z9 BA . -19.85 -56.17 -15.93
H34 9Z9 BA . -19.97 -54.69 -15.47
H35 9Z9 BA . -17.49 -55.91 -13.44
H36 9Z9 BA . -18.91 -55.18 -13.42
H37 9Z9 BA . -18.81 -56.70 -13.88
H38 9Z9 BA . -18.89 -56.79 -17.96
H39 9Z9 BA . -18.92 -55.78 -19.16
H40 9Z9 BA . -21.97 -57.70 -18.73
H41 9Z9 BA . -20.55 -57.94 -19.40
H42 9Z9 BA . -20.71 -58.08 -17.83
H43 9Z9 BA . -12.97 -42.30 -15.01
H44 9Z9 BA . -13.16 -40.62 -13.57
H45 9Z9 BA . -14.75 -40.62 -13.76
H46 9Z9 BA . -14.02 -41.88 -13.11
H47 9Z9 BA . -11.65 -41.31 -16.55
H48 9Z9 BA . -12.17 -40.36 -17.68
H49 9Z9 BA . -11.60 -39.51 -15.03
H50 9Z9 BA . -10.68 -39.20 -16.25
H51 9Z9 BA . -12.38 -37.50 -15.47
H52 9Z9 BA . -13.87 -38.59 -17.57
H53 9Z9 BA . -14.39 -37.68 -16.42
H54 9Z9 BA . -10.85 -37.01 -17.13
H55 9Z9 BA . -11.75 -37.75 -18.20
H56 9Z9 BA . -12.27 -36.42 -17.50
C1 EPJ CA . 2.78 19.69 -34.45
C2 EPJ CA . 3.14 19.00 -35.78
C3 EPJ CA . 3.91 17.77 -35.30
C4 EPJ CA . 2.94 16.80 -34.65
C5 EPJ CA . 2.61 17.46 -33.32
C6 EPJ CA . 3.42 18.76 -33.41
N1 EPJ CA . 4.63 18.32 -34.14
C7 EPJ CA . 3.19 21.14 -34.32
C8 EPJ CA . 3.17 22.00 -35.41
C9 EPJ CA . 3.51 23.33 -35.27
C10 EPJ CA . 3.87 23.74 -34.01
CL EPJ CA . 4.26 25.42 -33.75
N2 EPJ CA . 3.92 22.98 -32.94
C11 EPJ CA . 3.57 21.69 -33.11
H1 EPJ CA . 1.69 19.67 -34.35
H2C1 EPJ CA . 2.26 18.74 -36.38
H2C2 EPJ CA . 3.73 19.61 -36.45
H3 EPJ CA . 4.56 17.32 -36.05
H4C1 EPJ CA . 2.06 16.60 -35.27
H4C2 EPJ CA . 3.39 15.80 -34.52
H5C1 EPJ CA . 1.54 17.65 -33.18
H5C2 EPJ CA . 2.90 16.86 -32.46
H6 EPJ CA . 3.62 19.20 -32.44
HA EPJ CA . 5.21 17.65 -33.64
H8 EPJ CA . 2.88 21.64 -36.40
H9 EPJ CA . 3.50 24.02 -36.11
H11 EPJ CA . 3.62 21.10 -32.20
C1 YLI DA . -13.68 -17.30 -11.77
C2 YLI DA . -13.67 -16.35 -12.90
C3 YLI DA . -13.02 -15.23 -12.63
C10 YLI DA . -10.21 -14.43 -11.60
C11 YLI DA . -8.83 -14.60 -11.54
C12 YLI DA . -8.29 -15.71 -10.93
C13 YLI DA . -9.13 -16.67 -10.38
C18 YLI DA . -13.37 -17.99 -8.61
C19 YLI DA . -14.00 -17.68 -7.42
C20 YLI DA . -14.70 -18.64 -6.71
C21 YLI DA . -14.77 -19.92 -7.20
C22 YLI DA . -14.16 -20.26 -8.39
C23 YLI DA . -13.46 -19.29 -9.09
C4 YLI DA . -12.57 -15.21 -11.18
C5 YLI DA . -13.39 -16.38 -10.58
C6 YLI DA . -12.60 -16.94 -9.38
C8 YLI DA . -10.52 -16.51 -10.43
C9 YLI DA . -11.06 -15.38 -11.05
N17 YLI DA . -7.64 -12.17 -11.17
N7 YLI DA . -11.34 -17.46 -9.88
O15 YLI DA . -8.42 -12.84 -13.38
O16 YLI DA . -6.48 -13.95 -12.37
S14 YLI DA . -7.77 -13.37 -12.22
BR24 YLI DA . -15.75 -21.23 -6.25
H1B YLI DA . -14.56 -17.73 -11.69
H1A YLI DA . -13.00 -18.00 -11.90
H2 YLI DA . -14.11 -16.54 -13.76
H3 YLI DA . -12.84 -14.51 -13.25
H10 YLI DA . -10.58 -13.64 -12.03
H12 YLI DA . -7.31 -15.84 -10.88
H13 YLI DA . -8.74 -17.45 -9.95
H19 YLI DA . -13.96 -16.78 -7.04
H20 YLI DA . -15.14 -18.40 -5.86
H22 YLI DA . -14.21 -21.17 -8.74
H23 YLI DA . -13.03 -19.55 -9.93
H4 YLI DA . -12.83 -14.38 -10.73
H5 YLI DA . -14.24 -16.02 -10.25
H6 YLI DA . -12.43 -16.21 -8.75
H17B YLI DA . -6.93 -11.68 -11.37
H17A YLI DA . -7.63 -12.49 -10.35
H7 YLI DA . -11.12 -18.32 -9.84
CA CA EA . -10.46 3.70 -14.16
C1 NAG FA . 7.07 42.39 -52.16
C2 NAG FA . 6.09 43.51 -52.52
C3 NAG FA . 5.88 43.57 -54.03
C4 NAG FA . 7.22 43.68 -54.74
C5 NAG FA . 8.13 42.55 -54.30
C6 NAG FA . 9.51 42.64 -54.91
C7 NAG FA . 4.12 44.34 -51.29
C8 NAG FA . 4.87 45.63 -51.13
N2 NAG FA . 4.82 43.33 -51.84
O3 NAG FA . 5.06 44.69 -54.35
O4 NAG FA . 7.03 43.63 -56.15
O5 NAG FA . 8.29 42.57 -52.88
O6 NAG FA . 10.33 43.56 -54.20
O7 NAG FA . 2.96 44.20 -50.94
H2 NAG FA . 6.46 44.36 -52.23
H3 NAG FA . 5.44 42.76 -54.33
H4 NAG FA . 7.63 44.53 -54.51
H5 NAG FA . 7.71 41.72 -54.62
H61 NAG FA . 9.45 42.91 -55.83
H62 NAG FA . 9.93 41.76 -54.90
H81 NAG FA . 4.30 46.35 -51.45
H82 NAG FA . 5.68 45.60 -51.66
H83 NAG FA . 5.09 45.75 -50.20
HN2 NAG FA . 4.49 42.54 -51.79
HO3 NAG FA . 4.95 44.72 -55.19
HO4 NAG FA . 6.94 42.82 -56.39
HO6 NAG FA . 9.83 44.08 -53.75
N POV GA . -28.10 8.78 -8.16
P POV GA . -30.77 9.85 -4.82
C1 POV GA . -30.01 8.41 -2.81
C2 POV GA . -29.45 7.03 -2.64
C3 POV GA . -28.33 7.02 -1.64
C210 POV GA . -27.62 -2.41 2.56
C11 POV GA . -28.82 10.61 -6.46
O11 POV GA . -29.68 8.94 -4.10
C211 POV GA . -28.59 -2.20 3.68
C12 POV GA . -28.49 10.22 -7.89
O12 POV GA . -30.22 10.33 -6.24
C212 POV GA . -28.22 -2.99 4.92
C13 POV GA . -28.61 8.43 -9.52
O13 POV GA . -31.95 8.98 -5.06
C213 POV GA . -29.23 -2.89 6.04
C14 POV GA . -28.62 7.76 -7.19
O14 POV GA . -30.93 11.05 -3.98
C214 POV GA . -29.16 -4.02 7.05
C15 POV GA . -26.61 8.76 -8.18
C215 POV GA . -29.55 -5.37 6.48
C216 POV GA . -30.03 -6.36 7.52
C217 POV GA . -30.34 -7.73 6.95
C218 POV GA . -30.63 -8.73 8.02
C21 POV GA . -28.90 5.34 -4.34
O21 POV GA . -28.87 6.63 -3.93
C22 POV GA . -29.56 4.40 -3.37
O22 POV GA . -28.43 4.97 -5.39
C23 POV GA . -29.59 2.98 -3.91
C24 POV GA . -30.18 1.98 -2.95
C25 POV GA . -29.20 1.56 -1.88
C26 POV GA . -29.67 0.43 -0.99
C27 POV GA . -28.54 -0.42 -0.49
C28 POV GA . -28.75 -0.93 0.92
C29 POV GA . -27.69 -1.86 1.37
C31 POV GA . -29.74 6.90 0.27
O31 POV GA . -28.79 6.31 -0.46
C32 POV GA . -30.65 5.89 0.89
O32 POV GA . -29.84 8.09 0.39
C33 POV GA . -30.29 4.44 0.60
C34 POV GA . -29.22 3.92 1.53
C35 POV GA . -29.75 2.95 2.56
C36 POV GA . -28.85 2.75 3.76
C37 POV GA . -29.63 2.59 5.04
C38 POV GA . -28.78 2.26 6.24
C39 POV GA . -29.53 2.25 7.56
H29 POV GA . -26.97 -2.07 0.74
H1 POV GA . -30.97 8.38 -2.69
H1A POV GA . -29.66 8.99 -2.11
H2 POV GA . -30.15 6.44 -2.34
H3 POV GA . -27.53 6.58 -2.00
H3A POV GA . -28.06 7.91 -1.41
H210 POV GA . -26.89 -3.02 2.73
H11 POV GA . -28.28 10.11 -5.84
H11A POV GA . -28.63 11.55 -6.31
H211 POV GA . -28.63 -1.25 3.90
H21A POV GA . -29.48 -2.46 3.39
H12 POV GA . -27.76 10.80 -8.19
H12A POV GA . -29.26 10.44 -8.44
H22 POV GA . -29.07 4.42 -2.53
H212 POV GA . -28.12 -3.93 4.68
H22A POV GA . -30.46 4.70 -3.19
H21B POV GA . -27.36 -2.69 5.24
H32 POV GA . -30.66 6.03 1.86
H32A POV GA . -31.56 6.05 0.58
H13 POV GA . -28.37 7.51 -9.72
H13A POV GA . -29.57 8.53 -9.54
H13B POV GA . -28.20 9.03 -10.17
H23 POV GA . -30.10 2.96 -4.74
H213 POV GA . -29.09 -2.05 6.51
H23A POV GA . -28.68 2.70 -4.13
H21C POV GA . -30.12 -2.86 5.66
H33 POV GA . -31.09 3.88 0.69
H33A POV GA . -29.99 4.36 -0.32
H14 POV GA . -28.30 6.88 -7.47
H14A POV GA . -28.29 7.97 -6.30
H14B POV GA . -29.59 7.79 -7.20
H24 POV GA . -30.97 2.36 -2.53
H214 POV GA . -28.25 -4.07 7.40
H24A POV GA . -30.47 1.19 -3.44
H21D POV GA . -29.74 -3.80 7.80
H34 POV GA . -28.53 3.48 1.00
H34A POV GA . -28.80 4.66 1.99
H15 POV GA . -26.31 7.86 -8.36
H15A POV GA . -26.29 9.35 -8.90
H15B POV GA . -26.27 9.07 -7.33
H25 POV GA . -28.38 1.30 -2.30
H215 POV GA . -30.27 -5.24 5.83
H25A POV GA . -29.01 2.33 -1.32
H21E POV GA . -28.79 -5.74 6.00
H35 POV GA . -30.61 3.26 2.86
H35A POV GA . -29.89 2.09 2.13
H26 POV GA . -30.15 0.81 -0.23
H216 POV GA . -29.34 -6.46 8.20
H26A POV GA . -30.30 -0.11 -1.48
H21F POV GA . -30.82 -6.01 7.96
H36 POV GA . -28.29 1.97 3.61
H36A POV GA . -28.26 3.52 3.84
H27 POV GA . -28.43 -1.18 -1.08
H217 POV GA . -31.10 -7.66 6.35
H27A POV GA . -27.72 0.09 -0.52
H21G POV GA . -29.59 -8.04 6.41
H37 POV GA . -30.12 3.41 5.22
H37A POV GA . -30.29 1.88 4.92
H28 POV GA . -28.79 -0.17 1.53
H218 POV GA . -30.83 -9.59 7.60
H28A POV GA . -29.61 -1.37 0.98
H21H POV GA . -29.86 -8.82 8.60
H21J POV GA . -31.40 -8.43 8.54
H38 POV GA . -28.38 1.37 6.11
H38A POV GA . -28.05 2.89 6.30
H39 POV GA . -30.59 2.07 7.37
H39A POV GA . -29.51 3.25 7.99
N POV HA . -39.57 -25.59 25.71
P POV HA . -38.00 -22.32 22.08
C1 POV HA . -36.35 -21.69 20.13
C2 POV HA . -35.47 -20.48 19.89
C3 POV HA . -35.76 -19.39 20.88
C210 POV HA . -33.51 -12.51 13.27
C310 POV HA . -29.42 -12.03 14.53
C11 POV HA . -38.61 -24.35 23.66
O11 POV HA . -36.57 -21.85 21.54
C211 POV HA . -32.52 -13.08 12.30
C311 POV HA . -28.44 -12.31 13.41
C12 POV HA . -38.88 -24.36 25.15
O12 POV HA . -37.76 -23.21 23.38
C212 POV HA . -32.26 -12.19 11.09
C312 POV HA . -28.44 -11.25 12.33
C13 POV HA . -40.55 -26.18 24.76
O13 POV HA . -38.74 -21.11 22.47
C213 POV HA . -33.52 -11.81 10.32
C313 POV HA . -28.23 -11.81 10.94
C14 POV HA . -38.54 -26.62 26.08
O14 POV HA . -38.58 -23.21 21.05
C314 POV HA . -27.89 -10.79 9.88
C15 POV HA . -40.29 -25.14 26.94
C315 POV HA . -27.60 -11.43 8.54
C316 POV HA . -27.28 -10.43 7.48
C21 POV HA . -35.96 -20.61 17.49
O21 POV HA . -35.73 -19.87 18.59
C22 POV HA . -36.28 -19.75 16.31
O22 POV HA . -35.94 -21.82 17.47
C23 POV HA . -35.07 -19.00 15.80
C24 POV HA . -34.81 -17.68 16.49
C25 POV HA . -33.42 -17.16 16.28
C26 POV HA . -33.13 -16.81 14.83
C27 POV HA . -33.83 -15.57 14.35
C28 POV HA . -33.33 -14.31 15.01
C29 POV HA . -33.87 -13.05 14.42
C31 POV HA . -35.44 -17.08 21.22
O31 POV HA . -35.24 -18.13 20.42
C32 POV HA . -34.57 -15.91 20.85
O32 POV HA . -36.21 -17.08 22.14
C33 POV HA . -34.35 -15.73 19.35
C34 POV HA . -33.72 -14.39 19.00
C35 POV HA . -32.21 -14.40 18.96
C36 POV HA . -31.57 -13.02 18.90
C37 POV HA . -30.27 -12.97 18.09
C38 POV HA . -30.45 -13.09 16.60
C39 POV HA . -29.20 -12.86 15.79
H29 POV HA . -34.53 -12.57 14.94
H1 POV HA . -37.19 -21.59 19.67
H1A POV HA . -35.92 -22.49 19.78
H2 POV HA . -34.56 -20.82 19.94
H3 POV HA . -36.72 -19.33 21.03
H3A POV HA . -35.37 -19.62 21.75
H310 POV HA . -29.36 -11.09 14.77
H31A POV HA . -30.32 -12.18 14.21
H210 POV HA . -33.94 -11.67 13.03
H11 POV HA . -38.17 -25.18 23.39
H11A POV HA . -39.44 -24.30 23.16
H211 POV HA . -31.69 -13.24 12.76
H21A POV HA . -32.84 -13.95 11.99
H311 POV HA . -27.55 -12.38 13.78
H31B POV HA . -28.65 -13.17 13.02
H12 POV HA . -39.43 -23.59 25.35
H12A POV HA . -38.04 -24.23 25.61
H22 POV HA . -36.64 -20.30 15.60
H212 POV HA . -31.83 -11.38 11.40
H22A POV HA . -36.97 -19.11 16.56
H21B POV HA . -31.65 -12.65 10.50
H32 POV HA . -34.96 -15.10 21.20
H312 POV HA . -29.30 -10.78 12.35
H32A POV HA . -33.71 -16.02 21.27
H31C POV HA . -27.75 -10.60 12.51
H13 POV HA . -40.96 -26.97 25.18
H13A POV HA . -41.24 -25.53 24.56
H13B POV HA . -40.09 -26.45 23.95
H23 POV HA . -34.28 -19.57 15.91
H213 POV HA . -33.23 -11.27 9.42
H23A POV HA . -35.17 -18.84 14.85
H21C POV HA . -33.99 -12.72 9.95
H33 POV HA . -33.78 -16.44 19.02
H313 POV HA . -27.53 -12.48 10.98
H33A POV HA . -35.20 -15.81 18.90
H31D POV HA . -29.04 -12.28 10.67
H14 POV HA . -39.00 -27.39 26.44
H14A POV HA . -38.05 -26.87 25.28
H14B POV HA . -37.95 -26.25 26.75
H24 POV HA . -35.46 -17.03 16.18
H24A POV HA . -34.97 -17.79 17.44
H34 POV HA . -34.06 -14.09 18.14
H314 POV HA . -28.62 -10.16 9.79
H34A POV HA . -34.02 -13.72 19.65
H31E POV HA . -27.12 -10.29 10.17
H15 POV HA . -40.73 -25.91 27.34
H15A POV HA . -39.65 -24.78 27.57
H15B POV HA . -40.93 -24.47 26.69
H25 POV HA . -33.29 -16.36 16.83
H25A POV HA . -32.78 -17.81 16.58
H35 POV HA . -31.87 -14.86 19.76
H315 POV HA . -26.87 -12.05 8.63
H35A POV HA . -31.92 -14.92 18.20
H31F POV HA . -28.37 -11.95 8.26
H26 POV HA . -32.17 -16.68 14.74
H26A POV HA . -33.37 -17.55 14.27
H36 POV HA . -32.19 -12.40 18.51
H316 POV HA . -27.10 -10.90 6.65
H36A POV HA . -31.38 -12.72 19.80
H31G POV HA . -28.03 -9.83 7.38
H31H POV HA . -26.49 -9.93 7.75
H27 POV HA . -33.73 -15.50 13.39
H27A POV HA . -34.79 -15.65 14.52
H37 POV HA . -29.81 -12.13 18.29
H37A POV HA . -29.68 -13.68 18.40
H28 POV HA . -33.55 -14.34 15.95
H28A POV HA . -32.35 -14.29 14.95
H38 POV HA . -30.80 -13.97 16.39
H38A POV HA . -31.13 -12.45 16.32
H39 POV HA . -28.82 -13.71 15.53
H39A POV HA . -28.53 -12.41 16.34
C01 9Z9 IA . -43.63 -22.76 -2.25
C02 9Z9 IA . -43.57 -22.89 -0.72
C03 9Z9 IA . -42.52 -21.92 -0.09
C04 9Z9 IA . -43.23 -20.56 -0.08
C05 9Z9 IA . -44.73 -20.82 -0.20
C06 9Z9 IA . -44.84 -22.35 -0.05
C07 9Z9 IA . -46.12 -23.06 -0.47
C08 9Z9 IA . -45.98 -24.55 -0.13
C09 9Z9 IA . -44.68 -25.16 -0.68
C10 9Z9 IA . -43.44 -24.35 -0.31
C11 9Z9 IA . -47.25 -25.39 -0.51
C12 9Z9 IA . -47.34 -25.62 -2.03
C13 9Z9 IA . -48.50 -24.65 -0.06
C14 9Z9 IA . -48.50 -23.39 0.34
C15 9Z9 IA . -47.33 -22.46 0.25
C16 9Z9 IA . -49.79 -25.43 -0.07
C17 9Z9 IA . -49.62 -26.74 0.67
C18 9Z9 IA . -48.48 -27.54 0.11
C19 9Z9 IA . -47.18 -26.75 0.22
O20 9Z9 IA . -50.86 -27.45 0.61
C21 9Z9 IA . -51.32 -27.94 1.87
C22 9Z9 IA . -52.69 -28.55 1.71
C23 9Z9 IA . -52.76 -29.82 0.87
C24 9Z9 IA . -52.21 -31.01 1.63
O25 9Z9 IA . -51.29 -31.69 0.80
C26 9Z9 IA . -50.71 -32.79 1.47
C48 9Z9 IA . -54.20 -30.10 0.49
O49 9Z9 IA . -55.04 -29.99 1.61
C50 9Z9 IA . -56.09 -30.93 1.59
O72 9Z9 IA . -42.70 -19.87 -1.20
C73 9Z9 IA . -41.31 -20.18 -1.28
C74 9Z9 IA . -41.20 -21.64 -0.82
C75 9Z9 IA . -39.95 -21.98 -0.01
C76 9Z9 IA . -40.83 -19.90 -2.68
C77 9Z9 IA . -39.36 -19.50 -2.71
C78 9Z9 IA . -39.12 -18.23 -1.91
C79 9Z9 IA . -40.18 -18.12 -0.85
O80 9Z9 IA . -40.57 -19.40 -0.34
C81 9Z9 IA . -39.11 -17.00 -2.80
H1 9Z9 IA . -43.71 -21.82 -2.49
H2 9Z9 IA . -42.81 -23.12 -2.63
H3 9Z9 IA . -44.39 -23.25 -2.58
H4 9Z9 IA . -42.26 -22.35 0.73
H5 9Z9 IA . -43.11 -20.03 0.72
H6 9Z9 IA . -45.09 -20.52 -1.06
H7 9Z9 IA . -45.23 -20.36 0.49
H8 9Z9 IA . -44.93 -22.55 0.89
H9 9Z9 IA . -46.26 -22.97 -1.43
H10 9Z9 IA . -45.92 -24.60 0.83
H11 9Z9 IA . -44.59 -26.06 -0.34
H12 9Z9 IA . -44.74 -25.22 -1.64
H13 9Z9 IA . -43.29 -24.41 0.65
H14 9Z9 IA . -42.66 -24.74 -0.74
H15 9Z9 IA . -47.38 -24.77 -2.48
H16 9Z9 IA . -46.55 -26.12 -2.32
H17 9Z9 IA . -48.14 -26.13 -2.22
H18 9Z9 IA . -49.28 -23.06 0.72
H19 9Z9 IA . -47.60 -21.66 -0.21
H20 9Z9 IA . -47.05 -22.20 1.15
H21 9Z9 IA . -50.05 -25.63 -0.99
H22 9Z9 IA . -50.50 -24.91 0.32
H23 9Z9 IA . -49.41 -26.56 1.61
H24 9Z9 IA . -48.40 -28.38 0.59
H25 9Z9 IA . -48.66 -27.76 -0.82
H26 9Z9 IA . -46.98 -26.59 1.16
H27 9Z9 IA . -46.45 -27.27 -0.15
H28 9Z9 IA . -51.34 -27.22 2.51
H29 9Z9 IA . -50.70 -28.61 2.21
H30 9Z9 IA . -53.28 -27.89 1.32
H31 9Z9 IA . -53.04 -28.74 2.60
H32 9Z9 IA . -52.23 -29.69 0.08
H33 9Z9 IA . -52.92 -31.60 1.90
H34 9Z9 IA . -51.76 -30.71 2.44
H35 9Z9 IA . -50.09 -33.23 0.86
H36 9Z9 IA . -50.24 -32.49 2.25
H37 9Z9 IA . -51.41 -33.42 1.72
H38 9Z9 IA . -54.27 -30.98 0.09
H39 9Z9 IA . -54.48 -29.46 -0.19
H40 9Z9 IA . -56.63 -30.83 2.40
H41 9Z9 IA . -56.64 -30.78 0.80
H42 9Z9 IA . -55.72 -31.83 1.57
H43 9Z9 IA . -41.07 -22.24 -1.59
H44 9Z9 IA . -39.16 -21.78 -0.54
H45 9Z9 IA . -39.95 -21.44 0.80
H46 9Z9 IA . -39.96 -22.92 0.22
H47 9Z9 IA . -40.96 -20.70 -3.23
H48 9Z9 IA . -41.37 -19.19 -3.07
H49 9Z9 IA . -38.82 -20.22 -2.34
H50 9Z9 IA . -39.08 -19.37 -3.63
H51 9Z9 IA . -38.24 -18.28 -1.50
H52 9Z9 IA . -40.95 -17.66 -1.21
H53 9Z9 IA . -39.85 -17.57 -0.12
H54 9Z9 IA . -38.43 -17.09 -3.48
H55 9Z9 IA . -39.98 -16.90 -3.23
H56 9Z9 IA . -38.93 -16.22 -2.26
C1 EPJ JA . -10.40 35.97 -13.40
C2 EPJ JA . -11.57 36.20 -14.40
C3 EPJ JA . -11.65 34.83 -15.09
C4 EPJ JA . -12.21 33.80 -14.11
C5 EPJ JA . -11.03 33.57 -13.15
C6 EPJ JA . -9.98 34.52 -13.71
N1 EPJ JA . -10.22 34.46 -15.16
C7 EPJ JA . -9.27 36.98 -13.49
C8 EPJ JA . -9.49 38.31 -13.77
C9 EPJ JA . -8.46 39.22 -13.79
C10 EPJ JA . -7.20 38.73 -13.53
CL EPJ JA . -5.85 39.84 -13.50
N2 EPJ JA . -6.92 37.47 -13.25
C11 EPJ JA . -7.95 36.62 -13.23
H1 EPJ JA . -10.80 36.04 -12.40
H2C1 EPJ JA . -12.49 36.47 -13.89
H2C2 EPJ JA . -11.40 37.00 -15.10
H3 EPJ JA . -12.15 34.84 -16.05
H4C1 EPJ JA . -13.11 34.16 -13.61
H4C2 EPJ JA . -12.51 32.89 -14.63
H5C1 EPJ JA . -11.28 33.77 -12.12
H5C2 EPJ JA . -10.69 32.54 -13.17
H6 EPJ JA . -8.97 34.26 -13.41
HA EPJ JA . -10.04 33.56 -15.59
H8 EPJ JA . -10.51 38.67 -13.97
H9 EPJ JA . -8.62 40.27 -14.02
H11 EPJ JA . -7.66 35.59 -13.00
C1 YLI KA . -24.17 -4.56 4.54
C2 YLI KA . -24.36 -3.11 4.23
C3 YLI KA . -23.22 -2.50 3.94
C10 YLI KA . -20.85 -2.88 1.97
C11 YLI KA . -20.33 -3.22 0.74
C12 YLI KA . -20.36 -4.54 0.32
C13 YLI KA . -20.91 -5.51 1.13
C18 YLI KA . -22.30 -7.05 5.45
C19 YLI KA . -21.57 -7.45 6.55
C20 YLI KA . -21.96 -8.53 7.32
C21 YLI KA . -23.11 -9.23 6.96
C22 YLI KA . -23.85 -8.86 5.87
C23 YLI KA . -23.45 -7.77 5.11
C4 YLI KA . -22.03 -3.43 4.13
C5 YLI KA . -22.67 -4.60 4.92
C6 YLI KA . -21.88 -5.86 4.62
C8 YLI KA . -21.44 -5.17 2.38
C9 YLI KA . -21.41 -3.83 2.81
N17 YLI KA . -18.12 -1.70 0.22
N7 YLI KA . -21.99 -6.14 3.19
O15 YLI KA . -20.36 -0.78 -0.09
O16 YLI KA . -19.51 -2.53 -1.61
S14 YLI KA . -19.61 -1.98 -0.29
BR24 YLI KA . -23.65 -10.70 8.01
H1B YLI KA . -24.74 -4.82 5.28
H1A YLI KA . -24.39 -5.10 3.76
H2 YLI KA . -25.23 -2.68 4.23
H3 YLI KA . -23.14 -1.57 3.64
H10 YLI KA . -20.82 -1.94 2.26
H12 YLI KA . -19.99 -4.80 -0.56
H13 YLI KA . -20.93 -6.44 0.83
H19 YLI KA . -20.76 -6.98 6.82
H20 YLI KA . -21.42 -8.80 8.09
H22 YLI KA . -24.66 -9.36 5.62
H23 YLI KA . -23.99 -7.50 4.34
H4 YLI KA . -21.35 -3.00 4.69
H5 YLI KA . -22.61 -4.40 5.87
H6 YLI KA . -20.94 -5.70 4.84
H17B YLI KA . -17.66 -1.29 -0.41
H17A YLI KA . -17.75 -2.46 0.50
H7 YLI KA . -22.39 -6.86 2.87
CA CA LA . -11.83 12.91 4.15
C1 NAG MA . -6.99 63.93 -20.80
C2 NAG MA . -6.98 65.16 -19.88
C3 NAG MA . -8.06 66.15 -20.31
C4 NAG MA . -7.90 66.49 -21.78
C5 NAG MA . -7.91 65.21 -22.61
C6 NAG MA . -7.67 65.46 -24.08
C7 NAG MA . -6.48 65.32 -17.48
C8 NAG MA . -5.28 66.14 -17.86
N2 NAG MA . -7.17 64.77 -18.49
O3 NAG MA . -7.96 67.33 -19.52
O4 NAG MA . -8.98 67.33 -22.20
O5 NAG MA . -6.86 64.35 -22.16
O6 NAG MA . -6.29 65.64 -24.36
O7 NAG MA . -6.81 65.16 -16.30
H2 NAG MA . -6.12 65.58 -19.95
H3 NAG MA . -8.93 65.75 -20.18
H4 NAG MA . -7.07 66.96 -21.90
H5 NAG MA . -8.79 64.82 -22.49
H61 NAG MA . -8.16 66.25 -24.36
H62 NAG MA . -8.02 64.71 -24.59
H81 NAG MA . -5.30 66.96 -17.37
H82 NAG MA . -5.32 66.31 -18.81
H83 NAG MA . -4.49 65.64 -17.65
HN2 NAG MA . -7.75 64.17 -18.30
HO3 NAG MA . -8.54 67.88 -19.76
HO4 NAG MA . -9.66 66.85 -22.35
HO6 NAG MA . -5.89 65.84 -23.65
N POV NA . -12.16 15.62 23.26
P POV NA . -10.39 14.79 27.22
C1 POV NA . -9.57 12.33 27.13
C2 POV NA . -10.04 11.07 26.45
C3 POV NA . -8.89 10.30 25.87
C210 POV NA . -11.40 0.28 25.40
C11 POV NA . -10.22 16.11 24.92
O11 POV NA . -9.99 13.49 26.39
C211 POV NA . -10.93 -0.11 26.77
C12 POV NA . -11.28 16.63 23.97
O12 POV NA . -10.83 15.95 26.22
C212 POV NA . -10.41 -1.54 26.82
C13 POV NA . -13.51 16.23 23.11
O13 POV NA . -11.58 14.41 28.02
C213 POV NA . -10.01 -1.99 28.20
C14 POV NA . -12.35 14.30 23.96
O14 POV NA . -9.17 15.24 27.92
C214 POV NA . -9.97 -3.49 28.37
C15 POV NA . -11.57 15.42 21.91
C215 POV NA . -11.33 -4.15 28.26
C216 POV NA . -11.43 -5.51 28.94
C217 POV NA . -12.77 -6.18 28.77
C218 POV NA . -12.77 -7.59 29.30
C21 POV NA . -11.98 10.72 24.99
O21 POV NA . -10.92 11.46 25.35
C22 POV NA . -12.16 9.47 25.82
O22 POV NA . -12.71 10.99 24.09
C23 POV NA . -13.40 8.70 25.39
C24 POV NA . -13.60 7.40 26.15
C25 POV NA . -12.71 6.29 25.65
C26 POV NA . -12.97 4.94 26.26
C27 POV NA . -12.67 3.82 25.30
C28 POV NA . -12.09 2.59 25.99
C29 POV NA . -11.90 1.45 25.06
C31 POV NA . -8.27 9.24 27.89
O31 POV NA . -8.72 9.10 26.65
C32 POV NA . -8.84 8.20 28.80
O32 POV NA . -7.52 10.11 28.25
C33 POV NA . -9.76 7.19 28.13
C34 POV NA . -8.99 6.07 27.46
C35 POV NA . -9.09 4.77 28.20
C36 POV NA . -8.01 3.76 27.86
C37 POV NA . -7.58 2.95 29.06
C38 POV NA . -6.60 1.84 28.73
C39 POV NA . -6.02 1.15 29.95
H29 POV NA . -12.16 1.56 24.14
H1 POV NA . -9.92 12.36 28.03
H1A POV NA . -8.60 12.32 27.20
H2 POV NA . -10.50 10.52 27.12
H3 POV NA . -9.08 10.08 24.94
H3A POV NA . -8.08 10.83 25.88
H210 POV NA . -11.34 -0.39 24.71
H11 POV NA . -9.88 15.26 24.60
H11A POV NA . -9.48 16.73 24.97
H211 POV NA . -10.23 0.50 27.05
H21A POV NA . -11.66 -0.01 27.41
H12 POV NA . -10.84 17.17 23.30
H12A POV NA . -11.86 17.25 24.46
H22 POV NA . -11.38 8.91 25.74
H212 POV NA . -11.09 -2.13 26.47
H22A POV NA . -12.24 9.71 26.76
H21B POV NA . -9.64 -1.61 26.23
H32 POV NA . -8.11 7.71 29.24
H32A POV NA . -9.33 8.64 29.52
H13 POV NA . -14.10 15.60 22.66
H13A POV NA . -13.87 16.45 23.98
H13B POV NA . -13.43 17.04 22.58
H23 POV NA . -14.17 9.25 25.50
H213 POV NA . -9.14 -1.64 28.41
H23A POV NA . -13.32 8.50 24.44
H21C POV NA . -10.63 -1.62 28.84
H33 POV NA . -10.36 6.81 28.79
H33A POV NA . -10.30 7.64 27.47
H14 POV NA . -12.93 13.74 23.43
H14A POV NA . -11.48 13.88 24.07
H14B POV NA . -12.75 14.45 24.83
H24 POV NA . -13.42 7.56 27.09
H214 POV NA . -9.38 -3.88 27.69
H24A POV NA . -14.52 7.13 26.07
H21D POV NA . -9.59 -3.72 29.22
H34 POV NA . -9.31 5.96 26.55
H34A POV NA . -8.05 6.33 27.39
H15 POV NA . -12.11 14.77 21.43
H15A POV NA . -11.57 16.26 21.45
H15B POV NA . -10.67 15.09 22.01
H25 POV NA . -12.80 6.24 24.69
H215 POV NA . -12.00 -3.56 28.64
H25A POV NA . -11.78 6.54 25.83
H21E POV NA . -11.56 -4.26 27.32
H35 POV NA . -9.06 4.94 29.15
H35A POV NA . -9.95 4.37 28.00
H26 POV NA . -12.44 4.84 27.05
H216 POV NA . -10.73 -6.08 28.60
H26A POV NA . -13.90 4.89 26.53
H21F POV NA . -11.25 -5.39 29.89
H36 POV NA . -8.34 3.17 27.17
H36A POV NA . -7.25 4.23 27.48
H27 POV NA . -13.48 3.56 24.83
H217 POV NA . -13.45 -5.66 29.22
H27A POV NA . -12.03 4.12 24.63
H21G POV NA . -13.00 -6.20 27.82
H37 POV NA . -7.17 3.55 29.71
H37A POV NA . -8.36 2.57 29.48
H28 POV NA . -11.25 2.82 26.39
H218 POV NA . -13.65 -7.97 29.16
H28A POV NA . -12.69 2.32 26.70
H21H POV NA . -12.09 -8.10 28.83
H21J POV NA . -12.56 -7.56 30.25
H38 POV NA . -7.04 1.19 28.18
H38A POV NA . -5.87 2.22 28.20
H39 POV NA . -6.70 1.25 30.79
H39A POV NA . -5.12 1.67 30.28
N POV OA . -14.64 -30.32 41.79
P POV OA . -14.49 -25.78 39.44
C1 POV OA . -14.74 -24.32 37.26
C2 POV OA . -13.80 -23.34 36.58
C3 POV OA . -12.60 -23.06 37.43
C210 POV OA . -12.69 -13.34 33.42
C310 POV OA . -9.80 -14.28 30.35
C11 POV OA . -14.90 -28.24 40.30
O11 POV OA . -13.97 -25.28 38.02
C211 POV OA . -13.26 -13.34 32.04
C311 POV OA . -10.33 -13.96 28.97
C12 POV OA . -14.01 -29.10 41.17
O12 POV OA . -14.04 -27.30 39.62
C212 POV OA . -13.44 -11.94 31.46
C312 POV OA . -10.43 -12.46 28.70
C13 POV OA . -16.07 -30.09 42.20
O13 POV OA . -13.81 -24.96 40.47
C213 POV OA . -14.27 -11.00 32.32
C313 POV OA . -11.62 -12.09 27.84
C14 POV OA . -14.58 -31.48 40.87
O14 POV OA . -15.97 -25.76 39.38
C314 POV OA . -11.57 -10.70 27.27
C15 POV OA . -13.85 -30.63 43.03
C315 POV OA . -12.74 -10.41 26.36
C316 POV OA . -12.72 -9.03 25.79
C21 POV OA . -15.71 -21.92 36.01
O21 POV OA . -14.43 -22.03 36.38
C22 POV OA . -16.13 -20.48 35.95
O22 POV OA . -16.44 -22.85 35.78
C23 POV OA . -15.52 -19.75 34.77
C24 POV OA . -14.15 -19.17 35.06
C25 POV OA . -13.39 -18.82 33.81
C26 POV OA . -14.04 -17.70 33.01
C27 POV OA . -13.93 -16.34 33.65
C28 POV OA . -12.50 -15.83 33.67
C29 POV OA . -12.37 -14.42 34.12
C31 POV OA . -10.84 -21.49 37.66
O31 POV OA . -11.92 -21.85 36.98
C32 POV OA . -10.03 -20.47 36.92
O32 POV OA . -10.54 -21.94 38.73
C33 POV OA . -10.84 -19.44 36.14
C34 POV OA . -10.00 -18.26 35.66
C35 POV OA . -9.40 -18.46 34.28
C36 POV OA . -8.35 -17.42 33.91
C37 POV OA . -8.31 -17.07 32.42
C38 POV OA . -9.48 -16.22 31.96
C39 POV OA . -9.36 -15.72 30.53
H29 POV OA . -12.02 -14.27 35.01
H1 POV OA . -15.34 -23.84 37.85
H1A POV OA . -15.28 -24.77 36.60
H2 POV OA . -13.59 -23.76 35.73
H3 POV OA . -12.86 -22.96 38.36
H3A POV OA . -11.98 -23.80 37.40
H310 POV OA . -9.05 -13.70 30.55
H31A POV OA . -10.50 -14.08 31.00
H210 POV OA . -12.53 -12.49 33.84
H11 POV OA . -15.39 -28.79 39.67
H11A POV OA . -15.55 -27.78 40.85
H211 POV OA . -12.69 -13.85 31.44
H21A POV OA . -14.12 -13.78 32.06
H311 POV OA . -9.73 -14.35 28.31
H31B POV OA . -11.20 -14.36 28.85
H12 POV OA . -13.64 -28.55 41.86
H12A POV OA . -13.26 -29.40 40.61
H22 POV OA . -17.10 -20.43 35.89
H212 POV OA . -12.56 -11.54 31.33
H22A POV OA . -15.88 -20.04 36.77
H21B POV OA . -13.86 -12.01 30.59
H32 POV OA . -9.47 -20.00 37.56
H312 POV OA . -10.49 -11.99 29.54
H32A POV OA . -9.43 -20.92 36.31
H31C POV OA . -9.62 -12.16 28.26
H13 POV OA . -16.42 -30.90 42.60
H13A POV OA . -16.10 -29.35 42.83
H13B POV OA . -16.58 -29.85 41.40
H23 POV OA . -15.45 -20.36 34.02
H213 POV OA . -14.44 -10.07 31.79
H23A POV OA . -16.12 -19.03 34.50
H21C POV OA . -15.27 -11.42 32.44
H33 POV OA . -11.25 -19.87 35.38
H313 POV OA . -11.70 -12.72 27.11
H33A POV OA . -11.56 -19.11 36.71
H31D POV OA . -12.42 -12.18 28.38
H14 POV OA . -15.00 -32.25 41.30
H14A POV OA . -15.06 -31.27 40.06
H14B POV OA . -13.65 -31.69 40.66
H24 POV OA . -14.25 -18.38 35.61
H24A POV OA . -13.62 -19.81 35.57
H34 POV OA . -10.55 -17.47 35.65
H314 POV OA . -11.57 -10.06 28.00
H34A POV OA . -9.29 -18.11 36.31
H31E POV OA . -10.75 -10.58 26.78
H15 POV OA . -14.23 -31.40 43.46
H15A POV OA . -12.93 -30.80 42.78
H15B POV OA . -13.89 -29.87 43.62
H25 POV OA . -12.49 -18.55 34.05
H25A POV OA . -13.31 -19.60 33.25
H35 POV OA . -8.99 -19.34 34.24
H315 POV OA . -12.74 -11.06 25.63
H35A POV OA . -10.11 -18.44 33.62
H31F POV OA . -13.57 -10.55 26.84
H26 POV OA . -13.62 -17.68 32.13
H26A POV OA . -14.97 -17.92 32.87
H36 POV OA . -8.50 -16.62 34.42
H316 POV OA . -13.50 -8.92 25.21
H36A POV OA . -7.47 -17.76 34.17
H31G POV OA . -12.76 -8.40 26.52
H31H POV OA . -11.91 -8.91 25.28
H27 POV OA . -14.48 -15.72 33.16
H27A POV OA . -14.27 -16.39 34.55
H37 POV OA . -7.49 -16.59 32.24
H37A POV OA . -8.29 -17.88 31.90
H28 POV OA . -11.97 -16.39 34.25
H28A POV OA . -12.12 -15.91 32.78
H38 POV OA . -10.29 -16.74 32.04
H38A POV OA . -9.58 -15.47 32.55
H39 POV OA . -9.89 -16.29 29.95
H39A POV OA . -8.43 -15.80 30.24
C01 9Z9 PA . -33.65 -10.57 34.39
C02 9Z9 PA . -32.66 -11.60 34.94
C03 9Z9 PA . -31.22 -11.37 34.43
C04 9Z9 PA . -30.69 -10.22 35.29
C05 9Z9 PA . -31.57 -10.15 36.54
C06 9Z9 PA . -32.43 -11.42 36.45
C07 9Z9 PA . -33.68 -11.56 37.30
C08 9Z9 PA . -34.29 -12.95 37.08
C09 9Z9 PA . -34.48 -13.26 35.58
C10 9Z9 PA . -33.21 -13.02 34.75
C11 9Z9 PA . -35.58 -13.19 37.91
C12 9Z9 PA . -36.79 -12.45 37.33
C13 9Z9 PA . -35.37 -12.72 39.34
C14 9Z9 PA . -34.33 -11.99 39.71
C15 9Z9 PA . -33.34 -11.37 38.77
C16 9Z9 PA . -36.39 -13.16 40.36
C17 9Z9 PA . -36.60 -14.66 40.30
C18 9Z9 PA . -36.98 -15.10 38.91
C19 9Z9 PA . -35.87 -14.71 37.93
O20 9Z9 PA . -37.59 -15.00 41.26
C21 9Z9 PA . -37.22 -16.09 42.12
C22 9Z9 PA . -38.27 -16.29 43.18
C23 9Z9 PA . -39.64 -16.77 42.70
C24 9Z9 PA . -39.60 -18.23 42.31
O25 9Z9 PA . -40.18 -18.39 41.04
C26 9Z9 PA . -40.15 -19.73 40.60
C48 9Z9 PA . -40.67 -16.55 43.76
O49 9Z9 PA . -40.20 -17.05 44.99
C50 9Z9 PA . -41.23 -17.63 45.78
O72 9Z9 PA . -30.81 -9.06 34.46
C73 9Z9 PA . -30.46 -9.46 33.14
C74 9Z9 PA . -30.99 -10.89 32.98
C75 9Z9 PA . -30.10 -11.82 32.15
C76 9Z9 PA . -31.06 -8.45 32.18
C77 9Z9 PA . -30.21 -8.31 30.91
C78 9Z9 PA . -28.80 -7.84 31.23
C79 9Z9 PA . -28.46 -8.25 32.65
O80 9Z9 PA . -29.05 -9.51 33.00
C81 9Z9 PA . -28.66 -6.33 31.07
H1 9Z9 PA . -33.29 -9.68 34.51
H2 9Z9 PA . -33.79 -10.74 33.44
H3 9Z9 PA . -34.49 -10.64 34.86
H4 9Z9 PA . -30.80 -12.25 34.46
H5 9Z9 PA . -29.78 -10.32 35.60
H6 9Z9 PA . -32.11 -9.35 36.55
H7 9Z9 PA . -31.03 -10.13 37.35
H8 9Z9 PA . -31.94 -12.14 36.88
H9 9Z9 PA . -34.33 -10.87 37.05
H10 9Z9 PA . -33.64 -13.58 37.41
H11 9Z9 PA . -34.75 -14.19 35.49
H12 9Z9 PA . -35.19 -12.71 35.23
H13 9Z9 PA . -32.53 -13.67 35.01
H14 9Z9 PA . -33.41 -13.17 33.81
H15 9Z9 PA . -36.60 -11.49 37.32
H16 9Z9 PA . -36.94 -12.76 36.42
H17 9Z9 PA . -37.57 -12.62 37.89
H18 9Z9 PA . -34.21 -11.84 40.62
H19 9Z9 PA . -33.28 -10.41 38.96
H20 9Z9 PA . -32.47 -11.74 38.95
H21 9Z9 PA . -37.23 -12.71 40.19
H22 9Z9 PA . -36.10 -12.90 41.25
H23 9Z9 PA . -35.77 -15.12 40.52
H24 9Z9 PA . -37.11 -16.05 38.89
H25 9Z9 PA . -37.81 -14.69 38.65
H26 9Z9 PA . -35.06 -15.18 38.15
H27 9Z9 PA . -36.13 -14.99 37.04
H28 9Z9 PA . -36.37 -15.92 42.53
H29 9Z9 PA . -37.12 -16.90 41.59
H30 9Z9 PA . -38.39 -15.45 43.66
H31 9Z9 PA . -37.94 -16.94 43.82
H32 9Z9 PA . -39.87 -16.25 41.90
H33 9Z9 PA . -40.08 -18.76 42.96
H34 9Z9 PA . -38.69 -18.55 42.30
H35 9Z9 PA . -40.56 -19.78 39.72
H36 9Z9 PA . -39.22 -20.03 40.55
H37 9Z9 PA . -40.65 -20.28 41.23
H38 9Z9 PA . -41.50 -17.00 43.53
H39 9Z9 PA . -40.88 -15.60 43.84
H40 9Z9 PA . -40.85 -17.95 46.61
H41 9Z9 PA . -41.90 -16.96 45.97
H42 9Z9 PA . -41.62 -18.37 45.29
H43 9Z9 PA . -31.80 -10.91 32.45
H44 9Z9 PA . -30.01 -11.45 31.26
H45 9Z9 PA . -29.24 -11.89 32.57
H46 9Z9 PA . -30.52 -12.69 32.10
H47 9Z9 PA . -31.95 -8.72 31.94
H48 9Z9 PA . -31.12 -7.59 32.61
H49 9Z9 PA . -30.16 -9.17 30.47
H50 9Z9 PA . -30.62 -7.69 30.30
H51 9Z9 PA . -28.18 -8.24 30.61
H52 9Z9 PA . -28.76 -7.56 33.26
H53 9Z9 PA . -27.49 -8.31 32.73
H54 9Z9 PA . -28.89 -6.09 30.15
H55 9Z9 PA . -29.26 -5.89 31.69
H56 9Z9 PA . -27.74 -6.07 31.26
C1 EPJ QA . 8.07 37.70 9.76
C2 EPJ QA . 7.04 38.64 10.43
C3 EPJ QA . 5.72 38.00 9.99
C4 EPJ QA . 5.53 36.69 10.73
C5 EPJ QA . 6.52 35.75 10.03
C6 EPJ QA . 7.17 36.70 9.02
N1 EPJ QA . 6.05 37.56 8.63
C7 EPJ QA . 9.10 38.38 8.88
C8 EPJ QA . 9.61 39.63 9.19
C9 EPJ QA . 10.58 40.22 8.40
C10 EPJ QA . 11.01 39.51 7.29
CL EPJ QA . 12.25 40.17 6.29
N2 EPJ QA . 10.54 38.32 6.95
C11 EPJ QA . 9.61 37.78 7.74
H1 EPJ QA . 8.63 37.20 10.54
H2C1 EPJ QA . 7.16 38.68 11.51
H2C2 EPJ QA . 7.12 39.68 10.12
H3 EPJ QA . 4.86 38.66 10.05
H4C1 EPJ QA . 5.70 36.77 11.79
H4C2 EPJ QA . 4.50 36.33 10.64
H5C1 EPJ QA . 7.26 35.31 10.71
H5C2 EPJ QA . 6.04 34.91 9.55
H6 EPJ QA . 7.64 36.18 8.19
HA EPJ QA . 5.29 37.09 8.14
H8 EPJ QA . 9.26 40.17 10.07
H9 EPJ QA . 10.99 41.20 8.63
H11 EPJ QA . 9.28 36.79 7.42
C1 YLI RA . -9.88 -3.07 22.77
C2 YLI RA . -9.32 -1.72 23.04
C3 YLI RA . -8.65 -1.22 22.01
C10 YLI RA . -9.22 -0.64 19.03
C11 YLI RA . -10.05 -0.23 17.98
C12 YLI RA . -11.14 -1.01 17.61
C13 YLI RA . -11.39 -2.18 18.29
C18 YLI RA . -9.98 -5.82 21.06
C19 YLI RA . -9.16 -6.91 20.79
C20 YLI RA . -9.46 -8.17 21.27
C21 YLI RA . -10.59 -8.34 22.04
C22 YLI RA . -11.43 -7.29 22.32
C23 YLI RA . -11.12 -6.03 21.83
C4 YLI RA . -8.58 -2.22 20.88
C5 YLI RA . -9.02 -3.54 21.58
C6 YLI RA . -9.65 -4.45 20.53
C8 YLI RA . -10.56 -2.60 19.33
C9 YLI RA . -9.46 -1.82 19.70
N17 YLI RA . -8.54 0.98 16.04
N7 YLI RA . -10.82 -3.78 20.00
O15 YLI RA . -9.15 2.18 18.07
O16 YLI RA . -10.86 1.63 16.40
S14 YLI RA . -9.68 1.26 17.12
BR24 YLI RA . -11.00 -10.06 22.72
H1B YLI RA . -9.78 -3.65 23.55
H1A YLI RA . -10.84 -2.99 22.55
H2 YLI RA . -9.42 -1.26 23.91
H3 YLI RA . -8.28 -0.32 21.98
H10 YLI RA . -8.44 -0.08 19.27
H12 YLI RA . -11.73 -0.73 16.89
H13 YLI RA . -12.16 -2.73 18.03
H19 YLI RA . -8.34 -6.81 20.25
H20 YLI RA . -8.86 -8.92 21.08
H22 YLI RA . -12.23 -7.41 22.86
H23 YLI RA . -11.72 -5.29 22.03
H4 YLI RA . -7.65 -2.33 20.57
H5 YLI RA . -8.22 -3.97 21.94
H6 YLI RA . -9.00 -4.58 19.80
H17B YLI RA . -8.54 1.62 15.43
H17A YLI RA . -8.65 0.17 15.70
H7 YLI RA . -11.65 -4.10 20.10
CA CA SA . 5.55 9.18 14.45
C1 NAG TA . 21.26 63.62 8.30
C2 NAG TA . 22.63 64.02 8.87
C3 NAG TA . 22.47 65.21 9.83
C4 NAG TA . 21.74 66.34 9.14
C5 NAG TA . 20.41 65.85 8.59
C6 NAG TA . 19.65 66.90 7.81
C7 NAG TA . 24.57 62.62 9.44
C8 NAG TA . 25.29 63.34 8.35
N2 NAG TA . 23.26 62.90 9.55
O3 NAG TA . 23.76 65.63 10.25
O4 NAG TA . 21.50 67.40 10.07
O5 NAG TA . 20.64 64.75 7.69
O6 NAG TA . 20.16 67.03 6.48
O7 NAG TA . 25.12 61.83 10.20
H2 NAG TA . 23.19 64.29 8.13
H3 NAG TA . 21.95 64.93 10.60
H4 NAG TA . 22.29 66.68 8.41
H5 NAG TA . 19.88 65.59 9.36
H61 NAG TA . 19.73 67.76 8.27
H62 NAG TA . 18.71 66.68 7.78
H81 NAG TA . 26.13 63.68 8.70
H82 NAG TA . 24.74 64.07 8.02
H83 NAG TA . 25.47 62.71 7.63
HN2 NAG TA . 22.77 62.39 10.04
HO3 NAG TA . 23.67 66.29 10.78
HO4 NAG TA . 20.82 67.21 10.53
HO6 NAG TA . 20.93 66.71 6.45
N POV UA . 20.01 -0.28 23.08
P POV UA . 22.95 -3.56 22.98
C1 POV UA . 21.76 -5.55 21.79
C2 POV UA . 20.35 -6.05 21.73
C3 POV UA . 19.97 -6.46 20.34
C210 POV UA . 12.59 -13.68 20.72
C11 POV UA . 22.25 -1.15 22.11
O11 POV UA . 21.78 -4.13 22.06
C211 POV UA . 13.48 -14.88 20.80
C12 POV UA . 21.48 -0.02 22.75
O12 POV UA . 22.78 -2.00 23.16
C212 POV UA . 12.88 -16.09 20.12
C13 POV UA . 19.69 0.49 24.32
O13 POV UA . 22.76 -4.19 24.31
C213 POV UA . 13.71 -17.35 20.25
C14 POV UA . 19.62 -1.70 23.30
O14 POV UA . 24.21 -3.80 22.24
C214 POV UA . 12.94 -18.63 20.03
C15 POV UA . 19.23 0.31 21.96
C215 POV UA . 11.89 -18.90 21.11
C216 POV UA . 11.51 -20.36 21.25
C217 POV UA . 10.42 -20.61 22.26
C218 POV UA . 9.94 -22.02 22.25
C21 POV UA . 18.32 -5.18 22.81
O21 POV UA . 19.46 -4.96 22.13
C22 POV UA . 18.07 -6.64 23.11
O22 POV UA . 17.56 -4.32 23.14
C23 POV UA . 16.78 -6.81 23.90
C24 POV UA . 16.44 -8.27 24.18
C25 POV UA . 15.81 -8.95 23.00
C26 POV UA . 15.29 -10.34 23.25
C27 POV UA . 14.10 -10.68 22.40
C28 POV UA . 14.07 -12.13 21.97
C29 POV UA . 12.84 -12.50 21.23
C31 POV UA . 20.98 -8.60 20.44
O31 POV UA . 19.86 -7.89 20.30
C32 POV UA . 20.74 -9.90 21.15
O32 POV UA . 22.06 -8.23 20.06
C33 POV UA . 19.28 -10.16 21.52
C34 POV UA . 18.48 -10.71 20.37
C35 POV UA . 18.14 -12.18 20.55
C36 POV UA . 17.77 -12.90 19.28
C37 POV UA . 18.29 -14.32 19.25
C38 POV UA . 17.82 -15.13 18.05
C39 POV UA . 18.48 -16.49 17.93
H29 POV UA . 12.17 -11.80 21.10
H1 POV UA . 22.25 -6.02 22.49
H1A POV UA . 22.21 -5.73 20.95
H2 POV UA . 20.27 -6.83 22.32
H3 POV UA . 19.13 -6.05 20.08
H3A POV UA . 20.64 -6.15 19.71
H210 POV UA . 11.73 -13.80 20.28
H11 POV UA . 21.67 -1.67 21.52
H11A POV UA . 22.97 -0.80 21.55
H211 POV UA . 14.34 -14.66 20.39
H21A POV UA . 13.66 -15.09 21.73
H12 POV UA . 21.52 0.74 22.15
H12A POV UA . 21.93 0.22 23.57
H22 POV UA . 18.00 -7.13 22.28
H212 POV UA . 12.00 -16.26 20.49
H22A POV UA . 18.81 -7.01 23.61
H21B POV UA . 12.75 -15.90 19.17
H32 POV UA . 21.04 -10.62 20.58
H32A POV UA . 21.27 -9.92 21.95
H13 POV UA . 18.77 0.34 24.56
H13A POV UA . 20.28 0.17 25.04
H13B POV UA . 19.85 1.43 24.16
H23 POV UA . 16.86 -6.34 24.74
H213 POV UA . 14.44 -17.32 19.61
H23A POV UA . 16.04 -6.40 23.41
H21C POV UA . 14.11 -17.36 21.13
H33 POV UA . 19.24 -10.77 22.27
H33A POV UA . 18.87 -9.32 21.81
H14 POV UA . 18.66 -1.74 23.51
H14A POV UA . 19.80 -2.21 22.50
H14B POV UA . 20.13 -2.06 24.05
H24 POV UA . 17.24 -8.74 24.44
H214 POV UA . 12.50 -18.59 19.17
H24A POV UA . 15.83 -8.32 24.93
H21D POV UA . 13.56 -19.38 20.01
H34 POV UA . 17.66 -10.21 20.27
H34A POV UA . 18.99 -10.61 19.55
H15 POV UA . 18.28 0.17 22.13
H15A POV UA . 19.41 1.26 21.90
H15B POV UA . 19.48 -0.12 21.13
H25 POV UA . 15.08 -8.40 22.67
H215 POV UA . 12.24 -18.58 21.96
H25A POV UA . 16.47 -8.99 22.28
H21E POV UA . 11.10 -18.38 20.91
H35 POV UA . 18.92 -12.62 20.95
H35A POV UA . 17.42 -12.25 21.18
H26 POV UA . 16.00 -10.98 23.09
H216 POV UA . 11.22 -20.69 20.38
H26A POV UA . 15.05 -10.42 24.19
H21F POV UA . 12.29 -20.87 21.50
H36 POV UA . 16.81 -12.91 19.19
H36A POV UA . 18.13 -12.42 18.51
H27 POV UA . 13.29 -10.49 22.89
H217 POV UA . 10.74 -20.38 23.14
H27A POV UA . 14.10 -10.12 21.61
H21G POV UA . 9.67 -20.01 22.07
H37 POV UA . 19.26 -14.31 19.25
H37A POV UA . 18.02 -14.77 20.06
H28 POV UA . 14.85 -12.32 21.42
H218 POV UA . 9.24 -22.12 22.92
H28A POV UA . 14.14 -12.70 22.76
H21H POV UA . 9.59 -22.23 21.37
H21J POV UA . 10.69 -22.61 22.46
H38 POV UA . 16.86 -15.24 18.12
H38A POV UA . 18.00 -14.61 17.25
H39 POV UA . 18.81 -16.82 18.90
H39A POV UA . 19.39 -16.40 17.34
C01 9Z9 VA . 2.76 -24.63 42.56
C02 9Z9 VA . 2.93 -25.92 41.74
C03 9Z9 VA . 3.33 -25.62 40.26
C04 9Z9 VA . 4.83 -25.32 40.35
C05 9Z9 VA . 5.36 -25.90 41.65
C06 9Z9 VA . 4.16 -26.72 42.18
C07 9Z9 VA . 4.13 -27.17 43.63
C08 9Z9 VA . 2.88 -28.04 43.85
C09 9Z9 VA . 1.61 -27.36 43.34
C10 9Z9 VA . 1.72 -26.84 41.91
C11 9Z9 VA . 2.75 -28.58 45.31
C12 9Z9 VA . 2.30 -27.47 46.27
C13 9Z9 VA . 4.11 -29.11 45.78
C14 9Z9 VA . 5.23 -28.89 45.13
C15 9Z9 VA . 5.40 -27.97 43.96
C16 9Z9 VA . 4.10 -29.92 47.05
C17 9Z9 VA . 3.08 -31.04 46.96
C18 9Z9 VA . 1.71 -30.48 46.65
C19 9Z9 VA . 1.74 -29.73 45.32
O20 9Z9 VA . 3.10 -31.77 48.19
C21 9Z9 VA . 3.17 -33.18 48.03
C22 9Z9 VA . 3.34 -33.84 49.38
C23 9Z9 VA . 2.14 -33.73 50.32
C24 9Z9 VA . 1.02 -34.64 49.88
O25 9Z9 VA . -0.19 -33.92 49.85
C26 9Z9 VA . -1.28 -34.71 49.42
C48 9Z9 VA . 2.56 -34.08 51.73
O49 9Z9 VA . 3.30 -35.28 51.72
C50 9Z9 VA . 3.05 -36.07 52.87
O72 9Z9 VA . 4.91 -23.90 40.29
C73 9Z9 VA . 3.92 -23.44 39.37
C74 9Z9 VA . 2.74 -24.40 39.54
C75 9Z9 VA . 1.99 -24.73 38.25
C76 9Z9 VA . 3.63 -21.99 39.68
C77 9Z9 VA . 3.21 -21.23 38.42
C78 9Z9 VA . 4.31 -21.24 37.37
C79 9Z9 VA . 5.17 -22.47 37.57
O80 9Z9 VA . 4.40 -23.58 38.05
C81 9Z9 VA . 5.16 -19.97 37.42
H1 9Z9 VA . 3.53 -24.07 42.44
H2 9Z9 VA . 1.96 -24.18 42.26
H3 9Z9 VA . 2.67 -24.88 43.50
H4 9Z9 VA . 3.01 -26.38 39.76
H5 9Z9 VA . 5.36 -25.70 39.63
H6 9Z9 VA . 5.61 -25.20 42.27
H7 9Z9 VA . 6.14 -26.46 41.51
H8 9Z9 VA . 4.22 -27.61 41.79
H9 9Z9 VA . 4.09 -26.40 44.22
H10 9Z9 VA . 3.01 -28.83 43.30
H11 9Z9 VA . 0.87 -27.99 43.39
H12 9Z9 VA . 1.39 -26.62 43.93
H13 9Z9 VA . 1.80 -27.59 41.29
H14 9Z9 VA . 0.91 -26.36 41.67
H15 9Z9 VA . 2.94 -26.76 46.26
H16 9Z9 VA . 1.43 -27.15 45.99
H17 9Z9 VA . 2.24 -27.85 47.16
H18 9Z9 VA . 5.99 -29.36 45.41
H19 9Z9 VA . 6.11 -27.34 44.14
H20 9Z9 VA . 5.66 -28.48 43.19
H21 9Z9 VA . 3.89 -29.36 47.81
H22 9Z9 VA . 4.98 -30.30 47.20
H23 9Z9 VA . 3.30 -31.64 46.23
H24 9Z9 VA . 1.06 -31.21 46.61
H25 9Z9 VA . 1.43 -29.89 47.36
H26 9Z9 VA . 1.94 -30.35 44.61
H27 9Z9 VA . 0.85 -29.38 45.14
H28 9Z9 VA . 3.92 -33.41 47.45
H29 9Z9 VA . 2.37 -33.51 47.59
H30 9Z9 VA . 4.11 -33.46 49.82
H31 9Z9 VA . 3.53 -34.78 49.23
H32 9Z9 VA . 1.81 -32.82 50.29
H33 9Z9 VA . 0.94 -35.39 50.49
H34 9Z9 VA . 1.21 -35.01 49.00
H35 9Z9 VA . -2.08 -34.17 49.42
H36 9Z9 VA . -1.10 -35.04 48.53
H37 9Z9 VA . -1.38 -35.45 50.03
H38 9Z9 VA . 1.78 -34.17 52.29
H39 9Z9 VA . 3.10 -33.36 52.10
H40 9Z9 VA . 3.58 -36.88 52.82
H41 9Z9 VA . 3.29 -35.56 53.66
H42 9Z9 VA . 2.11 -36.29 52.90
H43 9Z9 VA . 2.03 -23.98 40.05
H44 9Z9 VA . 1.65 -23.91 37.86
H45 9Z9 VA . 2.60 -25.16 37.64
H46 9Z9 VA . 1.25 -25.32 38.46
H47 9Z9 VA . 2.92 -21.93 40.34
H48 9Z9 VA . 4.41 -21.57 40.05
H49 9Z9 VA . 2.41 -21.63 38.05
H50 9Z9 VA . 2.98 -20.31 38.65
H51 9Z9 VA . 3.90 -21.26 36.49
H52 9Z9 VA . 5.87 -22.27 38.21
H53 9Z9 VA . 5.60 -22.71 36.74
H54 9Z9 VA . 4.59 -19.21 37.29
H55 9Z9 VA . 5.59 -19.92 38.29
H56 9Z9 VA . 5.83 -20.01 36.73
C1 EPJ WA . 32.66 22.49 3.05
C2 EPJ WA . 33.24 22.96 4.40
C3 EPJ WA . 31.99 22.91 5.30
C4 EPJ WA . 31.63 21.45 5.55
C5 EPJ WA . 31.01 21.01 4.22
C6 EPJ WA . 31.17 22.28 3.38
N1 EPJ WA . 30.95 23.35 4.38
C7 EPJ WA . 32.90 23.44 1.88
C8 EPJ WA . 34.08 24.15 1.75
C9 EPJ WA . 34.30 24.96 0.66
C10 EPJ WA . 33.31 25.02 -0.29
CL EPJ WA . 33.55 25.98 -1.72
N2 EPJ WA . 32.16 24.35 -0.23
C11 EPJ WA . 31.98 23.58 0.85
H1 EPJ WA . 33.13 21.55 2.78
H2C1 EPJ WA . 34.05 22.32 4.75
H2C2 EPJ WA . 33.69 23.96 4.38
H3 EPJ WA . 32.07 23.51 6.20
H4C1 EPJ WA . 32.48 20.85 5.85
H4C2 EPJ WA . 30.92 21.37 6.38
H5C1 EPJ WA . 31.53 20.16 3.77
H5C2 EPJ WA . 29.98 20.71 4.32
H6 EPJ WA . 30.49 22.32 2.53
HA EPJ WA . 30.01 23.38 4.77
H8 EPJ WA . 34.85 24.09 2.53
H9 EPJ WA . 35.22 25.53 0.55
H11 EPJ WA . 31.03 23.05 0.84
C1 YLI XA . 9.43 -14.90 17.73
C2 YLI XA . 10.68 -14.10 17.56
C3 YLI XA . 10.54 -13.17 16.62
C10 YLI XA . 8.63 -10.82 15.99
C11 YLI XA . 7.82 -9.76 16.36
C12 YLI XA . 6.64 -9.99 17.06
C13 YLI XA . 6.29 -11.29 17.37
C18 YLI XA . 6.58 -16.02 16.64
C19 YLI XA . 6.09 -16.81 15.62
C20 YLI XA . 5.54 -18.05 15.87
C21 YLI XA . 5.48 -18.50 17.18
C22 YLI XA . 5.95 -17.73 18.23
C23 YLI XA . 6.50 -16.49 17.94
C4 YLI XA . 9.21 -13.27 15.92
C5 YLI XA . 8.72 -14.66 16.38
C6 YLI XA . 7.18 -14.66 16.36
C8 YLI XA . 7.09 -12.36 16.99
C9 YLI XA . 8.28 -12.13 16.29
N17 YLI XA . 7.85 -7.83 14.42
N7 YLI XA . 6.73 -13.65 17.31
O15 YLI XA . 9.70 -8.04 16.01
O16 YLI XA . 7.51 -7.23 16.76
S14 YLI XA . 8.28 -8.11 15.94
BR24 YLI XA . 4.73 -20.20 17.54
H1B YLI XA . 9.66 -15.85 17.86
H1A YLI XA . 8.93 -14.59 18.50
H2 YLI XA . 11.49 -14.25 18.07
H3 YLI XA . 11.22 -12.49 16.41
H10 YLI XA . 9.46 -10.63 15.49
H12 YLI XA . 6.06 -9.25 17.34
H13 YLI XA . 5.46 -11.45 17.86
H19 YLI XA . 6.13 -16.51 14.69
H20 YLI XA . 5.21 -18.59 15.14
H22 YLI XA . 5.90 -18.05 19.15
H23 YLI XA . 6.83 -15.96 18.69
H4 YLI XA . 9.33 -13.28 14.94
H5 YLI XA . 9.04 -15.34 15.74
H6 YLI XA . 6.89 -14.41 15.47
H17B YLI XA . 7.84 -6.97 14.27
H17A YLI XA . 7.10 -8.25 14.24
H7 YLI XA . 6.26 -13.86 18.03
#